data_2MVZ
#
_entry.id   2MVZ
#
_entity_poly.entity_id   1
_entity_poly.type   'polypeptide(L)'
_entity_poly.pdbx_seq_one_letter_code
;GSMAKKGYILMENGGKIEFELFPNEAPVTVANFEKLANEGFYNGLTFHRVIPGFVSQGGCPRGNGTGDAGYTIPCETDNN
PHRHVTGAMSMAHRGRDTGSCQFFIVHEPQPHLDGVHTVFGQVTSGMDVVRTMKNGDVMKEVKVFDEP
;
_entity_poly.pdbx_strand_id   A
#
# COMPACT_ATOMS: atom_id res chain seq x y z
N MET A 3 17.00 11.66 3.71
CA MET A 3 15.85 11.86 2.84
C MET A 3 14.75 10.85 3.13
N ALA A 4 13.50 11.32 3.09
CA ALA A 4 12.36 10.45 3.35
C ALA A 4 11.13 10.91 2.57
N LYS A 5 10.14 10.04 2.46
CA LYS A 5 8.93 10.34 1.70
C LYS A 5 7.69 10.03 2.53
N LYS A 6 6.58 10.69 2.18
CA LYS A 6 5.27 10.34 2.74
C LYS A 6 4.15 10.73 1.79
N GLY A 7 2.91 10.45 2.20
CA GLY A 7 1.75 10.74 1.37
C GLY A 7 0.46 10.42 2.11
N TYR A 8 -0.65 10.39 1.37
CA TYR A 8 -1.96 10.14 1.96
C TYR A 8 -2.89 9.46 0.97
N ILE A 9 -3.81 8.65 1.49
CA ILE A 9 -4.89 8.11 0.68
C ILE A 9 -6.23 8.74 1.06
N LEU A 10 -6.68 9.69 0.23
CA LEU A 10 -8.00 10.28 0.41
C LEU A 10 -9.09 9.38 -0.16
N MET A 11 -10.02 8.97 0.70
CA MET A 11 -11.06 8.03 0.30
C MET A 11 -12.29 8.76 -0.22
N GLU A 12 -12.98 8.13 -1.17
CA GLU A 12 -14.15 8.73 -1.79
C GLU A 12 -15.26 8.97 -0.77
N ASN A 13 -15.26 8.15 0.28
CA ASN A 13 -16.33 8.21 1.28
C ASN A 13 -16.03 9.28 2.33
N GLY A 14 -14.97 10.04 2.12
CA GLY A 14 -14.65 11.17 2.98
C GLY A 14 -13.58 10.80 4.00
N GLY A 15 -13.20 9.54 4.02
CA GLY A 15 -12.12 9.07 4.89
C GLY A 15 -10.76 9.51 4.36
N LYS A 16 -9.73 9.30 5.18
CA LYS A 16 -8.37 9.65 4.80
C LYS A 16 -7.35 8.86 5.59
N ILE A 17 -6.43 8.21 4.89
CA ILE A 17 -5.38 7.44 5.55
C ILE A 17 -4.00 8.03 5.27
N GLU A 18 -3.43 8.69 6.27
CA GLU A 18 -2.13 9.33 6.12
C GLU A 18 -1.00 8.36 6.47
N PHE A 19 0.00 8.29 5.60
CA PHE A 19 1.07 7.30 5.73
C PHE A 19 2.43 7.91 5.42
N GLU A 20 3.49 7.23 5.86
CA GLU A 20 4.84 7.60 5.50
C GLU A 20 5.58 6.44 4.84
N LEU A 21 6.50 6.77 3.94
CA LEU A 21 7.20 5.76 3.15
C LEU A 21 8.66 5.64 3.56
N PHE A 22 9.23 4.47 3.36
CA PHE A 22 10.60 4.19 3.80
C PHE A 22 11.45 3.66 2.66
N PRO A 23 12.14 4.56 1.96
CA PRO A 23 13.03 4.19 0.87
C PRO A 23 14.05 3.15 1.34
N ASN A 24 14.39 3.20 2.62
CA ASN A 24 15.36 2.26 3.19
C ASN A 24 14.82 0.84 3.18
N GLU A 25 13.50 0.71 3.32
CA GLU A 25 12.86 -0.60 3.27
C GLU A 25 12.81 -1.13 1.85
N ALA A 26 12.47 -0.26 0.90
CA ALA A 26 12.39 -0.65 -0.51
C ALA A 26 12.46 0.58 -1.41
N PRO A 27 13.68 0.91 -1.86
CA PRO A 27 13.88 2.05 -2.74
C PRO A 27 13.00 1.97 -3.98
N VAL A 28 12.98 0.80 -4.59
CA VAL A 28 12.27 0.60 -5.85
C VAL A 28 10.76 0.67 -5.65
N THR A 29 10.27 -0.05 -4.65
CA THR A 29 8.84 -0.11 -4.38
C THR A 29 8.28 1.26 -4.03
N VAL A 30 8.97 1.97 -3.14
CA VAL A 30 8.56 3.31 -2.75
C VAL A 30 8.54 4.26 -3.94
N ALA A 31 9.60 4.23 -4.73
CA ALA A 31 9.71 5.10 -5.90
C ALA A 31 8.56 4.84 -6.87
N ASN A 32 8.31 3.57 -7.17
CA ASN A 32 7.28 3.20 -8.13
C ASN A 32 5.90 3.60 -7.64
N PHE A 33 5.64 3.35 -6.36
CA PHE A 33 4.37 3.71 -5.74
C PHE A 33 4.14 5.22 -5.83
N GLU A 34 5.18 5.99 -5.55
CA GLU A 34 5.10 7.44 -5.65
C GLU A 34 4.78 7.87 -7.07
N LYS A 35 5.48 7.28 -8.04
CA LYS A 35 5.29 7.64 -9.45
C LYS A 35 3.85 7.40 -9.88
N LEU A 36 3.28 6.27 -9.46
CA LEU A 36 1.90 5.94 -9.77
C LEU A 36 0.93 6.92 -9.10
N ALA A 37 1.12 7.12 -7.79
CA ALA A 37 0.23 7.97 -7.02
C ALA A 37 0.16 9.38 -7.60
N ASN A 38 1.32 9.93 -7.93
CA ASN A 38 1.41 11.33 -8.37
C ASN A 38 0.96 11.46 -9.82
N GLU A 39 0.69 10.33 -10.47
CA GLU A 39 0.09 10.32 -11.79
C GLU A 39 -1.42 10.09 -11.71
N GLY A 40 -1.93 9.99 -10.48
CA GLY A 40 -3.36 9.80 -10.27
C GLY A 40 -3.76 8.36 -10.58
N PHE A 41 -2.78 7.46 -10.60
CA PHE A 41 -3.02 6.07 -10.98
C PHE A 41 -4.09 5.44 -10.09
N TYR A 42 -4.01 5.73 -8.79
CA TYR A 42 -4.85 5.06 -7.81
C TYR A 42 -6.20 5.74 -7.68
N ASN A 43 -6.41 6.79 -8.45
CA ASN A 43 -7.69 7.48 -8.50
C ASN A 43 -8.74 6.62 -9.18
N GLY A 44 -9.61 6.01 -8.39
CA GLY A 44 -10.67 5.15 -8.92
C GLY A 44 -10.40 3.68 -8.62
N LEU A 45 -9.27 3.42 -7.97
CA LEU A 45 -8.93 2.06 -7.54
C LEU A 45 -9.52 1.76 -6.17
N THR A 46 -9.97 0.53 -5.99
CA THR A 46 -10.74 0.16 -4.80
C THR A 46 -9.98 -0.85 -3.95
N PHE A 47 -10.43 -1.03 -2.72
CA PHE A 47 -9.95 -2.12 -1.87
C PHE A 47 -10.84 -3.35 -2.02
N HIS A 48 -10.40 -4.30 -2.85
CA HIS A 48 -11.25 -5.40 -3.27
C HIS A 48 -11.31 -6.50 -2.22
N ARG A 49 -10.39 -6.44 -1.26
CA ARG A 49 -10.37 -7.40 -0.16
C ARG A 49 -10.15 -6.70 1.17
N VAL A 50 -11.22 -6.13 1.71
CA VAL A 50 -11.14 -5.43 2.99
C VAL A 50 -11.40 -6.38 4.15
N ILE A 51 -10.52 -6.34 5.14
CA ILE A 51 -10.71 -7.10 6.37
C ILE A 51 -10.72 -6.20 7.60
N PRO A 52 -11.93 -5.84 8.04
CA PRO A 52 -12.07 -4.91 9.16
C PRO A 52 -11.31 -5.40 10.39
N GLY A 53 -10.40 -4.58 10.88
CA GLY A 53 -9.71 -4.87 12.14
C GLY A 53 -8.32 -5.46 11.88
N PHE A 54 -8.11 -5.92 10.66
CA PHE A 54 -6.86 -6.58 10.31
C PHE A 54 -6.24 -5.99 9.05
N VAL A 55 -5.90 -6.85 8.09
CA VAL A 55 -5.14 -6.42 6.92
C VAL A 55 -6.03 -6.38 5.68
N SER A 56 -6.11 -5.20 5.08
CA SER A 56 -6.92 -5.02 3.88
C SER A 56 -6.04 -4.88 2.64
N GLN A 57 -6.56 -5.35 1.50
CA GLN A 57 -5.82 -5.29 0.25
C GLN A 57 -6.61 -4.54 -0.82
N GLY A 58 -5.92 -3.67 -1.55
CA GLY A 58 -6.55 -2.86 -2.58
C GLY A 58 -5.60 -2.58 -3.73
N GLY A 59 -6.11 -1.92 -4.76
CA GLY A 59 -5.30 -1.60 -5.94
C GLY A 59 -5.99 -2.10 -7.21
N CYS A 60 -7.30 -2.24 -7.15
CA CYS A 60 -8.07 -2.72 -8.30
C CYS A 60 -8.93 -1.62 -8.90
N PRO A 61 -8.58 -1.22 -10.13
CA PRO A 61 -9.31 -0.17 -10.82
C PRO A 61 -10.80 -0.50 -10.93
N ARG A 62 -11.61 0.12 -10.09
CA ARG A 62 -13.04 -0.18 -10.03
C ARG A 62 -13.28 -1.68 -9.94
N GLY A 63 -12.35 -2.38 -9.29
CA GLY A 63 -12.48 -3.82 -9.08
C GLY A 63 -12.20 -4.58 -10.38
N ASN A 64 -11.33 -4.03 -11.21
CA ASN A 64 -10.96 -4.67 -12.46
C ASN A 64 -9.66 -5.46 -12.30
N GLY A 65 -9.25 -5.67 -11.06
CA GLY A 65 -8.12 -6.55 -10.76
C GLY A 65 -6.81 -5.78 -10.79
N THR A 66 -6.11 -5.85 -11.91
CA THR A 66 -4.78 -5.27 -12.02
C THR A 66 -4.76 -4.13 -13.03
N GLY A 67 -4.41 -2.94 -12.57
CA GLY A 67 -4.27 -1.78 -13.45
C GLY A 67 -2.92 -1.80 -14.17
N ASP A 68 -2.85 -1.11 -15.31
CA ASP A 68 -1.63 -1.05 -16.09
C ASP A 68 -0.62 -0.09 -15.49
N ALA A 69 -0.02 -0.52 -14.38
CA ALA A 69 1.00 0.29 -13.71
C ALA A 69 2.28 0.36 -14.53
N GLY A 70 2.70 -0.79 -15.05
CA GLY A 70 3.93 -0.88 -15.82
C GLY A 70 5.13 -1.06 -14.90
N TYR A 71 4.86 -1.42 -13.65
CA TYR A 71 5.92 -1.62 -12.66
C TYR A 71 5.84 -3.00 -12.03
N THR A 72 6.92 -3.77 -12.14
CA THR A 72 6.99 -5.09 -11.55
C THR A 72 8.25 -5.26 -10.70
N ILE A 73 8.07 -5.72 -9.47
CA ILE A 73 9.18 -5.79 -8.52
C ILE A 73 9.33 -7.21 -7.96
N PRO A 74 10.52 -7.51 -7.45
CA PRO A 74 10.78 -8.81 -6.84
C PRO A 74 10.41 -8.80 -5.37
N CYS A 75 10.60 -9.94 -4.71
CA CYS A 75 10.48 -10.01 -3.26
C CYS A 75 11.71 -9.44 -2.57
N GLU A 76 11.53 -8.28 -1.93
CA GLU A 76 12.65 -7.58 -1.30
C GLU A 76 12.67 -7.82 0.20
N THR A 77 13.88 -7.90 0.76
CA THR A 77 14.04 -8.12 2.20
C THR A 77 14.99 -7.09 2.80
N ASP A 78 15.68 -6.36 1.94
CA ASP A 78 16.66 -5.37 2.39
C ASP A 78 16.16 -3.96 2.14
N ASN A 79 16.58 -3.03 3.00
CA ASN A 79 17.58 -3.32 4.01
C ASN A 79 16.94 -3.56 5.37
N ASN A 80 15.72 -3.05 5.54
CA ASN A 80 15.04 -3.14 6.82
C ASN A 80 14.03 -4.28 6.83
N PRO A 81 13.80 -4.85 8.01
CA PRO A 81 12.84 -5.93 8.17
C PRO A 81 11.48 -5.53 7.63
N HIS A 82 10.82 -6.47 6.94
CA HIS A 82 9.52 -6.21 6.34
C HIS A 82 8.42 -6.97 7.06
N ARG A 83 8.25 -6.69 8.35
CA ARG A 83 7.18 -7.27 9.14
C ARG A 83 5.87 -6.51 8.92
N HIS A 84 4.76 -7.23 9.01
CA HIS A 84 3.45 -6.62 8.87
C HIS A 84 2.87 -6.22 10.21
N VAL A 85 3.42 -5.16 10.79
CA VAL A 85 2.99 -4.69 12.11
C VAL A 85 1.93 -3.61 11.98
N THR A 86 1.58 -2.99 13.10
CA THR A 86 0.51 -2.00 13.13
C THR A 86 0.73 -0.90 12.11
N GLY A 87 -0.10 -0.87 11.07
CA GLY A 87 -0.12 0.23 10.13
C GLY A 87 0.71 -0.08 8.89
N ALA A 88 1.45 -1.18 8.95
CA ALA A 88 2.42 -1.51 7.90
C ALA A 88 1.74 -1.55 6.54
N MET A 89 2.47 -1.13 5.51
CA MET A 89 1.98 -1.20 4.14
C MET A 89 2.97 -1.91 3.23
N SER A 90 2.52 -2.98 2.59
CA SER A 90 3.39 -3.79 1.75
C SER A 90 2.84 -3.92 0.34
N MET A 91 3.73 -4.15 -0.62
CA MET A 91 3.31 -4.39 -2.00
C MET A 91 3.09 -5.88 -2.26
N ALA A 92 1.94 -6.20 -2.85
CA ALA A 92 1.58 -7.59 -3.08
C ALA A 92 2.47 -8.23 -4.13
N HIS A 93 2.97 -9.43 -3.82
CA HIS A 93 3.73 -10.21 -4.79
C HIS A 93 3.78 -11.68 -4.37
N ARG A 94 4.48 -12.49 -5.17
CA ARG A 94 4.61 -13.91 -4.89
C ARG A 94 6.06 -14.37 -5.00
N GLY A 95 6.94 -13.45 -5.40
CA GLY A 95 8.35 -13.74 -5.52
C GLY A 95 9.05 -12.73 -6.42
N ARG A 96 10.06 -13.21 -7.15
CA ARG A 96 10.84 -12.33 -8.03
C ARG A 96 10.06 -11.97 -9.29
N ASP A 97 10.00 -10.68 -9.60
CA ASP A 97 9.29 -10.20 -10.77
C ASP A 97 7.83 -10.64 -10.76
N THR A 98 7.14 -10.29 -9.68
CA THR A 98 5.73 -10.66 -9.52
C THR A 98 4.91 -9.51 -8.94
N GLY A 99 5.61 -8.46 -8.52
CA GLY A 99 4.95 -7.30 -7.93
C GLY A 99 4.12 -6.55 -8.96
N SER A 100 3.25 -5.67 -8.48
CA SER A 100 2.36 -4.92 -9.38
C SER A 100 2.03 -3.55 -8.77
N CYS A 101 0.74 -3.31 -8.54
CA CYS A 101 0.28 -2.04 -7.98
C CYS A 101 -0.62 -2.28 -6.78
N GLN A 102 -0.97 -3.53 -6.54
CA GLN A 102 -1.81 -3.89 -5.40
C GLN A 102 -1.00 -3.92 -4.11
N PHE A 103 -1.60 -3.45 -3.03
CA PHE A 103 -0.88 -3.25 -1.78
C PHE A 103 -1.77 -3.55 -0.57
N PHE A 104 -1.14 -3.71 0.59
CA PHE A 104 -1.88 -3.98 1.82
C PHE A 104 -1.83 -2.80 2.78
N ILE A 105 -2.83 -2.71 3.65
CA ILE A 105 -2.74 -1.85 4.83
C ILE A 105 -3.08 -2.62 6.09
N VAL A 106 -2.13 -2.68 7.02
CA VAL A 106 -2.29 -3.48 8.23
C VAL A 106 -2.90 -2.65 9.35
N HIS A 107 -4.03 -3.12 9.88
CA HIS A 107 -4.59 -2.56 11.10
C HIS A 107 -4.12 -3.32 12.33
N GLU A 108 -4.28 -4.64 12.30
CA GLU A 108 -3.75 -5.50 13.34
C GLU A 108 -2.52 -6.26 12.86
N PRO A 109 -1.46 -6.23 13.65
CA PRO A 109 -0.23 -6.94 13.32
C PRO A 109 -0.50 -8.39 12.96
N GLN A 110 0.16 -8.88 11.93
CA GLN A 110 0.02 -10.28 11.51
C GLN A 110 1.39 -10.94 11.38
N PRO A 111 1.81 -11.65 12.42
CA PRO A 111 3.13 -12.25 12.45
C PRO A 111 3.34 -13.17 11.26
N HIS A 112 2.26 -13.82 10.81
CA HIS A 112 2.36 -14.84 9.78
C HIS A 112 2.54 -14.22 8.40
N LEU A 113 2.39 -12.90 8.32
CA LEU A 113 2.60 -12.18 7.07
C LEU A 113 3.97 -11.52 7.04
N ASP A 114 4.69 -11.61 8.16
CA ASP A 114 5.99 -10.97 8.29
C ASP A 114 6.98 -11.54 7.28
N GLY A 115 7.39 -10.71 6.32
CA GLY A 115 8.40 -11.10 5.35
C GLY A 115 7.77 -11.74 4.11
N VAL A 116 6.46 -11.91 4.16
CA VAL A 116 5.73 -12.53 3.05
C VAL A 116 5.60 -11.56 1.88
N HIS A 117 5.30 -10.30 2.18
CA HIS A 117 5.28 -9.26 1.16
C HIS A 117 6.31 -8.16 1.46
N THR A 118 6.55 -7.30 0.49
CA THR A 118 7.57 -6.27 0.62
C THR A 118 7.00 -4.99 1.22
N VAL A 119 7.25 -4.80 2.52
CA VAL A 119 6.83 -3.58 3.21
C VAL A 119 7.63 -2.38 2.74
N PHE A 120 6.94 -1.31 2.38
CA PHE A 120 7.57 -0.14 1.79
C PHE A 120 7.10 1.14 2.45
N GLY A 121 5.99 1.05 3.19
CA GLY A 121 5.42 2.21 3.86
C GLY A 121 4.71 1.80 5.15
N GLN A 122 4.15 2.79 5.84
CA GLN A 122 3.39 2.53 7.06
C GLN A 122 2.43 3.67 7.36
N VAL A 123 1.17 3.34 7.61
CA VAL A 123 0.18 4.31 8.02
C VAL A 123 0.51 4.91 9.38
N THR A 124 0.40 6.24 9.48
CA THR A 124 0.75 6.94 10.71
C THR A 124 -0.47 7.59 11.34
N SER A 125 -1.51 7.81 10.53
CA SER A 125 -2.74 8.41 11.00
C SER A 125 -3.91 8.07 10.10
N GLY A 126 -5.07 7.82 10.69
CA GLY A 126 -6.28 7.53 9.94
C GLY A 126 -6.45 6.02 9.72
N MET A 127 -5.65 5.24 10.43
CA MET A 127 -5.72 3.79 10.35
C MET A 127 -7.13 3.30 10.69
N ASP A 128 -7.84 4.06 11.53
CA ASP A 128 -9.20 3.72 11.91
C ASP A 128 -10.09 3.55 10.69
N VAL A 129 -9.78 4.29 9.63
CA VAL A 129 -10.53 4.17 8.38
C VAL A 129 -10.52 2.75 7.86
N VAL A 130 -9.40 2.06 8.04
CA VAL A 130 -9.26 0.68 7.60
C VAL A 130 -10.21 -0.24 8.34
N ARG A 131 -10.26 -0.11 9.66
CA ARG A 131 -11.16 -0.90 10.48
C ARG A 131 -12.62 -0.68 10.08
N THR A 132 -12.95 0.56 9.74
CA THR A 132 -14.31 0.91 9.35
C THR A 132 -14.47 0.93 7.84
N MET A 133 -13.46 0.43 7.14
CA MET A 133 -13.48 0.40 5.68
C MET A 133 -14.50 -0.61 5.17
N LYS A 134 -15.16 -0.27 4.07
CA LYS A 134 -16.13 -1.16 3.45
C LYS A 134 -15.50 -1.90 2.27
N ASN A 135 -15.99 -3.11 2.01
CA ASN A 135 -15.49 -3.92 0.91
C ASN A 135 -15.70 -3.23 -0.42
N GLY A 136 -14.59 -2.89 -1.09
CA GLY A 136 -14.67 -2.22 -2.38
C GLY A 136 -14.69 -0.70 -2.22
N ASP A 137 -14.26 -0.24 -1.05
CA ASP A 137 -14.15 1.19 -0.80
C ASP A 137 -13.24 1.87 -1.81
N VAL A 138 -13.69 3.00 -2.34
CA VAL A 138 -13.01 3.64 -3.47
C VAL A 138 -11.97 4.64 -2.98
N MET A 139 -10.78 4.57 -3.57
CA MET A 139 -9.76 5.59 -3.35
C MET A 139 -9.97 6.78 -4.27
N LYS A 140 -10.05 7.98 -3.69
CA LYS A 140 -10.35 9.18 -4.44
C LYS A 140 -9.08 9.88 -4.91
N GLU A 141 -8.14 10.06 -3.99
CA GLU A 141 -6.90 10.76 -4.29
C GLU A 141 -5.74 10.21 -3.47
N VAL A 142 -4.84 9.50 -4.13
CA VAL A 142 -3.61 9.05 -3.50
C VAL A 142 -2.41 9.86 -3.99
N LYS A 143 -1.74 10.54 -3.06
CA LYS A 143 -0.63 11.42 -3.40
C LYS A 143 0.59 11.12 -2.54
N VAL A 144 1.78 11.34 -3.12
CA VAL A 144 3.02 11.15 -2.40
C VAL A 144 3.98 12.30 -2.64
N PHE A 145 4.65 12.74 -1.59
CA PHE A 145 5.59 13.87 -1.70
C PHE A 145 6.79 13.67 -0.78
N ASP A 146 7.84 14.45 -1.01
CA ASP A 146 9.07 14.33 -0.23
C ASP A 146 8.94 15.04 1.12
N GLU A 147 9.48 14.41 2.15
CA GLU A 147 9.46 14.99 3.49
C GLU A 147 10.53 14.37 4.38
N PRO A 148 11.78 14.74 4.13
CA PRO A 148 12.90 14.27 4.95
C PRO A 148 12.65 14.52 6.43
N MET A 3 16.25 13.62 2.97
CA MET A 3 14.88 13.87 2.59
C MET A 3 13.98 12.71 2.97
N ALA A 4 12.81 13.03 3.52
CA ALA A 4 11.82 12.01 3.87
C ALA A 4 10.71 11.95 2.84
N LYS A 5 10.01 10.81 2.80
CA LYS A 5 8.89 10.64 1.88
C LYS A 5 7.59 10.36 2.65
N LYS A 6 6.55 11.11 2.31
CA LYS A 6 5.23 10.90 2.92
C LYS A 6 4.14 10.92 1.87
N GLY A 7 2.91 10.67 2.30
CA GLY A 7 1.75 10.79 1.43
C GLY A 7 0.45 10.64 2.21
N TYR A 8 -0.67 10.67 1.50
CA TYR A 8 -1.98 10.46 2.11
C TYR A 8 -2.97 9.82 1.14
N ILE A 9 -3.99 9.19 1.68
CA ILE A 9 -5.05 8.62 0.86
C ILE A 9 -6.40 9.26 1.19
N LEU A 10 -6.92 10.04 0.25
CA LEU A 10 -8.26 10.60 0.40
C LEU A 10 -9.31 9.68 -0.21
N MET A 11 -10.25 9.24 0.62
CA MET A 11 -11.32 8.35 0.17
C MET A 11 -12.56 9.14 -0.26
N GLU A 12 -13.34 8.56 -1.16
CA GLU A 12 -14.56 9.20 -1.63
C GLU A 12 -15.54 9.42 -0.49
N ASN A 13 -15.43 8.61 0.55
CA ASN A 13 -16.32 8.70 1.71
C ASN A 13 -15.72 9.57 2.80
N GLY A 14 -14.67 10.30 2.46
CA GLY A 14 -14.09 11.30 3.36
C GLY A 14 -13.12 10.66 4.35
N GLY A 15 -12.77 9.40 4.09
CA GLY A 15 -11.87 8.67 4.97
C GLY A 15 -10.41 9.02 4.66
N LYS A 16 -10.05 10.27 4.90
CA LYS A 16 -8.71 10.75 4.57
C LYS A 16 -7.69 10.32 5.62
N ILE A 17 -6.73 9.51 5.21
CA ILE A 17 -5.69 9.04 6.10
C ILE A 17 -4.30 9.43 5.60
N GLU A 18 -3.34 9.51 6.52
CA GLU A 18 -1.98 9.89 6.17
C GLU A 18 -1.00 8.77 6.50
N PHE A 19 0.07 8.68 5.70
CA PHE A 19 1.05 7.60 5.87
C PHE A 19 2.45 8.09 5.55
N GLU A 20 3.44 7.31 5.94
CA GLU A 20 4.85 7.63 5.66
C GLU A 20 5.52 6.53 4.86
N LEU A 21 6.53 6.89 4.09
CA LEU A 21 7.24 5.93 3.24
C LEU A 21 8.68 5.74 3.71
N PHE A 22 9.26 4.61 3.36
CA PHE A 22 10.63 4.29 3.76
C PHE A 22 11.47 3.85 2.56
N PRO A 23 11.93 4.83 1.80
CA PRO A 23 12.76 4.56 0.63
C PRO A 23 14.11 3.99 1.04
N ASN A 24 14.45 4.13 2.31
CA ASN A 24 15.68 3.57 2.85
C ASN A 24 15.52 2.10 3.20
N GLU A 25 14.27 1.62 3.16
CA GLU A 25 13.98 0.22 3.45
C GLU A 25 13.59 -0.53 2.18
N ALA A 26 12.87 0.14 1.30
CA ALA A 26 12.48 -0.44 0.01
C ALA A 26 12.53 0.59 -1.11
N PRO A 27 13.73 0.88 -1.58
CA PRO A 27 13.92 1.92 -2.59
C PRO A 27 13.01 1.70 -3.80
N VAL A 28 13.00 0.47 -4.31
CA VAL A 28 12.32 0.18 -5.56
C VAL A 28 10.80 0.25 -5.39
N THR A 29 10.28 -0.43 -4.38
CA THR A 29 8.84 -0.49 -4.14
C THR A 29 8.28 0.89 -3.86
N VAL A 30 9.00 1.66 -3.04
CA VAL A 30 8.59 3.02 -2.72
C VAL A 30 8.57 3.90 -3.96
N ALA A 31 9.61 3.79 -4.77
CA ALA A 31 9.69 4.55 -6.02
C ALA A 31 8.49 4.27 -6.91
N ASN A 32 8.18 3.00 -7.12
CA ASN A 32 7.07 2.60 -7.96
C ASN A 32 5.74 3.08 -7.39
N PHE A 33 5.57 2.94 -6.08
CA PHE A 33 4.38 3.42 -5.40
C PHE A 33 4.17 4.91 -5.65
N GLU A 34 5.22 5.69 -5.46
CA GLU A 34 5.16 7.13 -5.69
C GLU A 34 4.78 7.45 -7.12
N LYS A 35 5.42 6.75 -8.07
CA LYS A 35 5.14 6.96 -9.48
C LYS A 35 3.68 6.71 -9.81
N LEU A 36 3.14 5.62 -9.28
CA LEU A 36 1.73 5.29 -9.48
C LEU A 36 0.83 6.40 -8.97
N ALA A 37 1.11 6.88 -7.77
CA ALA A 37 0.35 7.96 -7.16
C ALA A 37 0.39 9.22 -8.02
N ASN A 38 1.59 9.53 -8.53
CA ASN A 38 1.77 10.71 -9.36
C ASN A 38 0.98 10.60 -10.66
N GLU A 39 0.85 9.37 -11.17
CA GLU A 39 0.12 9.13 -12.41
C GLU A 39 -1.38 9.10 -12.17
N GLY A 40 -1.77 9.19 -10.91
CA GLY A 40 -3.19 9.14 -10.53
C GLY A 40 -3.72 7.72 -10.59
N PHE A 41 -2.82 6.75 -10.50
CA PHE A 41 -3.18 5.35 -10.63
C PHE A 41 -4.36 4.98 -9.73
N TYR A 42 -4.31 5.47 -8.49
CA TYR A 42 -5.27 5.05 -7.47
C TYR A 42 -6.57 5.84 -7.59
N ASN A 43 -6.52 6.95 -8.30
CA ASN A 43 -7.66 7.85 -8.41
C ASN A 43 -8.78 7.23 -9.23
N GLY A 44 -9.82 6.75 -8.55
CA GLY A 44 -10.96 6.14 -9.22
C GLY A 44 -11.01 4.63 -8.95
N LEU A 45 -9.90 4.10 -8.46
CA LEU A 45 -9.82 2.68 -8.12
C LEU A 45 -10.43 2.40 -6.75
N THR A 46 -10.72 1.14 -6.47
CA THR A 46 -11.35 0.74 -5.21
C THR A 46 -10.48 -0.24 -4.45
N PHE A 47 -10.82 -0.46 -3.19
CA PHE A 47 -10.18 -1.49 -2.38
C PHE A 47 -10.77 -2.86 -2.67
N HIS A 48 -9.92 -3.81 -3.06
CA HIS A 48 -10.38 -5.15 -3.40
C HIS A 48 -11.18 -5.77 -2.27
N ARG A 49 -10.58 -5.81 -1.09
CA ARG A 49 -11.22 -6.43 0.08
C ARG A 49 -10.60 -5.93 1.37
N VAL A 50 -11.45 -5.50 2.30
CA VAL A 50 -10.99 -5.00 3.59
C VAL A 50 -11.42 -5.92 4.72
N ILE A 51 -10.44 -6.54 5.38
CA ILE A 51 -10.71 -7.40 6.53
C ILE A 51 -10.19 -6.79 7.81
N PRO A 52 -11.11 -6.27 8.63
CA PRO A 52 -10.74 -5.63 9.88
C PRO A 52 -9.95 -6.58 10.77
N GLY A 53 -8.83 -6.11 11.29
CA GLY A 53 -8.00 -6.90 12.20
C GLY A 53 -7.16 -7.90 11.43
N PHE A 54 -7.03 -7.70 10.13
CA PHE A 54 -6.18 -8.54 9.30
C PHE A 54 -5.45 -7.72 8.24
N VAL A 55 -6.06 -7.62 7.06
CA VAL A 55 -5.42 -6.94 5.94
C VAL A 55 -6.44 -6.19 5.09
N SER A 56 -6.08 -4.98 4.67
CA SER A 56 -6.88 -4.25 3.70
C SER A 56 -6.16 -4.18 2.35
N GLN A 57 -6.70 -4.89 1.36
CA GLN A 57 -6.03 -5.05 0.08
C GLN A 57 -6.69 -4.20 -1.00
N GLY A 58 -5.88 -3.43 -1.72
CA GLY A 58 -6.38 -2.54 -2.76
C GLY A 58 -6.68 -3.31 -4.04
N GLY A 59 -7.51 -2.72 -4.90
CA GLY A 59 -7.94 -3.38 -6.12
C GLY A 59 -7.07 -2.97 -7.31
N CYS A 60 -7.68 -2.94 -8.50
CA CYS A 60 -6.94 -2.79 -9.74
C CYS A 60 -7.81 -2.18 -10.83
N PRO A 61 -7.16 -1.71 -11.89
CA PRO A 61 -7.88 -1.11 -13.02
C PRO A 61 -8.93 -2.06 -13.57
N ARG A 62 -8.61 -3.35 -13.55
CA ARG A 62 -9.53 -4.37 -14.05
C ARG A 62 -10.82 -4.41 -13.23
N GLY A 63 -10.68 -4.19 -11.93
CA GLY A 63 -11.80 -4.34 -11.02
C GLY A 63 -12.03 -5.81 -10.67
N ASN A 64 -11.08 -6.66 -11.03
CA ASN A 64 -11.18 -8.09 -10.79
C ASN A 64 -10.35 -8.51 -9.57
N GLY A 65 -9.63 -7.55 -9.00
CA GLY A 65 -8.81 -7.81 -7.83
C GLY A 65 -7.42 -8.27 -8.23
N THR A 66 -7.14 -8.27 -9.53
CA THR A 66 -5.85 -8.69 -10.05
C THR A 66 -5.14 -7.54 -10.76
N GLY A 67 -4.04 -7.09 -10.18
CA GLY A 67 -3.30 -5.95 -10.72
C GLY A 67 -2.84 -6.22 -12.15
N ASP A 68 -2.83 -5.18 -12.97
CA ASP A 68 -2.43 -5.31 -14.37
C ASP A 68 -1.87 -4.01 -14.91
N ALA A 69 -1.03 -3.35 -14.12
CA ALA A 69 -0.39 -2.11 -14.53
C ALA A 69 0.97 -2.38 -15.18
N GLY A 70 1.52 -3.56 -14.91
CA GLY A 70 2.81 -3.94 -15.47
C GLY A 70 3.93 -3.73 -14.45
N TYR A 71 3.57 -3.20 -13.29
CA TYR A 71 4.55 -2.92 -12.24
C TYR A 71 4.89 -4.17 -11.44
N THR A 72 5.57 -5.12 -12.09
CA THR A 72 5.99 -6.34 -11.43
C THR A 72 7.48 -6.30 -11.10
N ILE A 73 7.81 -6.44 -9.82
CA ILE A 73 9.19 -6.45 -9.38
C ILE A 73 9.48 -7.64 -8.47
N PRO A 74 10.75 -8.01 -8.36
CA PRO A 74 11.17 -9.05 -7.43
C PRO A 74 11.09 -8.57 -5.99
N CYS A 75 11.11 -9.51 -5.05
CA CYS A 75 11.01 -9.19 -3.64
C CYS A 75 12.30 -8.57 -3.11
N GLU A 76 12.16 -7.52 -2.31
CA GLU A 76 13.31 -6.83 -1.75
C GLU A 76 13.73 -7.43 -0.41
N THR A 77 12.92 -8.38 0.07
CA THR A 77 13.20 -9.02 1.35
C THR A 77 14.43 -9.91 1.27
N ASP A 78 14.86 -10.20 0.05
CA ASP A 78 16.08 -10.98 -0.17
C ASP A 78 17.30 -10.24 0.36
N ASN A 79 17.29 -8.92 0.24
CA ASN A 79 18.41 -8.10 0.70
C ASN A 79 18.06 -7.36 1.99
N ASN A 80 16.77 -7.10 2.18
CA ASN A 80 16.32 -6.41 3.38
C ASN A 80 14.97 -6.96 3.84
N PRO A 81 15.01 -8.06 4.59
CA PRO A 81 13.79 -8.68 5.10
C PRO A 81 12.90 -7.67 5.80
N HIS A 82 11.62 -7.66 5.43
CA HIS A 82 10.67 -6.70 5.98
C HIS A 82 9.66 -7.38 6.90
N ARG A 83 9.31 -6.71 7.99
CA ARG A 83 8.35 -7.25 8.94
C ARG A 83 6.99 -6.61 8.78
N HIS A 84 5.93 -7.39 8.99
CA HIS A 84 4.57 -6.93 8.80
C HIS A 84 3.84 -6.78 10.13
N VAL A 85 3.62 -5.53 10.54
CA VAL A 85 2.96 -5.25 11.81
C VAL A 85 1.79 -4.29 11.63
N THR A 86 1.14 -3.94 12.73
CA THR A 86 0.02 -3.00 12.70
C THR A 86 0.42 -1.69 12.04
N GLY A 87 -0.24 -1.37 10.92
CA GLY A 87 -0.02 -0.09 10.25
C GLY A 87 0.81 -0.28 8.99
N ALA A 88 1.52 -1.39 8.91
CA ALA A 88 2.50 -1.61 7.85
C ALA A 88 1.83 -1.61 6.48
N MET A 89 2.51 -1.06 5.49
CA MET A 89 2.04 -1.10 4.10
C MET A 89 3.01 -1.85 3.21
N SER A 90 2.50 -2.83 2.47
CA SER A 90 3.35 -3.79 1.77
C SER A 90 2.78 -4.12 0.40
N MET A 91 3.67 -4.28 -0.59
CA MET A 91 3.25 -4.67 -1.93
C MET A 91 2.71 -6.09 -1.97
N ALA A 92 1.60 -6.28 -2.67
CA ALA A 92 1.05 -7.60 -2.90
C ALA A 92 1.82 -8.33 -3.99
N HIS A 93 1.86 -9.66 -3.89
CA HIS A 93 2.61 -10.48 -4.85
C HIS A 93 1.74 -11.60 -5.40
N ARG A 94 1.95 -11.96 -6.66
CA ARG A 94 1.23 -13.05 -7.28
C ARG A 94 2.07 -14.32 -7.31
N GLY A 95 3.23 -14.27 -6.65
CA GLY A 95 4.13 -15.41 -6.61
C GLY A 95 5.54 -14.99 -6.22
N ARG A 96 6.47 -15.93 -6.26
CA ARG A 96 7.85 -15.66 -5.89
C ARG A 96 8.46 -14.57 -6.77
N ASP A 97 8.89 -13.48 -6.14
CA ASP A 97 9.49 -12.37 -6.86
C ASP A 97 8.60 -11.89 -8.01
N THR A 98 7.29 -11.98 -7.80
CA THR A 98 6.33 -11.54 -8.80
C THR A 98 5.34 -10.53 -8.22
N GLY A 99 5.84 -9.34 -7.89
CA GLY A 99 5.01 -8.29 -7.30
C GLY A 99 3.96 -7.80 -8.28
N SER A 100 2.91 -7.19 -7.76
CA SER A 100 1.91 -6.53 -8.60
C SER A 100 1.83 -5.04 -8.30
N CYS A 101 0.92 -4.35 -8.98
CA CYS A 101 0.67 -2.94 -8.71
C CYS A 101 -0.26 -2.76 -7.53
N GLN A 102 -0.65 -3.86 -6.91
CA GLN A 102 -1.55 -3.83 -5.76
C GLN A 102 -0.77 -3.72 -4.45
N PHE A 103 -1.31 -2.98 -3.50
CA PHE A 103 -0.74 -2.90 -2.16
C PHE A 103 -1.79 -3.16 -1.09
N PHE A 104 -1.35 -3.58 0.09
CA PHE A 104 -2.25 -3.90 1.17
C PHE A 104 -1.72 -3.39 2.51
N ILE A 105 -2.64 -3.09 3.42
CA ILE A 105 -2.26 -2.54 4.73
C ILE A 105 -2.52 -3.56 5.84
N VAL A 106 -1.47 -3.86 6.59
CA VAL A 106 -1.56 -4.84 7.67
C VAL A 106 -2.13 -4.21 8.93
N HIS A 107 -3.07 -4.91 9.57
CA HIS A 107 -3.73 -4.40 10.76
C HIS A 107 -3.25 -5.12 12.02
N GLU A 108 -2.89 -6.38 11.85
CA GLU A 108 -2.26 -7.14 12.93
C GLU A 108 -1.01 -7.85 12.43
N PRO A 109 -0.04 -8.02 13.33
CA PRO A 109 1.24 -8.62 12.97
C PRO A 109 1.04 -9.94 12.23
N GLN A 110 1.78 -10.12 11.14
CA GLN A 110 1.66 -11.33 10.34
C GLN A 110 3.03 -12.01 10.16
N PRO A 111 3.38 -12.86 11.11
CA PRO A 111 4.63 -13.62 11.05
C PRO A 111 4.75 -14.37 9.73
N HIS A 112 3.61 -14.80 9.19
CA HIS A 112 3.60 -15.62 7.99
C HIS A 112 3.98 -14.81 6.76
N LEU A 113 3.79 -13.49 6.83
CA LEU A 113 4.06 -12.61 5.71
C LEU A 113 5.44 -11.97 5.82
N ASP A 114 6.07 -12.15 6.98
CA ASP A 114 7.39 -11.57 7.23
C ASP A 114 8.43 -12.15 6.30
N GLY A 115 9.13 -11.28 5.57
CA GLY A 115 10.17 -11.71 4.66
C GLY A 115 9.57 -12.25 3.36
N VAL A 116 8.25 -12.16 3.24
CA VAL A 116 7.55 -12.67 2.08
C VAL A 116 7.15 -11.54 1.13
N HIS A 117 6.55 -10.49 1.68
CA HIS A 117 6.21 -9.32 0.90
C HIS A 117 7.08 -8.13 1.26
N THR A 118 7.14 -7.15 0.37
CA THR A 118 8.03 -5.99 0.55
C THR A 118 7.28 -4.82 1.17
N VAL A 119 7.61 -4.51 2.42
CA VAL A 119 7.07 -3.33 3.08
C VAL A 119 7.76 -2.06 2.60
N PHE A 120 6.96 -1.03 2.32
CA PHE A 120 7.47 0.17 1.67
C PHE A 120 7.09 1.42 2.47
N GLY A 121 6.13 1.27 3.38
CA GLY A 121 5.67 2.39 4.20
C GLY A 121 4.76 1.90 5.31
N GLN A 122 4.08 2.84 5.96
CA GLN A 122 3.07 2.50 6.96
C GLN A 122 2.10 3.66 7.18
N VAL A 123 0.86 3.33 7.53
CA VAL A 123 -0.13 4.33 7.87
C VAL A 123 0.09 4.89 9.27
N THR A 124 0.11 6.21 9.39
CA THR A 124 0.49 6.87 10.63
C THR A 124 -0.70 7.58 11.27
N SER A 125 -1.73 7.84 10.46
CA SER A 125 -2.99 8.36 10.97
C SER A 125 -4.18 7.66 10.34
N GLY A 126 -5.25 7.51 11.11
CA GLY A 126 -6.49 6.93 10.60
C GLY A 126 -6.31 5.47 10.25
N MET A 127 -5.49 4.77 11.02
CA MET A 127 -5.32 3.33 10.87
C MET A 127 -6.63 2.59 11.07
N ASP A 128 -7.43 3.06 12.03
CA ASP A 128 -8.77 2.52 12.23
C ASP A 128 -9.66 2.82 11.04
N VAL A 129 -9.52 4.00 10.48
CA VAL A 129 -10.30 4.39 9.30
C VAL A 129 -10.02 3.46 8.13
N VAL A 130 -8.75 3.12 7.94
CA VAL A 130 -8.38 2.12 6.94
C VAL A 130 -8.97 0.75 7.27
N ARG A 131 -8.89 0.37 8.54
CA ARG A 131 -9.43 -0.91 8.99
C ARG A 131 -10.93 -0.99 8.73
N THR A 132 -11.61 0.14 8.87
CA THR A 132 -13.07 0.17 8.76
C THR A 132 -13.51 0.58 7.36
N MET A 133 -12.59 0.49 6.41
CA MET A 133 -12.93 0.64 4.99
C MET A 133 -13.84 -0.49 4.52
N LYS A 134 -14.53 -0.25 3.42
CA LYS A 134 -15.48 -1.22 2.90
C LYS A 134 -14.92 -1.94 1.68
N ASN A 135 -15.48 -3.11 1.37
CA ASN A 135 -15.13 -3.83 0.15
C ASN A 135 -15.64 -3.10 -1.09
N GLY A 136 -14.70 -2.56 -1.87
CA GLY A 136 -15.06 -1.76 -3.03
C GLY A 136 -15.14 -0.28 -2.69
N ASP A 137 -14.65 0.08 -1.51
CA ASP A 137 -14.56 1.48 -1.11
C ASP A 137 -13.68 2.26 -2.08
N VAL A 138 -14.17 3.43 -2.50
CA VAL A 138 -13.56 4.16 -3.61
C VAL A 138 -12.46 5.09 -3.13
N MET A 139 -11.30 4.99 -3.76
CA MET A 139 -10.21 5.94 -3.50
C MET A 139 -10.36 7.18 -4.37
N LYS A 140 -10.41 8.35 -3.73
CA LYS A 140 -10.66 9.60 -4.42
C LYS A 140 -9.37 10.25 -4.88
N GLU A 141 -8.35 10.18 -4.03
CA GLU A 141 -7.04 10.74 -4.36
C GLU A 141 -5.94 10.10 -3.52
N VAL A 142 -4.84 9.76 -4.16
CA VAL A 142 -3.63 9.32 -3.46
C VAL A 142 -2.41 10.11 -3.90
N LYS A 143 -1.78 10.79 -2.96
CA LYS A 143 -0.70 11.72 -3.27
C LYS A 143 0.55 11.41 -2.45
N VAL A 144 1.69 11.37 -3.12
CA VAL A 144 2.98 11.22 -2.43
C VAL A 144 3.87 12.42 -2.66
N PHE A 145 4.58 12.84 -1.61
CA PHE A 145 5.40 14.05 -1.67
C PHE A 145 6.65 13.90 -0.81
N ASP A 146 7.60 14.80 -1.02
CA ASP A 146 8.85 14.78 -0.25
C ASP A 146 8.83 15.81 0.87
N GLU A 147 9.54 15.50 1.95
CA GLU A 147 9.62 16.41 3.09
C GLU A 147 11.06 16.74 3.45
N PRO A 148 11.35 18.03 3.59
CA PRO A 148 12.69 18.48 3.92
C PRO A 148 12.98 18.33 5.40
N MET A 3 14.60 15.47 2.60
CA MET A 3 13.36 15.32 3.38
C MET A 3 12.83 13.90 3.32
N ALA A 4 12.09 13.51 4.33
CA ALA A 4 11.48 12.18 4.38
C ALA A 4 10.23 12.12 3.51
N LYS A 5 10.00 10.96 2.90
CA LYS A 5 8.87 10.78 2.00
C LYS A 5 7.63 10.30 2.76
N LYS A 6 6.48 10.83 2.39
CA LYS A 6 5.21 10.37 2.93
C LYS A 6 4.08 10.52 1.91
N GLY A 7 2.95 9.89 2.19
CA GLY A 7 1.82 9.91 1.28
C GLY A 7 0.49 10.07 2.03
N TYR A 8 -0.56 10.39 1.31
CA TYR A 8 -1.88 10.59 1.90
C TYR A 8 -2.97 9.99 1.02
N ILE A 9 -3.71 9.04 1.57
CA ILE A 9 -4.85 8.45 0.87
C ILE A 9 -6.14 9.17 1.22
N LEU A 10 -6.85 9.64 0.20
CA LEU A 10 -8.19 10.19 0.38
C LEU A 10 -9.24 9.28 -0.25
N MET A 11 -10.17 8.80 0.58
CA MET A 11 -11.21 7.89 0.11
C MET A 11 -12.45 8.66 -0.33
N GLU A 12 -13.22 8.06 -1.24
CA GLU A 12 -14.42 8.70 -1.76
C GLU A 12 -15.42 8.98 -0.64
N ASN A 13 -15.36 8.17 0.41
CA ASN A 13 -16.30 8.30 1.52
C ASN A 13 -15.72 9.20 2.62
N GLY A 14 -14.71 9.98 2.27
CA GLY A 14 -14.17 10.99 3.18
C GLY A 14 -13.11 10.39 4.10
N GLY A 15 -12.67 9.17 3.77
CA GLY A 15 -11.65 8.50 4.56
C GLY A 15 -10.31 9.23 4.47
N LYS A 16 -9.64 9.37 5.61
CA LYS A 16 -8.40 10.12 5.68
C LYS A 16 -7.27 9.27 6.25
N ILE A 17 -6.48 8.67 5.36
CA ILE A 17 -5.43 7.74 5.77
C ILE A 17 -4.05 8.28 5.40
N GLU A 18 -3.33 8.76 6.41
CA GLU A 18 -2.00 9.33 6.19
C GLU A 18 -0.90 8.37 6.62
N PHE A 19 0.11 8.22 5.77
CA PHE A 19 1.13 7.20 5.97
C PHE A 19 2.50 7.72 5.55
N GLU A 20 3.55 7.09 6.07
CA GLU A 20 4.91 7.46 5.73
C GLU A 20 5.54 6.45 4.77
N LEU A 21 6.56 6.88 4.04
CA LEU A 21 7.27 6.00 3.11
C LEU A 21 8.66 5.68 3.63
N PHE A 22 9.14 4.48 3.32
CA PHE A 22 10.44 4.02 3.80
C PHE A 22 11.27 3.42 2.67
N PRO A 23 11.94 4.29 1.92
CA PRO A 23 12.77 3.84 0.81
C PRO A 23 13.98 3.06 1.30
N ASN A 24 14.24 3.15 2.60
CA ASN A 24 15.28 2.34 3.23
C ASN A 24 14.90 0.87 3.24
N GLU A 25 13.61 0.59 3.28
CA GLU A 25 13.10 -0.78 3.22
C GLU A 25 13.12 -1.31 1.79
N ALA A 26 12.81 -0.44 0.83
CA ALA A 26 12.82 -0.82 -0.57
C ALA A 26 12.82 0.41 -1.47
N PRO A 27 14.00 0.85 -1.87
CA PRO A 27 14.14 2.02 -2.74
C PRO A 27 13.31 1.86 -4.01
N VAL A 28 13.42 0.68 -4.63
CA VAL A 28 12.73 0.43 -5.89
C VAL A 28 11.23 0.46 -5.72
N THR A 29 10.74 -0.19 -4.66
CA THR A 29 9.31 -0.31 -4.42
C THR A 29 8.68 1.06 -4.18
N VAL A 30 9.30 1.85 -3.30
CA VAL A 30 8.80 3.17 -2.98
C VAL A 30 8.84 4.08 -4.20
N ALA A 31 9.91 3.97 -4.98
CA ALA A 31 10.04 4.74 -6.21
C ALA A 31 8.89 4.43 -7.16
N ASN A 32 8.63 3.15 -7.37
CA ASN A 32 7.55 2.72 -8.26
C ASN A 32 6.20 3.22 -7.76
N PHE A 33 5.99 3.11 -6.44
CA PHE A 33 4.75 3.59 -5.83
C PHE A 33 4.53 5.06 -6.13
N GLU A 34 5.55 5.88 -5.90
CA GLU A 34 5.45 7.32 -6.14
C GLU A 34 5.17 7.61 -7.60
N LYS A 35 5.90 6.94 -8.49
CA LYS A 35 5.75 7.16 -9.92
C LYS A 35 4.35 6.79 -10.39
N LEU A 36 3.84 5.67 -9.90
CA LEU A 36 2.49 5.23 -10.23
C LEU A 36 1.46 6.26 -9.80
N ALA A 37 1.60 6.77 -8.59
CA ALA A 37 0.70 7.80 -8.07
C ALA A 37 0.75 9.05 -8.94
N ASN A 38 1.95 9.45 -9.34
CA ASN A 38 2.12 10.61 -10.21
C ASN A 38 1.52 10.35 -11.59
N GLU A 39 1.52 9.08 -12.00
CA GLU A 39 0.98 8.70 -13.29
C GLU A 39 -0.54 8.50 -13.21
N GLY A 40 -1.07 8.60 -11.99
CA GLY A 40 -2.52 8.64 -11.81
C GLY A 40 -3.06 7.26 -11.44
N PHE A 41 -2.16 6.30 -11.30
CA PHE A 41 -2.55 4.93 -11.00
C PHE A 41 -3.16 4.81 -9.61
N TYR A 42 -2.73 5.68 -8.70
CA TYR A 42 -3.27 5.71 -7.35
C TYR A 42 -4.24 6.89 -7.18
N ASN A 43 -4.90 7.26 -8.26
CA ASN A 43 -5.95 8.27 -8.21
C ASN A 43 -7.28 7.71 -8.68
N GLY A 44 -7.67 6.57 -8.14
CA GLY A 44 -8.94 5.94 -8.46
C GLY A 44 -8.84 4.42 -8.42
N LEU A 45 -8.51 3.88 -7.26
CA LEU A 45 -8.45 2.44 -7.06
C LEU A 45 -9.50 1.97 -6.05
N THR A 46 -9.84 0.69 -6.11
CA THR A 46 -10.83 0.12 -5.20
C THR A 46 -10.18 -0.89 -4.25
N PHE A 47 -10.73 -0.99 -3.05
CA PHE A 47 -10.30 -2.00 -2.09
C PHE A 47 -11.23 -3.21 -2.12
N HIS A 48 -10.82 -4.25 -2.86
CA HIS A 48 -11.71 -5.37 -3.14
C HIS A 48 -11.88 -6.25 -1.90
N ARG A 49 -10.78 -6.51 -1.21
CA ARG A 49 -10.77 -7.49 -0.13
C ARG A 49 -10.38 -6.84 1.20
N VAL A 50 -11.34 -6.18 1.84
CA VAL A 50 -11.11 -5.59 3.14
C VAL A 50 -11.49 -6.55 4.26
N ILE A 51 -10.54 -6.82 5.15
CA ILE A 51 -10.78 -7.70 6.29
C ILE A 51 -10.56 -6.97 7.61
N PRO A 52 -11.66 -6.49 8.19
CA PRO A 52 -11.58 -5.71 9.43
C PRO A 52 -10.84 -6.48 10.52
N GLY A 53 -9.85 -5.83 11.12
CA GLY A 53 -9.14 -6.39 12.27
C GLY A 53 -7.87 -7.11 11.84
N PHE A 54 -7.70 -7.28 10.53
CA PHE A 54 -6.53 -7.98 10.00
C PHE A 54 -5.78 -7.11 8.99
N VAL A 55 -6.42 -6.83 7.87
CA VAL A 55 -5.75 -6.16 6.76
C VAL A 55 -6.75 -5.75 5.68
N SER A 56 -6.55 -4.57 5.11
CA SER A 56 -7.31 -4.13 3.95
C SER A 56 -6.51 -4.34 2.66
N GLN A 57 -6.90 -5.35 1.89
CA GLN A 57 -6.27 -5.62 0.60
C GLN A 57 -7.00 -4.92 -0.53
N GLY A 58 -6.30 -4.04 -1.23
CA GLY A 58 -6.92 -3.20 -2.25
C GLY A 58 -5.87 -2.48 -3.09
N GLY A 59 -6.33 -1.73 -4.09
CA GLY A 59 -5.42 -1.05 -5.00
C GLY A 59 -5.64 -1.51 -6.44
N CYS A 60 -6.85 -2.01 -6.72
CA CYS A 60 -7.19 -2.50 -8.05
C CYS A 60 -7.98 -1.46 -8.83
N PRO A 61 -7.53 -1.19 -10.06
CA PRO A 61 -8.19 -0.20 -10.91
C PRO A 61 -9.47 -0.74 -11.52
N ARG A 62 -9.62 -2.06 -11.47
CA ARG A 62 -10.80 -2.72 -12.03
C ARG A 62 -11.82 -3.04 -10.94
N GLY A 63 -11.34 -3.16 -9.71
CA GLY A 63 -12.21 -3.50 -8.59
C GLY A 63 -12.58 -4.98 -8.61
N ASN A 64 -11.85 -5.76 -9.40
CA ASN A 64 -12.16 -7.17 -9.57
C ASN A 64 -11.28 -8.05 -8.71
N GLY A 65 -10.39 -7.43 -7.96
CA GLY A 65 -9.51 -8.15 -7.04
C GLY A 65 -8.14 -8.41 -7.66
N THR A 66 -8.00 -8.05 -8.93
CA THR A 66 -6.73 -8.23 -9.64
C THR A 66 -6.15 -6.89 -10.05
N GLY A 67 -5.12 -6.46 -9.32
CA GLY A 67 -4.50 -5.16 -9.58
C GLY A 67 -3.73 -5.16 -10.89
N ASP A 68 -3.56 -3.99 -11.48
CA ASP A 68 -2.87 -3.86 -12.75
C ASP A 68 -2.08 -2.56 -12.83
N ALA A 69 -0.77 -2.64 -12.56
CA ALA A 69 0.10 -1.48 -12.64
C ALA A 69 0.50 -1.18 -14.08
N GLY A 70 0.25 -2.14 -14.97
CA GLY A 70 0.71 -2.03 -16.34
C GLY A 70 2.06 -2.72 -16.52
N TYR A 71 2.66 -3.13 -15.41
CA TYR A 71 3.95 -3.81 -15.43
C TYR A 71 4.22 -4.54 -14.12
N THR A 72 5.24 -5.39 -14.13
CA THR A 72 5.61 -6.15 -12.94
C THR A 72 6.63 -5.38 -12.09
N ILE A 73 6.37 -5.31 -10.80
CA ILE A 73 7.23 -4.56 -9.89
C ILE A 73 8.23 -5.46 -9.19
N PRO A 74 9.51 -5.13 -9.30
CA PRO A 74 10.56 -5.89 -8.64
C PRO A 74 10.33 -5.95 -7.14
N CYS A 75 10.69 -7.08 -6.53
CA CYS A 75 10.63 -7.23 -5.08
C CYS A 75 11.97 -6.93 -4.43
N GLU A 76 12.14 -5.72 -3.94
CA GLU A 76 13.38 -5.31 -3.29
C GLU A 76 13.37 -5.62 -1.81
N THR A 77 14.30 -6.45 -1.36
CA THR A 77 14.33 -6.90 0.02
C THR A 77 15.33 -6.10 0.85
N ASP A 78 16.07 -5.22 0.17
CA ASP A 78 17.09 -4.40 0.84
C ASP A 78 16.63 -2.95 0.94
N ASN A 79 17.05 -2.28 2.00
CA ASN A 79 18.00 -2.86 2.95
C ASN A 79 17.29 -3.42 4.17
N ASN A 80 16.26 -2.71 4.62
CA ASN A 80 15.53 -3.11 5.82
C ASN A 80 14.53 -4.22 5.51
N PRO A 81 14.22 -5.03 6.53
CA PRO A 81 13.32 -6.16 6.36
C PRO A 81 11.87 -5.70 6.21
N HIS A 82 10.99 -6.62 5.86
CA HIS A 82 9.61 -6.29 5.55
C HIS A 82 8.65 -7.01 6.49
N ARG A 83 8.69 -6.64 7.77
CA ARG A 83 7.72 -7.15 8.74
C ARG A 83 6.42 -6.35 8.67
N HIS A 84 5.30 -7.05 8.89
CA HIS A 84 3.99 -6.43 8.82
C HIS A 84 3.45 -6.13 10.21
N VAL A 85 3.66 -4.90 10.68
CA VAL A 85 3.19 -4.48 12.00
C VAL A 85 1.96 -3.59 11.88
N THR A 86 1.55 -3.01 13.00
CA THR A 86 0.36 -2.18 13.04
C THR A 86 0.44 -1.05 12.02
N GLY A 87 -0.37 -1.14 10.98
CA GLY A 87 -0.54 -0.03 10.04
C GLY A 87 0.40 -0.20 8.85
N ALA A 88 1.23 -1.23 8.88
CA ALA A 88 2.24 -1.44 7.84
C ALA A 88 1.59 -1.53 6.47
N MET A 89 2.24 -0.94 5.47
CA MET A 89 1.75 -0.97 4.10
C MET A 89 2.75 -1.64 3.17
N SER A 90 2.27 -2.61 2.41
CA SER A 90 3.16 -3.43 1.58
C SER A 90 2.55 -3.68 0.21
N MET A 91 3.42 -3.91 -0.78
CA MET A 91 2.96 -4.19 -2.14
C MET A 91 2.71 -5.67 -2.35
N ALA A 92 1.63 -6.00 -3.05
CA ALA A 92 1.30 -7.38 -3.35
C ALA A 92 2.18 -7.93 -4.47
N HIS A 93 2.76 -9.10 -4.23
CA HIS A 93 3.60 -9.76 -5.22
C HIS A 93 3.68 -11.26 -4.98
N ARG A 94 4.38 -11.96 -5.87
CA ARG A 94 4.60 -13.40 -5.70
C ARG A 94 6.05 -13.76 -5.96
N GLY A 95 6.95 -12.86 -5.62
CA GLY A 95 8.38 -13.07 -5.87
C GLY A 95 9.01 -11.84 -6.54
N ARG A 96 10.24 -12.01 -7.00
CA ARG A 96 10.97 -10.91 -7.63
C ARG A 96 10.37 -10.56 -8.98
N ASP A 97 9.96 -9.31 -9.14
CA ASP A 97 9.46 -8.82 -10.42
C ASP A 97 8.12 -9.44 -10.77
N THR A 98 7.20 -9.45 -9.81
CA THR A 98 5.87 -9.98 -10.03
C THR A 98 4.81 -9.10 -9.37
N GLY A 99 5.25 -8.02 -8.73
CA GLY A 99 4.37 -7.19 -7.92
C GLY A 99 3.43 -6.38 -8.80
N SER A 100 2.26 -6.06 -8.25
CA SER A 100 1.31 -5.19 -8.94
C SER A 100 1.03 -3.93 -8.12
N CYS A 101 0.15 -3.09 -8.65
CA CYS A 101 -0.23 -1.85 -7.96
C CYS A 101 -1.04 -2.16 -6.70
N GLN A 102 -1.61 -3.35 -6.65
CA GLN A 102 -2.36 -3.80 -5.47
C GLN A 102 -1.45 -3.88 -4.24
N PHE A 103 -2.00 -3.51 -3.09
CA PHE A 103 -1.21 -3.40 -1.87
C PHE A 103 -2.03 -3.75 -0.65
N PHE A 104 -1.37 -3.85 0.50
CA PHE A 104 -2.05 -4.15 1.76
C PHE A 104 -1.91 -3.02 2.75
N ILE A 105 -3.00 -2.70 3.45
CA ILE A 105 -2.92 -1.88 4.66
C ILE A 105 -3.21 -2.70 5.90
N VAL A 106 -2.16 -2.98 6.67
CA VAL A 106 -2.27 -3.88 7.82
C VAL A 106 -2.99 -3.20 8.98
N HIS A 107 -3.87 -3.94 9.64
CA HIS A 107 -4.56 -3.44 10.82
C HIS A 107 -3.79 -3.76 12.09
N GLU A 108 -4.15 -4.86 12.75
CA GLU A 108 -3.30 -5.45 13.78
C GLU A 108 -2.09 -6.13 13.16
N PRO A 109 -1.03 -6.26 13.95
CA PRO A 109 0.21 -6.88 13.49
C PRO A 109 -0.06 -8.27 12.91
N GLN A 110 0.65 -8.59 11.83
CA GLN A 110 0.49 -9.89 11.19
C GLN A 110 1.83 -10.60 11.02
N PRO A 111 2.23 -11.34 12.04
CA PRO A 111 3.54 -12.00 12.06
C PRO A 111 3.70 -12.91 10.85
N HIS A 112 2.59 -13.49 10.39
CA HIS A 112 2.63 -14.51 9.35
C HIS A 112 2.87 -13.89 7.98
N LEU A 113 2.80 -12.56 7.92
CA LEU A 113 3.03 -11.84 6.68
C LEU A 113 4.45 -11.26 6.64
N ASP A 114 5.17 -11.42 7.74
CA ASP A 114 6.53 -10.88 7.85
C ASP A 114 7.45 -11.49 6.80
N GLY A 115 7.78 -10.70 5.78
CA GLY A 115 8.71 -11.13 4.74
C GLY A 115 7.97 -11.68 3.53
N VAL A 116 6.65 -11.79 3.66
CA VAL A 116 5.82 -12.33 2.58
C VAL A 116 5.62 -11.31 1.47
N HIS A 117 5.27 -10.09 1.85
CA HIS A 117 5.12 -9.00 0.90
C HIS A 117 6.12 -7.88 1.17
N THR A 118 6.23 -6.94 0.24
CA THR A 118 7.27 -5.93 0.29
C THR A 118 6.75 -4.64 0.93
N VAL A 119 7.08 -4.44 2.20
CA VAL A 119 6.64 -3.25 2.92
C VAL A 119 7.35 -2.00 2.41
N PHE A 120 6.57 -0.96 2.12
CA PHE A 120 7.10 0.24 1.50
C PHE A 120 6.73 1.48 2.31
N GLY A 121 5.74 1.34 3.18
CA GLY A 121 5.26 2.46 3.98
C GLY A 121 4.53 1.97 5.22
N GLN A 122 3.94 2.90 5.97
CA GLN A 122 3.17 2.57 7.15
C GLN A 122 2.22 3.70 7.54
N VAL A 123 0.96 3.36 7.75
CA VAL A 123 -0.04 4.33 8.18
C VAL A 123 0.27 4.85 9.58
N THR A 124 0.27 6.17 9.73
CA THR A 124 0.59 6.80 11.00
C THR A 124 -0.62 7.54 11.57
N SER A 125 -1.58 7.86 10.70
CA SER A 125 -2.80 8.53 11.13
C SER A 125 -3.99 8.09 10.28
N GLY A 126 -5.13 7.90 10.93
CA GLY A 126 -6.34 7.43 10.23
C GLY A 126 -6.46 5.92 10.31
N MET A 127 -5.82 5.33 11.30
CA MET A 127 -5.92 3.89 11.54
C MET A 127 -7.36 3.48 11.81
N ASP A 128 -8.12 4.37 12.42
CA ASP A 128 -9.56 4.16 12.62
C ASP A 128 -10.28 3.98 11.29
N VAL A 129 -10.01 4.89 10.35
CA VAL A 129 -10.58 4.80 9.02
C VAL A 129 -10.17 3.52 8.32
N VAL A 130 -8.91 3.13 8.48
CA VAL A 130 -8.40 1.88 7.94
C VAL A 130 -9.21 0.70 8.46
N ARG A 131 -9.35 0.62 9.77
CA ARG A 131 -9.98 -0.53 10.41
C ARG A 131 -11.48 -0.57 10.11
N THR A 132 -12.07 0.61 9.92
CA THR A 132 -13.49 0.72 9.65
C THR A 132 -13.75 0.83 8.14
N MET A 133 -12.72 0.54 7.35
CA MET A 133 -12.85 0.50 5.90
C MET A 133 -13.87 -0.55 5.46
N LYS A 134 -14.61 -0.25 4.40
CA LYS A 134 -15.64 -1.15 3.91
C LYS A 134 -15.12 -1.99 2.74
N ASN A 135 -15.66 -3.20 2.61
CA ASN A 135 -15.30 -4.07 1.50
C ASN A 135 -15.84 -3.55 0.19
N GLY A 136 -14.94 -3.09 -0.67
CA GLY A 136 -15.33 -2.47 -1.94
C GLY A 136 -15.28 -0.95 -1.86
N ASP A 137 -14.76 -0.45 -0.74
CA ASP A 137 -14.61 0.99 -0.55
C ASP A 137 -13.72 1.59 -1.63
N VAL A 138 -14.19 2.67 -2.25
CA VAL A 138 -13.51 3.26 -3.39
C VAL A 138 -12.59 4.40 -2.95
N MET A 139 -11.36 4.39 -3.45
CA MET A 139 -10.40 5.44 -3.13
C MET A 139 -10.51 6.60 -4.12
N LYS A 140 -10.48 7.82 -3.60
CA LYS A 140 -10.68 9.02 -4.41
C LYS A 140 -9.39 9.44 -5.09
N GLU A 141 -8.34 9.60 -4.29
CA GLU A 141 -7.04 10.04 -4.80
C GLU A 141 -5.94 9.82 -3.77
N VAL A 142 -4.69 9.86 -4.24
CA VAL A 142 -3.54 9.77 -3.35
C VAL A 142 -2.55 10.89 -3.64
N LYS A 143 -2.09 11.57 -2.59
CA LYS A 143 -1.11 12.63 -2.73
C LYS A 143 0.23 12.23 -2.11
N VAL A 144 1.31 12.84 -2.60
CA VAL A 144 2.64 12.55 -2.10
C VAL A 144 3.31 13.81 -1.58
N PHE A 145 3.88 13.73 -0.38
CA PHE A 145 4.47 14.90 0.28
C PHE A 145 5.87 14.58 0.78
N ASP A 146 6.65 15.63 1.02
CA ASP A 146 7.95 15.49 1.67
C ASP A 146 8.02 16.33 2.93
N GLU A 147 8.59 15.76 3.99
CA GLU A 147 8.68 16.43 5.28
C GLU A 147 10.09 16.36 5.85
N PRO A 148 10.61 17.51 6.26
CA PRO A 148 11.93 17.56 6.89
C PRO A 148 12.02 16.56 8.03
N MET A 3 16.09 10.64 2.56
CA MET A 3 15.40 9.43 2.12
C MET A 3 14.12 9.20 2.91
N ALA A 4 13.13 10.06 2.70
CA ALA A 4 11.84 9.92 3.36
C ALA A 4 10.73 10.54 2.53
N LYS A 5 9.56 9.90 2.56
CA LYS A 5 8.41 10.38 1.82
C LYS A 5 7.13 10.29 2.66
N LYS A 6 6.20 11.20 2.40
CA LYS A 6 4.91 11.19 3.09
C LYS A 6 3.76 11.39 2.12
N GLY A 7 2.74 10.54 2.23
CA GLY A 7 1.61 10.57 1.32
C GLY A 7 0.30 10.30 2.06
N TYR A 8 -0.79 10.21 1.30
CA TYR A 8 -2.10 9.93 1.87
C TYR A 8 -3.02 9.27 0.87
N ILE A 9 -3.89 8.40 1.36
CA ILE A 9 -5.02 7.91 0.57
C ILE A 9 -6.33 8.55 1.04
N LEU A 10 -6.79 9.55 0.32
CA LEU A 10 -8.10 10.15 0.59
C LEU A 10 -9.22 9.33 -0.02
N MET A 11 -10.16 8.89 0.82
CA MET A 11 -11.29 8.09 0.37
C MET A 11 -12.51 8.96 0.09
N GLU A 12 -13.37 8.49 -0.81
CA GLU A 12 -14.58 9.23 -1.15
C GLU A 12 -15.53 9.30 0.04
N ASN A 13 -15.35 8.40 0.99
CA ASN A 13 -16.17 8.37 2.20
C ASN A 13 -15.57 9.25 3.29
N GLY A 14 -14.45 9.89 2.98
CA GLY A 14 -13.81 10.79 3.92
C GLY A 14 -12.81 10.05 4.81
N GLY A 15 -12.58 8.78 4.49
CA GLY A 15 -11.68 7.94 5.28
C GLY A 15 -10.23 8.16 4.87
N LYS A 16 -9.73 9.38 5.07
CA LYS A 16 -8.36 9.72 4.69
C LYS A 16 -7.35 8.99 5.55
N ILE A 17 -6.43 8.29 4.92
CA ILE A 17 -5.37 7.59 5.62
C ILE A 17 -4.00 8.16 5.27
N GLU A 18 -3.32 8.73 6.25
CA GLU A 18 -2.03 9.38 6.04
C GLU A 18 -0.89 8.47 6.47
N PHE A 19 0.14 8.39 5.64
CA PHE A 19 1.20 7.39 5.82
C PHE A 19 2.56 7.96 5.42
N GLU A 20 3.62 7.31 5.90
CA GLU A 20 4.97 7.65 5.48
C GLU A 20 5.67 6.46 4.83
N LEU A 21 6.43 6.72 3.78
CA LEU A 21 7.14 5.67 3.06
C LEU A 21 8.63 5.71 3.36
N PHE A 22 9.28 4.56 3.23
CA PHE A 22 10.69 4.43 3.57
C PHE A 22 11.52 4.01 2.38
N PRO A 23 11.85 4.97 1.52
CA PRO A 23 12.66 4.72 0.33
C PRO A 23 14.09 4.33 0.73
N ASN A 24 14.45 4.59 1.98
CA ASN A 24 15.73 4.15 2.52
C ASN A 24 15.75 2.64 2.69
N GLU A 25 14.59 2.05 2.93
CA GLU A 25 14.49 0.61 3.16
C GLU A 25 14.09 -0.12 1.89
N ALA A 26 13.26 0.52 1.08
CA ALA A 26 12.84 -0.05 -0.20
C ALA A 26 12.78 1.01 -1.28
N PRO A 27 13.94 1.37 -1.82
CA PRO A 27 14.01 2.40 -2.85
C PRO A 27 13.08 2.10 -4.01
N VAL A 28 13.15 0.86 -4.51
CA VAL A 28 12.42 0.49 -5.71
C VAL A 28 10.92 0.49 -5.49
N THR A 29 10.48 -0.18 -4.43
CA THR A 29 9.06 -0.35 -4.16
C THR A 29 8.40 0.99 -3.88
N VAL A 30 9.05 1.82 -3.06
CA VAL A 30 8.53 3.13 -2.72
C VAL A 30 8.45 4.03 -3.95
N ALA A 31 9.49 4.00 -4.77
CA ALA A 31 9.52 4.79 -5.99
C ALA A 31 8.36 4.44 -6.91
N ASN A 32 8.13 3.14 -7.10
CA ASN A 32 7.06 2.67 -7.97
C ASN A 32 5.70 3.16 -7.49
N PHE A 33 5.43 2.95 -6.20
CA PHE A 33 4.17 3.38 -5.61
C PHE A 33 3.99 4.89 -5.72
N GLU A 34 5.04 5.63 -5.40
CA GLU A 34 5.01 7.09 -5.48
C GLU A 34 4.61 7.54 -6.89
N LYS A 35 5.30 7.00 -7.89
CA LYS A 35 5.07 7.39 -9.28
C LYS A 35 3.64 7.13 -9.69
N LEU A 36 3.16 5.91 -9.43
CA LEU A 36 1.80 5.54 -9.77
C LEU A 36 0.78 6.49 -9.13
N ALA A 37 0.94 6.72 -7.83
CA ALA A 37 0.04 7.58 -7.09
C ALA A 37 -0.02 8.98 -7.72
N ASN A 38 1.15 9.56 -7.95
CA ASN A 38 1.25 10.94 -8.42
C ASN A 38 0.82 11.05 -9.88
N GLU A 39 0.91 9.94 -10.60
CA GLU A 39 0.44 9.88 -11.98
C GLU A 39 -1.06 9.62 -12.04
N GLY A 40 -1.68 9.53 -10.87
CA GLY A 40 -3.13 9.44 -10.78
C GLY A 40 -3.63 8.03 -11.06
N PHE A 41 -2.73 7.05 -10.88
CA PHE A 41 -3.08 5.65 -11.07
C PHE A 41 -4.03 5.16 -9.99
N TYR A 42 -3.60 5.27 -8.74
CA TYR A 42 -4.38 4.79 -7.61
C TYR A 42 -5.61 5.67 -7.38
N ASN A 43 -5.52 6.93 -7.79
CA ASN A 43 -6.66 7.82 -7.78
C ASN A 43 -7.79 7.31 -8.67
N GLY A 44 -8.88 6.86 -8.06
CA GLY A 44 -10.02 6.36 -8.80
C GLY A 44 -10.16 4.86 -8.64
N LEU A 45 -9.11 4.21 -8.14
CA LEU A 45 -9.14 2.78 -7.87
C LEU A 45 -9.67 2.49 -6.47
N THR A 46 -9.95 1.22 -6.20
CA THR A 46 -10.65 0.84 -5.00
C THR A 46 -9.86 -0.20 -4.20
N PHE A 47 -10.35 -0.55 -3.01
CA PHE A 47 -9.86 -1.71 -2.29
C PHE A 47 -10.78 -2.91 -2.48
N HIS A 48 -10.41 -3.77 -3.42
CA HIS A 48 -11.33 -4.78 -3.93
C HIS A 48 -11.58 -5.87 -2.90
N ARG A 49 -10.65 -6.02 -1.96
CA ARG A 49 -10.74 -7.07 -0.95
C ARG A 49 -10.29 -6.55 0.40
N VAL A 50 -11.23 -6.01 1.17
CA VAL A 50 -10.95 -5.56 2.53
C VAL A 50 -11.43 -6.59 3.56
N ILE A 51 -10.54 -6.94 4.49
CA ILE A 51 -10.88 -7.88 5.55
C ILE A 51 -10.67 -7.26 6.93
N PRO A 52 -11.74 -6.70 7.49
CA PRO A 52 -11.67 -6.04 8.78
C PRO A 52 -11.09 -6.97 9.84
N GLY A 53 -10.08 -6.49 10.56
CA GLY A 53 -9.50 -7.25 11.66
C GLY A 53 -8.26 -8.01 11.21
N PHE A 54 -8.01 -8.00 9.91
CA PHE A 54 -6.86 -8.69 9.35
C PHE A 54 -6.07 -7.78 8.41
N VAL A 55 -6.34 -7.91 7.12
CA VAL A 55 -5.64 -7.11 6.12
C VAL A 55 -6.61 -6.60 5.04
N SER A 56 -6.08 -5.81 4.11
CA SER A 56 -6.87 -5.35 2.97
C SER A 56 -5.99 -5.21 1.73
N GLN A 57 -6.59 -5.49 0.57
CA GLN A 57 -5.87 -5.37 -0.69
C GLN A 57 -6.61 -4.46 -1.66
N GLY A 58 -5.87 -3.57 -2.31
CA GLY A 58 -6.47 -2.61 -3.24
C GLY A 58 -5.43 -2.13 -4.25
N GLY A 59 -5.83 -1.16 -5.08
CA GLY A 59 -4.95 -0.62 -6.11
C GLY A 59 -5.08 -1.41 -7.41
N CYS A 60 -6.17 -2.17 -7.52
CA CYS A 60 -6.40 -3.02 -8.69
C CYS A 60 -7.05 -2.24 -9.82
N PRO A 61 -6.39 -2.20 -10.97
CA PRO A 61 -6.86 -1.40 -12.10
C PRO A 61 -7.97 -2.12 -12.86
N ARG A 62 -8.02 -3.43 -12.72
CA ARG A 62 -8.98 -4.25 -13.45
C ARG A 62 -10.32 -4.31 -12.71
N GLY A 63 -10.25 -4.28 -11.39
CA GLY A 63 -11.46 -4.34 -10.56
C GLY A 63 -11.95 -5.76 -10.40
N ASN A 64 -11.16 -6.72 -10.89
CA ASN A 64 -11.53 -8.12 -10.84
C ASN A 64 -10.66 -8.88 -9.86
N GLY A 65 -9.82 -8.16 -9.12
CA GLY A 65 -8.92 -8.78 -8.15
C GLY A 65 -7.54 -9.01 -8.76
N THR A 66 -7.45 -8.89 -10.07
CA THR A 66 -6.20 -9.15 -10.78
C THR A 66 -5.52 -7.85 -11.20
N GLY A 67 -4.21 -7.78 -10.96
CA GLY A 67 -3.45 -6.58 -11.27
C GLY A 67 -3.15 -6.48 -12.76
N ASP A 68 -2.66 -5.32 -13.18
CA ASP A 68 -2.26 -5.11 -14.57
C ASP A 68 -0.91 -4.43 -14.66
N ALA A 69 0.11 -5.06 -14.10
CA ALA A 69 1.45 -4.50 -14.08
C ALA A 69 2.50 -5.58 -13.85
N GLY A 70 3.77 -5.22 -14.07
CA GLY A 70 4.87 -6.17 -13.89
C GLY A 70 6.15 -5.44 -13.52
N TYR A 71 6.40 -5.29 -12.22
CA TYR A 71 7.55 -4.55 -11.73
C TYR A 71 8.63 -5.50 -11.20
N THR A 72 9.88 -5.09 -11.32
CA THR A 72 10.99 -5.82 -10.72
C THR A 72 11.23 -5.38 -9.28
N ILE A 73 10.78 -6.20 -8.33
CA ILE A 73 10.93 -5.87 -6.91
C ILE A 73 11.90 -6.83 -6.23
N PRO A 74 13.13 -6.37 -6.02
CA PRO A 74 14.13 -7.15 -5.30
C PRO A 74 13.63 -7.53 -3.91
N CYS A 75 13.98 -8.74 -3.47
CA CYS A 75 13.60 -9.21 -2.15
C CYS A 75 14.55 -8.68 -1.08
N GLU A 76 14.56 -7.36 -0.91
CA GLU A 76 15.46 -6.72 0.05
C GLU A 76 14.96 -6.91 1.48
N THR A 77 15.81 -7.50 2.32
CA THR A 77 15.51 -7.63 3.74
C THR A 77 16.54 -6.90 4.59
N ASP A 78 17.73 -6.68 4.02
CA ASP A 78 18.79 -5.95 4.70
C ASP A 78 18.35 -4.54 5.04
N ASN A 79 18.14 -4.29 6.33
CA ASN A 79 17.61 -3.00 6.78
C ASN A 79 16.28 -2.69 6.13
N ASN A 80 15.42 -3.72 6.02
CA ASN A 80 14.10 -3.55 5.44
C ASN A 80 13.08 -4.48 6.10
N PRO A 81 12.68 -4.14 7.31
CA PRO A 81 11.73 -4.95 8.07
C PRO A 81 10.44 -5.14 7.28
N HIS A 82 9.88 -6.35 7.35
CA HIS A 82 8.62 -6.66 6.69
C HIS A 82 7.56 -7.09 7.69
N ARG A 83 7.37 -6.27 8.72
CA ARG A 83 6.38 -6.55 9.76
C ARG A 83 4.98 -6.18 9.29
N HIS A 84 4.03 -7.08 9.46
CA HIS A 84 2.65 -6.84 9.08
C HIS A 84 1.81 -6.46 10.30
N VAL A 85 1.95 -5.21 10.75
CA VAL A 85 1.19 -4.72 11.88
C VAL A 85 0.20 -3.63 11.45
N THR A 86 -0.53 -3.09 12.42
CA THR A 86 -1.52 -2.06 12.13
C THR A 86 -0.92 -0.91 11.34
N GLY A 87 -1.43 -0.69 10.13
CA GLY A 87 -1.04 0.45 9.32
C GLY A 87 0.06 0.08 8.33
N ALA A 88 0.57 -1.13 8.46
CA ALA A 88 1.65 -1.61 7.59
C ALA A 88 1.20 -1.65 6.14
N MET A 89 2.00 -1.06 5.26
CA MET A 89 1.70 -1.04 3.83
C MET A 89 2.75 -1.78 3.03
N SER A 90 2.32 -2.78 2.27
CA SER A 90 3.23 -3.64 1.54
C SER A 90 2.79 -3.81 0.08
N MET A 91 3.75 -4.12 -0.78
CA MET A 91 3.47 -4.30 -2.21
C MET A 91 3.24 -5.77 -2.52
N ALA A 92 2.18 -6.05 -3.29
CA ALA A 92 1.86 -7.41 -3.69
C ALA A 92 2.88 -7.94 -4.69
N HIS A 93 3.17 -9.23 -4.62
CA HIS A 93 4.12 -9.86 -5.52
C HIS A 93 3.87 -11.35 -5.65
N ARG A 94 4.47 -11.98 -6.66
CA ARG A 94 4.38 -13.41 -6.84
C ARG A 94 5.75 -14.06 -6.81
N GLY A 95 6.62 -13.56 -5.92
CA GLY A 95 7.98 -14.04 -5.83
C GLY A 95 8.98 -12.89 -5.95
N ARG A 96 10.27 -13.22 -5.93
CA ARG A 96 11.32 -12.21 -6.03
C ARG A 96 11.35 -11.58 -7.41
N ASP A 97 11.57 -10.27 -7.46
CA ASP A 97 11.65 -9.55 -8.73
C ASP A 97 10.37 -9.72 -9.54
N THR A 98 9.24 -9.80 -8.85
CA THR A 98 7.96 -10.04 -9.50
C THR A 98 6.82 -9.37 -8.75
N GLY A 99 6.80 -8.04 -8.77
CA GLY A 99 5.80 -7.28 -8.02
C GLY A 99 4.71 -6.74 -8.94
N SER A 100 3.58 -6.37 -8.37
CA SER A 100 2.46 -5.84 -9.13
C SER A 100 2.13 -4.41 -8.72
N CYS A 101 1.04 -3.88 -9.25
CA CYS A 101 0.58 -2.55 -8.89
C CYS A 101 -0.39 -2.61 -7.71
N GLN A 102 -0.66 -3.82 -7.23
CA GLN A 102 -1.54 -4.01 -6.09
C GLN A 102 -0.75 -3.98 -4.78
N PHE A 103 -1.41 -3.53 -3.71
CA PHE A 103 -0.75 -3.36 -2.42
C PHE A 103 -1.69 -3.73 -1.27
N PHE A 104 -1.11 -4.02 -0.12
CA PHE A 104 -1.89 -4.38 1.06
C PHE A 104 -1.80 -3.31 2.13
N ILE A 105 -2.90 -3.12 2.86
CA ILE A 105 -2.88 -2.36 4.10
C ILE A 105 -3.33 -3.21 5.28
N VAL A 106 -2.43 -3.47 6.21
CA VAL A 106 -2.70 -4.36 7.33
C VAL A 106 -3.46 -3.65 8.42
N HIS A 107 -4.43 -4.34 9.02
CA HIS A 107 -5.28 -3.75 10.04
C HIS A 107 -4.80 -4.12 11.44
N GLU A 108 -4.38 -5.37 11.60
CA GLU A 108 -3.89 -5.85 12.89
C GLU A 108 -2.63 -6.69 12.71
N PRO A 109 -1.80 -6.72 13.76
CA PRO A 109 -0.60 -7.54 13.74
C PRO A 109 -0.89 -8.98 13.36
N GLN A 110 -0.26 -9.45 12.29
CA GLN A 110 -0.36 -10.85 11.90
C GLN A 110 1.02 -11.48 11.75
N PRO A 111 1.50 -12.12 12.83
CA PRO A 111 2.84 -12.68 12.84
C PRO A 111 3.06 -13.65 11.69
N HIS A 112 1.99 -14.34 11.31
CA HIS A 112 2.09 -15.40 10.31
C HIS A 112 2.15 -14.83 8.90
N LEU A 113 1.90 -13.53 8.79
CA LEU A 113 1.98 -12.84 7.50
C LEU A 113 3.27 -12.05 7.38
N ASP A 114 4.07 -12.05 8.45
CA ASP A 114 5.32 -11.31 8.46
C ASP A 114 6.31 -11.88 7.47
N GLY A 115 6.95 -11.00 6.70
CA GLY A 115 8.01 -11.39 5.78
C GLY A 115 7.43 -11.97 4.50
N VAL A 116 6.11 -11.93 4.36
CA VAL A 116 5.43 -12.48 3.20
C VAL A 116 5.46 -11.50 2.04
N HIS A 117 5.08 -10.26 2.31
CA HIS A 117 5.06 -9.23 1.27
C HIS A 117 6.13 -8.18 1.53
N THR A 118 6.34 -7.31 0.55
CA THR A 118 7.39 -6.29 0.63
C THR A 118 6.86 -5.01 1.27
N VAL A 119 7.13 -4.84 2.56
CA VAL A 119 6.66 -3.67 3.29
C VAL A 119 7.51 -2.45 2.99
N PHE A 120 6.84 -1.35 2.65
CA PHE A 120 7.53 -0.16 2.16
C PHE A 120 6.92 1.11 2.76
N GLY A 121 5.75 0.97 3.36
CA GLY A 121 5.01 2.11 3.89
C GLY A 121 4.45 1.81 5.27
N GLN A 122 4.22 2.86 6.05
CA GLN A 122 3.56 2.72 7.34
C GLN A 122 2.59 3.88 7.58
N VAL A 123 1.33 3.55 7.78
CA VAL A 123 0.32 4.54 8.15
C VAL A 123 0.64 5.15 9.50
N THR A 124 0.54 6.48 9.59
CA THR A 124 0.88 7.20 10.80
C THR A 124 -0.34 7.91 11.38
N SER A 125 -1.35 8.13 10.55
CA SER A 125 -2.59 8.76 11.00
C SER A 125 -3.78 8.25 10.20
N GLY A 126 -4.90 8.05 10.88
CA GLY A 126 -6.06 7.40 10.27
C GLY A 126 -6.02 5.89 10.48
N MET A 127 -5.27 5.45 11.48
CA MET A 127 -5.14 4.03 11.77
C MET A 127 -6.47 3.43 12.20
N ASP A 128 -7.33 4.27 12.76
CA ASP A 128 -8.70 3.87 13.08
C ASP A 128 -9.49 3.55 11.81
N VAL A 129 -9.30 4.37 10.79
CA VAL A 129 -9.90 4.10 9.48
C VAL A 129 -9.36 2.84 8.86
N VAL A 130 -8.05 2.63 9.00
CA VAL A 130 -7.42 1.39 8.56
C VAL A 130 -8.10 0.18 9.18
N ARG A 131 -8.25 0.20 10.50
CA ARG A 131 -8.93 -0.89 11.21
C ARG A 131 -10.27 -1.21 10.57
N THR A 132 -11.07 -0.19 10.35
CA THR A 132 -12.44 -0.37 9.87
C THR A 132 -12.60 0.15 8.45
N MET A 133 -11.72 -0.28 7.56
CA MET A 133 -11.84 0.03 6.14
C MET A 133 -13.07 -0.62 5.54
N LYS A 134 -13.67 0.05 4.57
CA LYS A 134 -14.84 -0.47 3.87
C LYS A 134 -14.44 -1.27 2.63
N ASN A 135 -15.02 -2.44 2.48
CA ASN A 135 -14.75 -3.28 1.31
C ASN A 135 -15.27 -2.63 0.03
N GLY A 136 -14.36 -2.41 -0.92
CA GLY A 136 -14.73 -1.79 -2.19
C GLY A 136 -14.70 -0.27 -2.08
N ASP A 137 -14.16 0.24 -0.97
CA ASP A 137 -14.03 1.67 -0.77
C ASP A 137 -13.20 2.31 -1.87
N VAL A 138 -13.66 3.44 -2.37
CA VAL A 138 -13.02 4.11 -3.50
C VAL A 138 -11.98 5.11 -3.01
N MET A 139 -10.77 5.01 -3.56
CA MET A 139 -9.71 5.96 -3.25
C MET A 139 -9.85 7.25 -4.04
N LYS A 140 -10.40 8.27 -3.39
CA LYS A 140 -10.69 9.53 -4.06
C LYS A 140 -9.42 10.19 -4.60
N GLU A 141 -8.39 10.23 -3.75
CA GLU A 141 -7.13 10.89 -4.11
C GLU A 141 -5.95 10.26 -3.39
N VAL A 142 -5.07 9.63 -4.15
CA VAL A 142 -3.85 9.06 -3.59
C VAL A 142 -2.62 9.82 -4.05
N LYS A 143 -1.93 10.45 -3.10
CA LYS A 143 -0.78 11.29 -3.41
C LYS A 143 0.42 10.92 -2.54
N VAL A 144 1.62 11.11 -3.08
CA VAL A 144 2.84 10.95 -2.30
C VAL A 144 3.82 12.09 -2.57
N PHE A 145 4.29 12.72 -1.50
CA PHE A 145 5.19 13.85 -1.61
C PHE A 145 6.51 13.57 -0.89
N ASP A 146 7.62 13.85 -1.57
CA ASP A 146 8.95 13.63 -1.01
C ASP A 146 9.24 14.64 0.09
N GLU A 147 9.76 14.14 1.22
CA GLU A 147 10.06 15.00 2.37
C GLU A 147 11.46 15.59 2.25
N PRO A 148 11.63 16.78 2.80
CA PRO A 148 12.94 17.44 2.82
C PRO A 148 14.01 16.50 3.36
N MET A 3 16.27 10.95 1.81
CA MET A 3 15.51 9.76 1.47
C MET A 3 14.30 9.59 2.37
N ALA A 4 13.27 10.39 2.12
CA ALA A 4 12.03 10.31 2.88
C ALA A 4 10.84 10.77 2.06
N LYS A 5 9.72 10.06 2.19
CA LYS A 5 8.52 10.39 1.44
C LYS A 5 7.27 10.23 2.30
N LYS A 6 6.25 11.02 2.01
CA LYS A 6 5.00 10.97 2.75
C LYS A 6 3.81 11.23 1.84
N GLY A 7 2.74 10.46 2.04
CA GLY A 7 1.57 10.53 1.18
C GLY A 7 0.29 10.32 1.97
N TYR A 8 -0.84 10.31 1.27
CA TYR A 8 -2.14 10.09 1.90
C TYR A 8 -3.13 9.50 0.91
N ILE A 9 -4.09 8.73 1.43
CA ILE A 9 -5.24 8.30 0.64
C ILE A 9 -6.53 8.95 1.13
N LEU A 10 -7.08 9.84 0.31
CA LEU A 10 -8.38 10.43 0.59
C LEU A 10 -9.50 9.60 -0.01
N MET A 11 -10.46 9.21 0.82
CA MET A 11 -11.59 8.40 0.37
C MET A 11 -12.73 9.27 -0.13
N GLU A 12 -13.61 8.68 -0.92
CA GLU A 12 -14.80 9.38 -1.39
C GLU A 12 -15.74 9.72 -0.24
N ASN A 13 -15.53 9.07 0.89
CA ASN A 13 -16.32 9.34 2.08
C ASN A 13 -15.71 10.47 2.92
N GLY A 14 -14.60 11.01 2.45
CA GLY A 14 -13.93 12.12 3.12
C GLY A 14 -12.91 11.61 4.13
N GLY A 15 -12.71 10.30 4.16
CA GLY A 15 -11.76 9.70 5.07
C GLY A 15 -10.33 9.85 4.55
N LYS A 16 -9.59 10.76 5.15
CA LYS A 16 -8.19 10.99 4.77
C LYS A 16 -7.24 10.21 5.66
N ILE A 17 -6.54 9.26 5.05
CA ILE A 17 -5.56 8.45 5.79
C ILE A 17 -4.14 8.79 5.35
N GLU A 18 -3.33 9.25 6.31
CA GLU A 18 -1.97 9.69 6.02
C GLU A 18 -0.95 8.62 6.41
N PHE A 19 0.08 8.48 5.60
CA PHE A 19 1.08 7.44 5.79
C PHE A 19 2.47 7.92 5.40
N GLU A 20 3.50 7.27 5.95
CA GLU A 20 4.88 7.61 5.64
C GLU A 20 5.58 6.47 4.92
N LEU A 21 6.48 6.80 4.01
CA LEU A 21 7.18 5.80 3.22
C LEU A 21 8.67 5.79 3.52
N PHE A 22 9.32 4.66 3.27
CA PHE A 22 10.73 4.50 3.59
C PHE A 22 11.54 4.12 2.36
N PRO A 23 11.78 5.10 1.50
CA PRO A 23 12.54 4.88 0.28
C PRO A 23 14.01 4.58 0.59
N ASN A 24 14.43 4.94 1.80
CA ASN A 24 15.78 4.61 2.26
C ASN A 24 15.91 3.11 2.52
N GLU A 25 14.80 2.46 2.85
CA GLU A 25 14.81 1.04 3.18
C GLU A 25 14.33 0.21 2.00
N ALA A 26 13.43 0.77 1.21
CA ALA A 26 12.94 0.10 0.01
C ALA A 26 12.86 1.06 -1.17
N PRO A 27 14.02 1.39 -1.74
CA PRO A 27 14.10 2.36 -2.81
C PRO A 27 13.13 2.03 -3.94
N VAL A 28 13.27 0.83 -4.50
CA VAL A 28 12.55 0.46 -5.71
C VAL A 28 11.04 0.39 -5.46
N THR A 29 10.65 -0.31 -4.40
CA THR A 29 9.24 -0.51 -4.09
C THR A 29 8.54 0.82 -3.85
N VAL A 30 9.14 1.66 -3.01
CA VAL A 30 8.54 2.94 -2.66
C VAL A 30 8.48 3.86 -3.87
N ALA A 31 9.55 3.87 -4.66
CA ALA A 31 9.63 4.71 -5.85
C ALA A 31 8.50 4.39 -6.81
N ASN A 32 8.27 3.10 -7.06
CA ASN A 32 7.23 2.66 -7.98
C ASN A 32 5.85 3.03 -7.47
N PHE A 33 5.64 2.84 -6.17
CA PHE A 33 4.37 3.20 -5.54
C PHE A 33 4.07 4.68 -5.73
N GLU A 34 5.05 5.52 -5.39
CA GLU A 34 4.89 6.96 -5.55
C GLU A 34 4.63 7.34 -7.01
N LYS A 35 5.39 6.72 -7.91
CA LYS A 35 5.23 6.98 -9.34
C LYS A 35 3.79 6.76 -9.78
N LEU A 36 3.22 5.62 -9.40
CA LEU A 36 1.84 5.30 -9.75
C LEU A 36 0.88 6.35 -9.19
N ALA A 37 1.07 6.71 -7.94
CA ALA A 37 0.23 7.73 -7.29
C ALA A 37 0.32 9.05 -8.03
N ASN A 38 1.52 9.43 -8.43
CA ASN A 38 1.74 10.68 -9.13
C ASN A 38 1.08 10.68 -10.50
N GLU A 39 1.01 9.50 -11.12
CA GLU A 39 0.38 9.35 -12.42
C GLU A 39 -1.13 9.23 -12.29
N GLY A 40 -1.62 9.31 -11.05
CA GLY A 40 -3.05 9.27 -10.79
C GLY A 40 -3.60 7.85 -10.94
N PHE A 41 -2.72 6.87 -10.80
CA PHE A 41 -3.10 5.46 -10.95
C PHE A 41 -4.08 5.04 -9.87
N TYR A 42 -3.67 5.19 -8.62
CA TYR A 42 -4.48 4.76 -7.49
C TYR A 42 -5.69 5.66 -7.30
N ASN A 43 -5.56 6.91 -7.73
CA ASN A 43 -6.67 7.85 -7.71
C ASN A 43 -7.82 7.37 -8.59
N GLY A 44 -8.92 6.96 -7.96
CA GLY A 44 -10.09 6.50 -8.68
C GLY A 44 -10.29 5.00 -8.50
N LEU A 45 -9.26 4.33 -7.99
CA LEU A 45 -9.35 2.90 -7.73
C LEU A 45 -9.87 2.62 -6.33
N THR A 46 -10.11 1.34 -6.03
CA THR A 46 -10.79 0.97 -4.80
C THR A 46 -10.00 -0.10 -4.04
N PHE A 47 -10.47 -0.44 -2.85
CA PHE A 47 -9.99 -1.62 -2.14
C PHE A 47 -10.97 -2.78 -2.30
N HIS A 48 -10.69 -3.65 -3.27
CA HIS A 48 -11.62 -4.72 -3.61
C HIS A 48 -11.67 -5.79 -2.53
N ARG A 49 -10.54 -6.00 -1.86
CA ARG A 49 -10.41 -7.10 -0.91
C ARG A 49 -10.11 -6.59 0.49
N VAL A 50 -11.15 -6.08 1.16
CA VAL A 50 -11.01 -5.59 2.53
C VAL A 50 -11.53 -6.61 3.53
N ILE A 51 -10.65 -7.06 4.42
CA ILE A 51 -11.05 -7.84 5.58
C ILE A 51 -10.73 -7.12 6.88
N PRO A 52 -11.75 -6.50 7.48
CA PRO A 52 -11.56 -5.72 8.69
C PRO A 52 -10.90 -6.54 9.78
N GLY A 53 -9.89 -5.97 10.42
CA GLY A 53 -9.18 -6.63 11.50
C GLY A 53 -8.17 -7.65 10.96
N PHE A 54 -7.96 -7.62 9.65
CA PHE A 54 -6.99 -8.50 9.02
C PHE A 54 -6.11 -7.73 8.03
N VAL A 55 -6.66 -7.44 6.86
CA VAL A 55 -5.88 -6.86 5.77
C VAL A 55 -6.79 -6.22 4.72
N SER A 56 -6.39 -5.06 4.22
CA SER A 56 -7.15 -4.37 3.19
C SER A 56 -6.33 -4.23 1.91
N GLN A 57 -6.60 -5.12 0.95
CA GLN A 57 -5.89 -5.10 -0.33
C GLN A 57 -6.68 -4.34 -1.39
N GLY A 58 -6.00 -3.46 -2.12
CA GLY A 58 -6.64 -2.63 -3.13
C GLY A 58 -5.63 -2.11 -4.15
N GLY A 59 -6.05 -1.14 -4.94
CA GLY A 59 -5.18 -0.55 -5.96
C GLY A 59 -5.26 -1.32 -7.26
N CYS A 60 -6.27 -2.18 -7.38
CA CYS A 60 -6.49 -2.96 -8.59
C CYS A 60 -7.12 -2.12 -9.69
N PRO A 61 -6.48 -2.08 -10.85
CA PRO A 61 -6.95 -1.27 -11.97
C PRO A 61 -8.15 -1.90 -12.64
N ARG A 62 -8.32 -3.20 -12.45
CA ARG A 62 -9.40 -3.94 -13.09
C ARG A 62 -10.64 -3.96 -12.21
N GLY A 63 -10.43 -3.82 -10.90
CA GLY A 63 -11.54 -3.79 -9.94
C GLY A 63 -12.12 -5.19 -9.73
N ASN A 64 -11.37 -6.21 -10.14
CA ASN A 64 -11.83 -7.59 -10.04
C ASN A 64 -11.17 -8.30 -8.87
N GLY A 65 -10.28 -7.59 -8.18
CA GLY A 65 -9.53 -8.17 -7.07
C GLY A 65 -8.14 -8.60 -7.51
N THR A 66 -7.98 -8.80 -8.82
CA THR A 66 -6.67 -9.13 -9.39
C THR A 66 -6.34 -8.23 -10.57
N GLY A 67 -5.24 -7.51 -10.47
CA GLY A 67 -4.85 -6.53 -11.48
C GLY A 67 -4.00 -7.18 -12.57
N ASP A 68 -3.45 -6.35 -13.44
CA ASP A 68 -2.60 -6.83 -14.54
C ASP A 68 -1.35 -5.98 -14.69
N ALA A 69 -0.30 -6.36 -13.96
CA ALA A 69 0.96 -5.61 -13.98
C ALA A 69 2.14 -6.53 -13.78
N GLY A 70 3.30 -6.10 -14.24
CA GLY A 70 4.52 -6.90 -14.13
C GLY A 70 5.75 -6.01 -13.93
N TYR A 71 5.98 -5.61 -12.68
CA TYR A 71 7.11 -4.74 -12.36
C TYR A 71 8.29 -5.55 -11.84
N THR A 72 9.49 -5.12 -12.21
CA THR A 72 10.71 -5.77 -11.73
C THR A 72 11.16 -5.18 -10.39
N ILE A 73 10.74 -5.84 -9.31
CA ILE A 73 11.11 -5.41 -7.97
C ILE A 73 11.83 -6.50 -7.20
N PRO A 74 13.14 -6.32 -7.02
CA PRO A 74 13.95 -7.30 -6.28
C PRO A 74 13.59 -7.30 -4.80
N CYS A 75 13.87 -8.42 -4.14
CA CYS A 75 13.55 -8.57 -2.72
C CYS A 75 14.33 -7.56 -1.88
N GLU A 76 13.66 -6.47 -1.51
CA GLU A 76 14.31 -5.40 -0.77
C GLU A 76 14.24 -5.61 0.73
N THR A 77 15.14 -6.43 1.25
CA THR A 77 15.26 -6.63 2.69
C THR A 77 16.46 -5.86 3.26
N ASP A 78 17.21 -5.22 2.37
CA ASP A 78 18.39 -4.46 2.78
C ASP A 78 18.01 -3.36 3.77
N ASN A 79 18.24 -3.63 5.06
CA ASN A 79 17.80 -2.73 6.11
C ASN A 79 16.30 -2.45 6.02
N ASN A 80 15.54 -3.49 5.67
CA ASN A 80 14.10 -3.36 5.51
C ASN A 80 13.39 -4.66 5.87
N PRO A 81 13.24 -4.91 7.16
CA PRO A 81 12.47 -6.05 7.64
C PRO A 81 11.03 -5.99 7.14
N HIS A 82 10.57 -7.10 6.56
CA HIS A 82 9.21 -7.18 6.05
C HIS A 82 8.23 -7.59 7.12
N ARG A 83 8.17 -6.82 8.20
CA ARG A 83 7.26 -7.11 9.31
C ARG A 83 5.86 -6.62 9.00
N HIS A 84 4.92 -7.56 8.95
CA HIS A 84 3.53 -7.24 8.63
C HIS A 84 2.67 -7.18 9.88
N VAL A 85 2.64 -6.01 10.51
CA VAL A 85 1.81 -5.80 11.70
C VAL A 85 0.89 -4.60 11.52
N THR A 86 0.16 -4.26 12.59
CA THR A 86 -0.81 -3.17 12.52
C THR A 86 -0.19 -1.91 11.93
N GLY A 87 -0.73 -1.47 10.80
CA GLY A 87 -0.36 -0.18 10.23
C GLY A 87 0.58 -0.34 9.04
N ALA A 88 1.20 -1.53 8.95
CA ALA A 88 2.21 -1.78 7.93
C ALA A 88 1.62 -1.70 6.53
N MET A 89 2.38 -1.14 5.60
CA MET A 89 1.98 -1.11 4.20
C MET A 89 2.93 -1.93 3.33
N SER A 90 2.36 -2.85 2.55
CA SER A 90 3.16 -3.80 1.79
C SER A 90 2.59 -4.00 0.39
N MET A 91 3.46 -4.08 -0.59
CA MET A 91 3.05 -4.31 -1.98
C MET A 91 2.79 -5.79 -2.24
N ALA A 92 1.85 -6.06 -3.13
CA ALA A 92 1.56 -7.44 -3.53
C ALA A 92 2.62 -7.98 -4.47
N HIS A 93 3.49 -8.85 -3.95
CA HIS A 93 4.59 -9.39 -4.72
C HIS A 93 4.50 -10.91 -4.82
N ARG A 94 5.00 -11.46 -5.92
CA ARG A 94 4.99 -12.90 -6.14
C ARG A 94 6.40 -13.45 -6.29
N GLY A 95 7.32 -12.97 -5.46
CA GLY A 95 8.71 -13.38 -5.53
C GLY A 95 9.61 -12.22 -5.93
N ARG A 96 10.91 -12.50 -6.00
CA ARG A 96 11.88 -11.48 -6.38
C ARG A 96 11.67 -11.03 -7.83
N ASP A 97 11.96 -9.77 -8.10
CA ASP A 97 11.85 -9.23 -9.46
C ASP A 97 10.46 -9.49 -10.04
N THR A 98 9.46 -9.56 -9.17
CA THR A 98 8.11 -9.90 -9.59
C THR A 98 7.07 -9.24 -8.70
N GLY A 99 6.78 -7.97 -8.96
CA GLY A 99 5.80 -7.23 -8.19
C GLY A 99 4.62 -6.81 -9.07
N SER A 100 3.47 -6.58 -8.43
CA SER A 100 2.30 -6.08 -9.13
C SER A 100 2.03 -4.61 -8.80
N CYS A 101 0.95 -4.08 -9.34
CA CYS A 101 0.55 -2.71 -9.04
C CYS A 101 -0.37 -2.65 -7.84
N GLN A 102 -0.67 -3.82 -7.28
CA GLN A 102 -1.59 -3.90 -6.15
C GLN A 102 -0.84 -3.81 -4.83
N PHE A 103 -1.52 -3.28 -3.81
CA PHE A 103 -0.95 -3.21 -2.46
C PHE A 103 -2.00 -3.54 -1.41
N PHE A 104 -1.55 -3.71 -0.17
CA PHE A 104 -2.44 -3.99 0.95
C PHE A 104 -1.91 -3.42 2.25
N ILE A 105 -2.81 -3.02 3.13
CA ILE A 105 -2.43 -2.52 4.44
C ILE A 105 -2.82 -3.50 5.54
N VAL A 106 -1.88 -3.80 6.42
CA VAL A 106 -2.09 -4.81 7.45
C VAL A 106 -2.78 -4.22 8.68
N HIS A 107 -3.77 -4.92 9.19
CA HIS A 107 -4.58 -4.42 10.30
C HIS A 107 -4.10 -4.97 11.64
N GLU A 108 -3.68 -6.23 11.62
CA GLU A 108 -3.20 -6.90 12.83
C GLU A 108 -1.90 -7.65 12.58
N PRO A 109 -1.13 -7.88 13.64
CA PRO A 109 0.09 -8.67 13.54
C PRO A 109 -0.17 -10.01 12.85
N GLN A 110 0.53 -10.25 11.75
CA GLN A 110 0.41 -11.50 11.03
C GLN A 110 1.78 -12.14 10.80
N PRO A 111 2.20 -12.97 11.75
CA PRO A 111 3.48 -13.66 11.64
C PRO A 111 3.59 -14.45 10.33
N HIS A 112 2.44 -14.91 9.84
CA HIS A 112 2.41 -15.77 8.66
C HIS A 112 2.63 -14.96 7.39
N LEU A 113 2.42 -13.64 7.48
CA LEU A 113 2.62 -12.74 6.36
C LEU A 113 4.04 -12.19 6.34
N ASP A 114 4.74 -12.31 7.47
CA ASP A 114 6.07 -11.75 7.62
C ASP A 114 7.05 -12.36 6.62
N GLY A 115 7.71 -11.49 5.86
CA GLY A 115 8.77 -11.93 4.95
C GLY A 115 8.17 -12.46 3.65
N VAL A 116 6.85 -12.37 3.53
CA VAL A 116 6.17 -12.85 2.34
C VAL A 116 6.10 -11.78 1.27
N HIS A 117 5.67 -10.58 1.66
CA HIS A 117 5.63 -9.44 0.75
C HIS A 117 6.58 -8.34 1.20
N THR A 118 6.75 -7.33 0.35
CA THR A 118 7.69 -6.26 0.63
C THR A 118 7.01 -5.08 1.31
N VAL A 119 7.31 -4.87 2.59
CA VAL A 119 6.86 -3.69 3.30
C VAL A 119 7.66 -2.46 2.89
N PHE A 120 6.96 -1.37 2.62
CA PHE A 120 7.56 -0.21 1.97
C PHE A 120 7.17 1.09 2.69
N GLY A 121 6.14 1.01 3.52
CA GLY A 121 5.63 2.18 4.22
C GLY A 121 4.78 1.78 5.42
N GLN A 122 4.20 2.78 6.09
CA GLN A 122 3.39 2.54 7.26
C GLN A 122 2.41 3.69 7.50
N VAL A 123 1.15 3.36 7.76
CA VAL A 123 0.14 4.36 8.04
C VAL A 123 0.34 4.99 9.41
N THR A 124 0.18 6.31 9.48
CA THR A 124 0.48 7.05 10.70
C THR A 124 -0.78 7.71 11.26
N SER A 125 -1.71 8.05 10.38
CA SER A 125 -2.96 8.68 10.79
C SER A 125 -4.13 8.20 9.95
N GLY A 126 -5.20 7.77 10.62
CA GLY A 126 -6.32 7.13 9.96
C GLY A 126 -6.12 5.63 9.88
N MET A 127 -5.14 5.12 10.60
CA MET A 127 -4.85 3.69 10.63
C MET A 127 -6.08 2.90 11.05
N ASP A 128 -6.78 3.39 12.06
CA ASP A 128 -7.98 2.73 12.57
C ASP A 128 -9.08 2.71 11.51
N VAL A 129 -9.19 3.80 10.75
CA VAL A 129 -10.14 3.87 9.65
C VAL A 129 -9.88 2.77 8.62
N VAL A 130 -8.61 2.52 8.34
CA VAL A 130 -8.22 1.42 7.46
C VAL A 130 -8.53 0.07 8.10
N ARG A 131 -8.21 -0.05 9.38
CA ARG A 131 -8.36 -1.32 10.09
C ARG A 131 -9.80 -1.80 10.05
N THR A 132 -10.74 -0.86 10.12
CA THR A 132 -12.15 -1.19 10.05
C THR A 132 -12.78 -0.62 8.78
N MET A 133 -11.98 -0.47 7.74
CA MET A 133 -12.46 0.06 6.47
C MET A 133 -13.51 -0.85 5.85
N LYS A 134 -14.43 -0.26 5.09
CA LYS A 134 -15.46 -1.03 4.40
C LYS A 134 -14.95 -1.59 3.09
N ASN A 135 -15.49 -2.73 2.69
CA ASN A 135 -15.08 -3.38 1.44
C ASN A 135 -15.56 -2.59 0.23
N GLY A 136 -14.65 -2.35 -0.71
CA GLY A 136 -14.98 -1.63 -1.93
C GLY A 136 -14.89 -0.12 -1.74
N ASP A 137 -14.21 0.29 -0.67
CA ASP A 137 -13.99 1.70 -0.39
C ASP A 137 -13.22 2.37 -1.52
N VAL A 138 -13.74 3.50 -2.00
CA VAL A 138 -13.19 4.16 -3.17
C VAL A 138 -12.18 5.22 -2.79
N MET A 139 -11.00 5.15 -3.41
CA MET A 139 -9.94 6.12 -3.15
C MET A 139 -10.14 7.37 -4.01
N LYS A 140 -10.67 8.42 -3.40
CA LYS A 140 -10.96 9.66 -4.10
C LYS A 140 -9.69 10.30 -4.65
N GLU A 141 -8.66 10.35 -3.82
CA GLU A 141 -7.43 11.03 -4.19
C GLU A 141 -6.23 10.43 -3.47
N VAL A 142 -5.35 9.80 -4.23
CA VAL A 142 -4.12 9.23 -3.67
C VAL A 142 -2.90 10.03 -4.11
N LYS A 143 -2.21 10.62 -3.15
CA LYS A 143 -1.06 11.47 -3.44
C LYS A 143 0.15 11.08 -2.60
N VAL A 144 1.33 11.14 -3.21
CA VAL A 144 2.58 10.93 -2.47
C VAL A 144 3.62 11.98 -2.84
N PHE A 145 4.18 12.62 -1.82
CA PHE A 145 5.12 13.72 -2.03
C PHE A 145 6.47 13.41 -1.40
N ASP A 146 7.54 13.74 -2.12
CA ASP A 146 8.89 13.56 -1.60
C ASP A 146 9.24 14.66 -0.59
N GLU A 147 9.74 14.25 0.57
CA GLU A 147 10.05 15.20 1.64
C GLU A 147 11.36 15.91 1.39
N PRO A 148 11.47 17.13 1.88
CA PRO A 148 12.70 17.92 1.76
C PRO A 148 13.90 17.12 2.24
N MET A 3 16.34 11.55 1.23
CA MET A 3 15.65 11.64 2.52
C MET A 3 14.35 10.84 2.50
N ALA A 4 13.63 10.85 3.61
CA ALA A 4 12.36 10.15 3.72
C ALA A 4 11.26 10.92 3.02
N LYS A 5 10.11 10.28 2.84
CA LYS A 5 8.96 10.91 2.19
C LYS A 5 7.65 10.36 2.75
N LYS A 6 6.56 11.08 2.48
CA LYS A 6 5.25 10.70 3.00
C LYS A 6 4.21 10.68 1.89
N GLY A 7 3.00 10.26 2.23
CA GLY A 7 1.90 10.26 1.27
C GLY A 7 0.55 10.31 1.98
N TYR A 8 -0.52 10.47 1.21
CA TYR A 8 -1.86 10.61 1.76
C TYR A 8 -2.91 9.98 0.86
N ILE A 9 -3.75 9.13 1.42
CA ILE A 9 -4.88 8.56 0.70
C ILE A 9 -6.18 9.26 1.07
N LEU A 10 -6.78 9.96 0.12
CA LEU A 10 -8.14 10.45 0.26
C LEU A 10 -9.16 9.45 -0.27
N MET A 11 -10.05 9.01 0.60
CA MET A 11 -11.06 8.03 0.23
C MET A 11 -12.32 8.72 -0.27
N GLU A 12 -13.06 8.04 -1.14
CA GLU A 12 -14.31 8.57 -1.69
C GLU A 12 -15.31 8.87 -0.58
N ASN A 13 -15.19 8.16 0.53
CA ASN A 13 -16.11 8.31 1.65
C ASN A 13 -15.62 9.37 2.62
N GLY A 14 -14.59 10.11 2.24
CA GLY A 14 -14.07 11.20 3.05
C GLY A 14 -13.02 10.69 4.03
N GLY A 15 -12.60 9.44 3.85
CA GLY A 15 -11.59 8.84 4.72
C GLY A 15 -10.25 9.54 4.57
N LYS A 16 -9.58 9.75 5.71
CA LYS A 16 -8.32 10.49 5.71
C LYS A 16 -7.18 9.61 6.22
N ILE A 17 -6.48 8.97 5.29
CA ILE A 17 -5.42 8.03 5.65
C ILE A 17 -4.04 8.60 5.32
N GLU A 18 -3.33 9.06 6.35
CA GLU A 18 -1.99 9.61 6.18
C GLU A 18 -0.93 8.60 6.57
N PHE A 19 0.07 8.42 5.72
CA PHE A 19 1.06 7.38 5.89
C PHE A 19 2.46 7.88 5.55
N GLU A 20 3.48 7.17 6.05
CA GLU A 20 4.86 7.48 5.71
C GLU A 20 5.44 6.40 4.80
N LEU A 21 6.47 6.78 4.04
CA LEU A 21 7.16 5.84 3.17
C LEU A 21 8.60 5.65 3.60
N PHE A 22 9.17 4.49 3.25
CA PHE A 22 10.53 4.15 3.66
C PHE A 22 11.40 3.84 2.45
N PRO A 23 11.86 4.89 1.76
CA PRO A 23 12.67 4.73 0.56
C PRO A 23 14.05 4.17 0.91
N ASN A 24 14.39 4.21 2.19
CA ASN A 24 15.66 3.68 2.66
C ASN A 24 15.53 2.19 2.99
N GLU A 25 14.31 1.69 3.00
CA GLU A 25 14.06 0.28 3.27
C GLU A 25 13.56 -0.44 2.02
N ALA A 26 12.87 0.30 1.16
CA ALA A 26 12.42 -0.24 -0.13
C ALA A 26 12.54 0.80 -1.23
N PRO A 27 13.78 1.03 -1.68
CA PRO A 27 14.05 2.08 -2.65
C PRO A 27 13.16 1.94 -3.88
N VAL A 28 13.18 0.75 -4.49
CA VAL A 28 12.51 0.53 -5.77
C VAL A 28 11.00 0.63 -5.63
N THR A 29 10.46 -0.06 -4.63
CA THR A 29 9.02 -0.09 -4.42
C THR A 29 8.46 1.29 -4.13
N VAL A 30 9.12 2.01 -3.23
CA VAL A 30 8.67 3.35 -2.84
C VAL A 30 8.77 4.32 -4.01
N ALA A 31 9.86 4.23 -4.77
CA ALA A 31 10.07 5.08 -5.93
C ALA A 31 8.95 4.89 -6.94
N ASN A 32 8.66 3.64 -7.28
CA ASN A 32 7.61 3.33 -8.25
C ASN A 32 6.23 3.71 -7.71
N PHE A 33 6.01 3.46 -6.44
CA PHE A 33 4.76 3.82 -5.78
C PHE A 33 4.50 5.32 -5.89
N GLU A 34 5.50 6.11 -5.52
CA GLU A 34 5.37 7.56 -5.58
C GLU A 34 5.05 8.04 -6.98
N LYS A 35 5.82 7.56 -7.96
CA LYS A 35 5.61 7.93 -9.36
C LYS A 35 4.18 7.63 -9.80
N LEU A 36 3.79 6.36 -9.66
CA LEU A 36 2.48 5.92 -10.13
C LEU A 36 1.36 6.69 -9.44
N ALA A 37 1.50 6.89 -8.14
CA ALA A 37 0.48 7.57 -7.35
C ALA A 37 0.26 8.99 -7.86
N ASN A 38 1.36 9.73 -8.03
CA ASN A 38 1.28 11.12 -8.47
C ASN A 38 0.88 11.21 -9.94
N GLU A 39 1.09 10.12 -10.67
CA GLU A 39 0.63 10.03 -12.05
C GLU A 39 -0.84 9.64 -12.11
N GLY A 40 -1.41 9.30 -10.96
CA GLY A 40 -2.85 9.11 -10.83
C GLY A 40 -3.23 7.65 -11.07
N PHE A 41 -2.24 6.77 -11.03
CA PHE A 41 -2.47 5.34 -11.24
C PHE A 41 -2.99 4.68 -9.97
N TYR A 42 -2.81 5.35 -8.84
CA TYR A 42 -3.42 4.92 -7.60
C TYR A 42 -4.65 5.75 -7.26
N ASN A 43 -5.18 6.44 -8.26
CA ASN A 43 -6.39 7.24 -8.09
C ASN A 43 -7.60 6.53 -8.68
N GLY A 44 -8.53 6.13 -7.83
CA GLY A 44 -9.77 5.51 -8.28
C GLY A 44 -9.72 4.00 -8.13
N LEU A 45 -8.71 3.51 -7.43
CA LEU A 45 -8.55 2.08 -7.20
C LEU A 45 -9.43 1.60 -6.05
N THR A 46 -9.80 0.33 -6.08
CA THR A 46 -10.77 -0.20 -5.13
C THR A 46 -10.12 -1.22 -4.20
N PHE A 47 -10.62 -1.28 -2.96
CA PHE A 47 -10.24 -2.33 -2.03
C PHE A 47 -11.16 -3.54 -2.18
N HIS A 48 -10.66 -4.59 -2.81
CA HIS A 48 -11.51 -5.70 -3.26
C HIS A 48 -11.71 -6.72 -2.16
N ARG A 49 -10.81 -6.72 -1.17
CA ARG A 49 -10.88 -7.66 -0.07
C ARG A 49 -10.47 -7.00 1.25
N VAL A 50 -11.44 -6.39 1.91
CA VAL A 50 -11.20 -5.77 3.21
C VAL A 50 -11.64 -6.67 4.35
N ILE A 51 -10.72 -7.00 5.24
CA ILE A 51 -11.03 -7.77 6.44
C ILE A 51 -10.70 -6.99 7.70
N PRO A 52 -11.71 -6.33 8.27
CA PRO A 52 -11.52 -5.52 9.47
C PRO A 52 -10.88 -6.32 10.59
N GLY A 53 -9.79 -5.80 11.13
CA GLY A 53 -9.10 -6.45 12.25
C GLY A 53 -7.98 -7.35 11.76
N PHE A 54 -7.84 -7.43 10.44
CA PHE A 54 -6.80 -8.28 9.84
C PHE A 54 -6.00 -7.50 8.80
N VAL A 55 -6.63 -7.21 7.67
CA VAL A 55 -5.93 -6.63 6.54
C VAL A 55 -6.91 -6.07 5.51
N SER A 56 -6.61 -4.87 5.02
CA SER A 56 -7.36 -4.29 3.91
C SER A 56 -6.61 -4.45 2.59
N GLN A 57 -7.02 -5.45 1.80
CA GLN A 57 -6.40 -5.69 0.51
C GLN A 57 -7.12 -4.91 -0.59
N GLY A 58 -6.33 -4.19 -1.39
CA GLY A 58 -6.89 -3.31 -2.42
C GLY A 58 -5.80 -2.81 -3.36
N GLY A 59 -6.01 -1.63 -3.92
CA GLY A 59 -5.15 -1.11 -4.97
C GLY A 59 -5.46 -1.77 -6.31
N CYS A 60 -6.68 -2.28 -6.44
CA CYS A 60 -7.09 -3.00 -7.65
C CYS A 60 -7.96 -2.13 -8.54
N PRO A 61 -7.52 -1.94 -9.78
CA PRO A 61 -8.24 -1.10 -10.73
C PRO A 61 -9.63 -1.66 -11.00
N ARG A 62 -9.73 -2.98 -11.06
CA ARG A 62 -10.97 -3.65 -11.43
C ARG A 62 -11.81 -3.96 -10.20
N GLY A 63 -11.18 -3.94 -9.03
CA GLY A 63 -11.87 -4.21 -7.79
C GLY A 63 -12.25 -5.68 -7.67
N ASN A 64 -11.65 -6.51 -8.51
CA ASN A 64 -11.94 -7.94 -8.52
C ASN A 64 -10.67 -8.75 -8.28
N GLY A 65 -9.59 -8.07 -7.94
CA GLY A 65 -8.29 -8.72 -7.75
C GLY A 65 -7.46 -8.70 -9.03
N THR A 66 -8.07 -8.17 -10.10
CA THR A 66 -7.39 -8.13 -11.40
C THR A 66 -6.64 -6.82 -11.59
N GLY A 67 -5.32 -6.92 -11.66
CA GLY A 67 -4.49 -5.75 -11.90
C GLY A 67 -4.54 -5.31 -13.35
N ASP A 68 -5.19 -4.18 -13.60
CA ASP A 68 -5.34 -3.66 -14.95
C ASP A 68 -4.94 -2.19 -15.03
N ALA A 69 -3.86 -1.85 -14.35
CA ALA A 69 -3.34 -0.48 -14.37
C ALA A 69 -2.37 -0.27 -15.53
N GLY A 70 -1.76 -1.37 -15.98
CA GLY A 70 -0.76 -1.30 -17.04
C GLY A 70 0.65 -1.22 -16.46
N TYR A 71 0.73 -1.01 -15.15
CA TYR A 71 2.01 -0.92 -14.47
C TYR A 71 2.04 -1.80 -13.23
N THR A 72 3.19 -2.42 -12.98
CA THR A 72 3.35 -3.30 -11.82
C THR A 72 4.64 -2.99 -11.07
N ILE A 73 4.71 -3.42 -9.81
CA ILE A 73 5.91 -3.27 -9.01
C ILE A 73 6.43 -4.62 -8.54
N PRO A 74 7.57 -5.03 -9.10
CA PRO A 74 8.17 -6.32 -8.74
C PRO A 74 8.40 -6.41 -7.24
N CYS A 75 8.25 -7.61 -6.71
CA CYS A 75 8.48 -7.85 -5.28
C CYS A 75 9.93 -7.56 -4.90
N GLU A 76 10.15 -6.42 -4.28
CA GLU A 76 11.50 -6.01 -3.89
C GLU A 76 11.97 -6.74 -2.64
N THR A 77 13.16 -7.32 -2.71
CA THR A 77 13.73 -8.06 -1.59
C THR A 77 15.13 -7.56 -1.25
N ASP A 78 15.29 -7.06 -0.04
CA ASP A 78 16.59 -6.57 0.41
C ASP A 78 16.74 -6.72 1.92
N ASN A 79 17.51 -5.82 2.53
CA ASN A 79 17.84 -5.91 3.95
C ASN A 79 16.59 -5.77 4.80
N ASN A 80 15.60 -5.05 4.28
CA ASN A 80 14.38 -4.77 5.02
C ASN A 80 13.66 -6.06 5.41
N PRO A 81 13.50 -6.28 6.71
CA PRO A 81 12.84 -7.48 7.21
C PRO A 81 11.43 -7.61 6.64
N HIS A 82 10.82 -6.47 6.33
CA HIS A 82 9.43 -6.44 5.90
C HIS A 82 8.50 -6.95 6.98
N ARG A 83 8.49 -6.26 8.12
CA ARG A 83 7.60 -6.61 9.22
C ARG A 83 6.19 -6.09 8.97
N HIS A 84 5.19 -6.92 9.29
CA HIS A 84 3.79 -6.59 9.00
C HIS A 84 3.01 -6.37 10.28
N VAL A 85 2.94 -5.11 10.73
CA VAL A 85 2.21 -4.77 11.93
C VAL A 85 1.12 -3.73 11.65
N THR A 86 0.53 -3.20 12.71
CA THR A 86 -0.53 -2.21 12.57
C THR A 86 -0.09 -1.04 11.69
N GLY A 87 -0.77 -0.86 10.57
CA GLY A 87 -0.53 0.29 9.71
C GLY A 87 0.35 -0.09 8.51
N ALA A 88 1.04 -1.21 8.63
CA ALA A 88 2.05 -1.59 7.65
C ALA A 88 1.47 -1.63 6.25
N MET A 89 2.11 -0.94 5.31
CA MET A 89 1.71 -0.97 3.91
C MET A 89 2.63 -1.86 3.08
N SER A 90 2.06 -2.91 2.50
CA SER A 90 2.85 -3.94 1.84
C SER A 90 2.24 -4.35 0.51
N MET A 91 3.10 -4.57 -0.48
CA MET A 91 2.63 -4.86 -1.84
C MET A 91 2.20 -6.31 -1.97
N ALA A 92 1.30 -6.58 -2.91
CA ALA A 92 0.90 -7.94 -3.22
C ALA A 92 1.69 -8.49 -4.39
N HIS A 93 2.07 -9.77 -4.29
CA HIS A 93 2.93 -10.39 -5.29
C HIS A 93 2.72 -11.90 -5.34
N ARG A 94 3.37 -12.54 -6.30
CA ARG A 94 3.34 -14.00 -6.39
C ARG A 94 4.73 -14.57 -6.63
N GLY A 95 5.71 -14.05 -5.88
CA GLY A 95 7.09 -14.46 -6.03
C GLY A 95 8.04 -13.28 -6.00
N ARG A 96 9.33 -13.55 -5.89
CA ARG A 96 10.34 -12.50 -5.85
C ARG A 96 10.48 -11.82 -7.21
N ASP A 97 10.64 -10.50 -7.20
CA ASP A 97 10.69 -9.73 -8.43
C ASP A 97 9.50 -10.04 -9.33
N THR A 98 8.37 -10.37 -8.72
CA THR A 98 7.18 -10.75 -9.47
C THR A 98 5.92 -10.38 -8.72
N GLY A 99 5.58 -9.09 -8.74
CA GLY A 99 4.40 -8.59 -8.03
C GLY A 99 3.62 -7.62 -8.90
N SER A 100 2.55 -7.06 -8.33
CA SER A 100 1.70 -6.12 -9.05
C SER A 100 1.66 -4.76 -8.37
N CYS A 101 0.85 -3.86 -8.90
CA CYS A 101 0.64 -2.56 -8.29
C CYS A 101 -0.34 -2.63 -7.13
N GLN A 102 -0.97 -3.80 -6.97
CA GLN A 102 -1.89 -4.02 -5.87
C GLN A 102 -1.15 -4.13 -4.53
N PHE A 103 -1.83 -3.79 -3.45
CA PHE A 103 -1.22 -3.80 -2.13
C PHE A 103 -2.24 -4.09 -1.05
N PHE A 104 -1.79 -4.11 0.20
CA PHE A 104 -2.68 -4.28 1.34
C PHE A 104 -2.15 -3.59 2.58
N ILE A 105 -3.05 -3.14 3.44
CA ILE A 105 -2.66 -2.50 4.70
C ILE A 105 -3.00 -3.37 5.89
N VAL A 106 -1.99 -3.70 6.68
CA VAL A 106 -2.16 -4.63 7.80
C VAL A 106 -2.74 -3.94 9.02
N HIS A 107 -3.64 -4.61 9.71
CA HIS A 107 -4.34 -4.02 10.85
C HIS A 107 -3.65 -4.39 12.16
N GLU A 108 -3.14 -5.61 12.23
CA GLU A 108 -2.52 -6.11 13.46
C GLU A 108 -1.23 -6.85 13.15
N PRO A 109 -0.35 -6.92 14.16
CA PRO A 109 0.89 -7.68 14.03
C PRO A 109 0.63 -9.08 13.52
N GLN A 110 1.24 -9.42 12.39
CA GLN A 110 1.10 -10.75 11.81
C GLN A 110 2.47 -11.39 11.57
N PRO A 111 2.95 -12.14 12.54
CA PRO A 111 4.23 -12.82 12.43
C PRO A 111 4.30 -13.68 11.18
N HIS A 112 3.14 -14.18 10.75
CA HIS A 112 3.07 -15.12 9.63
C HIS A 112 3.28 -14.40 8.30
N LEU A 113 3.15 -13.08 8.31
CA LEU A 113 3.32 -12.27 7.11
C LEU A 113 4.70 -11.63 7.07
N ASP A 114 5.39 -11.66 8.20
CA ASP A 114 6.70 -11.02 8.32
C ASP A 114 7.70 -11.62 7.35
N GLY A 115 8.17 -10.80 6.41
CA GLY A 115 9.21 -11.23 5.48
C GLY A 115 8.61 -11.92 4.27
N VAL A 116 7.28 -11.99 4.22
CA VAL A 116 6.58 -12.65 3.13
C VAL A 116 6.34 -11.69 1.98
N HIS A 117 5.81 -10.51 2.29
CA HIS A 117 5.53 -9.50 1.28
C HIS A 117 6.43 -8.29 1.44
N THR A 118 6.42 -7.40 0.45
CA THR A 118 7.32 -6.25 0.43
C THR A 118 6.69 -5.05 1.10
N VAL A 119 7.23 -4.65 2.24
CA VAL A 119 6.76 -3.47 2.96
C VAL A 119 7.50 -2.23 2.50
N PHE A 120 6.74 -1.16 2.25
CA PHE A 120 7.28 0.03 1.61
C PHE A 120 6.86 1.29 2.35
N GLY A 121 5.82 1.18 3.16
CA GLY A 121 5.29 2.31 3.90
C GLY A 121 4.51 1.86 5.13
N GLN A 122 3.93 2.82 5.85
CA GLN A 122 3.10 2.51 7.00
C GLN A 122 2.17 3.67 7.34
N VAL A 123 0.89 3.37 7.51
CA VAL A 123 -0.08 4.36 7.95
C VAL A 123 0.21 4.82 9.38
N THR A 124 0.22 6.13 9.58
CA THR A 124 0.62 6.71 10.86
C THR A 124 -0.52 7.50 11.49
N SER A 125 -1.44 7.96 10.64
CA SER A 125 -2.59 8.72 11.12
C SER A 125 -3.84 8.42 10.29
N GLY A 126 -4.97 8.25 10.98
CA GLY A 126 -6.21 7.90 10.31
C GLY A 126 -6.34 6.39 10.13
N MET A 127 -5.53 5.64 10.87
CA MET A 127 -5.54 4.19 10.79
C MET A 127 -6.93 3.64 11.09
N ASP A 128 -7.68 4.36 11.91
CA ASP A 128 -9.06 3.99 12.21
C ASP A 128 -9.87 3.79 10.93
N VAL A 129 -9.64 4.66 9.96
CA VAL A 129 -10.34 4.58 8.68
C VAL A 129 -10.05 3.27 7.98
N VAL A 130 -8.82 2.78 8.14
CA VAL A 130 -8.42 1.51 7.55
C VAL A 130 -9.03 0.32 8.28
N ARG A 131 -8.97 0.37 9.61
CA ARG A 131 -9.48 -0.72 10.44
C ARG A 131 -10.98 -0.86 10.29
N THR A 132 -11.66 0.26 10.09
CA THR A 132 -13.10 0.26 9.89
C THR A 132 -13.47 0.39 8.42
N MET A 133 -12.49 0.16 7.56
CA MET A 133 -12.72 0.20 6.11
C MET A 133 -13.72 -0.85 5.68
N LYS A 134 -14.48 -0.55 4.63
CA LYS A 134 -15.43 -1.50 4.06
C LYS A 134 -14.96 -2.00 2.70
N ASN A 135 -15.33 -3.23 2.37
CA ASN A 135 -14.99 -3.82 1.07
C ASN A 135 -15.72 -3.11 -0.05
N GLY A 136 -14.95 -2.60 -1.02
CA GLY A 136 -15.52 -1.86 -2.14
C GLY A 136 -15.20 -0.38 -2.04
N ASP A 137 -14.57 0.02 -0.94
CA ASP A 137 -14.15 1.40 -0.75
C ASP A 137 -13.11 1.81 -1.79
N VAL A 138 -13.22 3.03 -2.28
CA VAL A 138 -12.37 3.49 -3.38
C VAL A 138 -11.49 4.66 -2.93
N MET A 139 -10.23 4.63 -3.37
CA MET A 139 -9.30 5.71 -3.06
C MET A 139 -9.52 6.90 -3.99
N LYS A 140 -10.22 7.91 -3.49
CA LYS A 140 -10.58 9.08 -4.31
C LYS A 140 -9.34 9.71 -4.93
N GLU A 141 -8.28 9.84 -4.14
CA GLU A 141 -7.05 10.47 -4.60
C GLU A 141 -5.88 10.07 -3.71
N VAL A 142 -4.87 9.44 -4.33
CA VAL A 142 -3.64 9.08 -3.62
C VAL A 142 -2.47 9.91 -4.12
N LYS A 143 -1.85 10.66 -3.22
CA LYS A 143 -0.72 11.51 -3.56
C LYS A 143 0.47 11.24 -2.67
N VAL A 144 1.67 11.44 -3.20
CA VAL A 144 2.90 11.23 -2.44
C VAL A 144 3.83 12.44 -2.55
N PHE A 145 4.36 12.86 -1.41
CA PHE A 145 5.15 14.08 -1.34
C PHE A 145 6.48 13.84 -0.64
N ASP A 146 7.51 14.57 -1.05
CA ASP A 146 8.82 14.46 -0.44
C ASP A 146 8.87 15.15 0.92
N GLU A 147 8.41 14.45 1.95
CA GLU A 147 8.42 14.98 3.31
C GLU A 147 9.32 14.15 4.21
N PRO A 148 10.57 14.57 4.34
CA PRO A 148 11.51 13.91 5.25
C PRO A 148 10.93 13.77 6.65
N MET A 3 15.93 13.27 3.54
CA MET A 3 15.19 12.93 2.34
C MET A 3 14.06 11.95 2.64
N ALA A 4 13.26 12.29 3.65
CA ALA A 4 12.13 11.45 4.04
C ALA A 4 11.01 11.52 3.01
N LYS A 5 10.20 10.46 2.95
CA LYS A 5 9.06 10.42 2.05
C LYS A 5 7.76 10.19 2.80
N LYS A 6 6.67 10.78 2.31
CA LYS A 6 5.35 10.58 2.89
C LYS A 6 4.30 10.39 1.82
N GLY A 7 3.11 9.98 2.24
CA GLY A 7 1.98 9.81 1.32
C GLY A 7 0.65 10.02 2.03
N TYR A 8 -0.39 10.28 1.25
CA TYR A 8 -1.72 10.48 1.81
C TYR A 8 -2.80 10.02 0.83
N ILE A 9 -3.73 9.21 1.31
CA ILE A 9 -4.85 8.76 0.51
C ILE A 9 -6.17 9.31 1.06
N LEU A 10 -6.87 10.09 0.24
CA LEU A 10 -8.23 10.51 0.55
C LEU A 10 -9.25 9.62 -0.15
N MET A 11 -10.22 9.14 0.62
CA MET A 11 -11.23 8.22 0.10
C MET A 11 -12.52 8.95 -0.23
N GLU A 12 -13.29 8.39 -1.15
CA GLU A 12 -14.55 9.01 -1.57
C GLU A 12 -15.58 8.99 -0.46
N ASN A 13 -15.39 8.08 0.50
CA ASN A 13 -16.30 7.95 1.63
C ASN A 13 -15.87 8.85 2.79
N GLY A 14 -14.89 9.71 2.54
CA GLY A 14 -14.45 10.69 3.52
C GLY A 14 -13.32 10.15 4.38
N GLY A 15 -12.89 8.93 4.08
CA GLY A 15 -11.78 8.30 4.79
C GLY A 15 -10.49 9.07 4.57
N LYS A 16 -9.67 9.18 5.62
CA LYS A 16 -8.42 9.92 5.54
C LYS A 16 -7.26 9.08 6.07
N ILE A 17 -6.41 8.63 5.15
CA ILE A 17 -5.29 7.75 5.51
C ILE A 17 -3.96 8.44 5.26
N GLU A 18 -3.27 8.80 6.33
CA GLU A 18 -1.96 9.43 6.24
C GLU A 18 -0.86 8.48 6.69
N PHE A 19 0.20 8.37 5.90
CA PHE A 19 1.24 7.38 6.12
C PHE A 19 2.61 7.89 5.66
N GLU A 20 3.66 7.21 6.08
CA GLU A 20 5.01 7.55 5.66
C GLU A 20 5.57 6.50 4.71
N LEU A 21 6.51 6.91 3.86
CA LEU A 21 7.16 6.01 2.93
C LEU A 21 8.63 5.83 3.27
N PHE A 22 9.14 4.61 3.14
CA PHE A 22 10.47 4.26 3.61
C PHE A 22 11.30 3.62 2.52
N PRO A 23 11.99 4.43 1.73
CA PRO A 23 12.92 3.94 0.73
C PRO A 23 13.94 2.99 1.35
N ASN A 24 14.25 3.22 2.62
CA ASN A 24 15.19 2.37 3.35
C ASN A 24 14.65 0.95 3.50
N GLU A 25 13.33 0.83 3.56
CA GLU A 25 12.68 -0.47 3.61
C GLU A 25 12.55 -1.09 2.23
N ALA A 26 12.22 -0.25 1.25
CA ALA A 26 12.02 -0.71 -0.12
C ALA A 26 12.25 0.42 -1.12
N PRO A 27 13.48 0.57 -1.58
CA PRO A 27 13.84 1.67 -2.46
C PRO A 27 12.96 1.70 -3.70
N VAL A 28 13.00 0.62 -4.47
CA VAL A 28 12.34 0.59 -5.77
C VAL A 28 10.82 0.63 -5.61
N THR A 29 10.33 -0.10 -4.62
CA THR A 29 8.88 -0.18 -4.38
C THR A 29 8.29 1.20 -4.11
N VAL A 30 8.94 1.95 -3.21
CA VAL A 30 8.50 3.30 -2.89
C VAL A 30 8.55 4.21 -4.12
N ALA A 31 9.63 4.09 -4.89
CA ALA A 31 9.78 4.85 -6.13
C ALA A 31 8.62 4.57 -7.07
N ASN A 32 8.28 3.30 -7.24
CA ASN A 32 7.18 2.91 -8.11
C ASN A 32 5.84 3.42 -7.59
N PHE A 33 5.66 3.35 -6.28
CA PHE A 33 4.46 3.88 -5.64
C PHE A 33 4.25 5.34 -5.98
N GLU A 34 5.30 6.14 -5.81
CA GLU A 34 5.24 7.56 -6.12
C GLU A 34 4.94 7.80 -7.60
N LYS A 35 5.62 7.06 -8.45
CA LYS A 35 5.42 7.17 -9.90
C LYS A 35 3.96 6.93 -10.26
N LEU A 36 3.40 5.83 -9.77
CA LEU A 36 2.02 5.47 -10.07
C LEU A 36 1.05 6.53 -9.55
N ALA A 37 1.29 7.01 -8.34
CA ALA A 37 0.47 8.06 -7.76
C ALA A 37 0.49 9.33 -8.60
N ASN A 38 1.68 9.68 -9.08
CA ASN A 38 1.84 10.85 -9.95
C ASN A 38 1.11 10.66 -11.27
N GLU A 39 1.07 9.42 -11.74
CA GLU A 39 0.37 9.09 -12.98
C GLU A 39 -1.14 9.04 -12.76
N GLY A 40 -1.56 9.13 -11.50
CA GLY A 40 -2.97 9.12 -11.15
C GLY A 40 -3.52 7.70 -11.12
N PHE A 41 -2.63 6.72 -10.99
CA PHE A 41 -3.03 5.33 -10.92
C PHE A 41 -3.80 5.03 -9.64
N TYR A 42 -3.23 5.44 -8.51
CA TYR A 42 -3.86 5.21 -7.21
C TYR A 42 -5.08 6.10 -7.03
N ASN A 43 -5.11 7.21 -7.76
CA ASN A 43 -6.25 8.11 -7.73
C ASN A 43 -7.47 7.48 -8.38
N GLY A 44 -8.40 6.99 -7.56
CA GLY A 44 -9.58 6.31 -8.06
C GLY A 44 -9.46 4.80 -7.92
N LEU A 45 -8.30 4.36 -7.45
CA LEU A 45 -8.04 2.93 -7.28
C LEU A 45 -8.90 2.35 -6.16
N THR A 46 -9.30 1.09 -6.32
CA THR A 46 -10.26 0.47 -5.41
C THR A 46 -9.67 -0.76 -4.74
N PHE A 47 -10.27 -1.16 -3.62
CA PHE A 47 -9.98 -2.46 -3.02
C PHE A 47 -10.91 -3.54 -3.55
N HIS A 48 -10.62 -4.79 -3.18
CA HIS A 48 -11.40 -5.92 -3.65
C HIS A 48 -11.56 -6.98 -2.57
N ARG A 49 -10.64 -6.98 -1.61
CA ARG A 49 -10.72 -7.88 -0.47
C ARG A 49 -10.30 -7.19 0.81
N VAL A 50 -11.21 -6.40 1.39
CA VAL A 50 -10.96 -5.75 2.66
C VAL A 50 -11.41 -6.63 3.83
N ILE A 51 -10.51 -6.81 4.79
CA ILE A 51 -10.79 -7.65 5.95
C ILE A 51 -10.52 -6.90 7.25
N PRO A 52 -11.56 -6.25 7.77
CA PRO A 52 -11.43 -5.48 9.01
C PRO A 52 -10.92 -6.35 10.15
N GLY A 53 -9.90 -5.88 10.84
CA GLY A 53 -9.37 -6.57 12.01
C GLY A 53 -8.20 -7.47 11.65
N PHE A 54 -7.94 -7.58 10.35
CA PHE A 54 -6.84 -8.42 9.86
C PHE A 54 -5.97 -7.65 8.88
N VAL A 55 -6.34 -7.69 7.60
CA VAL A 55 -5.58 -7.03 6.55
C VAL A 55 -6.43 -6.80 5.31
N SER A 56 -6.35 -5.59 4.77
CA SER A 56 -7.11 -5.24 3.58
C SER A 56 -6.25 -5.31 2.32
N GLN A 57 -6.77 -5.96 1.29
CA GLN A 57 -6.06 -6.09 0.02
C GLN A 57 -6.77 -5.31 -1.08
N GLY A 58 -6.01 -4.48 -1.79
CA GLY A 58 -6.57 -3.65 -2.86
C GLY A 58 -5.58 -3.48 -4.00
N GLY A 59 -5.94 -2.65 -4.98
CA GLY A 59 -5.06 -2.36 -6.09
C GLY A 59 -5.71 -2.68 -7.42
N CYS A 60 -7.03 -2.52 -7.49
CA CYS A 60 -7.78 -2.83 -8.70
C CYS A 60 -8.55 -1.62 -9.20
N PRO A 61 -8.81 -1.58 -10.50
CA PRO A 61 -9.49 -0.45 -11.11
C PRO A 61 -10.99 -0.51 -10.87
N ARG A 62 -11.50 -1.71 -10.62
CA ARG A 62 -12.93 -1.92 -10.44
C ARG A 62 -13.21 -2.84 -9.26
N GLY A 63 -12.15 -3.28 -8.60
CA GLY A 63 -12.28 -4.22 -7.49
C GLY A 63 -12.58 -5.62 -7.99
N ASN A 64 -12.07 -5.95 -9.17
CA ASN A 64 -12.35 -7.23 -9.80
C ASN A 64 -11.26 -8.25 -9.50
N GLY A 65 -10.30 -7.85 -8.66
CA GLY A 65 -9.26 -8.76 -8.20
C GLY A 65 -8.09 -8.79 -9.19
N THR A 66 -8.17 -7.94 -10.21
CA THR A 66 -7.12 -7.86 -11.22
C THR A 66 -6.58 -6.45 -11.34
N GLY A 67 -5.25 -6.33 -11.31
CA GLY A 67 -4.60 -5.02 -11.37
C GLY A 67 -4.67 -4.45 -12.78
N ASP A 68 -4.54 -3.13 -12.88
CA ASP A 68 -4.64 -2.45 -14.17
C ASP A 68 -3.29 -1.91 -14.61
N ALA A 69 -2.27 -2.13 -13.78
CA ALA A 69 -0.92 -1.63 -14.06
C ALA A 69 -0.23 -2.48 -15.13
N GLY A 70 -0.19 -3.79 -14.90
CA GLY A 70 0.47 -4.70 -15.81
C GLY A 70 1.98 -4.61 -15.68
N TYR A 71 2.45 -4.05 -14.57
CA TYR A 71 3.86 -3.82 -14.36
C TYR A 71 4.48 -4.89 -13.47
N THR A 72 5.80 -5.04 -13.54
CA THR A 72 6.50 -6.02 -12.73
C THR A 72 7.35 -5.35 -11.64
N ILE A 73 7.04 -5.65 -10.39
CA ILE A 73 7.82 -5.13 -9.27
C ILE A 73 8.69 -6.20 -8.63
N PRO A 74 9.97 -5.90 -8.48
CA PRO A 74 10.91 -6.83 -7.87
C PRO A 74 10.70 -6.94 -6.37
N CYS A 75 10.89 -8.14 -5.83
CA CYS A 75 10.81 -8.35 -4.39
C CYS A 75 12.05 -7.81 -3.69
N GLU A 76 11.85 -6.87 -2.77
CA GLU A 76 12.94 -6.24 -2.06
C GLU A 76 13.01 -6.70 -0.61
N THR A 77 14.21 -6.94 -0.12
CA THR A 77 14.41 -7.35 1.26
C THR A 77 15.34 -6.39 2.00
N ASP A 78 16.01 -5.53 1.25
CA ASP A 78 16.96 -4.59 1.83
C ASP A 78 16.42 -3.16 1.75
N ASN A 79 16.82 -2.33 2.71
CA ASN A 79 17.80 -2.74 3.71
C ASN A 79 17.13 -3.13 5.02
N ASN A 80 16.03 -2.45 5.34
CA ASN A 80 15.32 -2.70 6.59
C ASN A 80 14.42 -3.92 6.47
N PRO A 81 14.21 -4.61 7.60
CA PRO A 81 13.35 -5.78 7.64
C PRO A 81 11.89 -5.41 7.43
N HIS A 82 11.08 -6.39 7.07
CA HIS A 82 9.67 -6.14 6.76
C HIS A 82 8.77 -6.67 7.86
N ARG A 83 8.06 -5.77 8.53
CA ARG A 83 7.10 -6.15 9.56
C ARG A 83 5.68 -5.85 9.14
N HIS A 84 4.76 -6.76 9.46
CA HIS A 84 3.36 -6.58 9.13
C HIS A 84 2.51 -6.47 10.40
N VAL A 85 2.34 -5.24 10.89
CA VAL A 85 1.56 -5.01 12.09
C VAL A 85 0.54 -3.89 11.87
N THR A 86 -0.25 -3.61 12.90
CA THR A 86 -1.24 -2.53 12.84
C THR A 86 -0.65 -1.27 12.22
N GLY A 87 -1.10 -0.96 11.01
CA GLY A 87 -0.68 0.27 10.33
C GLY A 87 0.60 0.04 9.53
N ALA A 88 0.55 -0.90 8.59
CA ALA A 88 1.68 -1.16 7.70
C ALA A 88 1.21 -1.36 6.27
N MET A 89 2.06 -0.99 5.32
CA MET A 89 1.71 -1.07 3.91
C MET A 89 2.78 -1.80 3.11
N SER A 90 2.37 -2.88 2.45
CA SER A 90 3.29 -3.67 1.64
C SER A 90 2.68 -4.02 0.29
N MET A 91 3.53 -4.36 -0.67
CA MET A 91 3.06 -4.76 -2.00
C MET A 91 2.99 -6.27 -2.13
N ALA A 92 1.98 -6.75 -2.86
CA ALA A 92 1.77 -8.18 -3.04
C ALA A 92 2.72 -8.74 -4.08
N HIS A 93 3.27 -9.92 -3.81
CA HIS A 93 4.12 -10.61 -4.76
C HIS A 93 4.09 -12.12 -4.55
N ARG A 94 4.69 -12.86 -5.47
CA ARG A 94 4.79 -14.31 -5.35
C ARG A 94 6.21 -14.79 -5.64
N GLY A 95 7.20 -13.99 -5.24
CA GLY A 95 8.59 -14.29 -5.52
C GLY A 95 9.31 -13.08 -6.09
N ARG A 96 10.54 -13.29 -6.57
CA ARG A 96 11.34 -12.22 -7.15
C ARG A 96 10.81 -11.81 -8.51
N ASP A 97 10.61 -10.50 -8.70
CA ASP A 97 10.11 -9.98 -9.97
C ASP A 97 8.73 -10.55 -10.30
N THR A 98 7.88 -10.64 -9.29
CA THR A 98 6.51 -11.07 -9.48
C THR A 98 5.53 -10.11 -8.83
N GLY A 99 6.05 -9.03 -8.26
CA GLY A 99 5.23 -8.07 -7.52
C GLY A 99 4.26 -7.35 -8.45
N SER A 100 3.03 -7.17 -7.99
CA SER A 100 2.01 -6.49 -8.78
C SER A 100 1.64 -5.14 -8.18
N CYS A 101 0.67 -4.48 -8.79
CA CYS A 101 0.18 -3.20 -8.28
C CYS A 101 -0.79 -3.40 -7.12
N GLN A 102 -1.12 -4.65 -6.83
CA GLN A 102 -1.93 -4.99 -5.68
C GLN A 102 -1.11 -4.95 -4.40
N PHE A 103 -1.75 -4.56 -3.30
CA PHE A 103 -1.04 -4.24 -2.06
C PHE A 103 -1.85 -4.65 -0.84
N PHE A 104 -1.17 -4.84 0.28
CA PHE A 104 -1.83 -5.08 1.55
C PHE A 104 -1.67 -3.91 2.50
N ILE A 105 -2.76 -3.57 3.20
CA ILE A 105 -2.67 -2.67 4.35
C ILE A 105 -3.09 -3.38 5.63
N VAL A 106 -2.15 -3.51 6.57
CA VAL A 106 -2.32 -4.42 7.70
C VAL A 106 -3.06 -3.72 8.84
N HIS A 107 -4.08 -4.40 9.37
CA HIS A 107 -4.89 -3.84 10.45
C HIS A 107 -4.42 -4.36 11.81
N GLU A 108 -4.05 -5.63 11.85
CA GLU A 108 -3.45 -6.21 13.04
C GLU A 108 -2.25 -7.08 12.68
N PRO A 109 -1.38 -7.32 13.67
CA PRO A 109 -0.19 -8.13 13.46
C PRO A 109 -0.54 -9.45 12.78
N GLN A 110 0.15 -9.74 11.68
CA GLN A 110 -0.06 -10.99 10.96
C GLN A 110 1.26 -11.68 10.64
N PRO A 111 1.71 -12.53 11.55
CA PRO A 111 2.95 -13.29 11.34
C PRO A 111 2.92 -14.03 10.01
N HIS A 112 1.73 -14.40 9.57
CA HIS A 112 1.56 -15.11 8.30
C HIS A 112 2.15 -14.29 7.15
N LEU A 113 1.93 -12.97 7.19
CA LEU A 113 2.40 -12.09 6.14
C LEU A 113 3.70 -11.41 6.51
N ASP A 114 4.00 -11.38 7.81
CA ASP A 114 5.17 -10.70 8.32
C ASP A 114 6.45 -11.30 7.75
N GLY A 115 7.21 -10.49 7.03
CA GLY A 115 8.50 -10.91 6.49
C GLY A 115 8.32 -11.62 5.16
N VAL A 116 7.09 -11.64 4.65
CA VAL A 116 6.78 -12.29 3.39
C VAL A 116 6.77 -11.28 2.24
N HIS A 117 6.02 -10.20 2.43
CA HIS A 117 5.86 -9.20 1.38
C HIS A 117 6.74 -7.98 1.65
N THR A 118 7.08 -7.26 0.59
CA THR A 118 7.94 -6.08 0.70
C THR A 118 7.16 -4.89 1.25
N VAL A 119 7.48 -4.51 2.48
CA VAL A 119 6.88 -3.32 3.09
C VAL A 119 7.54 -2.05 2.59
N PHE A 120 6.74 -1.04 2.30
CA PHE A 120 7.23 0.18 1.68
C PHE A 120 6.70 1.42 2.40
N GLY A 121 5.61 1.24 3.15
CA GLY A 121 4.96 2.36 3.81
C GLY A 121 4.42 1.94 5.18
N GLN A 122 4.08 2.93 6.00
CA GLN A 122 3.51 2.67 7.31
C GLN A 122 2.49 3.73 7.69
N VAL A 123 1.29 3.28 8.07
CA VAL A 123 0.21 4.19 8.44
C VAL A 123 0.49 4.87 9.77
N THR A 124 0.31 6.19 9.82
CA THR A 124 0.64 6.97 11.00
C THR A 124 -0.59 7.65 11.57
N SER A 125 -1.55 7.95 10.70
CA SER A 125 -2.80 8.59 11.11
C SER A 125 -3.96 8.13 10.24
N GLY A 126 -5.12 7.93 10.87
CA GLY A 126 -6.29 7.40 10.18
C GLY A 126 -6.35 5.88 10.32
N MET A 127 -5.52 5.34 11.20
CA MET A 127 -5.53 3.91 11.48
C MET A 127 -6.94 3.39 11.69
N ASP A 128 -7.76 4.18 12.39
CA ASP A 128 -9.15 3.83 12.62
C ASP A 128 -9.89 3.62 11.31
N VAL A 129 -9.75 4.57 10.39
CA VAL A 129 -10.37 4.47 9.08
C VAL A 129 -9.88 3.24 8.32
N VAL A 130 -8.58 2.97 8.43
CA VAL A 130 -7.97 1.82 7.78
C VAL A 130 -8.58 0.52 8.29
N ARG A 131 -8.64 0.37 9.61
CA ARG A 131 -9.09 -0.86 10.23
C ARG A 131 -10.58 -1.10 9.97
N THR A 132 -11.34 -0.02 9.97
CA THR A 132 -12.78 -0.09 9.73
C THR A 132 -13.10 0.14 8.26
N MET A 133 -12.11 -0.03 7.40
CA MET A 133 -12.30 0.12 5.96
C MET A 133 -13.40 -0.81 5.45
N LYS A 134 -14.21 -0.31 4.53
CA LYS A 134 -15.27 -1.12 3.92
C LYS A 134 -14.78 -1.81 2.66
N ASN A 135 -15.35 -2.97 2.37
CA ASN A 135 -14.94 -3.76 1.20
C ASN A 135 -15.27 -3.03 -0.10
N GLY A 136 -14.27 -2.90 -0.96
CA GLY A 136 -14.44 -2.21 -2.23
C GLY A 136 -14.24 -0.71 -2.07
N ASP A 137 -13.64 -0.31 -0.95
CA ASP A 137 -13.32 1.09 -0.71
C ASP A 137 -12.73 1.74 -1.95
N VAL A 138 -13.25 2.91 -2.31
CA VAL A 138 -12.81 3.62 -3.50
C VAL A 138 -12.01 4.86 -3.13
N MET A 139 -10.82 4.99 -3.69
CA MET A 139 -9.99 6.17 -3.48
C MET A 139 -10.54 7.38 -4.23
N LYS A 140 -10.37 8.56 -3.65
CA LYS A 140 -10.80 9.79 -4.29
C LYS A 140 -9.61 10.57 -4.85
N GLU A 141 -8.56 10.69 -4.06
CA GLU A 141 -7.36 11.41 -4.47
C GLU A 141 -6.16 11.00 -3.65
N VAL A 142 -5.06 10.68 -4.33
CA VAL A 142 -3.86 10.17 -3.68
C VAL A 142 -2.65 11.05 -3.98
N LYS A 143 -1.94 11.45 -2.94
CA LYS A 143 -0.78 12.32 -3.09
C LYS A 143 0.46 11.72 -2.44
N VAL A 144 1.63 12.07 -2.96
CA VAL A 144 2.89 11.73 -2.30
C VAL A 144 3.73 12.97 -2.05
N PHE A 145 4.59 12.90 -1.05
CA PHE A 145 5.30 14.08 -0.57
C PHE A 145 6.79 13.80 -0.38
N ASP A 146 7.62 14.62 -1.00
CA ASP A 146 9.07 14.53 -0.83
C ASP A 146 9.56 15.53 0.22
N GLU A 147 9.97 15.00 1.38
CA GLU A 147 10.38 15.84 2.49
C GLU A 147 11.89 16.02 2.53
N PRO A 148 12.33 17.15 3.07
CA PRO A 148 13.76 17.46 3.12
C PRO A 148 14.44 16.71 4.26
N MET A 3 15.82 10.66 0.65
CA MET A 3 15.44 10.52 2.05
C MET A 3 14.04 9.94 2.19
N ALA A 4 13.51 9.96 3.40
CA ALA A 4 12.18 9.44 3.68
C ALA A 4 11.11 10.26 2.97
N LYS A 5 9.97 9.64 2.70
CA LYS A 5 8.88 10.30 2.01
C LYS A 5 7.56 10.12 2.75
N LYS A 6 6.52 10.78 2.28
CA LYS A 6 5.17 10.61 2.83
C LYS A 6 4.13 10.57 1.72
N GLY A 7 2.94 10.09 2.05
CA GLY A 7 1.83 10.07 1.11
C GLY A 7 0.49 10.21 1.82
N TYR A 8 -0.54 10.53 1.05
CA TYR A 8 -1.88 10.75 1.61
C TYR A 8 -2.96 10.21 0.69
N ILE A 9 -3.86 9.41 1.25
CA ILE A 9 -5.03 8.92 0.52
C ILE A 9 -6.32 9.48 1.10
N LEU A 10 -7.02 10.29 0.30
CA LEU A 10 -8.39 10.67 0.61
C LEU A 10 -9.39 9.70 0.01
N MET A 11 -10.23 9.13 0.86
CA MET A 11 -11.23 8.16 0.42
C MET A 11 -12.54 8.83 0.02
N GLU A 12 -13.31 8.18 -0.83
CA GLU A 12 -14.60 8.69 -1.27
C GLU A 12 -15.54 8.91 -0.08
N ASN A 13 -15.31 8.15 0.99
CA ASN A 13 -16.15 8.23 2.17
C ASN A 13 -15.65 9.31 3.12
N GLY A 14 -14.64 10.05 2.69
CA GLY A 14 -14.10 11.15 3.49
C GLY A 14 -12.99 10.68 4.41
N GLY A 15 -12.57 9.43 4.23
CA GLY A 15 -11.50 8.86 5.04
C GLY A 15 -10.18 9.58 4.79
N LYS A 16 -9.45 9.87 5.87
CA LYS A 16 -8.20 10.60 5.76
C LYS A 16 -7.02 9.74 6.19
N ILE A 17 -6.36 9.14 5.21
CA ILE A 17 -5.26 8.21 5.48
C ILE A 17 -3.91 8.86 5.18
N GLU A 18 -3.12 9.07 6.23
CA GLU A 18 -1.78 9.63 6.09
C GLU A 18 -0.72 8.63 6.53
N PHE A 19 0.28 8.43 5.68
CA PHE A 19 1.27 7.39 5.90
C PHE A 19 2.66 7.86 5.50
N GLU A 20 3.68 7.19 6.04
CA GLU A 20 5.07 7.45 5.65
C GLU A 20 5.56 6.41 4.67
N LEU A 21 6.61 6.76 3.92
CA LEU A 21 7.23 5.84 2.98
C LEU A 21 8.72 5.71 3.23
N PHE A 22 9.23 4.49 3.12
CA PHE A 22 10.59 4.19 3.56
C PHE A 22 11.43 3.63 2.41
N PRO A 23 11.94 4.54 1.57
CA PRO A 23 12.78 4.14 0.45
C PRO A 23 14.16 3.68 0.93
N ASN A 24 14.42 3.85 2.22
CA ASN A 24 15.65 3.35 2.82
C ASN A 24 15.67 1.83 2.85
N GLU A 25 14.49 1.22 2.94
CA GLU A 25 14.37 -0.23 2.99
C GLU A 25 13.74 -0.78 1.72
N ALA A 26 12.92 0.04 1.07
CA ALA A 26 12.34 -0.33 -0.21
C ALA A 26 12.43 0.82 -1.21
N PRO A 27 13.65 1.06 -1.70
CA PRO A 27 13.90 2.19 -2.59
C PRO A 27 13.21 1.99 -3.93
N VAL A 28 12.95 0.74 -4.28
CA VAL A 28 12.33 0.41 -5.57
C VAL A 28 10.82 0.49 -5.47
N THR A 29 10.26 -0.15 -4.45
CA THR A 29 8.81 -0.19 -4.27
C THR A 29 8.23 1.19 -4.03
N VAL A 30 8.89 1.95 -3.17
CA VAL A 30 8.45 3.30 -2.85
C VAL A 30 8.53 4.21 -4.07
N ALA A 31 9.59 4.04 -4.86
CA ALA A 31 9.77 4.84 -6.07
C ALA A 31 8.62 4.63 -7.05
N ASN A 32 8.30 3.36 -7.31
CA ASN A 32 7.21 3.02 -8.21
C ASN A 32 5.86 3.42 -7.63
N PHE A 33 5.72 3.26 -6.32
CA PHE A 33 4.51 3.66 -5.62
C PHE A 33 4.20 5.13 -5.84
N GLU A 34 5.19 5.98 -5.57
CA GLU A 34 5.04 7.42 -5.75
C GLU A 34 4.73 7.76 -7.21
N LYS A 35 5.53 7.19 -8.12
CA LYS A 35 5.37 7.47 -9.54
C LYS A 35 3.95 7.18 -10.01
N LEU A 36 3.45 6.00 -9.67
CA LEU A 36 2.13 5.57 -10.11
C LEU A 36 1.04 6.40 -9.45
N ALA A 37 1.17 6.63 -8.15
CA ALA A 37 0.18 7.41 -7.41
C ALA A 37 0.03 8.80 -7.99
N ASN A 38 1.14 9.43 -8.31
CA ASN A 38 1.14 10.80 -8.81
C ASN A 38 0.85 10.84 -10.30
N GLU A 39 0.67 9.67 -10.90
CA GLU A 39 0.25 9.57 -12.29
C GLU A 39 -1.24 9.22 -12.39
N GLY A 40 -1.86 8.97 -11.25
CA GLY A 40 -3.30 8.76 -11.19
C GLY A 40 -3.65 7.28 -11.35
N PHE A 41 -2.65 6.42 -11.16
CA PHE A 41 -2.86 4.98 -11.21
C PHE A 41 -3.46 4.46 -9.91
N TYR A 42 -3.07 5.06 -8.80
CA TYR A 42 -3.59 4.68 -7.49
C TYR A 42 -4.73 5.60 -7.08
N ASN A 43 -4.92 6.68 -7.83
CA ASN A 43 -5.99 7.63 -7.54
C ASN A 43 -7.34 7.11 -8.00
N GLY A 44 -7.94 6.23 -7.20
CA GLY A 44 -9.28 5.74 -7.48
C GLY A 44 -9.33 4.21 -7.46
N LEU A 45 -8.45 3.60 -6.65
CA LEU A 45 -8.45 2.16 -6.47
C LEU A 45 -9.65 1.71 -5.66
N THR A 46 -10.06 0.47 -5.86
CA THR A 46 -11.20 -0.10 -5.14
C THR A 46 -10.76 -1.28 -4.29
N PHE A 47 -10.97 -1.18 -2.98
CA PHE A 47 -10.59 -2.23 -2.05
C PHE A 47 -11.53 -3.43 -2.16
N HIS A 48 -11.09 -4.47 -2.86
CA HIS A 48 -11.94 -5.62 -3.13
C HIS A 48 -11.82 -6.67 -2.03
N ARG A 49 -10.82 -6.50 -1.17
CA ARG A 49 -10.58 -7.46 -0.09
C ARG A 49 -10.28 -6.73 1.21
N VAL A 50 -11.33 -6.40 1.96
CA VAL A 50 -11.18 -5.81 3.28
C VAL A 50 -11.59 -6.80 4.37
N ILE A 51 -10.61 -7.27 5.14
CA ILE A 51 -10.86 -8.22 6.21
C ILE A 51 -10.41 -7.66 7.55
N PRO A 52 -11.38 -7.27 8.38
CA PRO A 52 -11.09 -6.78 9.72
C PRO A 52 -10.24 -7.78 10.50
N GLY A 53 -9.14 -7.31 11.07
CA GLY A 53 -8.25 -8.17 11.84
C GLY A 53 -7.06 -8.61 11.00
N PHE A 54 -7.23 -8.60 9.69
CA PHE A 54 -6.16 -8.97 8.78
C PHE A 54 -5.61 -7.76 8.04
N VAL A 55 -6.01 -7.60 6.79
CA VAL A 55 -5.50 -6.52 5.94
C VAL A 55 -6.61 -5.91 5.10
N SER A 56 -6.38 -4.70 4.61
CA SER A 56 -7.19 -4.13 3.54
C SER A 56 -6.39 -4.02 2.24
N GLN A 57 -6.80 -4.79 1.24
CA GLN A 57 -6.07 -4.85 -0.02
C GLN A 57 -6.78 -4.05 -1.11
N GLY A 58 -6.05 -3.13 -1.74
CA GLY A 58 -6.63 -2.25 -2.73
C GLY A 58 -6.87 -2.98 -4.06
N GLY A 59 -7.37 -2.25 -5.05
CA GLY A 59 -7.66 -2.83 -6.36
C GLY A 59 -6.48 -2.65 -7.31
N CYS A 60 -6.71 -2.98 -8.57
CA CYS A 60 -5.68 -2.79 -9.61
C CYS A 60 -5.90 -1.49 -10.38
N PRO A 61 -4.81 -0.79 -10.65
CA PRO A 61 -4.88 0.45 -11.41
C PRO A 61 -5.60 0.25 -12.74
N ARG A 62 -5.52 -0.96 -13.28
CA ARG A 62 -6.09 -1.26 -14.58
C ARG A 62 -7.52 -1.76 -14.45
N GLY A 63 -8.04 -1.72 -13.23
CA GLY A 63 -9.45 -2.04 -12.99
C GLY A 63 -9.70 -3.53 -13.06
N ASN A 64 -8.64 -4.32 -12.90
CA ASN A 64 -8.75 -5.77 -12.97
C ASN A 64 -9.10 -6.36 -11.62
N GLY A 65 -8.68 -5.69 -10.54
CA GLY A 65 -8.89 -6.19 -9.20
C GLY A 65 -7.68 -6.98 -8.70
N THR A 66 -6.78 -7.30 -9.62
CA THR A 66 -5.58 -8.06 -9.28
C THR A 66 -4.33 -7.39 -9.83
N GLY A 67 -3.32 -7.23 -8.98
CA GLY A 67 -2.07 -6.59 -9.37
C GLY A 67 -1.65 -7.01 -10.77
N ASP A 68 -1.60 -6.07 -11.69
CA ASP A 68 -1.18 -6.35 -13.06
C ASP A 68 -0.10 -5.39 -13.52
N ALA A 69 1.03 -5.40 -12.82
CA ALA A 69 2.13 -4.49 -13.12
C ALA A 69 2.82 -4.87 -14.42
N GLY A 70 3.44 -3.88 -15.06
CA GLY A 70 4.28 -4.14 -16.22
C GLY A 70 5.76 -4.02 -15.86
N TYR A 71 6.12 -4.54 -14.69
CA TYR A 71 7.50 -4.45 -14.21
C TYR A 71 7.77 -5.50 -13.14
N THR A 72 9.02 -5.56 -12.69
CA THR A 72 9.43 -6.56 -11.70
C THR A 72 10.18 -5.91 -10.54
N ILE A 73 9.73 -6.20 -9.33
CA ILE A 73 10.43 -5.74 -8.12
C ILE A 73 10.83 -6.92 -7.24
N PRO A 74 12.13 -7.04 -6.99
CA PRO A 74 12.64 -8.11 -6.15
C PRO A 74 12.28 -7.89 -4.68
N CYS A 75 12.02 -8.97 -3.96
CA CYS A 75 11.63 -8.89 -2.56
C CYS A 75 12.78 -8.39 -1.69
N GLU A 76 12.52 -7.35 -0.92
CA GLU A 76 13.55 -6.74 -0.08
C GLU A 76 13.82 -7.58 1.16
N THR A 77 15.00 -8.20 1.20
CA THR A 77 15.38 -9.06 2.32
C THR A 77 16.74 -8.67 2.88
N ASP A 78 17.44 -7.79 2.16
CA ASP A 78 18.77 -7.38 2.55
C ASP A 78 18.75 -6.06 3.30
N ASN A 79 17.56 -5.47 3.43
CA ASN A 79 17.40 -4.20 4.11
C ASN A 79 16.68 -4.37 5.44
N ASN A 80 16.26 -3.26 6.04
CA ASN A 80 15.56 -3.28 7.32
C ASN A 80 14.41 -4.28 7.28
N PRO A 81 14.20 -4.96 8.41
CA PRO A 81 13.14 -5.96 8.51
C PRO A 81 11.81 -5.39 8.05
N HIS A 82 11.05 -6.19 7.32
CA HIS A 82 9.74 -5.78 6.81
C HIS A 82 8.61 -6.51 7.52
N ARG A 83 8.31 -6.07 8.74
CA ARG A 83 7.26 -6.71 9.53
C ARG A 83 5.89 -6.20 9.14
N HIS A 84 4.91 -7.11 9.10
CA HIS A 84 3.55 -6.75 8.72
C HIS A 84 2.67 -6.58 9.96
N VAL A 85 2.78 -5.43 10.60
CA VAL A 85 2.05 -5.16 11.84
C VAL A 85 1.07 -4.01 11.66
N THR A 86 0.35 -3.69 12.74
CA THR A 86 -0.65 -2.64 12.71
C THR A 86 -0.08 -1.36 12.09
N GLY A 87 -0.58 -1.01 10.90
CA GLY A 87 -0.21 0.23 10.25
C GLY A 87 0.67 -0.02 9.04
N ALA A 88 1.45 -1.09 9.09
CA ALA A 88 2.40 -1.40 8.03
C ALA A 88 1.69 -1.59 6.69
N MET A 89 2.30 -1.05 5.64
CA MET A 89 1.72 -1.16 4.30
C MET A 89 2.69 -1.84 3.33
N SER A 90 2.23 -2.90 2.69
CA SER A 90 3.11 -3.80 1.96
C SER A 90 2.63 -3.99 0.53
N MET A 91 3.58 -4.11 -0.39
CA MET A 91 3.26 -4.36 -1.80
C MET A 91 3.18 -5.84 -2.10
N ALA A 92 2.10 -6.25 -2.74
CA ALA A 92 1.90 -7.66 -3.10
C ALA A 92 2.85 -8.07 -4.22
N HIS A 93 3.36 -9.30 -4.14
CA HIS A 93 4.27 -9.82 -5.15
C HIS A 93 3.56 -10.80 -6.08
N ARG A 94 3.55 -10.48 -7.36
CA ARG A 94 2.98 -11.37 -8.37
C ARG A 94 3.96 -12.48 -8.74
N GLY A 95 4.21 -13.37 -7.79
CA GLY A 95 5.19 -14.43 -7.98
C GLY A 95 6.51 -14.10 -7.27
N ARG A 96 7.47 -15.00 -7.38
CA ARG A 96 8.76 -14.84 -6.72
C ARG A 96 9.47 -13.57 -7.19
N ASP A 97 9.75 -12.67 -6.25
CA ASP A 97 10.54 -11.47 -6.54
C ASP A 97 9.95 -10.70 -7.71
N THR A 98 8.63 -10.50 -7.68
CA THR A 98 7.95 -9.76 -8.73
C THR A 98 6.85 -8.88 -8.15
N GLY A 99 7.24 -7.79 -7.49
CA GLY A 99 6.29 -6.85 -6.90
C GLY A 99 5.35 -6.30 -7.96
N SER A 100 4.07 -6.21 -7.63
CA SER A 100 3.07 -5.71 -8.56
C SER A 100 2.76 -4.24 -8.29
N CYS A 101 1.62 -3.78 -8.79
CA CYS A 101 1.11 -2.46 -8.46
C CYS A 101 0.14 -2.51 -7.28
N GLN A 102 -0.28 -3.73 -6.92
CA GLN A 102 -1.31 -3.91 -5.92
C GLN A 102 -0.72 -4.03 -4.52
N PHE A 103 -1.27 -3.26 -3.58
CA PHE A 103 -0.74 -3.22 -2.22
C PHE A 103 -1.86 -3.29 -1.19
N PHE A 104 -1.49 -3.49 0.06
CA PHE A 104 -2.47 -3.64 1.14
C PHE A 104 -1.95 -3.05 2.44
N ILE A 105 -2.86 -2.61 3.29
CA ILE A 105 -2.51 -2.06 4.60
C ILE A 105 -2.90 -3.00 5.72
N VAL A 106 -1.98 -3.24 6.64
CA VAL A 106 -2.15 -4.27 7.66
C VAL A 106 -2.87 -3.73 8.88
N HIS A 107 -3.91 -4.45 9.31
CA HIS A 107 -4.65 -4.08 10.51
C HIS A 107 -3.93 -4.57 11.76
N GLU A 108 -3.54 -5.84 11.76
CA GLU A 108 -2.86 -6.44 12.90
C GLU A 108 -1.68 -7.30 12.45
N PRO A 109 -0.75 -7.54 13.36
CA PRO A 109 0.42 -8.35 13.06
C PRO A 109 0.03 -9.65 12.37
N GLN A 110 0.61 -9.89 11.20
CA GLN A 110 0.39 -11.14 10.48
C GLN A 110 1.69 -11.91 10.27
N PRO A 111 1.96 -12.84 11.18
CA PRO A 111 3.18 -13.63 11.13
C PRO A 111 3.30 -14.35 9.78
N HIS A 112 2.17 -14.68 9.18
CA HIS A 112 2.15 -15.47 7.95
C HIS A 112 2.44 -14.62 6.74
N LEU A 113 2.45 -13.30 6.94
CA LEU A 113 2.82 -12.36 5.89
C LEU A 113 4.25 -11.87 6.07
N ASP A 114 4.75 -11.97 7.29
CA ASP A 114 6.13 -11.55 7.60
C ASP A 114 7.13 -12.34 6.78
N GLY A 115 7.72 -11.67 5.78
CA GLY A 115 8.75 -12.29 4.96
C GLY A 115 8.20 -12.74 3.61
N VAL A 116 6.89 -12.60 3.45
CA VAL A 116 6.23 -13.00 2.21
C VAL A 116 6.19 -11.84 1.21
N HIS A 117 5.79 -10.67 1.70
CA HIS A 117 5.73 -9.48 0.86
C HIS A 117 6.68 -8.39 1.38
N THR A 118 6.76 -7.28 0.66
CA THR A 118 7.68 -6.22 1.00
C THR A 118 6.95 -5.00 1.55
N VAL A 119 7.16 -4.72 2.83
CA VAL A 119 6.67 -3.50 3.45
C VAL A 119 7.46 -2.28 3.00
N PHE A 120 6.76 -1.26 2.52
CA PHE A 120 7.40 -0.11 1.91
C PHE A 120 6.90 1.19 2.52
N GLY A 121 5.77 1.11 3.23
CA GLY A 121 5.18 2.27 3.88
C GLY A 121 4.53 1.89 5.20
N GLN A 122 4.00 2.89 5.90
CA GLN A 122 3.30 2.66 7.16
C GLN A 122 2.34 3.79 7.49
N VAL A 123 1.08 3.45 7.69
CA VAL A 123 0.08 4.44 8.08
C VAL A 123 0.34 4.98 9.48
N THR A 124 0.33 6.31 9.60
CA THR A 124 0.60 6.95 10.88
C THR A 124 -0.63 7.67 11.41
N SER A 125 -1.57 7.96 10.51
CA SER A 125 -2.85 8.54 10.89
C SER A 125 -3.97 8.07 9.98
N GLY A 126 -5.12 7.78 10.56
CA GLY A 126 -6.25 7.23 9.81
C GLY A 126 -6.24 5.71 9.85
N MET A 127 -5.52 5.15 10.82
CA MET A 127 -5.55 3.72 11.07
C MET A 127 -6.98 3.21 11.27
N ASP A 128 -7.77 3.98 12.01
CA ASP A 128 -9.18 3.69 12.19
C ASP A 128 -9.90 3.61 10.85
N VAL A 129 -9.70 4.62 10.02
CA VAL A 129 -10.31 4.65 8.70
C VAL A 129 -10.03 3.37 7.93
N VAL A 130 -8.77 2.96 7.90
CA VAL A 130 -8.37 1.75 7.19
C VAL A 130 -9.10 0.53 7.72
N ARG A 131 -9.13 0.39 9.05
CA ARG A 131 -9.73 -0.76 9.68
C ARG A 131 -11.25 -0.75 9.53
N THR A 132 -11.80 0.43 9.24
CA THR A 132 -13.24 0.58 9.07
C THR A 132 -13.62 0.67 7.60
N MET A 133 -12.70 0.26 6.73
CA MET A 133 -12.98 0.16 5.30
C MET A 133 -14.07 -0.86 5.01
N LYS A 134 -14.69 -0.74 3.85
CA LYS A 134 -15.72 -1.68 3.43
C LYS A 134 -15.37 -2.32 2.09
N ASN A 135 -15.99 -3.47 1.81
CA ASN A 135 -15.79 -4.15 0.53
C ASN A 135 -16.33 -3.32 -0.63
N GLY A 136 -15.42 -2.80 -1.44
CA GLY A 136 -15.80 -1.96 -2.57
C GLY A 136 -15.54 -0.48 -2.27
N ASP A 137 -14.85 -0.22 -1.16
CA ASP A 137 -14.47 1.14 -0.81
C ASP A 137 -13.51 1.73 -1.84
N VAL A 138 -13.83 2.92 -2.33
CA VAL A 138 -13.11 3.52 -3.44
C VAL A 138 -12.31 4.73 -2.99
N MET A 139 -11.11 4.87 -3.53
CA MET A 139 -10.28 6.05 -3.27
C MET A 139 -10.81 7.27 -4.02
N LYS A 140 -10.51 8.45 -3.49
CA LYS A 140 -10.97 9.70 -4.10
C LYS A 140 -9.81 10.51 -4.64
N GLU A 141 -8.77 10.69 -3.82
CA GLU A 141 -7.63 11.51 -4.19
C GLU A 141 -6.36 11.00 -3.52
N VAL A 142 -5.40 10.56 -4.34
CA VAL A 142 -4.16 10.00 -3.82
C VAL A 142 -2.95 10.78 -4.32
N LYS A 143 -2.16 11.28 -3.39
CA LYS A 143 -0.95 12.04 -3.72
C LYS A 143 0.22 11.64 -2.83
N VAL A 144 1.41 11.60 -3.42
CA VAL A 144 2.62 11.26 -2.68
C VAL A 144 3.67 12.34 -2.80
N PHE A 145 4.32 12.67 -1.69
CA PHE A 145 5.28 13.77 -1.65
C PHE A 145 6.59 13.35 -1.00
N ASP A 146 7.66 14.03 -1.35
CA ASP A 146 8.97 13.78 -0.74
C ASP A 146 9.12 14.55 0.57
N GLU A 147 8.54 14.02 1.64
CA GLU A 147 8.56 14.67 2.93
C GLU A 147 9.32 13.84 3.97
N PRO A 148 10.62 14.08 4.06
CA PRO A 148 11.45 13.36 5.03
C PRO A 148 11.28 13.91 6.43
N MET A 3 16.15 11.13 0.80
CA MET A 3 15.20 11.90 1.59
C MET A 3 13.98 11.06 1.94
N ALA A 4 13.41 11.32 3.13
CA ALA A 4 12.20 10.64 3.56
C ALA A 4 10.99 11.08 2.74
N LYS A 5 10.01 10.19 2.61
CA LYS A 5 8.82 10.48 1.82
C LYS A 5 7.55 10.20 2.61
N LYS A 6 6.48 10.91 2.27
CA LYS A 6 5.17 10.64 2.84
C LYS A 6 4.08 10.64 1.78
N GLY A 7 2.87 10.27 2.17
CA GLY A 7 1.73 10.31 1.26
C GLY A 7 0.41 10.14 2.03
N TYR A 8 -0.70 10.18 1.29
CA TYR A 8 -2.00 9.99 1.89
C TYR A 8 -2.99 9.38 0.90
N ILE A 9 -3.92 8.58 1.40
CA ILE A 9 -5.03 8.10 0.59
C ILE A 9 -6.35 8.74 1.01
N LEU A 10 -6.82 9.70 0.22
CA LEU A 10 -8.12 10.31 0.44
C LEU A 10 -9.24 9.44 -0.12
N MET A 11 -10.14 9.02 0.76
CA MET A 11 -11.23 8.13 0.37
C MET A 11 -12.46 8.92 -0.08
N GLU A 12 -13.17 8.39 -1.07
CA GLU A 12 -14.33 9.07 -1.63
C GLU A 12 -15.42 9.26 -0.58
N ASN A 13 -15.44 8.37 0.41
CA ASN A 13 -16.48 8.39 1.44
C ASN A 13 -16.05 9.24 2.63
N GLY A 14 -15.05 10.09 2.42
CA GLY A 14 -14.73 11.13 3.38
C GLY A 14 -13.55 10.72 4.28
N GLY A 15 -13.11 9.47 4.10
CA GLY A 15 -11.97 8.96 4.85
C GLY A 15 -10.67 9.57 4.35
N LYS A 16 -9.61 9.41 5.13
CA LYS A 16 -8.28 9.89 4.73
C LYS A 16 -7.19 9.20 5.55
N ILE A 17 -6.42 8.33 4.89
CA ILE A 17 -5.36 7.59 5.56
C ILE A 17 -4.00 8.20 5.27
N GLU A 18 -3.36 8.73 6.30
CA GLU A 18 -2.05 9.35 6.17
C GLU A 18 -0.94 8.39 6.58
N PHE A 19 0.07 8.27 5.74
CA PHE A 19 1.12 7.26 5.93
C PHE A 19 2.49 7.81 5.59
N GLU A 20 3.53 7.17 6.11
CA GLU A 20 4.90 7.50 5.73
C GLU A 20 5.49 6.44 4.81
N LEU A 21 6.54 6.81 4.09
CA LEU A 21 7.23 5.88 3.19
C LEU A 21 8.69 5.69 3.62
N PHE A 22 9.25 4.54 3.26
CA PHE A 22 10.61 4.19 3.68
C PHE A 22 11.44 3.73 2.50
N PRO A 23 11.98 4.69 1.76
CA PRO A 23 12.81 4.38 0.59
C PRO A 23 13.96 3.45 0.96
N ASN A 24 14.46 3.58 2.18
CA ASN A 24 15.56 2.75 2.65
C ASN A 24 15.10 1.31 2.85
N GLU A 25 13.85 1.13 3.21
CA GLU A 25 13.30 -0.21 3.44
C GLU A 25 12.97 -0.89 2.12
N ALA A 26 12.42 -0.13 1.18
CA ALA A 26 12.09 -0.66 -0.13
C ALA A 26 12.25 0.41 -1.21
N PRO A 27 13.48 0.56 -1.70
CA PRO A 27 13.80 1.64 -2.63
C PRO A 27 12.87 1.62 -3.84
N VAL A 28 12.87 0.52 -4.58
CA VAL A 28 12.19 0.44 -5.85
C VAL A 28 10.67 0.47 -5.67
N THR A 29 10.20 -0.27 -4.67
CA THR A 29 8.76 -0.34 -4.39
C THR A 29 8.19 1.03 -4.09
N VAL A 30 8.86 1.77 -3.21
CA VAL A 30 8.45 3.13 -2.86
C VAL A 30 8.45 4.02 -4.10
N ALA A 31 9.52 3.94 -4.88
CA ALA A 31 9.64 4.75 -6.09
C ALA A 31 8.46 4.52 -7.02
N ASN A 32 8.16 3.26 -7.30
CA ASN A 32 7.09 2.91 -8.21
C ASN A 32 5.74 3.35 -7.68
N PHE A 33 5.50 3.11 -6.39
CA PHE A 33 4.26 3.52 -5.76
C PHE A 33 4.05 5.02 -5.90
N GLU A 34 5.09 5.80 -5.63
CA GLU A 34 5.03 7.25 -5.77
C GLU A 34 4.73 7.66 -7.19
N LYS A 35 5.44 7.06 -8.14
CA LYS A 35 5.29 7.41 -9.55
C LYS A 35 3.86 7.17 -10.02
N LEU A 36 3.27 6.05 -9.60
CA LEU A 36 1.90 5.72 -9.95
C LEU A 36 0.92 6.70 -9.32
N ALA A 37 1.05 6.91 -8.02
CA ALA A 37 0.14 7.77 -7.28
C ALA A 37 0.11 9.17 -7.87
N ASN A 38 1.28 9.71 -8.16
CA ASN A 38 1.41 11.09 -8.62
C ASN A 38 1.09 11.20 -10.11
N GLU A 39 0.83 10.07 -10.75
CA GLU A 39 0.34 10.05 -12.12
C GLU A 39 -1.17 9.82 -12.14
N GLY A 40 -1.78 9.78 -10.97
CA GLY A 40 -3.24 9.65 -10.86
C GLY A 40 -3.67 8.21 -11.13
N PHE A 41 -2.74 7.29 -10.99
CA PHE A 41 -3.03 5.86 -11.20
C PHE A 41 -3.90 5.32 -10.08
N TYR A 42 -3.43 5.47 -8.84
CA TYR A 42 -4.15 4.95 -7.68
C TYR A 42 -5.44 5.73 -7.45
N ASN A 43 -5.49 6.97 -7.92
CA ASN A 43 -6.71 7.75 -7.92
C ASN A 43 -7.79 7.08 -8.75
N GLY A 44 -8.82 6.57 -8.08
CA GLY A 44 -9.96 5.95 -8.76
C GLY A 44 -9.96 4.44 -8.57
N LEU A 45 -8.90 3.93 -7.94
CA LEU A 45 -8.82 2.50 -7.62
C LEU A 45 -9.41 2.20 -6.26
N THR A 46 -9.77 0.94 -6.04
CA THR A 46 -10.53 0.56 -4.87
C THR A 46 -9.77 -0.45 -4.01
N PHE A 47 -10.24 -0.65 -2.78
CA PHE A 47 -9.77 -1.76 -1.96
C PHE A 47 -10.64 -2.99 -2.13
N HIS A 48 -10.16 -3.93 -2.95
CA HIS A 48 -11.00 -5.04 -3.40
C HIS A 48 -11.10 -6.12 -2.34
N ARG A 49 -10.22 -6.07 -1.36
CA ARG A 49 -10.24 -7.01 -0.25
C ARG A 49 -10.01 -6.32 1.08
N VAL A 50 -11.06 -5.70 1.61
CA VAL A 50 -10.98 -5.04 2.92
C VAL A 50 -11.22 -6.02 4.05
N ILE A 51 -10.28 -6.10 4.98
CA ILE A 51 -10.38 -7.02 6.10
C ILE A 51 -10.11 -6.31 7.42
N PRO A 52 -11.15 -5.75 8.02
CA PRO A 52 -11.02 -5.01 9.27
C PRO A 52 -10.50 -5.90 10.39
N GLY A 53 -9.57 -5.37 11.17
CA GLY A 53 -9.05 -6.09 12.33
C GLY A 53 -7.85 -6.96 11.95
N PHE A 54 -7.54 -7.00 10.66
CA PHE A 54 -6.41 -7.77 10.17
C PHE A 54 -5.58 -6.96 9.17
N VAL A 55 -5.63 -7.38 7.91
CA VAL A 55 -4.89 -6.69 6.85
C VAL A 55 -5.74 -6.54 5.60
N SER A 56 -5.91 -5.29 5.16
CA SER A 56 -6.70 -5.00 3.97
C SER A 56 -5.81 -4.90 2.73
N GLN A 57 -6.38 -5.16 1.57
CA GLN A 57 -5.64 -5.12 0.32
C GLN A 57 -6.41 -4.37 -0.76
N GLY A 58 -5.71 -3.53 -1.52
CA GLY A 58 -6.34 -2.70 -2.54
C GLY A 58 -5.35 -2.34 -3.64
N GLY A 59 -5.80 -1.51 -4.58
CA GLY A 59 -4.96 -1.07 -5.69
C GLY A 59 -5.47 -1.62 -7.01
N CYS A 60 -6.77 -1.95 -7.06
CA CYS A 60 -7.36 -2.56 -8.24
C CYS A 60 -8.48 -1.69 -8.80
N PRO A 61 -8.46 -1.49 -10.11
CA PRO A 61 -9.49 -0.72 -10.79
C PRO A 61 -10.88 -1.29 -10.51
N ARG A 62 -11.60 -0.67 -9.59
CA ARG A 62 -12.94 -1.12 -9.23
C ARG A 62 -12.94 -2.60 -8.86
N GLY A 63 -11.82 -3.08 -8.33
CA GLY A 63 -11.69 -4.47 -7.92
C GLY A 63 -11.78 -5.40 -9.11
N ASN A 64 -11.28 -4.94 -10.26
CA ASN A 64 -11.23 -5.77 -11.46
C ASN A 64 -9.96 -6.60 -11.51
N GLY A 65 -9.01 -6.26 -10.64
CA GLY A 65 -7.78 -7.03 -10.52
C GLY A 65 -6.73 -6.59 -11.52
N THR A 66 -7.07 -6.72 -12.81
CA THR A 66 -6.13 -6.39 -13.88
C THR A 66 -5.89 -4.89 -13.97
N GLY A 67 -4.97 -4.40 -13.16
CA GLY A 67 -4.51 -3.01 -13.25
C GLY A 67 -3.48 -2.85 -14.35
N ASP A 68 -3.03 -1.62 -14.56
CA ASP A 68 -2.03 -1.33 -15.59
C ASP A 68 -0.88 -0.50 -15.02
N ALA A 69 -0.20 -1.06 -14.03
CA ALA A 69 0.91 -0.35 -13.39
C ALA A 69 2.03 -0.09 -14.37
N GLY A 70 2.38 -1.11 -15.16
CA GLY A 70 3.49 -1.01 -16.10
C GLY A 70 4.82 -1.33 -15.43
N TYR A 71 4.75 -1.81 -14.18
CA TYR A 71 5.94 -2.15 -13.42
C TYR A 71 5.94 -3.61 -13.00
N THR A 72 7.09 -4.26 -13.13
CA THR A 72 7.24 -5.63 -12.66
C THR A 72 8.60 -5.84 -12.02
N ILE A 73 8.60 -6.00 -10.70
CA ILE A 73 9.84 -6.01 -9.92
C ILE A 73 9.89 -7.21 -8.99
N PRO A 74 11.09 -7.56 -8.56
CA PRO A 74 11.28 -8.65 -7.60
C PRO A 74 10.98 -8.19 -6.18
N CYS A 75 10.66 -9.13 -5.31
CA CYS A 75 10.46 -8.84 -3.89
C CYS A 75 11.73 -8.30 -3.25
N GLU A 76 11.72 -7.02 -2.91
CA GLU A 76 12.85 -6.40 -2.23
C GLU A 76 12.97 -6.90 -0.80
N THR A 77 14.20 -7.13 -0.37
CA THR A 77 14.46 -7.58 1.00
C THR A 77 15.39 -6.60 1.73
N ASP A 78 16.01 -5.70 0.98
CA ASP A 78 16.92 -4.73 1.55
C ASP A 78 16.33 -3.32 1.51
N ASN A 79 16.73 -2.50 2.48
CA ASN A 79 17.75 -2.87 3.44
C ASN A 79 17.13 -3.34 4.76
N ASN A 80 15.92 -2.90 5.01
CA ASN A 80 15.28 -3.13 6.31
C ASN A 80 14.31 -4.30 6.25
N PRO A 81 14.15 -4.98 7.38
CA PRO A 81 13.21 -6.09 7.47
C PRO A 81 11.80 -5.67 7.06
N HIS A 82 11.00 -6.64 6.63
CA HIS A 82 9.66 -6.35 6.14
C HIS A 82 8.60 -7.05 6.97
N ARG A 83 8.46 -6.63 8.22
CA ARG A 83 7.41 -7.15 9.09
C ARG A 83 6.12 -6.38 8.93
N HIS A 84 4.99 -7.06 9.09
CA HIS A 84 3.68 -6.44 8.92
C HIS A 84 3.08 -6.05 10.27
N VAL A 85 3.58 -4.96 10.85
CA VAL A 85 3.11 -4.49 12.15
C VAL A 85 1.97 -3.49 11.98
N THR A 86 1.52 -2.93 13.09
CA THR A 86 0.39 -2.02 13.08
C THR A 86 0.58 -0.90 12.07
N GLY A 87 -0.23 -0.92 11.01
CA GLY A 87 -0.29 0.19 10.07
C GLY A 87 0.59 -0.07 8.85
N ALA A 88 1.40 -1.12 8.92
CA ALA A 88 2.39 -1.39 7.90
C ALA A 88 1.75 -1.48 6.52
N MET A 89 2.47 -1.02 5.50
CA MET A 89 1.98 -1.09 4.12
C MET A 89 3.01 -1.78 3.22
N SER A 90 2.58 -2.86 2.57
CA SER A 90 3.46 -3.65 1.74
C SER A 90 2.90 -3.83 0.34
N MET A 91 3.73 -4.29 -0.59
CA MET A 91 3.27 -4.62 -1.94
C MET A 91 3.32 -6.12 -2.17
N ALA A 92 2.25 -6.65 -2.76
CA ALA A 92 2.13 -8.09 -2.97
C ALA A 92 3.27 -8.62 -3.83
N HIS A 93 3.94 -9.65 -3.34
CA HIS A 93 4.97 -10.34 -4.12
C HIS A 93 4.83 -11.84 -4.01
N ARG A 94 5.32 -12.56 -5.02
CA ARG A 94 5.33 -14.02 -4.98
C ARG A 94 6.72 -14.55 -5.33
N GLY A 95 7.70 -13.67 -5.39
CA GLY A 95 9.06 -14.05 -5.76
C GLY A 95 9.75 -12.94 -6.55
N ARG A 96 10.36 -13.31 -7.67
CA ARG A 96 11.03 -12.36 -8.54
C ARG A 96 10.15 -11.97 -9.72
N ASP A 97 10.13 -10.68 -10.05
CA ASP A 97 9.29 -10.18 -11.12
C ASP A 97 7.83 -10.49 -10.88
N THR A 98 7.32 -10.07 -9.71
CA THR A 98 5.94 -10.35 -9.32
C THR A 98 5.25 -9.09 -8.81
N GLY A 99 6.02 -8.04 -8.61
CA GLY A 99 5.49 -6.78 -8.11
C GLY A 99 4.53 -6.16 -9.12
N SER A 100 3.61 -5.33 -8.62
CA SER A 100 2.63 -4.66 -9.48
C SER A 100 2.19 -3.34 -8.86
N CYS A 101 0.91 -3.25 -8.51
CA CYS A 101 0.38 -2.08 -7.82
C CYS A 101 -0.50 -2.49 -6.65
N GLN A 102 -0.69 -3.78 -6.48
CA GLN A 102 -1.50 -4.31 -5.38
C GLN A 102 -0.76 -4.20 -4.05
N PHE A 103 -1.35 -3.47 -3.11
CA PHE A 103 -0.68 -3.17 -1.85
C PHE A 103 -1.58 -3.45 -0.66
N PHE A 104 -1.00 -3.50 0.53
CA PHE A 104 -1.73 -3.82 1.74
C PHE A 104 -1.77 -2.64 2.71
N ILE A 105 -2.80 -2.58 3.54
CA ILE A 105 -2.78 -1.75 4.73
C ILE A 105 -3.09 -2.57 5.98
N VAL A 106 -2.09 -2.73 6.85
CA VAL A 106 -2.23 -3.55 8.04
C VAL A 106 -2.95 -2.80 9.15
N HIS A 107 -4.02 -3.39 9.67
CA HIS A 107 -4.72 -2.84 10.81
C HIS A 107 -4.18 -3.41 12.12
N GLU A 108 -4.05 -4.73 12.17
CA GLU A 108 -3.39 -5.38 13.30
C GLU A 108 -2.17 -6.18 12.84
N PRO A 109 -1.16 -6.25 13.69
CA PRO A 109 0.07 -6.95 13.37
C PRO A 109 -0.20 -8.37 12.92
N GLN A 110 0.49 -8.81 11.87
CA GLN A 110 0.31 -10.15 11.33
C GLN A 110 1.65 -10.86 11.17
N PRO A 111 1.99 -11.69 12.14
CA PRO A 111 3.27 -12.40 12.14
C PRO A 111 3.44 -13.23 10.87
N HIS A 112 2.33 -13.74 10.35
CA HIS A 112 2.36 -14.71 9.26
C HIS A 112 2.82 -14.06 7.97
N LEU A 113 2.73 -12.74 7.90
CA LEU A 113 3.09 -11.99 6.71
C LEU A 113 4.48 -11.38 6.82
N ASP A 114 5.09 -11.53 7.99
CA ASP A 114 6.41 -10.97 8.25
C ASP A 114 7.46 -11.59 7.34
N GLY A 115 7.91 -10.81 6.36
CA GLY A 115 8.96 -11.26 5.44
C GLY A 115 8.36 -11.84 4.17
N VAL A 116 7.04 -11.95 4.14
CA VAL A 116 6.35 -12.53 2.99
C VAL A 116 6.25 -11.53 1.84
N HIS A 117 5.85 -10.30 2.17
CA HIS A 117 5.76 -9.25 1.17
C HIS A 117 6.74 -8.11 1.48
N THR A 118 6.88 -7.18 0.54
CA THR A 118 7.82 -6.08 0.69
C THR A 118 7.14 -4.85 1.27
N VAL A 119 7.46 -4.54 2.52
CA VAL A 119 6.93 -3.35 3.17
C VAL A 119 7.65 -2.10 2.69
N PHE A 120 6.86 -1.09 2.29
CA PHE A 120 7.41 0.10 1.65
C PHE A 120 6.96 1.37 2.36
N GLY A 121 5.93 1.24 3.19
CA GLY A 121 5.40 2.37 3.94
C GLY A 121 4.69 1.92 5.20
N GLN A 122 4.10 2.86 5.92
CA GLN A 122 3.34 2.55 7.13
C GLN A 122 2.37 3.67 7.48
N VAL A 123 1.11 3.32 7.67
CA VAL A 123 0.11 4.29 8.11
C VAL A 123 0.42 4.83 9.50
N THR A 124 0.30 6.14 9.66
CA THR A 124 0.61 6.78 10.93
C THR A 124 -0.65 7.43 11.53
N SER A 125 -1.61 7.73 10.66
CA SER A 125 -2.87 8.33 11.11
C SER A 125 -4.00 8.00 10.14
N GLY A 126 -5.18 7.72 10.68
CA GLY A 126 -6.37 7.49 9.86
C GLY A 126 -6.61 6.01 9.64
N MET A 127 -5.82 5.18 10.32
CA MET A 127 -5.97 3.73 10.23
C MET A 127 -7.39 3.31 10.58
N ASP A 128 -8.04 4.08 11.44
CA ASP A 128 -9.42 3.80 11.84
C ASP A 128 -10.32 3.67 10.62
N VAL A 129 -9.99 4.38 9.55
CA VAL A 129 -10.74 4.29 8.31
C VAL A 129 -10.81 2.86 7.82
N VAL A 130 -9.71 2.13 7.97
CA VAL A 130 -9.65 0.74 7.53
C VAL A 130 -10.68 -0.12 8.26
N ARG A 131 -10.80 0.10 9.57
CA ARG A 131 -11.74 -0.66 10.39
C ARG A 131 -13.16 -0.53 9.86
N THR A 132 -13.52 0.67 9.42
CA THR A 132 -14.87 0.94 8.94
C THR A 132 -14.89 1.07 7.42
N MET A 133 -13.81 0.63 6.77
CA MET A 133 -13.68 0.72 5.33
C MET A 133 -14.65 -0.23 4.62
N LYS A 134 -15.32 0.26 3.59
CA LYS A 134 -16.22 -0.56 2.80
C LYS A 134 -15.44 -1.44 1.82
N ASN A 135 -15.88 -2.67 1.64
CA ASN A 135 -15.33 -3.54 0.61
C ASN A 135 -15.51 -2.94 -0.78
N GLY A 136 -14.40 -2.53 -1.37
CA GLY A 136 -14.43 -1.86 -2.68
C GLY A 136 -14.54 -0.35 -2.52
N ASP A 137 -14.19 0.14 -1.33
CA ASP A 137 -14.15 1.58 -1.08
C ASP A 137 -13.21 2.29 -2.04
N VAL A 138 -13.67 3.40 -2.60
CA VAL A 138 -12.94 4.08 -3.66
C VAL A 138 -11.91 5.04 -3.08
N MET A 139 -10.68 4.94 -3.57
CA MET A 139 -9.63 5.91 -3.23
C MET A 139 -9.76 7.16 -4.08
N LYS A 140 -10.33 8.21 -3.49
CA LYS A 140 -10.63 9.43 -4.24
C LYS A 140 -9.36 10.08 -4.76
N GLU A 141 -8.36 10.19 -3.90
CA GLU A 141 -7.11 10.87 -4.24
C GLU A 141 -5.93 10.26 -3.48
N VAL A 142 -5.06 9.57 -4.21
CA VAL A 142 -3.82 9.06 -3.63
C VAL A 142 -2.62 9.84 -4.12
N LYS A 143 -1.93 10.50 -3.18
CA LYS A 143 -0.81 11.36 -3.52
C LYS A 143 0.42 11.04 -2.69
N VAL A 144 1.60 11.24 -3.27
CA VAL A 144 2.85 11.06 -2.55
C VAL A 144 3.78 12.25 -2.74
N PHE A 145 4.49 12.62 -1.67
CA PHE A 145 5.35 13.80 -1.70
C PHE A 145 6.59 13.59 -0.85
N ASP A 146 7.58 14.45 -1.04
CA ASP A 146 8.83 14.37 -0.28
C ASP A 146 8.71 15.12 1.04
N GLU A 147 9.29 14.55 2.09
CA GLU A 147 9.23 15.15 3.42
C GLU A 147 10.33 14.59 4.32
N PRO A 148 11.54 15.12 4.15
CA PRO A 148 12.67 14.71 4.98
C PRO A 148 12.32 14.81 6.47
N MET A 3 14.93 14.70 5.78
CA MET A 3 14.68 14.26 4.41
C MET A 3 14.06 12.87 4.38
N ALA A 4 12.77 12.82 4.06
CA ALA A 4 12.06 11.54 3.96
C ALA A 4 10.88 11.64 3.00
N LYS A 5 10.35 10.48 2.61
CA LYS A 5 9.22 10.43 1.70
C LYS A 5 7.92 10.14 2.46
N LYS A 6 6.87 10.89 2.13
CA LYS A 6 5.56 10.65 2.73
C LYS A 6 4.47 10.71 1.67
N GLY A 7 3.28 10.21 2.01
CA GLY A 7 2.15 10.24 1.11
C GLY A 7 0.83 10.12 1.88
N TYR A 8 -0.28 10.29 1.17
CA TYR A 8 -1.61 10.12 1.76
C TYR A 8 -2.65 9.85 0.69
N ILE A 9 -3.78 9.27 1.11
CA ILE A 9 -4.83 8.88 0.18
C ILE A 9 -6.21 9.09 0.79
N LEU A 10 -7.11 9.69 0.02
CA LEU A 10 -8.45 9.98 0.50
C LEU A 10 -9.48 9.05 -0.11
N MET A 11 -10.44 8.61 0.70
CA MET A 11 -11.52 7.76 0.22
C MET A 11 -12.74 8.57 -0.18
N GLU A 12 -13.61 7.97 -0.98
CA GLU A 12 -14.84 8.63 -1.41
C GLU A 12 -15.82 8.78 -0.26
N ASN A 13 -15.53 8.12 0.85
CA ASN A 13 -16.36 8.24 2.05
C ASN A 13 -15.94 9.44 2.89
N GLY A 14 -14.92 10.16 2.42
CA GLY A 14 -14.48 11.38 3.08
C GLY A 14 -13.36 11.10 4.07
N GLY A 15 -12.93 9.85 4.12
CA GLY A 15 -11.84 9.44 5.00
C GLY A 15 -10.48 9.85 4.44
N LYS A 16 -9.52 10.08 5.32
CA LYS A 16 -8.18 10.46 4.91
C LYS A 16 -7.12 9.60 5.60
N ILE A 17 -6.30 8.92 4.80
CA ILE A 17 -5.26 8.06 5.34
C ILE A 17 -3.87 8.61 5.02
N GLU A 18 -3.12 8.95 6.06
CA GLU A 18 -1.78 9.51 5.88
C GLU A 18 -0.71 8.54 6.35
N PHE A 19 0.29 8.31 5.51
CA PHE A 19 1.28 7.28 5.75
C PHE A 19 2.68 7.77 5.40
N GLU A 20 3.69 7.14 6.00
CA GLU A 20 5.08 7.44 5.68
C GLU A 20 5.69 6.37 4.77
N LEU A 21 6.71 6.75 4.02
CA LEU A 21 7.40 5.82 3.14
C LEU A 21 8.83 5.57 3.60
N PHE A 22 9.36 4.40 3.27
CA PHE A 22 10.68 4.00 3.73
C PHE A 22 11.53 3.50 2.57
N PRO A 23 12.09 4.43 1.79
CA PRO A 23 12.98 4.08 0.69
C PRO A 23 14.13 3.22 1.18
N ASN A 24 14.56 3.45 2.42
CA ASN A 24 15.68 2.73 2.99
C ASN A 24 15.39 1.24 3.10
N GLU A 25 14.12 0.90 3.28
CA GLU A 25 13.70 -0.50 3.41
C GLU A 25 13.43 -1.11 2.04
N ALA A 26 12.77 -0.34 1.17
CA ALA A 26 12.45 -0.80 -0.17
C ALA A 26 12.55 0.32 -1.18
N PRO A 27 13.76 0.54 -1.69
CA PRO A 27 14.03 1.68 -2.56
C PRO A 27 13.08 1.69 -3.75
N VAL A 28 13.14 0.63 -4.55
CA VAL A 28 12.45 0.60 -5.83
C VAL A 28 10.94 0.49 -5.65
N THR A 29 10.53 -0.28 -4.66
CA THR A 29 9.11 -0.43 -4.35
C THR A 29 8.47 0.91 -4.02
N VAL A 30 9.11 1.66 -3.12
CA VAL A 30 8.63 2.98 -2.75
C VAL A 30 8.63 3.93 -3.95
N ALA A 31 9.69 3.86 -4.75
CA ALA A 31 9.80 4.69 -5.95
C ALA A 31 8.62 4.47 -6.88
N ASN A 32 8.35 3.21 -7.20
CA ASN A 32 7.29 2.86 -8.14
C ASN A 32 5.92 3.25 -7.60
N PHE A 33 5.68 2.94 -6.33
CA PHE A 33 4.43 3.32 -5.67
C PHE A 33 4.25 4.83 -5.69
N GLU A 34 5.32 5.55 -5.39
CA GLU A 34 5.28 7.01 -5.35
C GLU A 34 4.96 7.60 -6.72
N LYS A 35 5.54 7.01 -7.75
CA LYS A 35 5.27 7.41 -9.13
C LYS A 35 3.80 7.22 -9.47
N LEU A 36 3.26 6.05 -9.13
CA LEU A 36 1.86 5.76 -9.36
C LEU A 36 0.96 6.77 -8.66
N ALA A 37 1.24 7.00 -7.38
CA ALA A 37 0.46 7.95 -6.59
C ALA A 37 0.57 9.36 -7.16
N ASN A 38 1.76 9.73 -7.60
CA ASN A 38 2.00 11.05 -8.17
C ASN A 38 1.26 11.21 -9.49
N GLU A 39 1.08 10.11 -10.20
CA GLU A 39 0.33 10.12 -11.46
C GLU A 39 -1.17 10.09 -11.21
N GLY A 40 -1.55 9.93 -9.95
CA GLY A 40 -2.95 9.86 -9.58
C GLY A 40 -3.54 8.50 -9.93
N PHE A 41 -2.68 7.49 -10.01
CA PHE A 41 -3.10 6.16 -10.44
C PHE A 41 -4.22 5.63 -9.56
N TYR A 42 -4.09 5.83 -8.26
CA TYR A 42 -5.02 5.24 -7.30
C TYR A 42 -6.28 6.11 -7.16
N ASN A 43 -6.29 7.23 -7.85
CA ASN A 43 -7.49 8.08 -7.93
C ASN A 43 -8.58 7.40 -8.75
N GLY A 44 -9.56 6.82 -8.07
CA GLY A 44 -10.72 6.24 -8.73
C GLY A 44 -10.70 4.72 -8.63
N LEU A 45 -9.62 4.17 -8.08
CA LEU A 45 -9.50 2.74 -7.90
C LEU A 45 -10.27 2.27 -6.68
N THR A 46 -10.37 0.95 -6.52
CA THR A 46 -11.19 0.37 -5.45
C THR A 46 -10.39 -0.65 -4.65
N PHE A 47 -10.95 -1.08 -3.52
CA PHE A 47 -10.39 -2.18 -2.75
C PHE A 47 -10.92 -3.52 -3.23
N HIS A 48 -10.10 -4.56 -3.11
CA HIS A 48 -10.45 -5.88 -3.65
C HIS A 48 -10.97 -6.80 -2.55
N ARG A 49 -10.31 -6.75 -1.39
CA ARG A 49 -10.64 -7.66 -0.29
C ARG A 49 -10.25 -7.06 1.05
N VAL A 50 -11.14 -6.27 1.63
CA VAL A 50 -10.90 -5.64 2.92
C VAL A 50 -11.31 -6.56 4.07
N ILE A 51 -10.41 -6.75 5.02
CA ILE A 51 -10.70 -7.58 6.19
C ILE A 51 -10.46 -6.83 7.48
N PRO A 52 -11.54 -6.24 8.02
CA PRO A 52 -11.45 -5.48 9.26
C PRO A 52 -10.80 -6.30 10.38
N GLY A 53 -9.67 -5.82 10.87
CA GLY A 53 -8.98 -6.48 11.97
C GLY A 53 -7.77 -7.27 11.47
N PHE A 54 -7.71 -7.46 10.16
CA PHE A 54 -6.56 -8.12 9.54
C PHE A 54 -6.09 -7.37 8.31
N VAL A 55 -5.24 -8.01 7.52
CA VAL A 55 -4.68 -7.39 6.32
C VAL A 55 -5.75 -7.20 5.26
N SER A 56 -5.72 -6.05 4.59
CA SER A 56 -6.70 -5.74 3.55
C SER A 56 -6.01 -5.49 2.21
N GLN A 57 -6.60 -5.99 1.14
CA GLN A 57 -6.02 -5.86 -0.20
C GLN A 57 -6.80 -4.86 -1.04
N GLY A 58 -6.09 -3.92 -1.65
CA GLY A 58 -6.71 -2.92 -2.50
C GLY A 58 -5.80 -2.52 -3.65
N GLY A 59 -6.32 -1.69 -4.55
CA GLY A 59 -5.51 -1.14 -5.64
C GLY A 59 -5.93 -1.73 -6.98
N CYS A 60 -7.22 -1.97 -7.15
CA CYS A 60 -7.73 -2.57 -8.37
C CYS A 60 -8.72 -1.65 -9.07
N PRO A 61 -8.74 -1.70 -10.40
CA PRO A 61 -9.58 -0.81 -11.18
C PRO A 61 -11.03 -1.28 -11.19
N ARG A 62 -11.22 -2.57 -10.90
CA ARG A 62 -12.55 -3.16 -10.91
C ARG A 62 -12.78 -4.02 -9.68
N GLY A 63 -11.77 -4.09 -8.81
CA GLY A 63 -11.84 -4.95 -7.63
C GLY A 63 -11.75 -6.42 -8.00
N ASN A 64 -11.12 -6.70 -9.14
CA ASN A 64 -11.05 -8.06 -9.67
C ASN A 64 -9.74 -8.73 -9.28
N GLY A 65 -8.92 -8.03 -8.52
CA GLY A 65 -7.67 -8.59 -8.04
C GLY A 65 -6.58 -8.53 -9.10
N THR A 66 -6.82 -7.74 -10.13
CA THR A 66 -5.84 -7.56 -11.21
C THR A 66 -5.54 -6.08 -11.43
N GLY A 67 -4.27 -5.72 -11.27
CA GLY A 67 -3.85 -4.34 -11.45
C GLY A 67 -3.72 -3.98 -12.93
N ASP A 68 -3.74 -2.70 -13.23
CA ASP A 68 -3.66 -2.23 -14.62
C ASP A 68 -2.58 -1.18 -14.79
N ALA A 69 -1.64 -1.15 -13.85
CA ALA A 69 -0.53 -0.19 -13.92
C ALA A 69 0.45 -0.55 -15.03
N GLY A 70 0.87 -1.81 -15.06
CA GLY A 70 1.87 -2.27 -16.01
C GLY A 70 3.26 -2.19 -15.43
N TYR A 71 3.38 -1.59 -14.26
CA TYR A 71 4.67 -1.48 -13.58
C TYR A 71 5.08 -2.81 -12.96
N THR A 72 6.39 -2.99 -12.77
CA THR A 72 6.92 -4.19 -12.13
C THR A 72 7.73 -3.83 -10.89
N ILE A 73 7.27 -4.32 -9.73
CA ILE A 73 7.96 -4.07 -8.48
C ILE A 73 8.76 -5.29 -8.05
N PRO A 74 10.03 -5.09 -7.74
CA PRO A 74 10.91 -6.17 -7.31
C PRO A 74 10.67 -6.52 -5.84
N CYS A 75 10.94 -7.76 -5.48
CA CYS A 75 10.89 -8.19 -4.09
C CYS A 75 12.10 -7.67 -3.31
N GLU A 76 11.83 -6.75 -2.39
CA GLU A 76 12.91 -6.11 -1.64
C GLU A 76 12.77 -6.41 -0.14
N THR A 77 12.60 -7.69 0.19
CA THR A 77 12.49 -8.11 1.58
C THR A 77 13.84 -8.54 2.14
N ASP A 78 14.88 -8.43 1.31
CA ASP A 78 16.23 -8.80 1.73
C ASP A 78 17.05 -7.59 2.11
N ASN A 79 16.36 -6.48 2.42
CA ASN A 79 17.03 -5.26 2.85
C ASN A 79 16.98 -5.12 4.36
N ASN A 80 16.38 -4.03 4.83
CA ASN A 80 16.20 -3.81 6.25
C ASN A 80 15.04 -4.62 6.80
N PRO A 81 15.11 -4.98 8.08
CA PRO A 81 14.03 -5.70 8.75
C PRO A 81 12.70 -4.99 8.55
N HIS A 82 11.63 -5.76 8.45
CA HIS A 82 10.29 -5.20 8.26
C HIS A 82 9.25 -5.98 9.05
N ARG A 83 8.14 -5.32 9.36
CA ARG A 83 7.11 -5.92 10.19
C ARG A 83 5.72 -5.57 9.68
N HIS A 84 4.89 -6.59 9.46
CA HIS A 84 3.50 -6.38 9.09
C HIS A 84 2.63 -6.19 10.34
N VAL A 85 2.71 -5.00 10.92
CA VAL A 85 1.92 -4.68 12.11
C VAL A 85 0.85 -3.63 11.79
N THR A 86 0.18 -3.14 12.82
CA THR A 86 -0.88 -2.16 12.65
C THR A 86 -0.40 -0.97 11.85
N GLY A 87 -1.02 -0.75 10.68
CA GLY A 87 -0.72 0.42 9.87
C GLY A 87 0.21 0.07 8.72
N ALA A 88 0.91 -1.05 8.85
CA ALA A 88 1.96 -1.41 7.91
C ALA A 88 1.41 -1.52 6.49
N MET A 89 2.19 -1.08 5.52
CA MET A 89 1.81 -1.16 4.12
C MET A 89 2.87 -1.87 3.29
N SER A 90 2.47 -2.90 2.57
CA SER A 90 3.38 -3.67 1.73
C SER A 90 2.76 -3.98 0.37
N MET A 91 3.59 -3.98 -0.66
CA MET A 91 3.11 -4.17 -2.02
C MET A 91 2.94 -5.65 -2.34
N ALA A 92 1.90 -5.97 -3.11
CA ALA A 92 1.60 -7.35 -3.46
C ALA A 92 2.62 -7.91 -4.45
N HIS A 93 3.20 -9.06 -4.12
CA HIS A 93 4.00 -9.81 -5.07
C HIS A 93 4.09 -11.28 -4.69
N ARG A 94 4.77 -12.07 -5.51
CA ARG A 94 4.93 -13.50 -5.24
C ARG A 94 6.39 -13.91 -5.35
N GLY A 95 7.26 -12.95 -5.65
CA GLY A 95 8.68 -13.22 -5.83
C GLY A 95 9.41 -12.02 -6.43
N ARG A 96 10.62 -12.25 -6.90
CA ARG A 96 11.45 -11.18 -7.45
C ARG A 96 10.89 -10.68 -8.78
N ASP A 97 10.59 -9.39 -8.83
CA ASP A 97 10.09 -8.77 -10.06
C ASP A 97 8.74 -9.35 -10.47
N THR A 98 7.84 -9.49 -9.50
CA THR A 98 6.49 -9.95 -9.77
C THR A 98 5.46 -9.01 -9.15
N GLY A 99 5.94 -7.95 -8.51
CA GLY A 99 5.07 -7.09 -7.72
C GLY A 99 4.22 -6.21 -8.61
N SER A 100 2.97 -5.99 -8.20
CA SER A 100 2.03 -5.18 -8.97
C SER A 100 1.69 -3.88 -8.24
N CYS A 101 0.71 -3.16 -8.77
CA CYS A 101 0.28 -1.91 -8.16
C CYS A 101 -0.66 -2.16 -6.98
N GLN A 102 -1.05 -3.42 -6.80
CA GLN A 102 -1.87 -3.81 -5.67
C GLN A 102 -1.08 -3.77 -4.37
N PHE A 103 -1.76 -3.42 -3.28
CA PHE A 103 -1.09 -3.18 -2.01
C PHE A 103 -1.87 -3.81 -0.85
N PHE A 104 -1.18 -4.06 0.25
CA PHE A 104 -1.81 -4.57 1.46
C PHE A 104 -1.68 -3.58 2.61
N ILE A 105 -2.78 -3.33 3.30
CA ILE A 105 -2.76 -2.56 4.53
C ILE A 105 -3.10 -3.43 5.73
N VAL A 106 -2.17 -3.50 6.69
CA VAL A 106 -2.30 -4.42 7.81
C VAL A 106 -2.97 -3.74 9.01
N HIS A 107 -3.92 -4.45 9.62
CA HIS A 107 -4.60 -3.95 10.81
C HIS A 107 -3.99 -4.55 12.07
N GLU A 108 -3.48 -5.77 11.96
CA GLU A 108 -3.04 -6.52 13.13
C GLU A 108 -1.68 -7.16 12.88
N PRO A 109 -0.80 -7.07 13.88
CA PRO A 109 0.50 -7.73 13.82
C PRO A 109 0.37 -9.16 13.32
N GLN A 110 1.00 -9.46 12.19
CA GLN A 110 0.99 -10.80 11.64
C GLN A 110 2.37 -11.18 11.10
N PRO A 111 3.18 -11.79 11.96
CA PRO A 111 4.53 -12.19 11.56
C PRO A 111 4.50 -13.12 10.36
N HIS A 112 3.37 -13.82 10.19
CA HIS A 112 3.23 -14.78 9.09
C HIS A 112 3.32 -14.08 7.74
N LEU A 113 3.05 -12.77 7.73
CA LEU A 113 3.07 -12.00 6.50
C LEU A 113 4.47 -11.49 6.20
N ASP A 114 5.33 -11.50 7.21
CA ASP A 114 6.70 -11.02 7.06
C ASP A 114 7.49 -11.89 6.10
N GLY A 115 8.12 -11.26 5.12
CA GLY A 115 8.90 -11.98 4.12
C GLY A 115 8.04 -12.40 2.93
N VAL A 116 6.73 -12.22 3.08
CA VAL A 116 5.79 -12.58 2.02
C VAL A 116 5.56 -11.42 1.06
N HIS A 117 5.42 -10.22 1.61
CA HIS A 117 5.28 -9.02 0.80
C HIS A 117 6.29 -7.96 1.21
N THR A 118 6.60 -7.04 0.30
CA THR A 118 7.62 -6.03 0.53
C THR A 118 7.02 -4.78 1.15
N VAL A 119 7.33 -4.56 2.43
CA VAL A 119 6.88 -3.36 3.12
C VAL A 119 7.56 -2.12 2.56
N PHE A 120 6.77 -1.09 2.30
CA PHE A 120 7.27 0.11 1.63
C PHE A 120 6.92 1.36 2.43
N GLY A 121 5.93 1.25 3.31
CA GLY A 121 5.46 2.38 4.09
C GLY A 121 4.59 1.93 5.26
N GLN A 122 4.03 2.89 5.98
CA GLN A 122 3.17 2.59 7.12
C GLN A 122 2.25 3.77 7.44
N VAL A 123 0.97 3.49 7.58
CA VAL A 123 0.00 4.51 7.99
C VAL A 123 0.27 5.01 9.39
N THR A 124 0.29 6.33 9.56
CA THR A 124 0.56 6.93 10.86
C THR A 124 -0.66 7.70 11.38
N SER A 125 -1.48 8.18 10.45
CA SER A 125 -2.71 8.87 10.81
C SER A 125 -3.87 8.44 9.92
N GLY A 126 -5.08 8.46 10.47
CA GLY A 126 -6.28 8.07 9.73
C GLY A 126 -6.57 6.59 9.91
N MET A 127 -5.93 5.96 10.89
CA MET A 127 -6.16 4.56 11.20
C MET A 127 -7.62 4.31 11.55
N ASP A 128 -8.27 5.32 12.11
CA ASP A 128 -9.70 5.25 12.40
C ASP A 128 -10.50 4.96 11.14
N VAL A 129 -10.02 5.46 10.00
CA VAL A 129 -10.63 5.18 8.71
C VAL A 129 -10.20 3.81 8.17
N VAL A 130 -8.90 3.54 8.26
CA VAL A 130 -8.34 2.29 7.78
C VAL A 130 -9.07 1.09 8.38
N ARG A 131 -9.31 1.15 9.69
CA ARG A 131 -9.87 0.01 10.41
C ARG A 131 -11.37 -0.12 10.17
N THR A 132 -11.95 0.90 9.54
CA THR A 132 -13.38 0.91 9.25
C THR A 132 -13.63 0.84 7.75
N MET A 133 -12.60 0.45 7.00
CA MET A 133 -12.75 0.24 5.56
C MET A 133 -13.69 -0.92 5.27
N LYS A 134 -14.29 -0.90 4.09
CA LYS A 134 -15.18 -1.98 3.67
C LYS A 134 -14.78 -2.53 2.31
N ASN A 135 -15.13 -3.79 2.05
CA ASN A 135 -14.73 -4.45 0.83
C ASN A 135 -15.41 -3.84 -0.39
N GLY A 136 -14.62 -3.15 -1.21
CA GLY A 136 -15.11 -2.60 -2.47
C GLY A 136 -15.24 -1.09 -2.40
N ASP A 137 -14.78 -0.51 -1.30
CA ASP A 137 -14.77 0.94 -1.13
C ASP A 137 -13.92 1.60 -2.21
N VAL A 138 -14.28 2.83 -2.56
CA VAL A 138 -13.60 3.55 -3.63
C VAL A 138 -12.62 4.57 -3.06
N MET A 139 -11.40 4.59 -3.60
CA MET A 139 -10.41 5.56 -3.20
C MET A 139 -10.52 6.85 -4.02
N LYS A 140 -10.86 7.95 -3.36
CA LYS A 140 -11.18 9.18 -4.05
C LYS A 140 -9.98 9.72 -4.82
N GLU A 141 -8.85 9.84 -4.12
CA GLU A 141 -7.66 10.47 -4.69
C GLU A 141 -6.43 10.18 -3.86
N VAL A 142 -5.26 10.35 -4.47
CA VAL A 142 -4.00 10.04 -3.80
C VAL A 142 -2.93 11.08 -4.15
N LYS A 143 -2.14 11.46 -3.16
CA LYS A 143 -1.07 12.44 -3.36
C LYS A 143 0.14 12.11 -2.48
N VAL A 144 1.32 12.48 -2.96
CA VAL A 144 2.55 12.28 -2.20
C VAL A 144 3.36 13.56 -2.11
N PHE A 145 4.33 13.58 -1.20
CA PHE A 145 5.16 14.76 -1.00
C PHE A 145 6.46 14.38 -0.29
N ASP A 146 7.50 15.18 -0.52
CA ASP A 146 8.78 14.98 0.15
C ASP A 146 8.85 15.76 1.45
N GLU A 147 9.04 15.03 2.56
CA GLU A 147 9.20 15.65 3.87
C GLU A 147 10.62 16.17 4.06
N PRO A 148 10.74 17.48 4.27
CA PRO A 148 12.04 18.10 4.48
C PRO A 148 12.57 17.80 5.88
N MET A 3 16.25 12.48 2.50
CA MET A 3 15.43 12.17 1.33
C MET A 3 14.26 11.27 1.71
N ALA A 4 13.53 11.66 2.75
CA ALA A 4 12.36 10.92 3.18
C ALA A 4 11.17 11.19 2.27
N LYS A 5 10.14 10.36 2.37
CA LYS A 5 8.92 10.55 1.60
C LYS A 5 7.68 10.24 2.43
N LYS A 6 6.59 10.94 2.14
CA LYS A 6 5.30 10.64 2.76
C LYS A 6 4.20 10.52 1.72
N GLY A 7 3.03 10.09 2.17
CA GLY A 7 1.87 9.93 1.27
C GLY A 7 0.57 10.14 2.02
N TYR A 8 -0.48 10.45 1.28
CA TYR A 8 -1.81 10.62 1.86
C TYR A 8 -2.90 10.13 0.91
N ILE A 9 -3.78 9.29 1.41
CA ILE A 9 -4.93 8.81 0.63
C ILE A 9 -6.23 9.33 1.19
N LEU A 10 -6.96 10.08 0.38
CA LEU A 10 -8.33 10.46 0.71
C LEU A 10 -9.34 9.56 0.02
N MET A 11 -10.28 9.02 0.80
CA MET A 11 -11.25 8.07 0.28
C MET A 11 -12.57 8.75 -0.07
N GLU A 12 -13.29 8.18 -1.02
CA GLU A 12 -14.61 8.69 -1.40
C GLU A 12 -15.61 8.51 -0.26
N ASN A 13 -15.30 7.61 0.66
CA ASN A 13 -16.17 7.34 1.80
C ASN A 13 -15.86 8.29 2.96
N GLY A 14 -14.90 9.18 2.75
CA GLY A 14 -14.57 10.19 3.75
C GLY A 14 -13.36 9.77 4.59
N GLY A 15 -12.85 8.58 4.29
CA GLY A 15 -11.69 8.05 5.01
C GLY A 15 -10.45 8.90 4.76
N LYS A 16 -9.64 9.08 5.80
CA LYS A 16 -8.43 9.89 5.70
C LYS A 16 -7.21 9.12 6.22
N ILE A 17 -6.37 8.68 5.29
CA ILE A 17 -5.24 7.83 5.64
C ILE A 17 -3.91 8.53 5.35
N GLU A 18 -3.22 8.93 6.41
CA GLU A 18 -1.90 9.54 6.27
C GLU A 18 -0.80 8.59 6.72
N PHE A 19 0.24 8.47 5.90
CA PHE A 19 1.26 7.44 6.10
C PHE A 19 2.62 7.94 5.64
N GLU A 20 3.67 7.23 6.06
CA GLU A 20 5.04 7.60 5.69
C GLU A 20 5.69 6.50 4.87
N LEU A 21 6.55 6.90 3.95
CA LEU A 21 7.24 5.96 3.08
C LEU A 21 8.68 5.75 3.52
N PHE A 22 9.20 4.55 3.27
CA PHE A 22 10.52 4.17 3.76
C PHE A 22 11.38 3.58 2.65
N PRO A 23 12.02 4.46 1.89
CA PRO A 23 12.98 4.04 0.87
C PRO A 23 14.03 3.12 1.46
N ASN A 24 14.35 3.31 2.73
CA ASN A 24 15.35 2.49 3.41
C ASN A 24 14.88 1.04 3.55
N GLU A 25 13.57 0.86 3.62
CA GLU A 25 12.99 -0.48 3.67
C GLU A 25 12.85 -1.07 2.28
N ALA A 26 12.44 -0.25 1.32
CA ALA A 26 12.24 -0.70 -0.05
C ALA A 26 12.43 0.44 -1.05
N PRO A 27 13.67 0.64 -1.48
CA PRO A 27 14.00 1.75 -2.35
C PRO A 27 13.13 1.76 -3.60
N VAL A 28 13.21 0.68 -4.37
CA VAL A 28 12.56 0.64 -5.68
C VAL A 28 11.04 0.65 -5.54
N THR A 29 10.54 -0.08 -4.55
CA THR A 29 9.10 -0.18 -4.33
C THR A 29 8.49 1.19 -4.03
N VAL A 30 9.14 1.95 -3.17
CA VAL A 30 8.69 3.29 -2.82
C VAL A 30 8.74 4.20 -4.04
N ALA A 31 9.82 4.10 -4.80
CA ALA A 31 9.95 4.84 -6.06
C ALA A 31 8.80 4.53 -7.01
N ASN A 32 8.47 3.25 -7.11
CA ASN A 32 7.37 2.81 -7.97
C ASN A 32 6.03 3.32 -7.45
N PHE A 33 5.88 3.34 -6.13
CA PHE A 33 4.68 3.87 -5.50
C PHE A 33 4.42 5.30 -5.94
N GLU A 34 5.43 6.14 -5.83
CA GLU A 34 5.32 7.54 -6.25
C GLU A 34 4.97 7.63 -7.73
N LYS A 35 5.66 6.87 -8.55
CA LYS A 35 5.39 6.83 -9.98
C LYS A 35 3.93 6.48 -10.25
N LEU A 36 3.44 5.44 -9.57
CA LEU A 36 2.06 5.00 -9.74
C LEU A 36 1.08 6.13 -9.43
N ALA A 37 1.29 6.79 -8.30
CA ALA A 37 0.44 7.90 -7.90
C ALA A 37 0.47 9.02 -8.94
N ASN A 38 1.65 9.28 -9.49
CA ASN A 38 1.81 10.31 -10.51
C ASN A 38 1.04 9.95 -11.76
N GLU A 39 0.95 8.66 -12.06
CA GLU A 39 0.22 8.17 -13.23
C GLU A 39 -1.27 8.11 -12.95
N GLY A 40 -1.66 8.37 -11.71
CA GLY A 40 -3.06 8.37 -11.31
C GLY A 40 -3.56 6.97 -11.03
N PHE A 41 -2.63 6.06 -10.75
CA PHE A 41 -2.99 4.68 -10.42
C PHE A 41 -3.80 4.62 -9.14
N TYR A 42 -3.25 5.18 -8.07
CA TYR A 42 -3.89 5.10 -6.75
C TYR A 42 -5.09 6.04 -6.68
N ASN A 43 -5.07 7.09 -7.49
CA ASN A 43 -6.18 8.04 -7.53
C ASN A 43 -7.40 7.42 -8.18
N GLY A 44 -8.37 7.02 -7.36
CA GLY A 44 -9.57 6.36 -7.85
C GLY A 44 -9.47 4.85 -7.71
N LEU A 45 -8.39 4.38 -7.09
CA LEU A 45 -8.10 2.95 -6.99
C LEU A 45 -9.03 2.28 -5.99
N THR A 46 -9.41 1.05 -6.28
CA THR A 46 -10.43 0.35 -5.50
C THR A 46 -9.87 -0.91 -4.86
N PHE A 47 -10.36 -1.25 -3.68
CA PHE A 47 -10.02 -2.51 -3.03
C PHE A 47 -11.01 -3.61 -3.42
N HIS A 48 -10.56 -4.85 -3.34
CA HIS A 48 -11.33 -5.97 -3.85
C HIS A 48 -11.39 -7.11 -2.83
N ARG A 49 -10.52 -7.04 -1.83
CA ARG A 49 -10.57 -7.97 -0.70
C ARG A 49 -10.29 -7.27 0.61
N VAL A 50 -11.28 -6.54 1.12
CA VAL A 50 -11.16 -5.84 2.38
C VAL A 50 -11.59 -6.71 3.54
N ILE A 51 -10.70 -6.89 4.52
CA ILE A 51 -11.01 -7.67 5.71
C ILE A 51 -10.75 -6.87 6.98
N PRO A 52 -11.78 -6.22 7.48
CA PRO A 52 -11.66 -5.35 8.64
C PRO A 52 -11.10 -6.11 9.84
N GLY A 53 -10.11 -5.53 10.51
CA GLY A 53 -9.54 -6.13 11.71
C GLY A 53 -8.38 -7.06 11.36
N PHE A 54 -8.16 -7.27 10.07
CA PHE A 54 -7.09 -8.14 9.61
C PHE A 54 -6.20 -7.43 8.58
N VAL A 55 -6.63 -7.47 7.33
CA VAL A 55 -5.88 -6.84 6.25
C VAL A 55 -6.76 -6.62 5.02
N SER A 56 -6.58 -5.47 4.37
CA SER A 56 -7.30 -5.16 3.15
C SER A 56 -6.38 -5.21 1.94
N GLN A 57 -6.84 -5.86 0.87
CA GLN A 57 -6.07 -5.96 -0.37
C GLN A 57 -6.76 -5.22 -1.51
N GLY A 58 -6.01 -4.37 -2.20
CA GLY A 58 -6.55 -3.57 -3.29
C GLY A 58 -5.59 -3.52 -4.47
N GLY A 59 -5.98 -2.78 -5.50
CA GLY A 59 -5.14 -2.63 -6.69
C GLY A 59 -5.96 -2.74 -7.97
N CYS A 60 -7.27 -2.62 -7.83
CA CYS A 60 -8.19 -2.81 -8.95
C CYS A 60 -8.88 -1.50 -9.32
N PRO A 61 -9.25 -1.37 -10.59
CA PRO A 61 -9.91 -0.17 -11.07
C PRO A 61 -11.40 -0.18 -10.76
N ARG A 62 -11.94 -1.37 -10.56
CA ARG A 62 -13.36 -1.54 -10.27
C ARG A 62 -13.58 -2.28 -8.96
N GLY A 63 -12.55 -3.01 -8.52
CA GLY A 63 -12.67 -3.84 -7.33
C GLY A 63 -13.17 -5.24 -7.69
N ASN A 64 -13.00 -5.62 -8.94
CA ASN A 64 -13.52 -6.88 -9.44
C ASN A 64 -12.46 -7.99 -9.37
N GLY A 65 -11.31 -7.65 -8.79
CA GLY A 65 -10.26 -8.64 -8.55
C GLY A 65 -9.20 -8.58 -9.64
N THR A 66 -9.46 -7.79 -10.66
CA THR A 66 -8.51 -7.60 -11.76
C THR A 66 -7.66 -6.36 -11.56
N GLY A 67 -6.34 -6.55 -11.52
CA GLY A 67 -5.42 -5.44 -11.29
C GLY A 67 -5.47 -4.44 -12.44
N ASP A 68 -5.36 -3.16 -12.10
CA ASP A 68 -5.41 -2.10 -13.10
C ASP A 68 -4.10 -2.01 -13.88
N ALA A 69 -3.05 -1.56 -13.20
CA ALA A 69 -1.77 -1.29 -13.87
C ALA A 69 -1.12 -2.58 -14.35
N GLY A 70 -1.03 -3.56 -13.46
CA GLY A 70 -0.44 -4.84 -13.80
C GLY A 70 1.08 -4.76 -13.85
N TYR A 71 1.62 -3.73 -13.21
CA TYR A 71 3.07 -3.52 -13.20
C TYR A 71 3.77 -4.58 -12.36
N THR A 72 5.01 -4.89 -12.73
CA THR A 72 5.78 -5.90 -12.02
C THR A 72 6.60 -5.27 -10.89
N ILE A 73 6.42 -5.76 -9.68
CA ILE A 73 7.14 -5.25 -8.52
C ILE A 73 8.17 -6.26 -8.02
N PRO A 74 9.40 -5.80 -7.85
CA PRO A 74 10.47 -6.66 -7.34
C PRO A 74 10.38 -6.83 -5.83
N CYS A 75 10.88 -7.95 -5.34
CA CYS A 75 10.96 -8.19 -3.90
C CYS A 75 12.22 -7.57 -3.30
N GLU A 76 12.03 -6.71 -2.31
CA GLU A 76 13.15 -6.05 -1.65
C GLU A 76 13.21 -6.40 -0.17
N THR A 77 14.40 -6.73 0.31
CA THR A 77 14.60 -7.07 1.71
C THR A 77 15.60 -6.13 2.37
N ASP A 78 16.28 -5.34 1.56
CA ASP A 78 17.28 -4.40 2.07
C ASP A 78 16.80 -2.97 1.92
N ASN A 79 17.23 -2.10 2.83
CA ASN A 79 18.20 -2.49 3.86
C ASN A 79 17.50 -2.83 5.17
N ASN A 80 16.37 -2.17 5.42
CA ASN A 80 15.62 -2.39 6.66
C ASN A 80 14.61 -3.52 6.49
N PRO A 81 14.33 -4.22 7.58
CA PRO A 81 13.41 -5.36 7.56
C PRO A 81 11.97 -4.88 7.45
N HIS A 82 11.06 -5.82 7.25
CA HIS A 82 9.65 -5.50 7.02
C HIS A 82 8.76 -6.06 8.12
N ARG A 83 7.70 -5.31 8.45
CA ARG A 83 6.76 -5.74 9.48
C ARG A 83 5.33 -5.48 9.05
N HIS A 84 4.48 -6.50 9.16
CA HIS A 84 3.07 -6.38 8.82
C HIS A 84 2.21 -6.27 10.06
N VAL A 85 2.11 -5.06 10.61
CA VAL A 85 1.28 -4.81 11.78
C VAL A 85 0.28 -3.69 11.53
N THR A 86 -0.53 -3.39 12.53
CA THR A 86 -1.51 -2.31 12.44
C THR A 86 -0.88 -1.06 11.83
N GLY A 87 -1.30 -0.73 10.61
CA GLY A 87 -0.81 0.46 9.93
C GLY A 87 0.47 0.16 9.16
N ALA A 88 0.40 -0.81 8.26
CA ALA A 88 1.51 -1.14 7.39
C ALA A 88 1.06 -1.31 5.95
N MET A 89 1.92 -0.92 5.01
CA MET A 89 1.58 -0.99 3.59
C MET A 89 2.66 -1.71 2.80
N SER A 90 2.27 -2.78 2.10
CA SER A 90 3.21 -3.59 1.35
C SER A 90 2.66 -3.94 -0.02
N MET A 91 3.55 -4.26 -0.96
CA MET A 91 3.15 -4.68 -2.29
C MET A 91 3.12 -6.20 -2.39
N ALA A 92 2.10 -6.71 -3.09
CA ALA A 92 1.89 -8.15 -3.19
C ALA A 92 2.84 -8.77 -4.21
N HIS A 93 3.48 -9.87 -3.83
CA HIS A 93 4.31 -10.63 -4.74
C HIS A 93 4.45 -12.08 -4.31
N ARG A 94 5.18 -12.87 -5.08
CA ARG A 94 5.43 -14.27 -4.75
C ARG A 94 6.89 -14.62 -4.92
N GLY A 95 7.77 -13.66 -4.65
CA GLY A 95 9.20 -13.84 -4.87
C GLY A 95 9.81 -12.63 -5.59
N ARG A 96 11.07 -12.75 -5.95
CA ARG A 96 11.78 -11.66 -6.60
C ARG A 96 11.27 -11.42 -8.02
N ASP A 97 10.78 -10.21 -8.26
CA ASP A 97 10.37 -9.82 -9.60
C ASP A 97 9.12 -10.57 -10.04
N THR A 98 8.20 -10.77 -9.11
CA THR A 98 6.95 -11.46 -9.40
C THR A 98 5.74 -10.66 -8.91
N GLY A 99 6.01 -9.47 -8.38
CA GLY A 99 4.97 -8.67 -7.75
C GLY A 99 3.99 -8.12 -8.77
N SER A 100 2.83 -7.67 -8.30
CA SER A 100 1.84 -7.04 -9.16
C SER A 100 1.51 -5.63 -8.69
N CYS A 101 0.48 -5.04 -9.27
CA CYS A 101 0.00 -3.74 -8.85
C CYS A 101 -0.85 -3.83 -7.60
N GLN A 102 -1.18 -5.07 -7.20
CA GLN A 102 -1.96 -5.30 -6.00
C GLN A 102 -1.11 -5.12 -4.74
N PHE A 103 -1.76 -4.70 -3.66
CA PHE A 103 -1.04 -4.35 -2.44
C PHE A 103 -1.89 -4.66 -1.20
N PHE A 104 -1.22 -4.77 -0.06
CA PHE A 104 -1.90 -4.99 1.21
C PHE A 104 -1.77 -3.78 2.12
N ILE A 105 -2.86 -3.43 2.81
CA ILE A 105 -2.79 -2.55 3.96
C ILE A 105 -3.23 -3.27 5.23
N VAL A 106 -2.31 -3.42 6.18
CA VAL A 106 -2.52 -4.31 7.31
C VAL A 106 -3.27 -3.61 8.44
N HIS A 107 -4.30 -4.26 8.94
CA HIS A 107 -5.13 -3.70 10.00
C HIS A 107 -4.65 -4.16 11.37
N GLU A 108 -4.23 -5.42 11.46
CA GLU A 108 -3.61 -5.94 12.67
C GLU A 108 -2.46 -6.88 12.34
N PRO A 109 -1.55 -7.05 13.30
CA PRO A 109 -0.40 -7.93 13.11
C PRO A 109 -0.81 -9.26 12.48
N GLN A 110 -0.24 -9.56 11.33
CA GLN A 110 -0.58 -10.77 10.60
C GLN A 110 0.67 -11.55 10.21
N PRO A 111 1.01 -12.55 11.01
CA PRO A 111 2.20 -13.37 10.75
C PRO A 111 2.16 -13.97 9.35
N HIS A 112 0.95 -14.24 8.86
CA HIS A 112 0.77 -14.86 7.56
C HIS A 112 1.43 -14.03 6.46
N LEU A 113 1.36 -12.71 6.60
CA LEU A 113 1.89 -11.81 5.59
C LEU A 113 3.23 -11.22 6.02
N ASP A 114 3.47 -11.20 7.32
CA ASP A 114 4.70 -10.64 7.87
C ASP A 114 5.93 -11.41 7.38
N GLY A 115 6.82 -10.70 6.69
CA GLY A 115 8.05 -11.31 6.21
C GLY A 115 7.85 -11.99 4.86
N VAL A 116 6.64 -11.83 4.30
CA VAL A 116 6.31 -12.45 3.03
C VAL A 116 6.33 -11.42 1.90
N HIS A 117 5.81 -10.24 2.18
CA HIS A 117 5.73 -9.18 1.18
C HIS A 117 6.66 -8.02 1.51
N THR A 118 6.82 -7.10 0.56
CA THR A 118 7.73 -5.97 0.73
C THR A 118 6.99 -4.74 1.22
N VAL A 119 7.24 -4.36 2.47
CA VAL A 119 6.66 -3.15 3.04
C VAL A 119 7.38 -1.91 2.56
N PHE A 120 6.61 -0.90 2.14
CA PHE A 120 7.17 0.31 1.56
C PHE A 120 6.76 1.54 2.33
N GLY A 121 5.74 1.39 3.18
CA GLY A 121 5.24 2.50 3.98
C GLY A 121 4.43 1.99 5.17
N GLN A 122 4.14 2.90 6.10
CA GLN A 122 3.30 2.57 7.25
C GLN A 122 2.36 3.72 7.60
N VAL A 123 1.15 3.39 8.00
CA VAL A 123 0.15 4.39 8.34
C VAL A 123 0.41 4.98 9.72
N THR A 124 0.34 6.31 9.81
CA THR A 124 0.67 7.01 11.04
C THR A 124 -0.55 7.74 11.61
N SER A 125 -1.49 8.06 10.74
CA SER A 125 -2.73 8.71 11.15
C SER A 125 -3.92 8.23 10.31
N GLY A 126 -5.05 8.01 10.97
CA GLY A 126 -6.19 7.37 10.33
C GLY A 126 -6.12 5.86 10.47
N MET A 127 -5.32 5.38 11.42
CA MET A 127 -5.10 3.95 11.60
C MET A 127 -6.41 3.24 11.92
N ASP A 128 -7.28 3.91 12.66
CA ASP A 128 -8.60 3.37 12.97
C ASP A 128 -9.44 3.22 11.70
N VAL A 129 -9.42 4.24 10.86
CA VAL A 129 -10.11 4.20 9.59
C VAL A 129 -9.61 3.04 8.71
N VAL A 130 -8.30 2.84 8.73
CA VAL A 130 -7.70 1.71 8.02
C VAL A 130 -8.21 0.38 8.58
N ARG A 131 -8.12 0.22 9.89
CA ARG A 131 -8.48 -1.04 10.53
C ARG A 131 -9.91 -1.44 10.18
N THR A 132 -10.81 -0.46 10.15
CA THR A 132 -12.20 -0.70 9.81
C THR A 132 -12.54 -0.20 8.42
N MET A 133 -11.61 -0.40 7.48
CA MET A 133 -11.83 -0.02 6.09
C MET A 133 -13.09 -0.69 5.55
N LYS A 134 -13.84 0.07 4.75
CA LYS A 134 -15.10 -0.42 4.20
C LYS A 134 -14.88 -1.40 3.06
N ASN A 135 -15.79 -2.34 2.90
CA ASN A 135 -15.66 -3.36 1.86
C ASN A 135 -15.77 -2.76 0.47
N GLY A 136 -14.68 -2.84 -0.29
CA GLY A 136 -14.64 -2.29 -1.64
C GLY A 136 -14.37 -0.79 -1.62
N ASP A 137 -13.75 -0.32 -0.53
CA ASP A 137 -13.43 1.09 -0.40
C ASP A 137 -12.81 1.64 -1.67
N VAL A 138 -13.30 2.80 -2.11
CA VAL A 138 -12.77 3.45 -3.30
C VAL A 138 -12.04 4.74 -2.95
N MET A 139 -10.84 4.89 -3.50
CA MET A 139 -10.04 6.09 -3.28
C MET A 139 -10.62 7.28 -4.04
N LYS A 140 -10.45 8.47 -3.48
CA LYS A 140 -10.92 9.70 -4.12
C LYS A 140 -9.76 10.49 -4.70
N GLU A 141 -8.72 10.69 -3.89
CA GLU A 141 -7.55 11.45 -4.31
C GLU A 141 -6.33 11.09 -3.49
N VAL A 142 -5.23 10.80 -4.18
CA VAL A 142 -4.01 10.34 -3.52
C VAL A 142 -2.82 11.23 -3.87
N LYS A 143 -2.10 11.66 -2.84
CA LYS A 143 -0.97 12.57 -3.03
C LYS A 143 0.31 11.98 -2.44
N VAL A 144 1.44 12.32 -3.05
CA VAL A 144 2.74 11.93 -2.53
C VAL A 144 3.62 13.15 -2.25
N PHE A 145 4.31 13.13 -1.12
CA PHE A 145 5.05 14.30 -0.67
C PHE A 145 6.52 13.97 -0.42
N ASP A 146 7.38 14.47 -1.28
CA ASP A 146 8.81 14.27 -1.14
C ASP A 146 9.41 15.22 -0.11
N GLU A 147 10.18 14.68 0.82
CA GLU A 147 10.75 15.47 1.90
C GLU A 147 12.27 15.58 1.77
N PRO A 148 12.84 16.64 2.32
CA PRO A 148 14.28 16.87 2.25
C PRO A 148 15.03 16.01 3.25
N MET A 3 16.73 9.95 3.92
CA MET A 3 15.63 10.49 3.13
C MET A 3 14.37 9.66 3.30
N ALA A 4 13.24 10.34 3.51
CA ALA A 4 11.96 9.67 3.67
C ALA A 4 10.86 10.37 2.89
N LYS A 5 9.74 9.69 2.71
CA LYS A 5 8.61 10.25 1.97
C LYS A 5 7.31 10.12 2.74
N LYS A 6 6.35 10.99 2.43
CA LYS A 6 5.05 10.96 3.08
C LYS A 6 3.92 11.19 2.08
N GLY A 7 2.83 10.45 2.24
CA GLY A 7 1.70 10.56 1.32
C GLY A 7 0.38 10.47 2.08
N TYR A 8 -0.72 10.57 1.35
CA TYR A 8 -2.05 10.47 1.95
C TYR A 8 -3.06 9.88 0.97
N ILE A 9 -4.06 9.18 1.51
CA ILE A 9 -5.17 8.70 0.70
C ILE A 9 -6.48 9.35 1.13
N LEU A 10 -7.06 10.15 0.24
CA LEU A 10 -8.41 10.64 0.42
C LEU A 10 -9.44 9.70 -0.21
N MET A 11 -10.37 9.22 0.61
CA MET A 11 -11.39 8.29 0.14
C MET A 11 -12.63 9.03 -0.35
N GLU A 12 -13.34 8.43 -1.30
CA GLU A 12 -14.56 9.02 -1.83
C GLU A 12 -15.60 9.22 -0.73
N ASN A 13 -15.51 8.41 0.31
CA ASN A 13 -16.48 8.46 1.41
C ASN A 13 -16.00 9.38 2.52
N GLY A 14 -14.99 10.19 2.22
CA GLY A 14 -14.56 11.25 3.13
C GLY A 14 -13.51 10.75 4.11
N GLY A 15 -13.08 9.50 3.92
CA GLY A 15 -12.04 8.92 4.76
C GLY A 15 -10.68 9.54 4.47
N LYS A 16 -9.82 9.55 5.47
CA LYS A 16 -8.47 10.10 5.31
C LYS A 16 -7.43 9.18 5.94
N ILE A 17 -6.50 8.69 5.12
CA ILE A 17 -5.44 7.84 5.60
C ILE A 17 -4.06 8.40 5.24
N GLU A 18 -3.40 8.99 6.22
CA GLU A 18 -2.05 9.51 6.03
C GLU A 18 -1.00 8.46 6.39
N PHE A 19 0.04 8.37 5.57
CA PHE A 19 1.02 7.30 5.69
C PHE A 19 2.43 7.80 5.36
N GLU A 20 3.43 7.08 5.84
CA GLU A 20 4.82 7.43 5.55
C GLU A 20 5.52 6.30 4.79
N LEU A 21 6.29 6.66 3.78
CA LEU A 21 7.03 5.70 2.98
C LEU A 21 8.51 5.69 3.33
N PHE A 22 9.12 4.52 3.28
CA PHE A 22 10.50 4.36 3.73
C PHE A 22 11.37 3.79 2.61
N PRO A 23 12.03 4.67 1.87
CA PRO A 23 12.91 4.25 0.79
C PRO A 23 13.94 3.25 1.26
N ASN A 24 14.33 3.35 2.53
CA ASN A 24 15.29 2.43 3.12
C ASN A 24 14.78 1.01 3.11
N GLU A 25 13.48 0.85 3.32
CA GLU A 25 12.85 -0.47 3.33
C GLU A 25 12.80 -1.07 1.93
N ALA A 26 12.43 -0.23 0.96
CA ALA A 26 12.36 -0.67 -0.44
C ALA A 26 12.43 0.52 -1.39
N PRO A 27 13.64 0.85 -1.83
CA PRO A 27 13.84 1.99 -2.71
C PRO A 27 12.97 1.90 -3.95
N VAL A 28 12.95 0.74 -4.58
CA VAL A 28 12.26 0.55 -5.85
C VAL A 28 10.75 0.60 -5.66
N THR A 29 10.25 -0.13 -4.66
CA THR A 29 8.82 -0.22 -4.41
C THR A 29 8.24 1.14 -4.05
N VAL A 30 8.93 1.86 -3.17
CA VAL A 30 8.50 3.20 -2.77
C VAL A 30 8.49 4.15 -3.97
N ALA A 31 9.56 4.11 -4.76
CA ALA A 31 9.67 4.96 -5.94
C ALA A 31 8.51 4.72 -6.90
N ASN A 32 8.23 3.46 -7.17
CA ASN A 32 7.17 3.09 -8.11
C ASN A 32 5.80 3.50 -7.57
N PHE A 33 5.57 3.25 -6.29
CA PHE A 33 4.31 3.62 -5.66
C PHE A 33 4.06 5.12 -5.77
N GLU A 34 5.08 5.91 -5.43
CA GLU A 34 4.98 7.36 -5.53
C GLU A 34 4.69 7.79 -6.97
N LYS A 35 5.47 7.27 -7.90
CA LYS A 35 5.28 7.58 -9.32
C LYS A 35 3.84 7.38 -9.74
N LEU A 36 3.30 6.19 -9.48
CA LEU A 36 1.94 5.86 -9.86
C LEU A 36 0.94 6.82 -9.23
N ALA A 37 1.07 7.01 -7.92
CA ALA A 37 0.14 7.88 -7.19
C ALA A 37 0.12 9.28 -7.77
N ASN A 38 1.30 9.83 -8.05
CA ASN A 38 1.43 11.21 -8.48
C ASN A 38 1.09 11.35 -9.96
N GLU A 39 0.83 10.23 -10.62
CA GLU A 39 0.33 10.24 -11.99
C GLU A 39 -1.17 10.01 -12.03
N GLY A 40 -1.78 9.85 -10.86
CA GLY A 40 -3.22 9.69 -10.76
C GLY A 40 -3.64 8.25 -11.06
N PHE A 41 -2.70 7.33 -10.92
CA PHE A 41 -2.97 5.92 -11.15
C PHE A 41 -3.86 5.35 -10.04
N TYR A 42 -3.44 5.52 -8.80
CA TYR A 42 -4.18 5.00 -7.65
C TYR A 42 -5.47 5.77 -7.44
N ASN A 43 -5.53 6.99 -7.94
CA ASN A 43 -6.77 7.75 -7.99
C ASN A 43 -7.81 7.05 -8.85
N GLY A 44 -8.85 6.52 -8.19
CA GLY A 44 -9.94 5.86 -8.90
C GLY A 44 -9.92 4.36 -8.63
N LEU A 45 -8.87 3.89 -7.97
CA LEU A 45 -8.75 2.48 -7.62
C LEU A 45 -9.37 2.20 -6.25
N THR A 46 -9.69 0.94 -6.00
CA THR A 46 -10.47 0.56 -4.82
C THR A 46 -9.69 -0.39 -3.94
N PHE A 47 -10.18 -0.58 -2.70
CA PHE A 47 -9.71 -1.66 -1.85
C PHE A 47 -10.61 -2.89 -1.96
N HIS A 48 -10.19 -3.84 -2.80
CA HIS A 48 -11.09 -4.91 -3.24
C HIS A 48 -11.20 -5.99 -2.17
N ARG A 49 -10.29 -5.97 -1.21
CA ARG A 49 -10.34 -6.91 -0.10
C ARG A 49 -10.03 -6.22 1.23
N VAL A 50 -11.04 -5.55 1.78
CA VAL A 50 -10.91 -4.94 3.09
C VAL A 50 -11.20 -5.93 4.20
N ILE A 51 -10.24 -6.12 5.11
CA ILE A 51 -10.34 -7.14 6.13
C ILE A 51 -10.00 -6.57 7.51
N PRO A 52 -10.99 -6.01 8.17
CA PRO A 52 -10.80 -5.46 9.51
C PRO A 52 -10.38 -6.54 10.50
N GLY A 53 -9.42 -6.21 11.36
CA GLY A 53 -8.94 -7.15 12.35
C GLY A 53 -7.70 -7.89 11.87
N PHE A 54 -7.40 -7.75 10.58
CA PHE A 54 -6.24 -8.41 9.99
C PHE A 54 -5.50 -7.47 9.05
N VAL A 55 -5.53 -7.78 7.76
CA VAL A 55 -4.84 -6.98 6.76
C VAL A 55 -5.73 -6.75 5.54
N SER A 56 -5.89 -5.47 5.17
CA SER A 56 -6.67 -5.12 3.98
C SER A 56 -5.78 -5.03 2.75
N GLN A 57 -6.38 -5.22 1.58
CA GLN A 57 -5.64 -5.17 0.32
C GLN A 57 -6.41 -4.39 -0.73
N GLY A 58 -5.70 -3.55 -1.48
CA GLY A 58 -6.33 -2.69 -2.48
C GLY A 58 -5.34 -2.29 -3.55
N GLY A 59 -5.76 -1.42 -4.47
CA GLY A 59 -4.93 -0.98 -5.57
C GLY A 59 -5.44 -1.53 -6.90
N CYS A 60 -6.72 -1.89 -6.93
CA CYS A 60 -7.30 -2.54 -8.11
C CYS A 60 -8.38 -1.67 -8.73
N PRO A 61 -8.33 -1.50 -10.05
CA PRO A 61 -9.34 -0.75 -10.77
C PRO A 61 -10.73 -1.31 -10.54
N ARG A 62 -11.53 -0.60 -9.74
CA ARG A 62 -12.89 -1.03 -9.44
C ARG A 62 -12.91 -2.47 -8.96
N GLY A 63 -11.84 -2.90 -8.31
CA GLY A 63 -11.73 -4.25 -7.79
C GLY A 63 -11.75 -5.28 -8.91
N ASN A 64 -11.08 -4.95 -10.02
CA ASN A 64 -10.96 -5.86 -11.14
C ASN A 64 -9.67 -6.66 -11.06
N GLY A 65 -8.96 -6.52 -9.95
CA GLY A 65 -7.76 -7.31 -9.70
C GLY A 65 -6.55 -6.74 -10.45
N THR A 66 -6.51 -7.00 -11.75
CA THR A 66 -5.35 -6.63 -12.56
C THR A 66 -5.44 -5.18 -13.02
N GLY A 67 -4.42 -4.40 -12.69
CA GLY A 67 -4.35 -3.02 -13.13
C GLY A 67 -3.39 -2.86 -14.31
N ASP A 68 -2.95 -1.63 -14.55
CA ASP A 68 -2.01 -1.35 -15.63
C ASP A 68 -0.92 -0.39 -15.18
N ALA A 69 -0.19 -0.78 -14.15
CA ALA A 69 0.89 0.05 -13.62
C ALA A 69 2.08 0.10 -14.59
N GLY A 70 2.38 -1.04 -15.19
CA GLY A 70 3.53 -1.15 -16.08
C GLY A 70 4.80 -1.46 -15.30
N TYR A 71 4.65 -1.79 -14.03
CA TYR A 71 5.78 -2.09 -13.16
C TYR A 71 5.69 -3.50 -12.60
N THR A 72 6.70 -4.31 -12.86
CA THR A 72 6.77 -5.65 -12.30
C THR A 72 8.17 -5.94 -11.75
N ILE A 73 8.25 -6.09 -10.43
CA ILE A 73 9.53 -6.27 -9.75
C ILE A 73 9.51 -7.48 -8.83
N PRO A 74 10.69 -8.00 -8.52
CA PRO A 74 10.81 -9.15 -7.63
C PRO A 74 10.62 -8.73 -6.18
N CYS A 75 10.20 -9.68 -5.34
CA CYS A 75 10.11 -9.44 -3.90
C CYS A 75 11.40 -8.87 -3.35
N GLU A 76 11.31 -7.70 -2.73
CA GLU A 76 12.48 -7.03 -2.18
C GLU A 76 12.66 -7.34 -0.70
N THR A 77 13.91 -7.51 -0.29
CA THR A 77 14.23 -7.90 1.08
C THR A 77 15.14 -6.88 1.75
N ASP A 78 15.75 -6.02 0.94
CA ASP A 78 16.68 -5.03 1.45
C ASP A 78 16.09 -3.63 1.37
N ASN A 79 16.50 -2.77 2.30
CA ASN A 79 17.56 -3.10 3.25
C ASN A 79 16.99 -3.51 4.60
N ASN A 80 15.83 -2.95 4.93
CA ASN A 80 15.23 -3.16 6.24
C ASN A 80 14.29 -4.36 6.23
N PRO A 81 14.16 -5.01 7.38
CA PRO A 81 13.23 -6.12 7.54
C PRO A 81 11.81 -5.71 7.15
N HIS A 82 11.00 -6.68 6.75
CA HIS A 82 9.64 -6.40 6.29
C HIS A 82 8.62 -7.13 7.16
N ARG A 83 8.47 -6.67 8.40
CA ARG A 83 7.48 -7.22 9.31
C ARG A 83 6.16 -6.48 9.19
N HIS A 84 5.06 -7.23 9.12
CA HIS A 84 3.73 -6.64 8.95
C HIS A 84 3.15 -6.22 10.30
N VAL A 85 3.71 -5.16 10.87
CA VAL A 85 3.22 -4.63 12.14
C VAL A 85 2.01 -3.72 11.94
N THR A 86 1.51 -3.15 13.03
CA THR A 86 0.34 -2.28 12.97
C THR A 86 0.57 -1.11 12.02
N GLY A 87 -0.25 -1.04 10.97
CA GLY A 87 -0.23 0.09 10.06
C GLY A 87 0.65 -0.20 8.84
N ALA A 88 1.41 -1.29 8.92
CA ALA A 88 2.40 -1.60 7.88
C ALA A 88 1.76 -1.66 6.50
N MET A 89 2.50 -1.20 5.50
CA MET A 89 2.02 -1.27 4.12
C MET A 89 3.03 -1.96 3.22
N SER A 90 2.62 -3.08 2.64
CA SER A 90 3.52 -3.91 1.84
C SER A 90 2.99 -4.08 0.42
N MET A 91 3.90 -4.30 -0.52
CA MET A 91 3.53 -4.62 -1.89
C MET A 91 3.41 -6.13 -2.08
N ALA A 92 2.33 -6.55 -2.74
CA ALA A 92 2.05 -7.97 -2.94
C ALA A 92 3.14 -8.62 -3.78
N HIS A 93 3.77 -9.66 -3.23
CA HIS A 93 4.74 -10.44 -3.97
C HIS A 93 4.52 -11.94 -3.76
N ARG A 94 4.81 -12.72 -4.78
CA ARG A 94 4.79 -14.18 -4.66
C ARG A 94 6.15 -14.78 -4.96
N GLY A 95 7.07 -13.95 -5.45
CA GLY A 95 8.42 -14.40 -5.77
C GLY A 95 9.12 -13.41 -6.69
N ARG A 96 9.80 -13.94 -7.71
CA ARG A 96 10.54 -13.10 -8.65
C ARG A 96 9.63 -12.56 -9.74
N ASP A 97 9.70 -11.25 -9.96
CA ASP A 97 8.89 -10.61 -10.99
C ASP A 97 7.40 -10.87 -10.74
N THR A 98 6.96 -10.63 -9.51
CA THR A 98 5.56 -10.84 -9.15
C THR A 98 4.94 -9.55 -8.62
N GLY A 99 5.76 -8.52 -8.47
CA GLY A 99 5.30 -7.23 -7.97
C GLY A 99 4.32 -6.58 -8.94
N SER A 100 3.47 -5.70 -8.43
CA SER A 100 2.49 -5.00 -9.25
C SER A 100 2.13 -3.64 -8.65
N CYS A 101 0.85 -3.39 -8.50
CA CYS A 101 0.38 -2.18 -7.83
C CYS A 101 -0.52 -2.52 -6.64
N GLN A 102 -0.75 -3.81 -6.44
CA GLN A 102 -1.56 -4.27 -5.30
C GLN A 102 -0.78 -4.18 -3.99
N PHE A 103 -1.34 -3.47 -3.03
CA PHE A 103 -0.66 -3.20 -1.77
C PHE A 103 -1.56 -3.49 -0.58
N PHE A 104 -0.94 -3.65 0.59
CA PHE A 104 -1.68 -4.01 1.79
C PHE A 104 -1.72 -2.87 2.79
N ILE A 105 -2.74 -2.85 3.63
CA ILE A 105 -2.73 -2.04 4.85
C ILE A 105 -3.03 -2.89 6.08
N VAL A 106 -2.02 -3.06 6.93
CA VAL A 106 -2.12 -3.96 8.06
C VAL A 106 -2.83 -3.30 9.23
N HIS A 107 -3.97 -3.87 9.63
CA HIS A 107 -4.67 -3.42 10.82
C HIS A 107 -4.04 -3.99 12.09
N GLU A 108 -3.99 -5.32 12.16
CA GLU A 108 -3.35 -5.98 13.29
C GLU A 108 -2.08 -6.70 12.85
N PRO A 109 -1.08 -6.71 13.73
CA PRO A 109 0.21 -7.29 13.42
C PRO A 109 0.07 -8.74 12.96
N GLN A 110 0.80 -9.11 11.90
CA GLN A 110 0.81 -10.47 11.41
C GLN A 110 2.22 -11.02 11.30
N PRO A 111 2.69 -11.64 12.37
CA PRO A 111 4.05 -12.17 12.41
C PRO A 111 4.31 -13.14 11.27
N HIS A 112 3.25 -13.85 10.86
CA HIS A 112 3.38 -14.90 9.86
C HIS A 112 3.55 -14.32 8.46
N LEU A 113 3.35 -13.01 8.33
CA LEU A 113 3.56 -12.33 7.08
C LEU A 113 4.92 -11.64 7.04
N ASP A 114 5.66 -11.75 8.14
CA ASP A 114 6.97 -11.13 8.24
C ASP A 114 7.93 -11.71 7.22
N GLY A 115 8.27 -10.92 6.21
CA GLY A 115 9.24 -11.33 5.19
C GLY A 115 8.53 -11.94 3.98
N VAL A 116 7.23 -12.08 4.09
CA VAL A 116 6.44 -12.67 3.00
C VAL A 116 6.23 -11.67 1.87
N HIS A 117 5.81 -10.46 2.23
CA HIS A 117 5.70 -9.37 1.26
C HIS A 117 6.70 -8.26 1.56
N THR A 118 6.81 -7.31 0.65
CA THR A 118 7.76 -6.21 0.80
C THR A 118 7.10 -4.99 1.43
N VAL A 119 7.22 -4.89 2.75
CA VAL A 119 6.80 -3.68 3.46
C VAL A 119 7.64 -2.48 3.03
N PHE A 120 6.97 -1.46 2.51
CA PHE A 120 7.64 -0.31 1.92
C PHE A 120 7.17 1.00 2.55
N GLY A 121 6.05 0.92 3.26
CA GLY A 121 5.50 2.09 3.94
C GLY A 121 4.76 1.70 5.21
N GLN A 122 4.16 2.68 5.88
CA GLN A 122 3.37 2.43 7.08
C GLN A 122 2.41 3.58 7.34
N VAL A 123 1.13 3.25 7.55
CA VAL A 123 0.14 4.25 7.91
C VAL A 123 0.47 4.92 9.24
N THR A 124 0.36 6.24 9.28
CA THR A 124 0.72 7.01 10.45
C THR A 124 -0.50 7.63 11.11
N SER A 125 -1.57 7.79 10.34
CA SER A 125 -2.82 8.32 10.86
C SER A 125 -3.99 7.94 9.96
N GLY A 126 -5.05 7.42 10.56
CA GLY A 126 -6.24 7.02 9.82
C GLY A 126 -6.50 5.52 9.98
N MET A 127 -5.92 4.93 11.02
CA MET A 127 -6.11 3.51 11.29
C MET A 127 -7.57 3.19 11.58
N ASP A 128 -8.28 4.16 12.15
CA ASP A 128 -9.71 4.05 12.35
C ASP A 128 -10.46 3.97 11.01
N VAL A 129 -10.06 4.84 10.07
CA VAL A 129 -10.63 4.82 8.74
C VAL A 129 -10.40 3.48 8.05
N VAL A 130 -9.23 2.89 8.28
CA VAL A 130 -8.91 1.58 7.74
C VAL A 130 -9.84 0.50 8.29
N ARG A 131 -9.87 0.38 9.60
CA ARG A 131 -10.62 -0.70 10.26
C ARG A 131 -12.11 -0.54 10.03
N THR A 132 -12.55 0.69 9.76
CA THR A 132 -13.96 0.96 9.49
C THR A 132 -14.21 1.08 7.99
N MET A 133 -13.19 0.78 7.20
CA MET A 133 -13.30 0.88 5.75
C MET A 133 -14.31 -0.12 5.20
N LYS A 134 -15.12 0.32 4.23
CA LYS A 134 -16.02 -0.58 3.52
C LYS A 134 -15.30 -1.33 2.41
N ASN A 135 -15.63 -2.61 2.26
CA ASN A 135 -15.04 -3.42 1.21
C ASN A 135 -15.33 -2.86 -0.18
N GLY A 136 -14.29 -2.49 -0.90
CA GLY A 136 -14.44 -1.91 -2.23
C GLY A 136 -14.54 -0.39 -2.16
N ASP A 137 -14.15 0.16 -1.01
CA ASP A 137 -14.09 1.60 -0.85
C ASP A 137 -13.17 2.24 -1.89
N VAL A 138 -13.63 3.34 -2.48
CA VAL A 138 -12.94 3.95 -3.61
C VAL A 138 -11.97 5.02 -3.14
N MET A 139 -10.75 4.98 -3.67
CA MET A 139 -9.75 6.00 -3.38
C MET A 139 -9.92 7.22 -4.28
N LYS A 140 -10.23 8.35 -3.67
CA LYS A 140 -10.55 9.57 -4.42
C LYS A 140 -9.29 10.28 -4.87
N GLU A 141 -8.30 10.36 -3.98
CA GLU A 141 -7.05 11.03 -4.28
C GLU A 141 -5.89 10.40 -3.49
N VAL A 142 -4.97 9.77 -4.22
CA VAL A 142 -3.76 9.23 -3.61
C VAL A 142 -2.53 9.99 -4.07
N LYS A 143 -1.88 10.68 -3.13
CA LYS A 143 -0.73 11.52 -3.46
C LYS A 143 0.46 11.20 -2.56
N VAL A 144 1.66 11.37 -3.10
CA VAL A 144 2.89 11.16 -2.33
C VAL A 144 3.89 12.28 -2.57
N PHE A 145 4.59 12.67 -1.51
CA PHE A 145 5.60 13.72 -1.61
C PHE A 145 6.79 13.43 -0.71
N ASP A 146 7.85 14.21 -0.86
CA ASP A 146 9.06 14.03 -0.08
C ASP A 146 8.91 14.64 1.31
N GLU A 147 9.37 13.91 2.32
CA GLU A 147 9.24 14.35 3.71
C GLU A 147 10.24 13.65 4.61
N PRO A 148 11.51 14.00 4.48
CA PRO A 148 12.56 13.43 5.31
C PRO A 148 12.23 13.60 6.78
N MET A 3 15.88 14.24 3.47
CA MET A 3 14.51 14.27 2.97
C MET A 3 13.81 12.94 3.22
N ALA A 4 12.55 12.99 3.62
CA ALA A 4 11.74 11.80 3.81
C ALA A 4 10.58 11.76 2.81
N LYS A 5 10.04 10.56 2.59
CA LYS A 5 8.92 10.39 1.68
C LYS A 5 7.64 10.05 2.44
N LYS A 6 6.53 10.64 2.01
CA LYS A 6 5.23 10.36 2.62
C LYS A 6 4.10 10.57 1.62
N GLY A 7 2.87 10.35 2.08
CA GLY A 7 1.69 10.55 1.24
C GLY A 7 0.41 10.37 2.04
N TYR A 8 -0.72 10.41 1.34
CA TYR A 8 -2.02 10.22 1.98
C TYR A 8 -3.05 9.69 0.99
N ILE A 9 -4.10 9.08 1.52
CA ILE A 9 -5.21 8.61 0.69
C ILE A 9 -6.50 9.32 1.06
N LEU A 10 -6.99 10.16 0.13
CA LEU A 10 -8.30 10.78 0.30
C LEU A 10 -9.41 9.88 -0.22
N MET A 11 -10.28 9.45 0.69
CA MET A 11 -11.37 8.56 0.34
C MET A 11 -12.55 9.33 -0.23
N GLU A 12 -13.38 8.64 -1.01
CA GLU A 12 -14.55 9.25 -1.63
C GLU A 12 -15.51 9.78 -0.56
N ASN A 13 -15.48 9.17 0.62
CA ASN A 13 -16.35 9.56 1.71
C ASN A 13 -15.73 10.63 2.57
N GLY A 14 -14.52 11.05 2.21
CA GLY A 14 -13.82 12.11 2.92
C GLY A 14 -12.99 11.55 4.07
N GLY A 15 -12.90 10.23 4.14
CA GLY A 15 -12.13 9.57 5.18
C GLY A 15 -10.64 9.56 4.87
N LYS A 16 -10.04 10.74 4.83
CA LYS A 16 -8.65 10.88 4.42
C LYS A 16 -7.72 10.30 5.48
N ILE A 17 -6.81 9.43 5.05
CA ILE A 17 -5.81 8.86 5.94
C ILE A 17 -4.40 9.20 5.47
N GLU A 18 -3.46 9.20 6.41
CA GLU A 18 -2.10 9.67 6.13
C GLU A 18 -1.07 8.60 6.47
N PHE A 19 -0.06 8.47 5.62
CA PHE A 19 0.95 7.43 5.79
C PHE A 19 2.35 7.95 5.44
N GLU A 20 3.37 7.22 5.86
CA GLU A 20 4.74 7.58 5.54
C GLU A 20 5.46 6.44 4.82
N LEU A 21 6.49 6.78 4.07
CA LEU A 21 7.20 5.81 3.24
C LEU A 21 8.62 5.59 3.73
N PHE A 22 9.21 4.46 3.36
CA PHE A 22 10.57 4.12 3.77
C PHE A 22 11.42 3.70 2.58
N PRO A 23 11.88 4.70 1.82
CA PRO A 23 12.73 4.44 0.67
C PRO A 23 14.07 3.85 1.08
N ASN A 24 14.41 4.00 2.36
CA ASN A 24 15.62 3.41 2.90
C ASN A 24 15.47 1.91 3.10
N GLU A 25 14.23 1.45 3.23
CA GLU A 25 13.95 0.04 3.44
C GLU A 25 13.57 -0.65 2.15
N ALA A 26 12.91 0.09 1.25
CA ALA A 26 12.55 -0.43 -0.06
C ALA A 26 12.66 0.66 -1.13
N PRO A 27 13.88 0.92 -1.57
CA PRO A 27 14.13 1.98 -2.55
C PRO A 27 13.24 1.81 -3.78
N VAL A 28 13.27 0.62 -4.37
CA VAL A 28 12.59 0.37 -5.63
C VAL A 28 11.07 0.48 -5.48
N THR A 29 10.54 -0.22 -4.48
CA THR A 29 9.10 -0.30 -4.30
C THR A 29 8.49 1.06 -3.97
N VAL A 30 9.17 1.81 -3.10
CA VAL A 30 8.72 3.14 -2.72
C VAL A 30 8.74 4.10 -3.90
N ALA A 31 9.83 4.05 -4.66
CA ALA A 31 9.96 4.90 -5.84
C ALA A 31 8.83 4.65 -6.83
N ASN A 32 8.58 3.38 -7.12
CA ASN A 32 7.56 3.02 -8.10
C ASN A 32 6.16 3.27 -7.55
N PHE A 33 5.99 3.11 -6.24
CA PHE A 33 4.74 3.44 -5.58
C PHE A 33 4.40 4.91 -5.76
N GLU A 34 5.38 5.78 -5.52
CA GLU A 34 5.21 7.21 -5.75
C GLU A 34 4.84 7.50 -7.20
N LYS A 35 5.55 6.87 -8.13
CA LYS A 35 5.28 7.05 -9.55
C LYS A 35 3.85 6.65 -9.90
N LEU A 36 3.42 5.51 -9.35
CA LEU A 36 2.06 5.03 -9.56
C LEU A 36 1.04 6.07 -9.11
N ALA A 37 1.21 6.59 -7.90
CA ALA A 37 0.32 7.60 -7.37
C ALA A 37 0.30 8.85 -8.26
N ASN A 38 1.48 9.28 -8.69
CA ASN A 38 1.61 10.47 -9.51
C ASN A 38 0.90 10.29 -10.86
N GLU A 39 0.93 9.07 -11.37
CA GLU A 39 0.29 8.77 -12.65
C GLU A 39 -1.15 8.34 -12.47
N GLY A 40 -1.63 8.43 -11.23
CA GLY A 40 -3.06 8.28 -10.95
C GLY A 40 -3.48 6.82 -10.99
N PHE A 41 -2.52 5.93 -10.80
CA PHE A 41 -2.79 4.49 -10.79
C PHE A 41 -3.46 4.07 -9.49
N TYR A 42 -3.49 4.98 -8.52
CA TYR A 42 -4.23 4.77 -7.29
C TYR A 42 -5.43 5.71 -7.20
N ASN A 43 -5.72 6.41 -8.30
CA ASN A 43 -6.80 7.37 -8.33
C ASN A 43 -8.06 6.78 -8.95
N GLY A 44 -9.14 6.74 -8.16
CA GLY A 44 -10.41 6.20 -8.64
C GLY A 44 -10.50 4.71 -8.40
N LEU A 45 -9.51 4.16 -7.70
CA LEU A 45 -9.48 2.74 -7.40
C LEU A 45 -10.32 2.42 -6.16
N THR A 46 -10.59 1.13 -5.96
CA THR A 46 -11.32 0.68 -4.77
C THR A 46 -10.51 -0.33 -3.98
N PHE A 47 -10.93 -0.57 -2.74
CA PHE A 47 -10.34 -1.63 -1.92
C PHE A 47 -11.02 -2.97 -2.19
N HIS A 48 -10.26 -3.92 -2.73
CA HIS A 48 -10.81 -5.20 -3.14
C HIS A 48 -11.54 -5.88 -1.99
N ARG A 49 -10.89 -5.93 -0.83
CA ARG A 49 -11.47 -6.58 0.34
C ARG A 49 -10.82 -6.06 1.62
N VAL A 50 -11.64 -5.48 2.50
CA VAL A 50 -11.17 -5.00 3.79
C VAL A 50 -11.56 -5.95 4.91
N ILE A 51 -10.56 -6.48 5.61
CA ILE A 51 -10.80 -7.37 6.73
C ILE A 51 -10.30 -6.76 8.04
N PRO A 52 -11.22 -6.16 8.78
CA PRO A 52 -10.88 -5.52 10.06
C PRO A 52 -10.17 -6.50 10.98
N GLY A 53 -9.00 -6.10 11.47
CA GLY A 53 -8.27 -6.90 12.45
C GLY A 53 -7.38 -7.93 11.77
N PHE A 54 -7.23 -7.80 10.45
CA PHE A 54 -6.32 -8.64 9.70
C PHE A 54 -5.55 -7.82 8.66
N VAL A 55 -6.14 -7.65 7.49
CA VAL A 55 -5.52 -6.86 6.43
C VAL A 55 -6.57 -6.13 5.60
N SER A 56 -6.17 -5.04 4.97
CA SER A 56 -7.00 -4.37 3.99
C SER A 56 -6.36 -4.38 2.61
N GLN A 57 -6.94 -5.16 1.70
CA GLN A 57 -6.34 -5.39 0.38
C GLN A 57 -6.95 -4.47 -0.66
N GLY A 58 -6.10 -3.75 -1.38
CA GLY A 58 -6.56 -2.82 -2.40
C GLY A 58 -6.92 -3.55 -3.69
N GLY A 59 -7.63 -2.87 -4.58
CA GLY A 59 -8.03 -3.45 -5.86
C GLY A 59 -7.00 -3.15 -6.95
N CYS A 60 -7.47 -2.65 -8.08
CA CYS A 60 -6.61 -2.33 -9.20
C CYS A 60 -7.29 -1.38 -10.18
N PRO A 61 -6.50 -0.75 -11.04
CA PRO A 61 -7.03 0.18 -12.02
C PRO A 61 -8.10 -0.46 -12.89
N ARG A 62 -7.96 -1.76 -13.11
CA ARG A 62 -8.88 -2.50 -13.97
C ARG A 62 -10.19 -2.77 -13.26
N GLY A 63 -10.14 -2.84 -11.93
CA GLY A 63 -11.32 -3.15 -11.13
C GLY A 63 -11.69 -4.62 -11.22
N ASN A 64 -10.76 -5.43 -11.72
CA ASN A 64 -10.98 -6.86 -11.88
C ASN A 64 -10.31 -7.66 -10.77
N GLY A 65 -9.57 -6.96 -9.92
CA GLY A 65 -8.85 -7.60 -8.82
C GLY A 65 -7.41 -7.90 -9.21
N THR A 66 -7.10 -7.73 -10.48
CA THR A 66 -5.76 -8.03 -10.99
C THR A 66 -5.07 -6.77 -11.50
N GLY A 67 -3.92 -6.45 -10.91
CA GLY A 67 -3.18 -5.26 -11.29
C GLY A 67 -2.75 -5.30 -12.75
N ASP A 68 -2.75 -4.14 -13.40
CA ASP A 68 -2.38 -4.05 -14.80
C ASP A 68 -1.77 -2.69 -15.12
N ALA A 69 -0.94 -2.19 -14.20
CA ALA A 69 -0.27 -0.91 -14.39
C ALA A 69 0.97 -1.06 -15.27
N GLY A 70 1.55 -2.26 -15.27
CA GLY A 70 2.76 -2.52 -16.02
C GLY A 70 4.00 -2.38 -15.14
N TYR A 71 3.79 -1.95 -13.90
CA TYR A 71 4.89 -1.74 -12.95
C TYR A 71 5.28 -3.05 -12.28
N THR A 72 5.85 -3.97 -13.04
CA THR A 72 6.38 -5.21 -12.49
C THR A 72 7.79 -5.00 -11.93
N ILE A 73 7.91 -5.09 -10.61
CA ILE A 73 9.14 -4.72 -9.93
C ILE A 73 9.69 -5.89 -9.11
N PRO A 74 10.99 -5.84 -8.84
CA PRO A 74 11.63 -6.85 -8.01
C PRO A 74 11.24 -6.70 -6.55
N CYS A 75 11.48 -7.76 -5.77
CA CYS A 75 11.19 -7.72 -4.34
C CYS A 75 12.43 -7.35 -3.53
N GLU A 76 12.22 -6.63 -2.43
CA GLU A 76 13.33 -6.07 -1.66
C GLU A 76 13.62 -6.90 -0.43
N THR A 77 12.77 -7.89 -0.17
CA THR A 77 12.89 -8.72 1.02
C THR A 77 13.97 -9.79 0.84
N ASP A 78 14.49 -9.89 -0.37
CA ASP A 78 15.60 -10.80 -0.65
C ASP A 78 16.91 -10.26 -0.08
N ASN A 79 16.99 -8.94 0.04
CA ASN A 79 18.18 -8.30 0.58
C ASN A 79 17.86 -7.53 1.87
N ASN A 80 16.58 -7.25 2.07
CA ASN A 80 16.13 -6.56 3.28
C ASN A 80 14.74 -7.02 3.70
N PRO A 81 14.68 -8.19 4.33
CA PRO A 81 13.42 -8.75 4.79
C PRO A 81 12.63 -7.75 5.61
N HIS A 82 11.32 -7.71 5.41
CA HIS A 82 10.47 -6.73 6.08
C HIS A 82 9.47 -7.42 6.99
N ARG A 83 9.22 -6.82 8.15
CA ARG A 83 8.24 -7.34 9.09
C ARG A 83 6.86 -6.75 8.83
N HIS A 84 5.82 -7.54 9.08
CA HIS A 84 4.45 -7.10 8.85
C HIS A 84 3.69 -6.97 10.17
N VAL A 85 3.47 -5.74 10.61
CA VAL A 85 2.77 -5.48 11.87
C VAL A 85 1.65 -4.48 11.68
N THR A 86 0.94 -4.18 12.77
CA THR A 86 -0.15 -3.23 12.75
C THR A 86 0.29 -1.88 12.18
N GLY A 87 -0.30 -1.50 11.06
CA GLY A 87 -0.03 -0.20 10.45
C GLY A 87 0.78 -0.34 9.18
N ALA A 88 1.48 -1.46 9.05
CA ALA A 88 2.43 -1.65 7.96
C ALA A 88 1.73 -1.63 6.61
N MET A 89 2.39 -1.06 5.61
CA MET A 89 1.90 -1.09 4.24
C MET A 89 2.82 -1.89 3.34
N SER A 90 2.31 -3.00 2.81
CA SER A 90 3.14 -3.94 2.06
C SER A 90 2.57 -4.19 0.67
N MET A 91 3.43 -4.12 -0.33
CA MET A 91 3.00 -4.33 -1.71
C MET A 91 2.88 -5.82 -2.04
N ALA A 92 1.90 -6.16 -2.87
CA ALA A 92 1.63 -7.55 -3.19
C ALA A 92 2.39 -7.99 -4.43
N HIS A 93 2.65 -9.29 -4.53
CA HIS A 93 3.35 -9.85 -5.69
C HIS A 93 2.75 -11.18 -6.11
N ARG A 94 3.17 -11.68 -7.26
CA ARG A 94 2.73 -13.00 -7.74
C ARG A 94 3.88 -13.99 -7.74
N GLY A 95 4.83 -13.80 -6.81
CA GLY A 95 6.03 -14.63 -6.76
C GLY A 95 7.27 -13.78 -6.50
N ARG A 96 8.43 -14.43 -6.52
CA ARG A 96 9.68 -13.74 -6.27
C ARG A 96 9.99 -12.72 -7.36
N ASP A 97 10.34 -11.51 -6.94
CA ASP A 97 10.65 -10.44 -7.88
C ASP A 97 9.53 -10.25 -8.90
N THR A 98 8.29 -10.33 -8.42
CA THR A 98 7.13 -10.16 -9.29
C THR A 98 6.08 -9.27 -8.63
N GLY A 99 6.52 -8.12 -8.11
CA GLY A 99 5.64 -7.21 -7.39
C GLY A 99 4.80 -6.39 -8.36
N SER A 100 3.54 -6.15 -8.00
CA SER A 100 2.61 -5.44 -8.87
C SER A 100 2.33 -4.04 -8.34
N CYS A 101 1.34 -3.39 -8.93
CA CYS A 101 0.90 -2.08 -8.47
C CYS A 101 -0.07 -2.20 -7.31
N GLN A 102 -0.43 -3.44 -6.97
CA GLN A 102 -1.38 -3.69 -5.90
C GLN A 102 -0.67 -3.84 -4.55
N PHE A 103 -1.35 -3.44 -3.48
CA PHE A 103 -0.79 -3.51 -2.14
C PHE A 103 -1.87 -3.78 -1.11
N PHE A 104 -1.44 -4.03 0.13
CA PHE A 104 -2.37 -4.26 1.23
C PHE A 104 -1.85 -3.68 2.53
N ILE A 105 -2.76 -3.28 3.41
CA ILE A 105 -2.40 -2.64 4.67
C ILE A 105 -2.63 -3.59 5.84
N VAL A 106 -1.55 -3.87 6.58
CA VAL A 106 -1.61 -4.85 7.67
C VAL A 106 -2.21 -4.23 8.93
N HIS A 107 -3.16 -4.94 9.53
CA HIS A 107 -3.78 -4.50 10.76
C HIS A 107 -3.43 -5.42 11.92
N GLU A 108 -3.15 -6.68 11.60
CA GLU A 108 -2.67 -7.64 12.59
C GLU A 108 -1.32 -8.22 12.19
N PRO A 109 -0.36 -8.18 13.10
CA PRO A 109 0.96 -8.74 12.85
C PRO A 109 0.87 -10.17 12.35
N GLN A 110 1.58 -10.46 11.26
CA GLN A 110 1.52 -11.77 10.62
C GLN A 110 2.91 -12.29 10.28
N PRO A 111 3.43 -13.17 11.13
CA PRO A 111 4.76 -13.73 10.92
C PRO A 111 4.87 -14.39 9.55
N HIS A 112 3.75 -14.91 9.05
CA HIS A 112 3.75 -15.69 7.83
C HIS A 112 4.02 -14.81 6.61
N LEU A 113 3.83 -13.51 6.78
CA LEU A 113 4.03 -12.56 5.69
C LEU A 113 5.44 -11.98 5.76
N ASP A 114 6.12 -12.16 6.89
CA ASP A 114 7.41 -11.55 7.12
C ASP A 114 8.44 -12.04 6.12
N GLY A 115 9.05 -11.10 5.39
CA GLY A 115 10.10 -11.44 4.43
C GLY A 115 9.51 -11.91 3.12
N VAL A 116 8.18 -11.99 3.06
CA VAL A 116 7.49 -12.51 1.89
C VAL A 116 7.07 -11.38 0.95
N HIS A 117 6.40 -10.37 1.52
CA HIS A 117 6.01 -9.20 0.75
C HIS A 117 6.81 -7.96 1.15
N THR A 118 7.03 -7.06 0.20
CA THR A 118 7.88 -5.91 0.41
C THR A 118 7.11 -4.77 1.07
N VAL A 119 7.51 -4.40 2.28
CA VAL A 119 6.94 -3.26 2.97
C VAL A 119 7.58 -1.95 2.50
N PHE A 120 6.75 -0.99 2.14
CA PHE A 120 7.23 0.23 1.50
C PHE A 120 6.88 1.46 2.33
N GLY A 121 6.00 1.28 3.30
CA GLY A 121 5.58 2.37 4.17
C GLY A 121 4.68 1.88 5.29
N GLN A 122 4.03 2.81 5.99
CA GLN A 122 3.05 2.46 7.01
C GLN A 122 2.10 3.62 7.28
N VAL A 123 0.87 3.28 7.67
CA VAL A 123 -0.12 4.31 8.00
C VAL A 123 0.13 4.90 9.37
N THR A 124 0.14 6.22 9.44
CA THR A 124 0.54 6.93 10.66
C THR A 124 -0.65 7.66 11.28
N SER A 125 -1.66 7.94 10.47
CA SER A 125 -2.88 8.56 10.95
C SER A 125 -4.10 8.08 10.16
N GLY A 126 -5.17 7.76 10.88
CA GLY A 126 -6.40 7.26 10.25
C GLY A 126 -6.31 5.75 10.03
N MET A 127 -5.36 5.11 10.70
CA MET A 127 -5.22 3.66 10.61
C MET A 127 -6.52 2.95 10.98
N ASP A 128 -7.20 3.46 11.99
CA ASP A 128 -8.51 2.94 12.37
C ASP A 128 -9.52 3.09 11.24
N VAL A 129 -9.50 4.23 10.59
CA VAL A 129 -10.37 4.48 9.44
C VAL A 129 -10.13 3.46 8.34
N VAL A 130 -8.86 3.17 8.07
CA VAL A 130 -8.50 2.15 7.10
C VAL A 130 -9.08 0.79 7.48
N ARG A 131 -8.92 0.42 8.75
CA ARG A 131 -9.43 -0.85 9.24
C ARG A 131 -10.93 -0.95 9.05
N THR A 132 -11.63 0.16 9.25
CA THR A 132 -13.09 0.18 9.24
C THR A 132 -13.62 0.56 7.85
N MET A 133 -12.75 0.47 6.85
CA MET A 133 -13.17 0.63 5.46
C MET A 133 -14.07 -0.51 5.02
N LYS A 134 -14.83 -0.29 3.96
CA LYS A 134 -15.76 -1.29 3.47
C LYS A 134 -15.20 -2.04 2.28
N ASN A 135 -15.78 -3.20 1.98
CA ASN A 135 -15.39 -3.98 0.81
C ASN A 135 -15.82 -3.27 -0.47
N GLY A 136 -14.84 -2.77 -1.23
CA GLY A 136 -15.12 -2.01 -2.45
C GLY A 136 -15.19 -0.52 -2.15
N ASP A 137 -14.73 -0.14 -0.97
CA ASP A 137 -14.67 1.28 -0.60
C ASP A 137 -13.84 2.08 -1.60
N VAL A 138 -14.36 3.21 -2.03
CA VAL A 138 -13.81 3.94 -3.16
C VAL A 138 -12.78 4.97 -2.70
N MET A 139 -11.59 4.91 -3.30
CA MET A 139 -10.58 5.95 -3.10
C MET A 139 -10.77 7.09 -4.09
N LYS A 140 -10.65 8.32 -3.60
CA LYS A 140 -10.84 9.50 -4.42
C LYS A 140 -9.52 10.01 -5.00
N GLU A 141 -8.57 10.29 -4.12
CA GLU A 141 -7.25 10.75 -4.53
C GLU A 141 -6.16 10.11 -3.68
N VAL A 142 -5.04 9.78 -4.32
CA VAL A 142 -3.87 9.28 -3.60
C VAL A 142 -2.62 10.04 -4.02
N LYS A 143 -1.98 10.70 -3.05
CA LYS A 143 -0.88 11.60 -3.32
C LYS A 143 0.38 11.20 -2.56
N VAL A 144 1.53 11.29 -3.22
CA VAL A 144 2.81 11.04 -2.56
C VAL A 144 3.81 12.15 -2.85
N PHE A 145 4.48 12.62 -1.81
CA PHE A 145 5.34 13.79 -1.92
C PHE A 145 6.50 13.71 -0.93
N ASP A 146 7.51 14.55 -1.15
CA ASP A 146 8.68 14.60 -0.26
C ASP A 146 8.47 15.62 0.84
N GLU A 147 8.87 15.26 2.06
CA GLU A 147 8.80 16.17 3.20
C GLU A 147 10.17 16.39 3.82
N PRO A 148 10.53 17.66 4.02
CA PRO A 148 11.83 17.99 4.60
C PRO A 148 11.81 17.82 6.12
N MET A 3 16.06 13.94 4.25
CA MET A 3 14.74 14.01 3.62
C MET A 3 14.03 12.66 3.71
N ALA A 4 12.72 12.72 3.99
CA ALA A 4 11.91 11.52 4.03
C ALA A 4 10.75 11.61 3.03
N LYS A 5 10.11 10.47 2.78
CA LYS A 5 8.97 10.43 1.87
C LYS A 5 7.68 10.13 2.63
N LYS A 6 6.61 10.86 2.29
CA LYS A 6 5.30 10.60 2.86
C LYS A 6 4.21 10.67 1.80
N GLY A 7 2.98 10.39 2.20
CA GLY A 7 1.83 10.51 1.32
C GLY A 7 0.52 10.34 2.07
N TYR A 8 -0.58 10.39 1.34
CA TYR A 8 -1.91 10.18 1.95
C TYR A 8 -2.89 9.64 0.92
N ILE A 9 -3.95 9.00 1.41
CA ILE A 9 -5.03 8.54 0.55
C ILE A 9 -6.35 9.20 0.93
N LEU A 10 -6.84 10.07 0.04
CA LEU A 10 -8.15 10.69 0.22
C LEU A 10 -9.26 9.80 -0.31
N MET A 11 -10.13 9.34 0.58
CA MET A 11 -11.21 8.45 0.21
C MET A 11 -12.40 9.23 -0.33
N GLU A 12 -13.22 8.57 -1.15
CA GLU A 12 -14.39 9.20 -1.74
C GLU A 12 -15.35 9.69 -0.66
N ASN A 13 -15.35 9.00 0.48
CA ASN A 13 -16.24 9.34 1.57
C ASN A 13 -15.63 10.39 2.49
N GLY A 14 -14.43 10.84 2.13
CA GLY A 14 -13.75 11.88 2.88
C GLY A 14 -12.91 11.31 4.02
N GLY A 15 -12.79 9.99 4.05
CA GLY A 15 -12.03 9.30 5.08
C GLY A 15 -10.54 9.30 4.75
N LYS A 16 -9.95 10.50 4.70
CA LYS A 16 -8.56 10.64 4.30
C LYS A 16 -7.62 10.02 5.34
N ILE A 17 -6.71 9.19 4.87
CA ILE A 17 -5.70 8.60 5.73
C ILE A 17 -4.29 9.05 5.35
N GLU A 18 -3.38 9.07 6.31
CA GLU A 18 -2.03 9.55 6.10
C GLU A 18 -1.00 8.51 6.49
N PHE A 19 0.08 8.42 5.71
CA PHE A 19 1.08 7.38 5.91
C PHE A 19 2.48 7.90 5.57
N GLU A 20 3.50 7.20 6.06
CA GLU A 20 4.87 7.50 5.70
C GLU A 20 5.45 6.42 4.78
N LEU A 21 6.54 6.76 4.10
CA LEU A 21 7.21 5.81 3.22
C LEU A 21 8.66 5.57 3.66
N PHE A 22 9.22 4.44 3.25
CA PHE A 22 10.57 4.07 3.65
C PHE A 22 11.43 3.72 2.44
N PRO A 23 11.84 4.74 1.71
CA PRO A 23 12.68 4.55 0.53
C PRO A 23 14.05 3.99 0.90
N ASN A 24 14.41 4.15 2.17
CA ASN A 24 15.67 3.61 2.68
C ASN A 24 15.60 2.10 2.83
N GLU A 25 14.39 1.58 2.97
CA GLU A 25 14.17 0.16 3.19
C GLU A 25 13.70 -0.53 1.92
N ALA A 26 12.95 0.19 1.11
CA ALA A 26 12.47 -0.33 -0.17
C ALA A 26 12.55 0.72 -1.27
N PRO A 27 13.77 1.02 -1.71
CA PRO A 27 13.97 2.03 -2.74
C PRO A 27 13.04 1.80 -3.93
N VAL A 28 13.04 0.57 -4.44
CA VAL A 28 12.34 0.26 -5.69
C VAL A 28 10.84 0.38 -5.52
N THR A 29 10.30 -0.26 -4.49
CA THR A 29 8.86 -0.33 -4.29
C THR A 29 8.29 1.05 -3.98
N VAL A 30 9.00 1.82 -3.16
CA VAL A 30 8.57 3.17 -2.81
C VAL A 30 8.59 4.09 -4.03
N ALA A 31 9.66 4.01 -4.80
CA ALA A 31 9.78 4.80 -6.02
C ALA A 31 8.64 4.51 -6.99
N ASN A 32 8.37 3.22 -7.20
CA ASN A 32 7.29 2.80 -8.10
C ASN A 32 5.94 3.27 -7.60
N PHE A 33 5.69 3.08 -6.30
CA PHE A 33 4.44 3.52 -5.69
C PHE A 33 4.23 5.01 -5.89
N GLU A 34 5.26 5.79 -5.61
CA GLU A 34 5.19 7.24 -5.80
C GLU A 34 4.86 7.59 -7.24
N LYS A 35 5.57 6.97 -8.18
CA LYS A 35 5.33 7.20 -9.60
C LYS A 35 3.87 6.99 -9.96
N LEU A 36 3.32 5.85 -9.53
CA LEU A 36 1.94 5.51 -9.84
C LEU A 36 0.96 6.50 -9.22
N ALA A 37 1.15 6.77 -7.93
CA ALA A 37 0.23 7.63 -7.19
C ALA A 37 0.17 9.02 -7.79
N ASN A 38 1.33 9.58 -8.08
CA ASN A 38 1.42 10.96 -8.56
C ASN A 38 1.10 11.06 -10.04
N GLU A 39 0.78 9.92 -10.65
CA GLU A 39 0.23 9.89 -11.99
C GLU A 39 -1.25 9.56 -11.99
N GLY A 40 -1.83 9.45 -10.79
CA GLY A 40 -3.27 9.30 -10.64
C GLY A 40 -3.68 7.84 -10.83
N PHE A 41 -2.73 6.93 -10.75
CA PHE A 41 -2.99 5.52 -10.96
C PHE A 41 -4.03 5.00 -9.98
N TYR A 42 -3.86 5.34 -8.70
CA TYR A 42 -4.73 4.84 -7.65
C TYR A 42 -6.01 5.65 -7.54
N ASN A 43 -6.07 6.75 -8.29
CA ASN A 43 -7.27 7.58 -8.31
C ASN A 43 -8.41 6.88 -9.03
N GLY A 44 -9.43 6.48 -8.27
CA GLY A 44 -10.59 5.81 -8.84
C GLY A 44 -10.55 4.32 -8.55
N LEU A 45 -9.43 3.85 -8.00
CA LEU A 45 -9.30 2.46 -7.60
C LEU A 45 -9.90 2.22 -6.22
N THR A 46 -10.23 0.97 -5.93
CA THR A 46 -10.98 0.63 -4.73
C THR A 46 -10.21 -0.33 -3.84
N PHE A 47 -10.68 -0.53 -2.62
CA PHE A 47 -10.18 -1.59 -1.75
C PHE A 47 -11.03 -2.85 -1.88
N HIS A 48 -10.45 -3.88 -2.49
CA HIS A 48 -11.22 -5.06 -2.90
C HIS A 48 -11.67 -5.86 -1.68
N ARG A 49 -10.80 -5.99 -0.70
CA ARG A 49 -11.08 -6.80 0.48
C ARG A 49 -10.56 -6.14 1.75
N VAL A 50 -11.41 -5.35 2.39
CA VAL A 50 -11.08 -4.72 3.66
C VAL A 50 -11.42 -5.64 4.83
N ILE A 51 -10.38 -6.12 5.52
CA ILE A 51 -10.56 -7.02 6.65
C ILE A 51 -9.93 -6.44 7.91
N PRO A 52 -10.74 -5.79 8.74
CA PRO A 52 -10.26 -5.22 9.99
C PRO A 52 -9.87 -6.31 10.98
N GLY A 53 -8.78 -6.09 11.69
CA GLY A 53 -8.25 -7.08 12.63
C GLY A 53 -7.35 -8.08 11.90
N PHE A 54 -7.11 -7.84 10.62
CA PHE A 54 -6.24 -8.70 9.83
C PHE A 54 -5.48 -7.91 8.78
N VAL A 55 -6.00 -7.89 7.56
CA VAL A 55 -5.35 -7.19 6.46
C VAL A 55 -6.37 -6.57 5.51
N SER A 56 -6.20 -5.29 5.22
CA SER A 56 -7.03 -4.62 4.22
C SER A 56 -6.32 -4.55 2.87
N GLN A 57 -6.76 -5.36 1.93
CA GLN A 57 -6.09 -5.49 0.65
C GLN A 57 -6.77 -4.64 -0.42
N GLY A 58 -5.97 -3.88 -1.17
CA GLY A 58 -6.50 -3.03 -2.23
C GLY A 58 -6.90 -3.85 -3.46
N GLY A 59 -7.63 -3.22 -4.37
CA GLY A 59 -8.09 -3.89 -5.57
C GLY A 59 -7.16 -3.62 -6.75
N CYS A 60 -7.75 -3.36 -7.91
CA CYS A 60 -6.98 -3.15 -9.13
C CYS A 60 -7.81 -2.44 -10.19
N PRO A 61 -7.13 -1.91 -11.21
CA PRO A 61 -7.80 -1.21 -12.29
C PRO A 61 -8.88 -2.08 -12.93
N ARG A 62 -8.66 -3.38 -12.93
CA ARG A 62 -9.58 -4.32 -13.56
C ARG A 62 -10.82 -4.53 -12.71
N GLY A 63 -10.69 -4.29 -11.41
CA GLY A 63 -11.81 -4.43 -10.48
C GLY A 63 -12.11 -5.89 -10.20
N ASN A 64 -11.17 -6.76 -10.56
CA ASN A 64 -11.35 -8.20 -10.38
C ASN A 64 -10.59 -8.70 -9.15
N GLY A 65 -9.75 -7.83 -8.60
CA GLY A 65 -8.94 -8.20 -7.45
C GLY A 65 -7.55 -8.64 -7.87
N THR A 66 -7.37 -8.83 -9.17
CA THR A 66 -6.08 -9.26 -9.72
C THR A 66 -5.45 -8.17 -10.57
N GLY A 67 -4.34 -7.63 -10.09
CA GLY A 67 -3.67 -6.53 -10.79
C GLY A 67 -3.05 -7.00 -12.10
N ASP A 68 -3.02 -6.12 -13.08
CA ASP A 68 -2.41 -6.42 -14.37
C ASP A 68 -1.93 -5.15 -15.07
N ALA A 69 -1.35 -4.24 -14.31
CA ALA A 69 -0.93 -2.95 -14.85
C ALA A 69 0.34 -3.08 -15.68
N GLY A 70 1.12 -4.12 -15.39
CA GLY A 70 2.32 -4.41 -16.16
C GLY A 70 3.57 -3.92 -15.45
N TYR A 71 3.38 -3.23 -14.33
CA TYR A 71 4.49 -2.69 -13.56
C TYR A 71 5.07 -3.73 -12.61
N THR A 72 5.69 -4.76 -13.20
CA THR A 72 6.32 -5.81 -12.40
C THR A 72 7.66 -5.33 -11.85
N ILE A 73 7.78 -5.35 -10.52
CA ILE A 73 9.00 -4.89 -9.86
C ILE A 73 9.61 -5.99 -9.02
N PRO A 74 10.92 -5.90 -8.80
CA PRO A 74 11.63 -6.87 -7.98
C PRO A 74 11.28 -6.68 -6.50
N CYS A 75 11.49 -7.75 -5.71
CA CYS A 75 11.21 -7.70 -4.28
C CYS A 75 12.44 -7.28 -3.49
N GLU A 76 12.23 -6.45 -2.49
CA GLU A 76 13.33 -5.85 -1.73
C GLU A 76 13.68 -6.71 -0.53
N THR A 77 12.83 -7.68 -0.22
CA THR A 77 13.03 -8.54 0.95
C THR A 77 14.21 -9.48 0.75
N ASP A 78 14.65 -9.63 -0.50
CA ASP A 78 15.82 -10.44 -0.81
C ASP A 78 17.08 -9.79 -0.27
N ASN A 79 17.07 -8.47 -0.15
CA ASN A 79 18.22 -7.74 0.37
C ASN A 79 17.97 -7.28 1.80
N ASN A 80 16.71 -7.02 2.13
CA ASN A 80 16.33 -6.63 3.48
C ASN A 80 14.91 -7.07 3.80
N PRO A 81 14.77 -8.27 4.36
CA PRO A 81 13.46 -8.81 4.69
C PRO A 81 12.66 -7.85 5.55
N HIS A 82 11.38 -7.68 5.21
CA HIS A 82 10.51 -6.76 5.92
C HIS A 82 9.55 -7.50 6.83
N ARG A 83 9.33 -6.97 8.04
CA ARG A 83 8.36 -7.52 8.95
C ARG A 83 7.01 -6.84 8.80
N HIS A 84 5.94 -7.59 9.05
CA HIS A 84 4.59 -7.07 8.89
C HIS A 84 3.90 -6.90 10.24
N VAL A 85 3.71 -5.66 10.65
CA VAL A 85 3.09 -5.34 11.93
C VAL A 85 1.90 -4.40 11.75
N THR A 86 1.23 -4.09 12.85
CA THR A 86 0.08 -3.19 12.83
C THR A 86 0.45 -1.84 12.23
N GLY A 87 -0.24 -1.47 11.15
CA GLY A 87 -0.04 -0.17 10.52
C GLY A 87 0.77 -0.29 9.23
N ALA A 88 1.52 -1.38 9.11
CA ALA A 88 2.45 -1.54 8.00
C ALA A 88 1.73 -1.54 6.67
N MET A 89 2.36 -0.95 5.66
CA MET A 89 1.83 -0.99 4.30
C MET A 89 2.77 -1.72 3.36
N SER A 90 2.30 -2.84 2.80
CA SER A 90 3.17 -3.76 2.09
C SER A 90 2.67 -4.03 0.68
N MET A 91 3.59 -4.02 -0.27
CA MET A 91 3.25 -4.27 -1.67
C MET A 91 3.03 -5.75 -1.92
N ALA A 92 1.94 -6.08 -2.61
CA ALA A 92 1.62 -7.47 -2.93
C ALA A 92 2.38 -7.93 -4.16
N HIS A 93 2.61 -9.23 -4.25
CA HIS A 93 3.30 -9.82 -5.40
C HIS A 93 2.70 -11.16 -5.78
N ARG A 94 3.12 -11.68 -6.94
CA ARG A 94 2.68 -13.00 -7.38
C ARG A 94 3.84 -13.98 -7.39
N GLY A 95 4.79 -13.78 -6.49
CA GLY A 95 6.01 -14.60 -6.46
C GLY A 95 7.24 -13.74 -6.23
N ARG A 96 8.40 -14.40 -6.22
CA ARG A 96 9.67 -13.70 -6.01
C ARG A 96 9.97 -12.74 -7.15
N ASP A 97 10.34 -11.51 -6.79
CA ASP A 97 10.63 -10.48 -7.79
C ASP A 97 9.48 -10.33 -8.78
N THR A 98 8.26 -10.45 -8.27
CA THR A 98 7.07 -10.29 -9.11
C THR A 98 6.05 -9.40 -8.44
N GLY A 99 6.49 -8.25 -7.95
CA GLY A 99 5.62 -7.32 -7.23
C GLY A 99 4.76 -6.53 -8.20
N SER A 100 3.52 -6.27 -7.81
CA SER A 100 2.57 -5.56 -8.66
C SER A 100 2.28 -4.16 -8.12
N CYS A 101 1.29 -3.51 -8.70
CA CYS A 101 0.83 -2.21 -8.21
C CYS A 101 -0.03 -2.36 -6.96
N GLN A 102 -0.49 -3.58 -6.71
CA GLN A 102 -1.39 -3.84 -5.60
C GLN A 102 -0.66 -3.84 -4.26
N PHE A 103 -1.31 -3.32 -3.23
CA PHE A 103 -0.76 -3.34 -1.88
C PHE A 103 -1.84 -3.59 -0.84
N PHE A 104 -1.41 -3.83 0.40
CA PHE A 104 -2.34 -4.11 1.48
C PHE A 104 -1.85 -3.52 2.79
N ILE A 105 -2.78 -3.13 3.65
CA ILE A 105 -2.44 -2.54 4.94
C ILE A 105 -2.66 -3.52 6.08
N VAL A 106 -1.59 -3.81 6.82
CA VAL A 106 -1.66 -4.81 7.89
C VAL A 106 -2.25 -4.21 9.16
N HIS A 107 -3.18 -4.94 9.76
CA HIS A 107 -3.74 -4.55 11.05
C HIS A 107 -3.31 -5.50 12.15
N GLU A 108 -3.14 -6.76 11.80
CA GLU A 108 -2.59 -7.75 12.72
C GLU A 108 -1.24 -8.28 12.24
N PRO A 109 -0.25 -8.23 13.12
CA PRO A 109 1.10 -8.64 12.77
C PRO A 109 1.11 -10.05 12.19
N GLN A 110 1.94 -10.25 11.16
CA GLN A 110 2.03 -11.54 10.50
C GLN A 110 3.48 -12.01 10.38
N PRO A 111 3.94 -12.74 11.40
CA PRO A 111 5.31 -13.20 11.43
C PRO A 111 5.66 -14.02 10.21
N HIS A 112 4.66 -14.73 9.68
CA HIS A 112 4.88 -15.68 8.59
C HIS A 112 5.05 -14.96 7.26
N LEU A 113 4.76 -13.67 7.26
CA LEU A 113 4.96 -12.84 6.06
C LEU A 113 6.30 -12.10 6.12
N ASP A 114 7.07 -12.37 7.17
CA ASP A 114 8.38 -11.74 7.34
C ASP A 114 9.30 -12.09 6.18
N GLY A 115 9.57 -11.10 5.33
CA GLY A 115 10.48 -11.29 4.21
C GLY A 115 9.75 -11.82 2.98
N VAL A 116 8.43 -11.97 3.10
CA VAL A 116 7.62 -12.48 2.01
C VAL A 116 7.17 -11.36 1.10
N HIS A 117 6.52 -10.35 1.67
CA HIS A 117 6.12 -9.17 0.93
C HIS A 117 6.96 -7.96 1.33
N THR A 118 7.13 -7.04 0.39
CA THR A 118 7.96 -5.86 0.63
C THR A 118 7.16 -4.73 1.26
N VAL A 119 7.43 -4.47 2.53
CA VAL A 119 6.88 -3.30 3.20
C VAL A 119 7.59 -2.02 2.75
N PHE A 120 6.79 -1.04 2.31
CA PHE A 120 7.34 0.14 1.67
C PHE A 120 6.83 1.42 2.33
N GLY A 121 5.79 1.28 3.15
CA GLY A 121 5.22 2.41 3.86
C GLY A 121 4.55 1.95 5.16
N GLN A 122 3.94 2.90 5.86
CA GLN A 122 3.22 2.59 7.09
C GLN A 122 2.21 3.69 7.44
N VAL A 123 0.98 3.29 7.71
CA VAL A 123 -0.08 4.24 8.06
C VAL A 123 0.15 4.82 9.44
N THR A 124 0.10 6.15 9.54
CA THR A 124 0.40 6.83 10.78
C THR A 124 -0.84 7.53 11.34
N SER A 125 -1.81 7.77 10.47
CA SER A 125 -3.08 8.36 10.89
C SER A 125 -4.23 7.87 10.02
N GLY A 126 -5.34 7.52 10.66
CA GLY A 126 -6.53 7.07 9.95
C GLY A 126 -6.53 5.56 9.76
N MET A 127 -5.64 4.89 10.48
CA MET A 127 -5.60 3.43 10.48
C MET A 127 -6.95 2.85 10.90
N ASP A 128 -7.61 3.50 11.85
CA ASP A 128 -8.95 3.12 12.24
C ASP A 128 -9.93 3.28 11.09
N VAL A 129 -9.78 4.36 10.33
CA VAL A 129 -10.61 4.60 9.16
C VAL A 129 -10.45 3.48 8.14
N VAL A 130 -9.22 3.04 7.93
CA VAL A 130 -8.95 1.92 7.05
C VAL A 130 -9.74 0.68 7.46
N ARG A 131 -9.71 0.38 8.76
CA ARG A 131 -10.42 -0.78 9.28
C ARG A 131 -11.91 -0.68 9.03
N THR A 132 -12.42 0.54 9.00
CA THR A 132 -13.85 0.77 8.86
C THR A 132 -14.24 1.03 7.41
N MET A 133 -13.28 0.85 6.51
CA MET A 133 -13.56 0.92 5.08
C MET A 133 -14.47 -0.21 4.63
N LYS A 134 -15.17 -0.01 3.52
CA LYS A 134 -16.05 -1.02 2.97
C LYS A 134 -15.40 -1.73 1.78
N ASN A 135 -15.91 -2.90 1.44
CA ASN A 135 -15.48 -3.63 0.26
C ASN A 135 -15.92 -2.92 -1.01
N GLY A 136 -14.96 -2.44 -1.80
CA GLY A 136 -15.25 -1.67 -2.99
C GLY A 136 -15.25 -0.17 -2.70
N ASP A 137 -14.81 0.18 -1.49
CA ASP A 137 -14.66 1.58 -1.11
C ASP A 137 -13.69 2.31 -2.04
N VAL A 138 -14.12 3.46 -2.55
CA VAL A 138 -13.39 4.13 -3.63
C VAL A 138 -12.36 5.11 -3.08
N MET A 139 -11.16 5.07 -3.65
CA MET A 139 -10.15 6.08 -3.35
C MET A 139 -10.29 7.28 -4.28
N LYS A 140 -10.42 8.46 -3.69
CA LYS A 140 -10.66 9.68 -4.46
C LYS A 140 -9.37 10.21 -5.08
N GLU A 141 -8.29 10.20 -4.29
CA GLU A 141 -6.97 10.55 -4.79
C GLU A 141 -5.87 10.01 -3.88
N VAL A 142 -4.73 9.68 -4.47
CA VAL A 142 -3.57 9.26 -3.70
C VAL A 142 -2.33 10.07 -4.07
N LYS A 143 -1.74 10.72 -3.08
CA LYS A 143 -0.64 11.65 -3.33
C LYS A 143 0.61 11.27 -2.54
N VAL A 144 1.77 11.40 -3.17
CA VAL A 144 3.04 11.16 -2.50
C VAL A 144 3.98 12.35 -2.68
N PHE A 145 4.70 12.70 -1.61
CA PHE A 145 5.52 13.90 -1.60
C PHE A 145 6.74 13.73 -0.71
N ASP A 146 7.67 14.67 -0.81
CA ASP A 146 8.85 14.66 0.04
C ASP A 146 8.70 15.65 1.19
N GLU A 147 9.30 15.32 2.35
CA GLU A 147 9.21 16.17 3.52
C GLU A 147 10.50 16.11 4.34
N PRO A 148 11.00 17.28 4.74
CA PRO A 148 12.22 17.36 5.53
C PRO A 148 11.96 16.99 6.98
N MET A 3 14.67 15.24 1.56
CA MET A 3 13.38 15.03 2.21
C MET A 3 12.98 13.58 2.20
N ALA A 4 12.08 13.19 3.10
CA ALA A 4 11.57 11.83 3.15
C ALA A 4 10.28 11.69 2.34
N LYS A 5 9.92 10.46 2.02
CA LYS A 5 8.72 10.20 1.24
C LYS A 5 7.51 9.98 2.15
N LYS A 6 6.42 10.67 1.86
CA LYS A 6 5.19 10.53 2.62
C LYS A 6 3.97 10.64 1.72
N GLY A 7 3.01 9.73 1.91
CA GLY A 7 1.87 9.62 1.00
C GLY A 7 0.56 9.68 1.76
N TYR A 8 -0.54 9.84 1.02
CA TYR A 8 -1.87 9.83 1.62
C TYR A 8 -2.90 9.27 0.64
N ILE A 9 -3.91 8.59 1.19
CA ILE A 9 -5.05 8.18 0.39
C ILE A 9 -6.33 8.87 0.87
N LEU A 10 -6.84 9.78 0.05
CA LEU A 10 -8.13 10.40 0.31
C LEU A 10 -9.27 9.57 -0.28
N MET A 11 -10.20 9.16 0.58
CA MET A 11 -11.32 8.31 0.17
C MET A 11 -12.51 9.15 -0.25
N GLU A 12 -13.34 8.60 -1.13
CA GLU A 12 -14.55 9.27 -1.57
C GLU A 12 -15.51 9.50 -0.40
N ASN A 13 -15.35 8.71 0.66
CA ASN A 13 -16.21 8.81 1.83
C ASN A 13 -15.66 9.83 2.83
N GLY A 14 -14.58 10.50 2.45
CA GLY A 14 -14.00 11.55 3.27
C GLY A 14 -12.92 11.00 4.20
N GLY A 15 -12.63 9.72 4.04
CA GLY A 15 -11.58 9.06 4.83
C GLY A 15 -10.20 9.61 4.46
N LYS A 16 -9.33 9.71 5.46
CA LYS A 16 -7.99 10.25 5.25
C LYS A 16 -6.93 9.31 5.81
N ILE A 17 -6.36 8.49 4.93
CA ILE A 17 -5.31 7.55 5.32
C ILE A 17 -3.93 8.15 5.09
N GLU A 18 -3.29 8.57 6.17
CA GLU A 18 -1.98 9.21 6.08
C GLU A 18 -0.87 8.26 6.52
N PHE A 19 0.14 8.09 5.67
CA PHE A 19 1.18 7.10 5.90
C PHE A 19 2.54 7.60 5.43
N GLU A 20 3.59 7.12 6.07
CA GLU A 20 4.95 7.49 5.70
C GLU A 20 5.66 6.34 4.98
N LEU A 21 6.55 6.69 4.06
CA LEU A 21 7.23 5.69 3.24
C LEU A 21 8.70 5.57 3.62
N PHE A 22 9.30 4.44 3.28
CA PHE A 22 10.68 4.15 3.67
C PHE A 22 11.57 3.95 2.46
N PRO A 23 12.04 5.05 1.88
CA PRO A 23 12.88 5.01 0.69
C PRO A 23 14.29 4.54 1.04
N ASN A 24 14.56 4.39 2.33
CA ASN A 24 15.83 3.85 2.79
C ASN A 24 15.74 2.34 2.99
N GLU A 25 14.52 1.82 3.04
CA GLU A 25 14.30 0.40 3.33
C GLU A 25 13.84 -0.34 2.08
N ALA A 26 13.14 0.39 1.20
CA ALA A 26 12.73 -0.18 -0.09
C ALA A 26 12.45 0.92 -1.10
N PRO A 27 13.52 1.57 -1.57
CA PRO A 27 13.38 2.71 -2.47
C PRO A 27 12.69 2.32 -3.76
N VAL A 28 12.90 1.07 -4.19
CA VAL A 28 12.32 0.59 -5.43
C VAL A 28 10.80 0.47 -5.32
N THR A 29 10.33 -0.15 -4.26
CA THR A 29 8.89 -0.33 -4.05
C THR A 29 8.22 0.99 -3.72
N VAL A 30 8.91 1.84 -2.98
CA VAL A 30 8.44 3.19 -2.71
C VAL A 30 8.28 3.98 -4.01
N ALA A 31 9.27 3.87 -4.89
CA ALA A 31 9.20 4.52 -6.20
C ALA A 31 8.01 4.03 -7.00
N ASN A 32 7.79 2.72 -6.99
CA ASN A 32 6.63 2.13 -7.65
C ASN A 32 5.34 2.82 -7.22
N PHE A 33 5.03 2.71 -5.93
CA PHE A 33 3.80 3.28 -5.40
C PHE A 33 3.74 4.79 -5.63
N GLU A 34 4.84 5.47 -5.33
CA GLU A 34 4.90 6.92 -5.45
C GLU A 34 4.54 7.37 -6.86
N LYS A 35 5.21 6.79 -7.85
CA LYS A 35 5.02 7.17 -9.23
C LYS A 35 3.58 6.94 -9.69
N LEU A 36 3.07 5.74 -9.40
CA LEU A 36 1.69 5.40 -9.76
C LEU A 36 0.71 6.40 -9.17
N ALA A 37 0.87 6.68 -7.88
CA ALA A 37 -0.03 7.61 -7.19
C ALA A 37 -0.02 8.98 -7.85
N ASN A 38 1.18 9.51 -8.09
CA ASN A 38 1.32 10.87 -8.62
C ASN A 38 0.98 10.92 -10.10
N GLU A 39 0.95 9.76 -10.73
CA GLU A 39 0.48 9.64 -12.11
C GLU A 39 -1.03 9.44 -12.17
N GLY A 40 -1.66 9.42 -11.00
CA GLY A 40 -3.12 9.37 -10.92
C GLY A 40 -3.63 7.96 -11.17
N PHE A 41 -2.76 6.97 -10.97
CA PHE A 41 -3.13 5.57 -11.17
C PHE A 41 -4.10 5.10 -10.10
N TYR A 42 -3.69 5.22 -8.85
CA TYR A 42 -4.51 4.76 -7.73
C TYR A 42 -5.76 5.61 -7.57
N ASN A 43 -5.67 6.88 -7.97
CA ASN A 43 -6.84 7.75 -8.01
C ASN A 43 -7.93 7.18 -8.88
N GLY A 44 -9.02 6.75 -8.26
CA GLY A 44 -10.16 6.18 -8.98
C GLY A 44 -10.29 4.69 -8.69
N LEU A 45 -9.21 4.06 -8.27
CA LEU A 45 -9.22 2.65 -7.92
C LEU A 45 -9.76 2.43 -6.52
N THR A 46 -10.05 1.17 -6.19
CA THR A 46 -10.79 0.85 -4.98
C THR A 46 -10.02 -0.15 -4.12
N PHE A 47 -10.55 -0.44 -2.93
CA PHE A 47 -10.08 -1.56 -2.13
C PHE A 47 -10.98 -2.78 -2.29
N HIS A 48 -10.54 -3.72 -3.13
CA HIS A 48 -11.40 -4.79 -3.60
C HIS A 48 -11.53 -5.90 -2.56
N ARG A 49 -10.60 -5.92 -1.61
CA ARG A 49 -10.60 -6.93 -0.56
C ARG A 49 -10.23 -6.33 0.79
N VAL A 50 -11.23 -5.78 1.47
CA VAL A 50 -11.02 -5.16 2.77
C VAL A 50 -11.32 -6.16 3.90
N ILE A 51 -10.36 -6.32 4.80
CA ILE A 51 -10.53 -7.21 5.95
C ILE A 51 -10.28 -6.46 7.26
N PRO A 52 -11.34 -5.91 7.83
CA PRO A 52 -11.24 -5.14 9.06
C PRO A 52 -10.64 -5.98 10.19
N GLY A 53 -9.64 -5.43 10.86
CA GLY A 53 -9.03 -6.09 12.01
C GLY A 53 -7.78 -6.86 11.60
N PHE A 54 -7.55 -6.95 10.30
CA PHE A 54 -6.38 -7.65 9.78
C PHE A 54 -5.63 -6.80 8.76
N VAL A 55 -6.00 -6.92 7.50
CA VAL A 55 -5.30 -6.23 6.42
C VAL A 55 -6.18 -6.11 5.19
N SER A 56 -6.22 -4.91 4.61
CA SER A 56 -7.00 -4.66 3.41
C SER A 56 -6.13 -4.62 2.17
N GLN A 57 -6.71 -4.95 1.02
CA GLN A 57 -6.00 -4.89 -0.25
C GLN A 57 -6.74 -4.02 -1.25
N GLY A 58 -5.99 -3.24 -2.01
CA GLY A 58 -6.57 -2.34 -3.00
C GLY A 58 -5.54 -1.92 -4.04
N GLY A 59 -5.96 -1.05 -4.96
CA GLY A 59 -5.04 -0.51 -5.97
C GLY A 59 -4.90 -1.48 -7.14
N CYS A 60 -6.00 -2.09 -7.55
CA CYS A 60 -6.00 -2.97 -8.71
C CYS A 60 -6.94 -2.44 -9.80
N PRO A 61 -6.51 -2.58 -11.04
CA PRO A 61 -7.32 -2.12 -12.18
C PRO A 61 -8.48 -3.07 -12.44
N ARG A 62 -8.36 -4.30 -11.94
CA ARG A 62 -9.42 -5.28 -12.07
C ARG A 62 -10.23 -5.41 -10.79
N GLY A 63 -9.53 -5.58 -9.67
CA GLY A 63 -10.17 -5.76 -8.37
C GLY A 63 -10.67 -7.19 -8.20
N ASN A 64 -9.94 -8.13 -8.77
CA ASN A 64 -10.34 -9.53 -8.71
C ASN A 64 -9.44 -10.32 -7.77
N GLY A 65 -8.57 -9.61 -7.06
CA GLY A 65 -7.70 -10.24 -6.08
C GLY A 65 -6.25 -10.27 -6.57
N THR A 66 -6.08 -10.19 -7.88
CA THR A 66 -4.76 -10.31 -8.48
C THR A 66 -4.41 -9.06 -9.29
N GLY A 67 -5.41 -8.49 -9.96
CA GLY A 67 -5.20 -7.31 -10.78
C GLY A 67 -4.66 -7.68 -12.16
N ASP A 68 -4.31 -6.67 -12.95
CA ASP A 68 -3.81 -6.88 -14.29
C ASP A 68 -2.85 -5.77 -14.71
N ALA A 69 -1.98 -5.38 -13.78
CA ALA A 69 -0.98 -4.35 -14.05
C ALA A 69 0.09 -4.86 -15.00
N GLY A 70 0.55 -6.09 -14.77
CA GLY A 70 1.58 -6.69 -15.60
C GLY A 70 2.96 -6.14 -15.28
N TYR A 71 3.07 -5.50 -14.12
CA TYR A 71 4.32 -4.88 -13.70
C TYR A 71 5.32 -5.92 -13.23
N THR A 72 6.60 -5.64 -13.41
CA THR A 72 7.67 -6.52 -12.93
C THR A 72 8.66 -5.74 -12.07
N ILE A 73 8.17 -5.14 -11.00
CA ILE A 73 9.00 -4.27 -10.17
C ILE A 73 9.96 -5.07 -9.30
N PRO A 74 11.25 -4.75 -9.43
CA PRO A 74 12.27 -5.42 -8.64
C PRO A 74 11.95 -5.38 -7.15
N CYS A 75 12.38 -6.40 -6.43
CA CYS A 75 12.12 -6.49 -4.99
C CYS A 75 13.35 -6.12 -4.19
N GLU A 76 13.43 -4.85 -3.78
CA GLU A 76 14.58 -4.35 -3.05
C GLU A 76 14.70 -5.00 -1.68
N THR A 77 15.93 -5.20 -1.22
CA THR A 77 16.18 -5.83 0.07
C THR A 77 17.04 -4.95 0.96
N ASP A 78 17.58 -3.89 0.39
CA ASP A 78 18.39 -2.93 1.14
C ASP A 78 17.62 -1.64 1.38
N ASN A 79 17.87 -1.01 2.53
CA ASN A 79 18.82 -1.53 3.49
C ASN A 79 18.17 -2.56 4.41
N ASN A 80 16.89 -2.36 4.70
CA ASN A 80 16.16 -3.25 5.61
C ASN A 80 14.66 -2.95 5.58
N PRO A 81 13.95 -3.63 4.69
CA PRO A 81 12.50 -3.52 4.63
C PRO A 81 11.88 -3.74 6.00
N HIS A 82 10.72 -3.12 6.23
CA HIS A 82 10.08 -3.15 7.54
C HIS A 82 9.33 -4.45 7.74
N ARG A 83 8.55 -4.52 8.83
CA ARG A 83 7.85 -5.73 9.19
C ARG A 83 6.34 -5.57 8.99
N HIS A 84 5.66 -6.68 8.71
CA HIS A 84 4.22 -6.67 8.51
C HIS A 84 3.48 -6.56 9.84
N VAL A 85 3.57 -5.38 10.47
CA VAL A 85 2.97 -5.18 11.78
C VAL A 85 1.89 -4.11 11.73
N THR A 86 1.49 -3.63 12.89
CA THR A 86 0.43 -2.63 12.98
C THR A 86 0.70 -1.45 12.06
N GLY A 87 -0.15 -1.30 11.04
CA GLY A 87 -0.14 -0.10 10.21
C GLY A 87 0.70 -0.30 8.95
N ALA A 88 1.43 -1.40 8.91
CA ALA A 88 2.40 -1.65 7.84
C ALA A 88 1.72 -1.62 6.47
N MET A 89 2.45 -1.14 5.47
CA MET A 89 1.96 -1.16 4.10
C MET A 89 2.98 -1.81 3.17
N SER A 90 2.60 -2.93 2.57
CA SER A 90 3.50 -3.68 1.70
C SER A 90 2.97 -3.73 0.27
N MET A 91 3.81 -4.19 -0.65
CA MET A 91 3.42 -4.30 -2.05
C MET A 91 3.41 -5.76 -2.49
N ALA A 92 2.31 -6.18 -3.11
CA ALA A 92 2.16 -7.55 -3.58
C ALA A 92 3.07 -7.84 -4.76
N HIS A 93 3.42 -9.11 -4.94
CA HIS A 93 4.24 -9.52 -6.07
C HIS A 93 3.77 -10.87 -6.62
N ARG A 94 4.25 -11.21 -7.81
CA ARG A 94 3.92 -12.48 -8.43
C ARG A 94 5.16 -13.32 -8.69
N GLY A 95 6.09 -13.30 -7.74
CA GLY A 95 7.34 -14.03 -7.88
C GLY A 95 8.53 -13.14 -7.54
N ARG A 96 9.73 -13.62 -7.88
CA ARG A 96 10.96 -12.89 -7.57
C ARG A 96 11.08 -11.64 -8.44
N ASP A 97 11.35 -10.51 -7.80
CA ASP A 97 11.52 -9.25 -8.52
C ASP A 97 10.37 -9.00 -9.48
N THR A 98 9.16 -9.25 -9.01
CA THR A 98 7.96 -9.04 -9.83
C THR A 98 6.83 -8.43 -9.00
N GLY A 99 7.07 -7.23 -8.48
CA GLY A 99 6.06 -6.52 -7.71
C GLY A 99 5.04 -5.85 -8.63
N SER A 100 3.83 -5.67 -8.13
CA SER A 100 2.74 -5.11 -8.93
C SER A 100 2.28 -3.76 -8.36
N CYS A 101 1.10 -3.33 -8.79
CA CYS A 101 0.49 -2.13 -8.23
C CYS A 101 -0.36 -2.46 -7.01
N GLN A 102 -0.69 -3.74 -6.84
CA GLN A 102 -1.52 -4.18 -5.73
C GLN A 102 -0.77 -4.09 -4.41
N PHE A 103 -1.38 -3.41 -3.45
CA PHE A 103 -0.70 -3.08 -2.20
C PHE A 103 -1.59 -3.36 -1.00
N PHE A 104 -0.98 -3.42 0.19
CA PHE A 104 -1.70 -3.73 1.41
C PHE A 104 -1.81 -2.52 2.31
N ILE A 105 -2.86 -2.49 3.14
CA ILE A 105 -2.87 -1.67 4.34
C ILE A 105 -3.17 -2.50 5.58
N VAL A 106 -2.16 -2.68 6.42
CA VAL A 106 -2.28 -3.56 7.59
C VAL A 106 -2.83 -2.80 8.79
N HIS A 107 -3.78 -3.40 9.48
CA HIS A 107 -4.29 -2.85 10.73
C HIS A 107 -3.68 -3.56 11.93
N GLU A 108 -3.54 -4.87 11.82
CA GLU A 108 -2.87 -5.67 12.85
C GLU A 108 -1.82 -6.58 12.25
N PRO A 109 -0.79 -6.89 13.02
CA PRO A 109 0.31 -7.72 12.55
C PRO A 109 -0.21 -9.00 11.91
N GLN A 110 0.38 -9.37 10.78
CA GLN A 110 -0.12 -10.49 9.98
C GLN A 110 0.99 -11.47 9.64
N PRO A 111 1.08 -12.55 10.40
CA PRO A 111 2.07 -13.58 10.16
C PRO A 111 1.94 -14.16 8.76
N HIS A 112 0.73 -14.09 8.21
CA HIS A 112 0.45 -14.68 6.91
C HIS A 112 1.06 -13.85 5.79
N LEU A 113 1.44 -12.61 6.12
CA LEU A 113 2.14 -11.75 5.17
C LEU A 113 3.60 -11.54 5.59
N ASP A 114 3.88 -11.79 6.86
CA ASP A 114 5.23 -11.64 7.39
C ASP A 114 6.21 -12.54 6.65
N GLY A 115 7.09 -11.92 5.86
CA GLY A 115 8.14 -12.66 5.16
C GLY A 115 7.66 -13.07 3.77
N VAL A 116 6.47 -12.64 3.40
CA VAL A 116 5.90 -12.97 2.10
C VAL A 116 6.10 -11.82 1.10
N HIS A 117 5.74 -10.62 1.52
CA HIS A 117 5.89 -9.44 0.67
C HIS A 117 6.83 -8.43 1.31
N THR A 118 7.03 -7.30 0.63
CA THR A 118 7.95 -6.28 1.09
C THR A 118 7.22 -5.04 1.57
N VAL A 119 7.45 -4.66 2.82
CA VAL A 119 6.86 -3.44 3.37
C VAL A 119 7.64 -2.21 2.95
N PHE A 120 6.93 -1.20 2.47
CA PHE A 120 7.56 -0.02 1.89
C PHE A 120 7.05 1.26 2.56
N GLY A 121 5.97 1.13 3.32
CA GLY A 121 5.41 2.26 4.04
C GLY A 121 4.69 1.81 5.31
N GLN A 122 4.15 2.76 6.06
CA GLN A 122 3.38 2.46 7.26
C GLN A 122 2.43 3.60 7.61
N VAL A 123 1.17 3.26 7.85
CA VAL A 123 0.17 4.26 8.23
C VAL A 123 0.50 4.86 9.58
N THR A 124 0.39 6.19 9.68
CA THR A 124 0.68 6.89 10.92
C THR A 124 -0.55 7.59 11.46
N SER A 125 -1.52 7.85 10.58
CA SER A 125 -2.77 8.50 10.97
C SER A 125 -3.90 8.09 10.05
N GLY A 126 -5.10 7.98 10.63
CA GLY A 126 -6.26 7.48 9.90
C GLY A 126 -6.41 5.97 10.06
N MET A 127 -5.81 5.44 11.11
CA MET A 127 -5.92 4.02 11.41
C MET A 127 -7.38 3.63 11.66
N ASP A 128 -8.14 4.55 12.23
CA ASP A 128 -9.57 4.34 12.45
C ASP A 128 -10.31 4.21 11.12
N VAL A 129 -9.93 5.05 10.16
CA VAL A 129 -10.51 5.00 8.82
C VAL A 129 -10.25 3.65 8.17
N VAL A 130 -9.03 3.15 8.32
CA VAL A 130 -8.68 1.82 7.83
C VAL A 130 -9.49 0.74 8.54
N ARG A 131 -9.55 0.83 9.86
CA ARG A 131 -10.29 -0.13 10.66
C ARG A 131 -11.74 -0.24 10.21
N THR A 132 -12.35 0.91 9.96
CA THR A 132 -13.76 0.96 9.58
C THR A 132 -13.93 0.99 8.07
N MET A 133 -12.87 0.67 7.35
CA MET A 133 -12.92 0.59 5.90
C MET A 133 -13.92 -0.47 5.44
N LYS A 134 -14.64 -0.17 4.37
CA LYS A 134 -15.58 -1.11 3.79
C LYS A 134 -15.11 -1.59 2.42
N ASN A 135 -15.51 -2.80 2.05
CA ASN A 135 -15.12 -3.38 0.77
C ASN A 135 -15.69 -2.58 -0.40
N GLY A 136 -14.83 -2.23 -1.34
CA GLY A 136 -15.28 -1.56 -2.56
C GLY A 136 -15.18 -0.04 -2.43
N ASP A 137 -14.68 0.41 -1.29
CA ASP A 137 -14.48 1.84 -1.05
C ASP A 137 -13.53 2.44 -2.08
N VAL A 138 -13.86 3.64 -2.54
CA VAL A 138 -13.14 4.24 -3.66
C VAL A 138 -12.09 5.23 -3.17
N MET A 139 -10.88 5.12 -3.72
CA MET A 139 -9.81 6.06 -3.42
C MET A 139 -9.96 7.33 -4.23
N LYS A 140 -10.48 8.38 -3.61
CA LYS A 140 -10.77 9.63 -4.31
C LYS A 140 -9.50 10.24 -4.89
N GLU A 141 -8.47 10.35 -4.05
CA GLU A 141 -7.24 11.02 -4.44
C GLU A 141 -6.04 10.42 -3.72
N VAL A 142 -5.17 9.75 -4.47
CA VAL A 142 -3.96 9.16 -3.91
C VAL A 142 -2.72 9.84 -4.46
N LYS A 143 -1.91 10.40 -3.57
CA LYS A 143 -0.72 11.15 -3.98
C LYS A 143 0.40 11.00 -2.97
N VAL A 144 1.64 11.12 -3.44
CA VAL A 144 2.80 11.04 -2.56
C VAL A 144 3.71 12.26 -2.74
N PHE A 145 4.21 12.78 -1.63
CA PHE A 145 4.94 14.04 -1.64
C PHE A 145 6.20 13.97 -0.80
N ASP A 146 7.04 14.99 -0.89
CA ASP A 146 8.26 15.06 -0.12
C ASP A 146 8.07 15.89 1.15
N GLU A 147 8.54 15.36 2.27
CA GLU A 147 8.43 16.06 3.55
C GLU A 147 9.78 16.13 4.26
N PRO A 148 10.14 17.33 4.69
CA PRO A 148 11.41 17.55 5.38
C PRO A 148 11.34 17.09 6.82
N MET A 3 14.51 14.93 1.31
CA MET A 3 13.37 15.10 2.20
C MET A 3 12.65 13.79 2.46
N ALA A 4 11.95 13.70 3.59
CA ALA A 4 11.20 12.50 3.94
C ALA A 4 10.06 12.26 2.97
N LYS A 5 9.71 11.00 2.77
CA LYS A 5 8.62 10.64 1.87
C LYS A 5 7.34 10.33 2.64
N LYS A 6 6.26 11.02 2.28
CA LYS A 6 4.97 10.82 2.92
C LYS A 6 3.85 10.76 1.90
N GLY A 7 3.01 9.73 2.00
CA GLY A 7 1.92 9.53 1.05
C GLY A 7 0.57 9.84 1.70
N TYR A 8 -0.42 10.11 0.86
CA TYR A 8 -1.76 10.44 1.35
C TYR A 8 -2.83 9.81 0.49
N ILE A 9 -3.76 9.10 1.13
CA ILE A 9 -4.94 8.58 0.44
C ILE A 9 -6.22 9.26 0.93
N LEU A 10 -6.87 9.99 0.04
CA LEU A 10 -8.21 10.49 0.30
C LEU A 10 -9.27 9.51 -0.18
N MET A 11 -10.10 9.04 0.74
CA MET A 11 -11.17 8.11 0.41
C MET A 11 -12.43 8.87 -0.02
N GLU A 12 -13.27 8.21 -0.81
CA GLU A 12 -14.49 8.82 -1.31
C GLU A 12 -15.52 8.98 -0.19
N ASN A 13 -15.19 8.47 0.99
CA ASN A 13 -16.02 8.67 2.17
C ASN A 13 -15.52 9.84 3.01
N GLY A 14 -14.50 10.52 2.51
CA GLY A 14 -13.93 11.67 3.21
C GLY A 14 -12.81 11.23 4.15
N GLY A 15 -12.45 9.96 4.08
CA GLY A 15 -11.39 9.42 4.94
C GLY A 15 -10.04 10.01 4.58
N LYS A 16 -9.27 10.38 5.61
CA LYS A 16 -7.98 11.02 5.41
C LYS A 16 -6.84 10.15 5.93
N ILE A 17 -6.24 9.36 5.04
CA ILE A 17 -5.21 8.42 5.43
C ILE A 17 -3.81 8.97 5.13
N GLU A 18 -3.07 9.26 6.20
CA GLU A 18 -1.69 9.73 6.05
C GLU A 18 -0.70 8.67 6.51
N PHE A 19 0.33 8.44 5.70
CA PHE A 19 1.30 7.39 5.96
C PHE A 19 2.68 7.77 5.46
N GLU A 20 3.71 7.24 6.11
CA GLU A 20 5.09 7.54 5.75
C GLU A 20 5.70 6.44 4.90
N LEU A 21 6.68 6.81 4.09
CA LEU A 21 7.34 5.84 3.21
C LEU A 21 8.76 5.56 3.66
N PHE A 22 9.25 4.36 3.37
CA PHE A 22 10.57 3.94 3.81
C PHE A 22 11.41 3.43 2.64
N PRO A 23 11.94 4.36 1.86
CA PRO A 23 12.80 4.02 0.73
C PRO A 23 14.09 3.38 1.19
N ASN A 24 14.39 3.52 2.49
CA ASN A 24 15.54 2.87 3.09
C ASN A 24 15.33 1.37 3.21
N GLU A 25 14.06 0.96 3.22
CA GLU A 25 13.72 -0.45 3.31
C GLU A 25 13.52 -1.05 1.92
N ALA A 26 12.89 -0.30 1.03
CA ALA A 26 12.65 -0.76 -0.33
C ALA A 26 12.64 0.42 -1.30
N PRO A 27 13.81 0.80 -1.78
CA PRO A 27 13.94 1.91 -2.72
C PRO A 27 13.00 1.74 -3.90
N VAL A 28 13.02 0.55 -4.50
CA VAL A 28 12.31 0.30 -5.74
C VAL A 28 10.80 0.32 -5.51
N THR A 29 10.35 -0.43 -4.50
CA THR A 29 8.93 -0.55 -4.22
C THR A 29 8.32 0.80 -3.86
N VAL A 30 9.02 1.57 -3.03
CA VAL A 30 8.57 2.90 -2.64
C VAL A 30 8.51 3.83 -3.84
N ALA A 31 9.55 3.80 -4.67
CA ALA A 31 9.60 4.62 -5.86
C ALA A 31 8.42 4.33 -6.78
N ASN A 32 8.16 3.05 -6.99
CA ASN A 32 7.06 2.62 -7.86
C ASN A 32 5.73 3.14 -7.35
N PHE A 33 5.47 2.93 -6.06
CA PHE A 33 4.23 3.38 -5.45
C PHE A 33 4.06 4.89 -5.59
N GLU A 34 5.10 5.63 -5.24
CA GLU A 34 5.07 7.09 -5.33
C GLU A 34 4.74 7.55 -6.73
N LYS A 35 5.44 7.02 -7.72
CA LYS A 35 5.25 7.40 -9.11
C LYS A 35 3.83 7.11 -9.56
N LEU A 36 3.36 5.89 -9.30
CA LEU A 36 2.02 5.48 -9.67
C LEU A 36 0.98 6.44 -9.09
N ALA A 37 1.10 6.73 -7.80
CA ALA A 37 0.16 7.61 -7.12
C ALA A 37 0.11 8.98 -7.80
N ASN A 38 1.28 9.55 -8.04
CA ASN A 38 1.38 10.90 -8.59
C ASN A 38 1.03 10.92 -10.07
N GLU A 39 1.06 9.76 -10.69
CA GLU A 39 0.60 9.60 -12.06
C GLU A 39 -0.91 9.40 -12.12
N GLY A 40 -1.54 9.30 -10.95
CA GLY A 40 -2.98 9.20 -10.85
C GLY A 40 -3.45 7.76 -11.05
N PHE A 41 -2.53 6.82 -10.85
CA PHE A 41 -2.85 5.41 -10.99
C PHE A 41 -3.81 4.96 -9.88
N TYR A 42 -3.39 5.12 -8.64
CA TYR A 42 -4.18 4.65 -7.50
C TYR A 42 -5.44 5.49 -7.33
N ASN A 43 -5.39 6.74 -7.79
CA ASN A 43 -6.56 7.60 -7.80
C ASN A 43 -7.68 6.99 -8.64
N GLY A 44 -8.74 6.55 -7.98
CA GLY A 44 -9.93 6.03 -8.67
C GLY A 44 -10.02 4.52 -8.53
N LEU A 45 -9.00 3.92 -7.93
CA LEU A 45 -8.98 2.48 -7.70
C LEU A 45 -9.63 2.13 -6.36
N THR A 46 -9.98 0.86 -6.20
CA THR A 46 -10.75 0.42 -5.04
C THR A 46 -10.01 -0.68 -4.28
N PHE A 47 -10.52 -1.01 -3.09
CA PHE A 47 -9.99 -2.13 -2.32
C PHE A 47 -10.77 -3.40 -2.58
N HIS A 48 -10.16 -4.33 -3.31
CA HIS A 48 -10.88 -5.47 -3.86
C HIS A 48 -11.23 -6.48 -2.77
N ARG A 49 -10.54 -6.39 -1.64
CA ARG A 49 -10.70 -7.37 -0.57
C ARG A 49 -10.19 -6.81 0.76
N VAL A 50 -11.08 -6.19 1.51
CA VAL A 50 -10.76 -5.70 2.85
C VAL A 50 -11.08 -6.76 3.90
N ILE A 51 -10.06 -7.19 4.64
CA ILE A 51 -10.23 -8.16 5.71
C ILE A 51 -9.77 -7.60 7.05
N PRO A 52 -10.70 -6.99 7.77
CA PRO A 52 -10.41 -6.46 9.10
C PRO A 52 -9.83 -7.54 10.00
N GLY A 53 -8.72 -7.23 10.66
CA GLY A 53 -8.07 -8.17 11.56
C GLY A 53 -7.04 -9.02 10.82
N PHE A 54 -6.82 -8.70 9.55
CA PHE A 54 -5.78 -9.35 8.77
C PHE A 54 -5.06 -8.36 7.87
N VAL A 55 -5.53 -8.25 6.63
CA VAL A 55 -5.02 -7.23 5.72
C VAL A 55 -6.16 -6.63 4.89
N SER A 56 -5.95 -5.41 4.42
CA SER A 56 -6.88 -4.77 3.50
C SER A 56 -6.26 -4.60 2.11
N GLN A 57 -6.65 -5.47 1.18
CA GLN A 57 -6.04 -5.49 -0.15
C GLN A 57 -6.79 -4.57 -1.11
N GLY A 58 -6.04 -3.86 -1.94
CA GLY A 58 -6.64 -2.94 -2.89
C GLY A 58 -5.66 -2.60 -4.02
N GLY A 59 -6.11 -1.78 -4.96
CA GLY A 59 -5.29 -1.42 -6.11
C GLY A 59 -5.91 -1.92 -7.41
N CYS A 60 -7.22 -2.18 -7.37
CA CYS A 60 -7.92 -2.72 -8.53
C CYS A 60 -8.95 -1.72 -9.06
N PRO A 61 -9.06 -1.63 -10.38
CA PRO A 61 -9.96 -0.69 -11.01
C PRO A 61 -11.41 -1.18 -10.95
N ARG A 62 -11.57 -2.48 -10.75
CA ARG A 62 -12.90 -3.09 -10.74
C ARG A 62 -13.19 -3.75 -9.40
N GLY A 63 -12.13 -4.04 -8.65
CA GLY A 63 -12.27 -4.72 -7.36
C GLY A 63 -12.47 -6.21 -7.55
N ASN A 64 -11.91 -6.75 -8.64
CA ASN A 64 -12.10 -8.15 -8.97
C ASN A 64 -10.85 -8.97 -8.67
N GLY A 65 -9.88 -8.33 -8.03
CA GLY A 65 -8.67 -9.01 -7.61
C GLY A 65 -7.55 -8.83 -8.63
N THR A 66 -7.88 -8.20 -9.75
CA THR A 66 -6.91 -7.93 -10.80
C THR A 66 -6.64 -6.44 -10.94
N GLY A 67 -5.38 -6.05 -10.75
CA GLY A 67 -5.00 -4.64 -10.81
C GLY A 67 -4.93 -4.16 -12.24
N ASP A 68 -4.71 -2.86 -12.42
CA ASP A 68 -4.64 -2.26 -13.75
C ASP A 68 -3.20 -1.99 -14.16
N ALA A 69 -2.28 -2.80 -13.64
CA ALA A 69 -0.87 -2.66 -13.98
C ALA A 69 -0.61 -2.98 -15.44
N GLY A 70 -1.12 -4.11 -15.90
CA GLY A 70 -0.97 -4.51 -17.29
C GLY A 70 0.36 -5.24 -17.52
N TYR A 71 1.15 -5.36 -16.46
CA TYR A 71 2.45 -5.99 -16.55
C TYR A 71 3.07 -6.18 -15.17
N THR A 72 4.23 -6.82 -15.13
CA THR A 72 4.93 -7.06 -13.87
C THR A 72 5.92 -5.95 -13.56
N ILE A 73 5.96 -5.54 -12.30
CA ILE A 73 6.91 -4.52 -11.86
C ILE A 73 7.84 -5.07 -10.79
N PRO A 74 9.01 -4.45 -10.65
CA PRO A 74 10.01 -4.91 -9.69
C PRO A 74 9.64 -4.49 -8.27
N CYS A 75 9.89 -5.38 -7.32
CA CYS A 75 9.77 -5.04 -5.91
C CYS A 75 11.02 -5.43 -5.13
N GLU A 76 11.42 -4.58 -4.19
CA GLU A 76 12.68 -4.75 -3.48
C GLU A 76 12.46 -5.29 -2.08
N THR A 77 13.03 -6.45 -1.79
CA THR A 77 12.87 -7.09 -0.49
C THR A 77 14.09 -6.86 0.40
N ASP A 78 15.19 -6.44 -0.21
CA ASP A 78 16.44 -6.25 0.50
C ASP A 78 16.71 -4.78 0.76
N ASN A 79 17.43 -4.49 1.85
CA ASN A 79 17.98 -5.55 2.69
C ASN A 79 17.11 -5.76 3.93
N ASN A 80 16.30 -4.75 4.27
CA ASN A 80 15.59 -4.73 5.53
C ASN A 80 14.38 -5.67 5.50
N PRO A 81 14.32 -6.58 6.47
CA PRO A 81 13.18 -7.46 6.63
C PRO A 81 11.88 -6.66 6.74
N HIS A 82 10.77 -7.30 6.41
CA HIS A 82 9.47 -6.64 6.42
C HIS A 82 8.51 -7.31 7.38
N ARG A 83 8.36 -6.73 8.56
CA ARG A 83 7.65 -7.40 9.66
C ARG A 83 6.16 -7.50 9.38
N HIS A 84 5.64 -6.54 8.62
CA HIS A 84 4.20 -6.45 8.38
C HIS A 84 3.43 -6.37 9.69
N VAL A 85 3.49 -5.23 10.35
CA VAL A 85 2.83 -5.04 11.62
C VAL A 85 1.58 -4.17 11.48
N THR A 86 0.87 -3.96 12.58
CA THR A 86 -0.33 -3.13 12.58
C THR A 86 -0.03 -1.74 12.03
N GLY A 87 -0.70 -1.38 10.94
CA GLY A 87 -0.58 -0.06 10.36
C GLY A 87 0.36 -0.06 9.16
N ALA A 88 1.15 -1.12 9.04
CA ALA A 88 2.12 -1.24 7.97
C ALA A 88 1.44 -1.28 6.60
N MET A 89 2.12 -0.74 5.60
CA MET A 89 1.61 -0.77 4.22
C MET A 89 2.58 -1.49 3.30
N SER A 90 2.08 -2.48 2.57
CA SER A 90 2.93 -3.39 1.82
C SER A 90 2.36 -3.64 0.43
N MET A 91 3.24 -3.67 -0.57
CA MET A 91 2.85 -4.01 -1.93
C MET A 91 2.98 -5.50 -2.17
N ALA A 92 2.08 -6.05 -2.99
CA ALA A 92 1.99 -7.49 -3.18
C ALA A 92 2.89 -7.96 -4.32
N HIS A 93 3.63 -9.04 -4.08
CA HIS A 93 4.46 -9.64 -5.11
C HIS A 93 4.64 -11.12 -4.87
N ARG A 94 5.20 -11.81 -5.86
CA ARG A 94 5.42 -13.26 -5.76
C ARG A 94 6.91 -13.59 -5.90
N GLY A 95 7.76 -12.75 -5.33
CA GLY A 95 9.20 -12.93 -5.43
C GLY A 95 9.92 -11.61 -5.68
N ARG A 96 11.24 -11.64 -5.62
CA ARG A 96 12.04 -10.43 -5.77
C ARG A 96 12.00 -9.93 -7.21
N ASP A 97 11.80 -8.63 -7.37
CA ASP A 97 11.72 -8.02 -8.70
C ASP A 97 10.60 -8.65 -9.52
N THR A 98 9.54 -9.09 -8.85
CA THR A 98 8.44 -9.79 -9.52
C THR A 98 7.14 -9.60 -8.74
N GLY A 99 6.53 -8.44 -8.91
CA GLY A 99 5.29 -8.13 -8.19
C GLY A 99 4.34 -7.32 -9.07
N SER A 100 3.23 -6.88 -8.49
CA SER A 100 2.26 -6.05 -9.20
C SER A 100 2.08 -4.70 -8.52
N CYS A 101 1.24 -3.86 -9.10
CA CYS A 101 0.97 -2.54 -8.55
C CYS A 101 0.00 -2.63 -7.37
N GLN A 102 -0.54 -3.82 -7.14
CA GLN A 102 -1.49 -4.04 -6.06
C GLN A 102 -0.80 -3.97 -4.70
N PHE A 103 -1.54 -3.52 -3.69
CA PHE A 103 -1.00 -3.37 -2.35
C PHE A 103 -2.02 -3.77 -1.30
N PHE A 104 -1.62 -3.74 -0.03
CA PHE A 104 -2.52 -4.02 1.07
C PHE A 104 -2.02 -3.38 2.37
N ILE A 105 -2.95 -3.03 3.25
CA ILE A 105 -2.60 -2.45 4.54
C ILE A 105 -2.80 -3.47 5.66
N VAL A 106 -1.76 -3.66 6.47
CA VAL A 106 -1.77 -4.71 7.49
C VAL A 106 -2.51 -4.25 8.74
N HIS A 107 -3.44 -5.09 9.21
CA HIS A 107 -4.18 -4.81 10.42
C HIS A 107 -3.51 -5.43 11.64
N GLU A 108 -3.03 -6.65 11.48
CA GLU A 108 -2.39 -7.38 12.57
C GLU A 108 -1.02 -7.89 12.16
N PRO A 109 -0.12 -7.99 13.13
CA PRO A 109 1.24 -8.48 12.87
C PRO A 109 1.21 -9.83 12.17
N GLN A 110 1.92 -9.92 11.05
CA GLN A 110 2.03 -11.18 10.31
C GLN A 110 3.46 -11.43 9.85
N PRO A 111 4.27 -11.99 10.75
CA PRO A 111 5.66 -12.28 10.45
C PRO A 111 5.77 -13.20 9.24
N HIS A 112 4.72 -13.97 8.99
CA HIS A 112 4.73 -14.94 7.89
C HIS A 112 4.84 -14.25 6.54
N LEU A 113 4.46 -12.97 6.51
CA LEU A 113 4.49 -12.20 5.27
C LEU A 113 5.88 -11.62 5.01
N ASP A 114 6.74 -11.70 6.02
CA ASP A 114 8.12 -11.21 5.90
C ASP A 114 8.89 -12.01 4.86
N GLY A 115 9.13 -11.39 3.71
CA GLY A 115 9.80 -12.06 2.60
C GLY A 115 8.80 -12.50 1.53
N VAL A 116 7.52 -12.52 1.90
CA VAL A 116 6.46 -12.84 0.96
C VAL A 116 6.00 -11.59 0.22
N HIS A 117 5.82 -10.50 0.95
CA HIS A 117 5.52 -9.21 0.35
C HIS A 117 6.44 -8.12 0.89
N THR A 118 6.33 -6.93 0.32
CA THR A 118 7.28 -5.86 0.60
C THR A 118 6.58 -4.65 1.21
N VAL A 119 6.85 -4.41 2.49
CA VAL A 119 6.43 -3.17 3.15
C VAL A 119 7.16 -1.96 2.55
N PHE A 120 6.39 -0.91 2.25
CA PHE A 120 6.96 0.28 1.62
C PHE A 120 6.68 1.52 2.45
N GLY A 121 5.71 1.41 3.36
CA GLY A 121 5.30 2.55 4.18
C GLY A 121 4.54 2.09 5.42
N GLN A 122 4.00 3.05 6.17
CA GLN A 122 3.23 2.74 7.36
C GLN A 122 2.30 3.88 7.73
N VAL A 123 1.03 3.56 7.99
CA VAL A 123 0.04 4.55 8.34
C VAL A 123 0.37 5.20 9.68
N THR A 124 0.29 6.53 9.73
CA THR A 124 0.57 7.26 10.96
C THR A 124 -0.67 8.01 11.45
N SER A 125 -1.60 8.25 10.54
CA SER A 125 -2.86 8.89 10.88
C SER A 125 -3.99 8.45 9.95
N GLY A 126 -5.17 8.24 10.51
CA GLY A 126 -6.32 7.77 9.74
C GLY A 126 -6.40 6.25 9.76
N MET A 127 -5.72 5.63 10.71
CA MET A 127 -5.79 4.18 10.90
C MET A 127 -7.22 3.74 11.16
N ASP A 128 -8.00 4.62 11.79
CA ASP A 128 -9.43 4.36 11.99
C ASP A 128 -10.14 4.18 10.66
N VAL A 129 -9.85 5.07 9.72
CA VAL A 129 -10.41 4.96 8.37
C VAL A 129 -10.00 3.67 7.70
N VAL A 130 -8.73 3.30 7.87
CA VAL A 130 -8.22 2.03 7.35
C VAL A 130 -9.01 0.85 7.92
N ARG A 131 -9.19 0.85 9.24
CA ARG A 131 -9.87 -0.24 9.92
C ARG A 131 -11.33 -0.33 9.50
N THR A 132 -11.91 0.81 9.17
CA THR A 132 -13.33 0.87 8.81
C THR A 132 -13.51 0.87 7.30
N MET A 133 -12.51 0.40 6.58
CA MET A 133 -12.62 0.19 5.14
C MET A 133 -13.65 -0.88 4.81
N LYS A 134 -14.19 -0.82 3.61
CA LYS A 134 -15.15 -1.83 3.15
C LYS A 134 -14.68 -2.48 1.85
N ASN A 135 -15.22 -3.66 1.58
CA ASN A 135 -14.86 -4.40 0.37
C ASN A 135 -15.41 -3.71 -0.88
N GLY A 136 -14.53 -3.01 -1.59
CA GLY A 136 -14.93 -2.25 -2.78
C GLY A 136 -14.86 -0.75 -2.51
N ASP A 137 -14.40 -0.39 -1.32
CA ASP A 137 -14.24 1.02 -0.95
C ASP A 137 -13.31 1.73 -1.92
N VAL A 138 -13.59 3.01 -2.16
CA VAL A 138 -12.98 3.73 -3.27
C VAL A 138 -11.96 4.74 -2.79
N MET A 139 -10.78 4.72 -3.39
CA MET A 139 -9.76 5.74 -3.14
C MET A 139 -9.98 6.96 -4.04
N LYS A 140 -10.52 8.02 -3.46
CA LYS A 140 -10.91 9.20 -4.23
C LYS A 140 -9.70 9.87 -4.87
N GLU A 141 -8.66 10.09 -4.07
CA GLU A 141 -7.46 10.78 -4.54
C GLU A 141 -6.22 10.29 -3.80
N VAL A 142 -5.34 9.61 -4.54
CA VAL A 142 -4.08 9.12 -3.97
C VAL A 142 -2.89 9.88 -4.53
N LYS A 143 -1.99 10.32 -3.66
CA LYS A 143 -0.84 11.11 -4.06
C LYS A 143 0.25 11.08 -2.99
N VAL A 144 1.49 11.25 -3.43
CA VAL A 144 2.64 11.16 -2.52
C VAL A 144 3.58 12.34 -2.70
N PHE A 145 4.05 12.88 -1.59
CA PHE A 145 4.94 14.04 -1.63
C PHE A 145 6.24 13.76 -0.88
N ASP A 146 7.23 14.63 -1.07
CA ASP A 146 8.47 14.56 -0.31
C ASP A 146 8.47 15.56 0.84
N GLU A 147 7.81 15.22 1.92
CA GLU A 147 7.65 16.13 3.04
C GLU A 147 9.00 16.49 3.66
N PRO A 148 9.25 17.79 3.81
CA PRO A 148 10.47 18.26 4.46
C PRO A 148 10.69 17.57 5.79
N MET A 3 16.21 12.23 1.36
CA MET A 3 15.57 12.25 2.68
C MET A 3 14.32 11.37 2.69
N ALA A 4 13.66 11.31 3.84
CA ALA A 4 12.44 10.53 3.98
C ALA A 4 11.26 11.23 3.31
N LYS A 5 10.19 10.47 3.07
CA LYS A 5 9.00 11.03 2.44
C LYS A 5 7.74 10.35 2.97
N LYS A 6 6.58 10.89 2.59
CA LYS A 6 5.31 10.36 3.05
C LYS A 6 4.20 10.65 2.04
N GLY A 7 3.02 10.08 2.29
CA GLY A 7 1.86 10.33 1.44
C GLY A 7 0.56 10.15 2.21
N TYR A 8 -0.56 10.19 1.50
CA TYR A 8 -1.86 9.92 2.10
C TYR A 8 -2.88 9.49 1.04
N ILE A 9 -3.83 8.66 1.46
CA ILE A 9 -4.91 8.24 0.57
C ILE A 9 -6.16 9.08 0.79
N LEU A 10 -6.64 9.71 -0.28
CA LEU A 10 -7.94 10.37 -0.27
C LEU A 10 -9.04 9.43 -0.74
N MET A 11 -9.99 9.15 0.14
CA MET A 11 -11.08 8.23 -0.19
C MET A 11 -12.26 8.97 -0.81
N GLU A 12 -13.04 8.24 -1.60
CA GLU A 12 -14.24 8.80 -2.22
C GLU A 12 -15.27 9.20 -1.17
N ASN A 13 -15.12 8.64 0.03
CA ASN A 13 -16.03 8.94 1.13
C ASN A 13 -15.56 10.15 1.93
N GLY A 14 -14.41 10.70 1.52
CA GLY A 14 -13.87 11.89 2.16
C GLY A 14 -12.86 11.52 3.24
N GLY A 15 -12.65 10.22 3.43
CA GLY A 15 -11.71 9.74 4.44
C GLY A 15 -10.27 10.04 4.04
N LYS A 16 -9.40 10.12 5.04
CA LYS A 16 -7.98 10.39 4.80
C LYS A 16 -7.10 9.41 5.56
N ILE A 17 -6.21 8.73 4.85
CA ILE A 17 -5.27 7.81 5.46
C ILE A 17 -3.83 8.25 5.21
N GLU A 18 -3.22 8.85 6.23
CA GLU A 18 -1.87 9.39 6.11
C GLU A 18 -0.83 8.36 6.54
N PHE A 19 0.24 8.24 5.76
CA PHE A 19 1.23 7.19 5.97
C PHE A 19 2.63 7.69 5.62
N GLU A 20 3.64 7.12 6.26
CA GLU A 20 5.02 7.40 5.92
C GLU A 20 5.59 6.37 4.96
N LEU A 21 6.67 6.71 4.28
CA LEU A 21 7.31 5.82 3.33
C LEU A 21 8.77 5.58 3.68
N PHE A 22 9.31 4.45 3.23
CA PHE A 22 10.68 4.08 3.54
C PHE A 22 11.48 3.85 2.26
N PRO A 23 11.88 4.94 1.62
CA PRO A 23 12.63 4.86 0.37
C PRO A 23 14.03 4.34 0.60
N ASN A 24 14.46 4.33 1.86
CA ASN A 24 15.78 3.83 2.21
C ASN A 24 15.75 2.34 2.51
N GLU A 25 14.55 1.77 2.53
CA GLU A 25 14.38 0.36 2.83
C GLU A 25 13.86 -0.40 1.62
N ALA A 26 13.01 0.26 0.84
CA ALA A 26 12.48 -0.33 -0.39
C ALA A 26 12.29 0.74 -1.47
N PRO A 27 13.39 1.23 -2.01
CA PRO A 27 13.35 2.29 -3.01
C PRO A 27 12.66 1.83 -4.28
N VAL A 28 12.79 0.55 -4.59
CA VAL A 28 12.22 -0.01 -5.81
C VAL A 28 10.70 -0.05 -5.76
N THR A 29 10.15 0.06 -4.55
CA THR A 29 8.71 0.06 -4.35
C THR A 29 8.19 1.47 -4.11
N VAL A 30 8.90 2.21 -3.27
CA VAL A 30 8.47 3.56 -2.88
C VAL A 30 8.54 4.51 -4.07
N ALA A 31 9.59 4.38 -4.87
CA ALA A 31 9.77 5.23 -6.04
C ALA A 31 8.63 5.04 -7.04
N ASN A 32 8.31 3.78 -7.33
CA ASN A 32 7.26 3.46 -8.29
C ASN A 32 5.88 3.80 -7.72
N PHE A 33 5.72 3.56 -6.42
CA PHE A 33 4.47 3.93 -5.74
C PHE A 33 4.21 5.42 -5.84
N GLU A 34 5.20 6.22 -5.47
CA GLU A 34 5.09 7.67 -5.57
C GLU A 34 4.79 8.11 -7.00
N LYS A 35 5.58 7.60 -7.95
CA LYS A 35 5.43 7.97 -9.36
C LYS A 35 4.00 7.73 -9.84
N LEU A 36 3.52 6.50 -9.69
CA LEU A 36 2.22 6.13 -10.20
C LEU A 36 1.11 6.89 -9.48
N ALA A 37 1.25 7.02 -8.16
CA ALA A 37 0.28 7.75 -7.36
C ALA A 37 0.09 9.17 -7.87
N ASN A 38 1.19 9.90 -8.02
CA ASN A 38 1.13 11.31 -8.37
C ASN A 38 0.78 11.49 -9.85
N GLU A 39 1.05 10.48 -10.65
CA GLU A 39 0.69 10.50 -12.06
C GLU A 39 -0.73 10.01 -12.28
N GLY A 40 -1.45 9.77 -11.18
CA GLY A 40 -2.88 9.58 -11.23
C GLY A 40 -3.25 8.16 -11.64
N PHE A 41 -2.29 7.25 -11.50
CA PHE A 41 -2.52 5.84 -11.78
C PHE A 41 -3.23 5.15 -10.63
N TYR A 42 -3.13 5.75 -9.44
CA TYR A 42 -3.81 5.23 -8.25
C TYR A 42 -5.10 5.98 -7.97
N ASN A 43 -5.66 6.59 -9.01
CA ASN A 43 -6.90 7.35 -8.88
C ASN A 43 -8.11 6.49 -9.22
N GLY A 44 -8.96 6.26 -8.23
CA GLY A 44 -10.23 5.56 -8.45
C GLY A 44 -10.06 4.05 -8.30
N LEU A 45 -9.00 3.64 -7.62
CA LEU A 45 -8.76 2.24 -7.35
C LEU A 45 -9.80 1.67 -6.39
N THR A 46 -10.17 0.41 -6.58
CA THR A 46 -11.15 -0.24 -5.74
C THR A 46 -10.53 -1.36 -4.92
N PHE A 47 -11.00 -1.54 -3.70
CA PHE A 47 -10.51 -2.59 -2.82
C PHE A 47 -11.19 -3.92 -3.13
N HIS A 48 -10.53 -5.02 -2.77
CA HIS A 48 -10.96 -6.34 -3.19
C HIS A 48 -11.28 -7.23 -1.99
N ARG A 49 -10.38 -7.23 -1.01
CA ARG A 49 -10.58 -8.02 0.20
C ARG A 49 -10.17 -7.23 1.44
N VAL A 50 -11.12 -6.49 2.00
CA VAL A 50 -10.87 -5.73 3.23
C VAL A 50 -11.47 -6.44 4.43
N ILE A 51 -10.61 -6.92 5.32
CA ILE A 51 -11.05 -7.58 6.53
C ILE A 51 -10.60 -6.83 7.78
N PRO A 52 -11.54 -6.14 8.42
CA PRO A 52 -11.25 -5.42 9.65
C PRO A 52 -10.58 -6.32 10.68
N GLY A 53 -9.40 -5.92 11.13
CA GLY A 53 -8.66 -6.68 12.13
C GLY A 53 -7.73 -7.70 11.47
N PHE A 54 -7.57 -7.58 10.16
CA PHE A 54 -6.67 -8.46 9.42
C PHE A 54 -5.90 -7.70 8.35
N VAL A 55 -6.45 -7.67 7.14
CA VAL A 55 -5.76 -7.08 6.00
C VAL A 55 -6.72 -6.32 5.10
N SER A 56 -6.35 -5.09 4.75
CA SER A 56 -7.13 -4.30 3.82
C SER A 56 -6.56 -4.39 2.40
N GLN A 57 -6.77 -5.54 1.76
CA GLN A 57 -6.19 -5.79 0.45
C GLN A 57 -7.01 -5.16 -0.66
N GLY A 58 -6.36 -4.36 -1.49
CA GLY A 58 -7.04 -3.71 -2.61
C GLY A 58 -6.05 -2.86 -3.42
N GLY A 59 -6.56 -1.78 -4.00
CA GLY A 59 -5.77 -0.94 -4.90
C GLY A 59 -5.74 -1.53 -6.31
N CYS A 60 -6.87 -2.06 -6.74
CA CYS A 60 -6.99 -2.64 -8.08
C CYS A 60 -7.86 -1.76 -8.97
N PRO A 61 -7.41 -1.59 -10.22
CA PRO A 61 -8.12 -0.72 -11.15
C PRO A 61 -9.57 -1.13 -11.30
N ARG A 62 -9.82 -2.44 -11.20
CA ARG A 62 -11.16 -2.98 -11.43
C ARG A 62 -11.75 -3.55 -10.14
N GLY A 63 -10.89 -3.85 -9.18
CA GLY A 63 -11.32 -4.44 -7.92
C GLY A 63 -11.58 -5.92 -8.07
N ASN A 64 -10.97 -6.53 -9.08
CA ASN A 64 -11.17 -7.96 -9.35
C ASN A 64 -10.02 -8.79 -8.81
N GLY A 65 -9.09 -8.13 -8.12
CA GLY A 65 -7.96 -8.82 -7.50
C GLY A 65 -6.81 -8.95 -8.48
N THR A 66 -6.99 -8.43 -9.69
CA THR A 66 -5.98 -8.52 -10.73
C THR A 66 -5.44 -7.15 -11.11
N GLY A 67 -4.19 -6.89 -10.76
CA GLY A 67 -3.54 -5.62 -11.10
C GLY A 67 -3.50 -5.41 -12.62
N ASP A 68 -4.28 -4.46 -13.10
CA ASP A 68 -4.35 -4.17 -14.53
C ASP A 68 -3.65 -2.87 -14.87
N ALA A 69 -2.83 -2.38 -13.94
CA ALA A 69 -2.08 -1.15 -14.15
C ALA A 69 -1.02 -1.34 -15.22
N GLY A 70 -0.47 -2.55 -15.31
CA GLY A 70 0.56 -2.85 -16.29
C GLY A 70 1.96 -2.58 -15.73
N TYR A 71 2.03 -2.42 -14.41
CA TYR A 71 3.31 -2.16 -13.74
C TYR A 71 3.62 -3.24 -12.73
N THR A 72 4.88 -3.63 -12.66
CA THR A 72 5.32 -4.68 -11.74
C THR A 72 6.47 -4.20 -10.86
N ILE A 73 6.41 -4.55 -9.57
CA ILE A 73 7.45 -4.17 -8.63
C ILE A 73 8.13 -5.39 -8.03
N PRO A 74 9.45 -5.38 -8.03
CA PRO A 74 10.24 -6.50 -7.50
C PRO A 74 10.25 -6.48 -5.97
N CYS A 75 10.67 -7.59 -5.38
CA CYS A 75 10.69 -7.72 -3.93
C CYS A 75 12.06 -7.37 -3.35
N GLU A 76 12.23 -6.11 -2.96
CA GLU A 76 13.49 -5.65 -2.40
C GLU A 76 13.99 -6.59 -1.30
N THR A 77 15.06 -7.31 -1.59
CA THR A 77 15.62 -8.26 -0.63
C THR A 77 16.87 -7.70 0.03
N ASP A 78 16.67 -6.98 1.13
CA ASP A 78 17.78 -6.36 1.85
C ASP A 78 17.51 -6.30 3.34
N ASN A 79 18.03 -5.26 4.00
CA ASN A 79 17.89 -5.11 5.43
C ASN A 79 16.42 -5.03 5.84
N ASN A 80 15.60 -4.51 4.94
CA ASN A 80 14.17 -4.34 5.23
C ASN A 80 13.56 -5.63 5.76
N PRO A 81 13.20 -5.62 7.05
CA PRO A 81 12.64 -6.80 7.69
C PRO A 81 11.35 -7.23 7.02
N HIS A 82 10.64 -6.27 6.42
CA HIS A 82 9.29 -6.51 5.93
C HIS A 82 8.39 -7.04 7.04
N ARG A 83 8.47 -6.40 8.20
CA ARG A 83 7.61 -6.76 9.32
C ARG A 83 6.17 -6.35 9.08
N HIS A 84 5.26 -7.32 9.05
CA HIS A 84 3.86 -7.06 8.76
C HIS A 84 3.04 -7.01 10.05
N VAL A 85 3.04 -5.87 10.72
CA VAL A 85 2.27 -5.68 11.94
C VAL A 85 1.35 -4.47 11.83
N THR A 86 0.65 -4.17 12.91
CA THR A 86 -0.31 -3.07 12.91
C THR A 86 0.28 -1.81 12.31
N GLY A 87 -0.30 -1.37 11.19
CA GLY A 87 0.08 -0.09 10.60
C GLY A 87 0.85 -0.29 9.30
N ALA A 88 1.53 -1.43 9.20
CA ALA A 88 2.43 -1.68 8.08
C ALA A 88 1.69 -1.62 6.74
N MET A 89 2.31 -1.00 5.75
CA MET A 89 1.75 -0.97 4.41
C MET A 89 2.65 -1.71 3.42
N SER A 90 2.08 -2.72 2.75
CA SER A 90 2.86 -3.66 1.97
C SER A 90 2.19 -3.98 0.65
N MET A 91 3.00 -4.19 -0.39
CA MET A 91 2.48 -4.50 -1.71
C MET A 91 2.00 -5.95 -1.79
N ALA A 92 1.08 -6.21 -2.71
CA ALA A 92 0.55 -7.56 -2.91
C ALA A 92 1.38 -8.33 -3.93
N HIS A 93 2.12 -9.33 -3.46
CA HIS A 93 2.96 -10.13 -4.32
C HIS A 93 2.32 -11.49 -4.61
N ARG A 94 2.50 -11.96 -5.84
CA ARG A 94 2.01 -13.28 -6.23
C ARG A 94 3.06 -14.06 -6.99
N GLY A 95 4.26 -14.13 -6.43
CA GLY A 95 5.38 -14.79 -7.08
C GLY A 95 6.68 -14.04 -6.86
N ARG A 96 7.79 -14.64 -7.26
CA ARG A 96 9.11 -14.05 -7.06
C ARG A 96 9.20 -12.68 -7.74
N ASP A 97 9.46 -11.65 -6.96
CA ASP A 97 9.59 -10.30 -7.49
C ASP A 97 8.38 -9.93 -8.34
N THR A 98 7.22 -10.49 -8.00
CA THR A 98 6.01 -10.27 -8.78
C THR A 98 4.96 -9.55 -7.95
N GLY A 99 5.24 -8.31 -7.58
CA GLY A 99 4.26 -7.47 -6.91
C GLY A 99 3.47 -6.63 -7.91
N SER A 100 2.15 -6.62 -7.75
CA SER A 100 1.29 -5.86 -8.64
C SER A 100 1.13 -4.42 -8.16
N CYS A 101 0.21 -3.69 -8.79
CA CYS A 101 -0.12 -2.33 -8.35
C CYS A 101 -0.97 -2.36 -7.09
N GLN A 102 -1.43 -3.55 -6.72
CA GLN A 102 -2.28 -3.72 -5.53
C GLN A 102 -1.44 -3.72 -4.26
N PHE A 103 -2.02 -3.25 -3.17
CA PHE A 103 -1.36 -3.28 -1.87
C PHE A 103 -2.36 -3.41 -0.73
N PHE A 104 -1.86 -3.59 0.48
CA PHE A 104 -2.72 -3.83 1.64
C PHE A 104 -2.10 -3.25 2.91
N ILE A 105 -2.95 -2.85 3.84
CA ILE A 105 -2.50 -2.41 5.16
C ILE A 105 -2.79 -3.45 6.23
N VAL A 106 -1.79 -3.74 7.06
CA VAL A 106 -1.92 -4.76 8.08
C VAL A 106 -2.55 -4.18 9.35
N HIS A 107 -3.57 -4.87 9.86
CA HIS A 107 -4.28 -4.40 11.04
C HIS A 107 -3.71 -5.02 12.31
N GLU A 108 -3.21 -6.24 12.20
CA GLU A 108 -2.63 -6.95 13.33
C GLU A 108 -1.38 -7.72 12.93
N PRO A 109 -0.47 -7.91 13.87
CA PRO A 109 0.73 -8.70 13.64
C PRO A 109 0.40 -10.04 13.00
N GLN A 110 0.90 -10.25 11.78
CA GLN A 110 0.68 -11.51 11.08
C GLN A 110 2.00 -12.17 10.74
N PRO A 111 2.36 -13.18 11.51
CA PRO A 111 3.57 -13.96 11.24
C PRO A 111 3.51 -14.58 9.84
N HIS A 112 2.30 -14.79 9.34
CA HIS A 112 2.11 -15.45 8.05
C HIS A 112 2.28 -14.46 6.90
N LEU A 113 2.45 -13.19 7.24
CA LEU A 113 2.75 -12.17 6.25
C LEU A 113 4.15 -11.58 6.45
N ASP A 114 4.64 -11.69 7.69
CA ASP A 114 5.97 -11.16 8.01
C ASP A 114 7.04 -11.76 7.12
N GLY A 115 7.63 -10.91 6.27
CA GLY A 115 8.74 -11.32 5.44
C GLY A 115 8.27 -11.97 4.15
N VAL A 116 6.96 -11.97 3.94
CA VAL A 116 6.36 -12.61 2.78
C VAL A 116 6.20 -11.63 1.63
N HIS A 117 5.70 -10.44 1.94
CA HIS A 117 5.54 -9.39 0.93
C HIS A 117 6.54 -8.27 1.14
N THR A 118 6.36 -7.18 0.40
CA THR A 118 7.29 -6.06 0.45
C THR A 118 6.67 -4.87 1.19
N VAL A 119 7.19 -4.58 2.37
CA VAL A 119 6.76 -3.41 3.13
C VAL A 119 7.52 -2.15 2.69
N PHE A 120 6.77 -1.10 2.38
CA PHE A 120 7.34 0.09 1.76
C PHE A 120 6.89 1.35 2.47
N GLY A 121 5.85 1.23 3.30
CA GLY A 121 5.30 2.36 4.03
C GLY A 121 4.63 1.91 5.31
N GLN A 122 4.07 2.87 6.06
CA GLN A 122 3.39 2.57 7.31
C GLN A 122 2.43 3.69 7.70
N VAL A 123 1.18 3.32 7.97
CA VAL A 123 0.16 4.30 8.33
C VAL A 123 0.50 5.00 9.64
N THR A 124 0.40 6.32 9.64
CA THR A 124 0.75 7.12 10.81
C THR A 124 -0.48 7.82 11.37
N SER A 125 -1.49 8.02 10.53
CA SER A 125 -2.73 8.66 10.95
C SER A 125 -3.88 8.25 10.04
N GLY A 126 -5.05 8.02 10.64
CA GLY A 126 -6.22 7.55 9.89
C GLY A 126 -6.30 6.03 9.93
N MET A 127 -5.52 5.41 10.80
CA MET A 127 -5.57 3.96 10.99
C MET A 127 -6.97 3.51 11.37
N ASP A 128 -7.70 4.38 12.06
CA ASP A 128 -9.10 4.14 12.36
C ASP A 128 -9.91 3.90 11.07
N VAL A 129 -9.72 4.80 10.10
CA VAL A 129 -10.37 4.66 8.81
C VAL A 129 -9.95 3.36 8.11
N VAL A 130 -8.68 3.01 8.25
CA VAL A 130 -8.17 1.75 7.70
C VAL A 130 -8.91 0.56 8.30
N ARG A 131 -9.01 0.52 9.62
CA ARG A 131 -9.56 -0.64 10.32
C ARG A 131 -11.08 -0.68 10.18
N THR A 132 -11.68 0.47 9.91
CA THR A 132 -13.11 0.55 9.66
C THR A 132 -13.42 0.59 8.18
N MET A 133 -12.40 0.32 7.37
CA MET A 133 -12.58 0.28 5.92
C MET A 133 -13.51 -0.84 5.50
N LYS A 134 -14.29 -0.60 4.45
CA LYS A 134 -15.22 -1.60 3.94
C LYS A 134 -14.73 -2.18 2.62
N ASN A 135 -15.09 -3.44 2.37
CA ASN A 135 -14.70 -4.11 1.13
C ASN A 135 -15.46 -3.55 -0.06
N GLY A 136 -14.74 -2.89 -0.96
CA GLY A 136 -15.34 -2.29 -2.14
C GLY A 136 -15.19 -0.77 -2.15
N ASP A 137 -14.59 -0.24 -1.09
CA ASP A 137 -14.29 1.18 -1.01
C ASP A 137 -13.39 1.62 -2.16
N VAL A 138 -13.48 2.90 -2.51
CA VAL A 138 -12.71 3.44 -3.64
C VAL A 138 -11.79 4.55 -3.18
N MET A 139 -10.52 4.45 -3.55
CA MET A 139 -9.54 5.49 -3.24
C MET A 139 -9.60 6.63 -4.26
N LYS A 140 -10.27 7.71 -3.89
CA LYS A 140 -10.49 8.83 -4.80
C LYS A 140 -9.17 9.25 -5.47
N GLU A 141 -8.12 9.37 -4.67
CA GLU A 141 -6.81 9.73 -5.19
C GLU A 141 -5.72 9.52 -4.14
N VAL A 142 -4.64 8.87 -4.55
CA VAL A 142 -3.48 8.70 -3.68
C VAL A 142 -2.39 9.71 -4.01
N LYS A 143 -1.91 10.42 -3.00
CA LYS A 143 -0.91 11.46 -3.18
C LYS A 143 0.33 11.21 -2.34
N VAL A 144 1.49 11.47 -2.92
CA VAL A 144 2.76 11.31 -2.20
C VAL A 144 3.64 12.54 -2.35
N PHE A 145 4.22 12.99 -1.25
CA PHE A 145 5.08 14.17 -1.26
C PHE A 145 6.37 13.91 -0.50
N ASP A 146 7.44 14.58 -0.91
CA ASP A 146 8.74 14.45 -0.27
C ASP A 146 8.79 15.19 1.05
N GLU A 147 8.14 14.63 2.06
CA GLU A 147 8.09 15.26 3.39
C GLU A 147 8.55 14.29 4.47
N PRO A 148 9.79 14.43 4.89
CA PRO A 148 10.33 13.61 5.97
C PRO A 148 9.43 13.65 7.20
N MET A 3 13.99 14.93 5.65
CA MET A 3 13.38 14.65 4.35
C MET A 3 12.95 13.19 4.25
N ALA A 4 11.63 12.97 4.26
CA ALA A 4 11.09 11.62 4.15
C ALA A 4 9.82 11.61 3.30
N LYS A 5 9.68 10.57 2.48
CA LYS A 5 8.53 10.43 1.61
C LYS A 5 7.30 9.99 2.38
N LYS A 6 6.12 10.41 1.93
CA LYS A 6 4.87 9.99 2.53
C LYS A 6 3.70 10.18 1.57
N GLY A 7 2.66 9.38 1.75
CA GLY A 7 1.54 9.35 0.81
C GLY A 7 0.21 9.49 1.54
N TYR A 8 -0.70 10.25 0.94
CA TYR A 8 -2.05 10.39 1.46
C TYR A 8 -3.08 9.75 0.53
N ILE A 9 -4.02 9.01 1.12
CA ILE A 9 -5.15 8.49 0.37
C ILE A 9 -6.47 9.08 0.88
N LEU A 10 -7.04 9.98 0.09
CA LEU A 10 -8.39 10.48 0.35
C LEU A 10 -9.44 9.59 -0.29
N MET A 11 -10.36 9.08 0.53
CA MET A 11 -11.41 8.19 0.05
C MET A 11 -12.66 8.96 -0.36
N GLU A 12 -13.43 8.39 -1.28
CA GLU A 12 -14.64 9.03 -1.76
C GLU A 12 -15.69 9.13 -0.66
N ASN A 13 -15.54 8.30 0.37
CA ASN A 13 -16.49 8.28 1.47
C ASN A 13 -16.02 9.17 2.61
N GLY A 14 -15.02 9.99 2.34
CA GLY A 14 -14.59 11.01 3.29
C GLY A 14 -13.49 10.49 4.21
N GLY A 15 -13.03 9.27 3.93
CA GLY A 15 -11.92 8.69 4.67
C GLY A 15 -10.60 9.35 4.29
N LYS A 16 -9.61 9.25 5.18
CA LYS A 16 -8.30 9.84 4.94
C LYS A 16 -7.20 9.03 5.59
N ILE A 17 -6.51 8.22 4.79
CA ILE A 17 -5.43 7.39 5.30
C ILE A 17 -4.08 8.03 5.05
N GLU A 18 -3.36 8.33 6.13
CA GLU A 18 -2.06 8.99 6.04
C GLU A 18 -0.94 8.07 6.49
N PHE A 19 0.05 7.89 5.61
CA PHE A 19 1.12 6.94 5.86
C PHE A 19 2.45 7.47 5.35
N GLU A 20 3.55 7.04 5.99
CA GLU A 20 4.88 7.41 5.56
C GLU A 20 5.53 6.30 4.74
N LEU A 21 6.57 6.65 3.99
CA LEU A 21 7.23 5.70 3.11
C LEU A 21 8.70 5.54 3.48
N PHE A 22 9.28 4.39 3.14
CA PHE A 22 10.66 4.09 3.50
C PHE A 22 11.49 3.73 2.27
N PRO A 23 11.84 4.74 1.49
CA PRO A 23 12.64 4.53 0.28
C PRO A 23 14.04 4.07 0.63
N ASN A 24 14.42 4.22 1.89
CA ASN A 24 15.72 3.77 2.36
C ASN A 24 15.76 2.25 2.51
N GLU A 25 14.59 1.66 2.73
CA GLU A 25 14.51 0.22 2.94
C GLU A 25 13.83 -0.47 1.76
N ALA A 26 13.10 0.30 0.97
CA ALA A 26 12.51 -0.20 -0.27
C ALA A 26 12.57 0.85 -1.37
N PRO A 27 13.77 1.08 -1.90
CA PRO A 27 13.97 2.13 -2.90
C PRO A 27 13.00 1.97 -4.06
N VAL A 28 13.00 0.79 -4.67
CA VAL A 28 12.27 0.57 -5.91
C VAL A 28 10.77 0.63 -5.69
N THR A 29 10.29 -0.10 -4.69
CA THR A 29 8.87 -0.16 -4.40
C THR A 29 8.30 1.23 -4.11
N VAL A 30 8.97 1.97 -3.24
CA VAL A 30 8.51 3.31 -2.86
C VAL A 30 8.57 4.27 -4.04
N ALA A 31 9.66 4.21 -4.80
CA ALA A 31 9.83 5.07 -5.96
C ALA A 31 8.68 4.89 -6.95
N ASN A 32 8.39 3.65 -7.29
CA ASN A 32 7.34 3.34 -8.25
C ASN A 32 5.96 3.72 -7.69
N PHE A 33 5.75 3.44 -6.42
CA PHE A 33 4.51 3.82 -5.75
C PHE A 33 4.24 5.30 -5.88
N GLU A 34 5.25 6.12 -5.56
CA GLU A 34 5.13 7.56 -5.66
C GLU A 34 4.85 8.00 -7.08
N LYS A 35 5.65 7.50 -8.03
CA LYS A 35 5.53 7.89 -9.42
C LYS A 35 4.14 7.57 -9.97
N LEU A 36 3.62 6.40 -9.61
CA LEU A 36 2.30 5.98 -10.06
C LEU A 36 1.22 6.87 -9.48
N ALA A 37 1.26 7.07 -8.16
CA ALA A 37 0.25 7.85 -7.47
C ALA A 37 0.18 9.27 -8.01
N ASN A 38 1.34 9.85 -8.28
CA ASN A 38 1.42 11.24 -8.74
C ASN A 38 1.11 11.34 -10.23
N GLU A 39 0.90 10.20 -10.86
CA GLU A 39 0.42 10.16 -12.24
C GLU A 39 -1.07 9.80 -12.29
N GLY A 40 -1.68 9.69 -11.12
CA GLY A 40 -3.11 9.47 -11.04
C GLY A 40 -3.46 7.99 -11.19
N PHE A 41 -2.45 7.14 -11.04
CA PHE A 41 -2.66 5.69 -11.11
C PHE A 41 -3.42 5.18 -9.89
N TYR A 42 -2.88 5.46 -8.71
CA TYR A 42 -3.52 5.05 -7.47
C TYR A 42 -4.76 5.89 -7.18
N ASN A 43 -4.82 7.07 -7.80
CA ASN A 43 -5.99 7.94 -7.66
C ASN A 43 -7.20 7.35 -8.37
N GLY A 44 -7.94 6.50 -7.68
CA GLY A 44 -9.23 6.02 -8.18
C GLY A 44 -9.28 4.50 -8.21
N LEU A 45 -8.34 3.88 -7.50
CA LEU A 45 -8.32 2.43 -7.40
C LEU A 45 -9.29 1.93 -6.34
N THR A 46 -9.55 0.62 -6.33
CA THR A 46 -10.56 0.05 -5.45
C THR A 46 -9.93 -0.84 -4.39
N PHE A 47 -10.57 -0.92 -3.23
CA PHE A 47 -10.16 -1.85 -2.19
C PHE A 47 -10.91 -3.18 -2.30
N HIS A 48 -10.20 -4.21 -2.76
CA HIS A 48 -10.83 -5.49 -3.07
C HIS A 48 -11.33 -6.17 -1.81
N ARG A 49 -10.56 -6.08 -0.74
CA ARG A 49 -10.92 -6.71 0.53
C ARG A 49 -10.57 -5.82 1.71
N VAL A 50 -11.52 -4.98 2.10
CA VAL A 50 -11.37 -4.15 3.30
C VAL A 50 -11.63 -4.96 4.56
N ILE A 51 -10.58 -5.27 5.31
CA ILE A 51 -10.69 -6.09 6.50
C ILE A 51 -9.99 -5.43 7.69
N PRO A 52 -10.72 -4.56 8.39
CA PRO A 52 -10.17 -3.88 9.56
C PRO A 52 -9.99 -4.85 10.72
N GLY A 53 -8.89 -4.69 11.46
CA GLY A 53 -8.58 -5.57 12.56
C GLY A 53 -7.67 -6.71 12.12
N PHE A 54 -7.48 -6.84 10.82
CA PHE A 54 -6.59 -7.85 10.26
C PHE A 54 -5.68 -7.25 9.18
N VAL A 55 -6.02 -7.53 7.93
CA VAL A 55 -5.27 -6.96 6.80
C VAL A 55 -6.21 -6.55 5.68
N SER A 56 -6.19 -5.27 5.34
CA SER A 56 -7.01 -4.75 4.25
C SER A 56 -6.25 -4.74 2.94
N GLN A 57 -6.76 -5.48 1.95
CA GLN A 57 -6.15 -5.53 0.64
C GLN A 57 -6.83 -4.57 -0.33
N GLY A 58 -6.03 -3.70 -0.95
CA GLY A 58 -6.56 -2.69 -1.87
C GLY A 58 -5.51 -2.27 -2.88
N GLY A 59 -5.95 -1.59 -3.94
CA GLY A 59 -5.05 -1.13 -4.99
C GLY A 59 -5.36 -1.79 -6.31
N CYS A 60 -6.62 -2.16 -6.52
CA CYS A 60 -7.03 -2.87 -7.73
C CYS A 60 -7.62 -1.90 -8.75
N PRO A 61 -7.29 -2.12 -10.02
CA PRO A 61 -7.73 -1.23 -11.08
C PRO A 61 -9.18 -1.52 -11.47
N ARG A 62 -9.68 -2.67 -11.04
CA ARG A 62 -11.05 -3.08 -11.37
C ARG A 62 -11.77 -3.61 -10.15
N GLY A 63 -11.05 -3.72 -9.04
CA GLY A 63 -11.63 -4.21 -7.79
C GLY A 63 -11.87 -5.71 -7.84
N ASN A 64 -11.19 -6.38 -8.76
CA ASN A 64 -11.37 -7.81 -8.96
C ASN A 64 -10.26 -8.62 -8.29
N GLY A 65 -9.32 -7.90 -7.67
CA GLY A 65 -8.22 -8.54 -6.95
C GLY A 65 -7.06 -8.86 -7.88
N THR A 66 -7.18 -8.45 -9.14
CA THR A 66 -6.16 -8.74 -10.14
C THR A 66 -5.73 -7.46 -10.85
N GLY A 67 -4.58 -7.52 -11.52
CA GLY A 67 -4.07 -6.38 -12.27
C GLY A 67 -2.77 -5.87 -11.69
N ASP A 68 -2.03 -5.09 -12.46
CA ASP A 68 -0.77 -4.51 -12.01
C ASP A 68 -0.57 -3.12 -12.58
N ALA A 69 0.67 -2.64 -12.54
CA ALA A 69 0.99 -1.28 -12.99
C ALA A 69 1.53 -1.29 -14.42
N GLY A 70 1.31 -2.40 -15.12
CA GLY A 70 1.86 -2.56 -16.46
C GLY A 70 3.26 -3.17 -16.41
N TYR A 71 3.70 -3.53 -15.21
CA TYR A 71 5.03 -4.09 -15.01
C TYR A 71 5.17 -4.72 -13.64
N THR A 72 6.32 -5.35 -13.40
CA THR A 72 6.61 -5.94 -12.09
C THR A 72 7.88 -5.36 -11.50
N ILE A 73 8.02 -5.50 -10.18
CA ILE A 73 9.20 -4.99 -9.49
C ILE A 73 9.85 -6.07 -8.64
N PRO A 74 11.15 -5.92 -8.39
CA PRO A 74 11.89 -6.88 -7.59
C PRO A 74 11.47 -6.83 -6.12
N CYS A 75 11.65 -7.93 -5.42
CA CYS A 75 11.34 -8.00 -4.00
C CYS A 75 12.42 -7.33 -3.16
N GLU A 76 12.00 -6.56 -2.16
CA GLU A 76 12.93 -5.80 -1.33
C GLU A 76 12.72 -6.10 0.15
N THR A 77 12.96 -7.34 0.54
CA THR A 77 12.80 -7.75 1.93
C THR A 77 14.14 -8.17 2.53
N ASP A 78 15.10 -8.49 1.68
CA ASP A 78 16.39 -8.99 2.13
C ASP A 78 17.04 -8.02 3.11
N ASN A 79 16.94 -6.73 2.81
CA ASN A 79 17.49 -5.70 3.69
C ASN A 79 16.41 -4.76 4.20
N ASN A 80 15.26 -5.34 4.57
CA ASN A 80 14.13 -4.54 5.05
C ASN A 80 13.71 -4.98 6.45
N PRO A 81 14.14 -4.22 7.45
CA PRO A 81 13.89 -4.57 8.84
C PRO A 81 12.39 -4.57 9.13
N HIS A 82 11.63 -3.81 8.35
CA HIS A 82 10.21 -3.60 8.62
C HIS A 82 9.42 -4.90 8.48
N ARG A 83 8.49 -5.12 9.39
CA ARG A 83 7.73 -6.37 9.43
C ARG A 83 6.24 -6.10 9.24
N HIS A 84 5.48 -7.16 8.98
CA HIS A 84 4.05 -7.04 8.73
C HIS A 84 3.28 -6.97 10.04
N VAL A 85 3.35 -5.84 10.72
CA VAL A 85 2.64 -5.64 11.97
C VAL A 85 1.66 -4.47 11.87
N THR A 86 1.04 -4.13 12.99
CA THR A 86 0.08 -3.03 13.03
C THR A 86 0.67 -1.77 12.42
N GLY A 87 0.06 -1.29 11.33
CA GLY A 87 0.48 -0.05 10.70
C GLY A 87 1.17 -0.32 9.36
N ALA A 88 1.80 -1.48 9.25
CA ALA A 88 2.65 -1.78 8.12
C ALA A 88 1.88 -1.71 6.80
N MET A 89 2.50 -1.15 5.77
CA MET A 89 1.94 -1.17 4.43
C MET A 89 2.90 -1.87 3.46
N SER A 90 2.41 -2.95 2.85
CA SER A 90 3.27 -3.86 2.10
C SER A 90 2.79 -4.03 0.67
N MET A 91 3.72 -3.95 -0.28
CA MET A 91 3.39 -4.13 -1.69
C MET A 91 3.22 -5.61 -2.02
N ALA A 92 2.10 -5.94 -2.66
CA ALA A 92 1.79 -7.33 -2.99
C ALA A 92 2.63 -7.80 -4.17
N HIS A 93 2.89 -9.11 -4.22
CA HIS A 93 3.56 -9.71 -5.37
C HIS A 93 2.94 -11.06 -5.70
N ARG A 94 3.33 -11.62 -6.85
CA ARG A 94 2.85 -12.92 -7.27
C ARG A 94 3.99 -13.93 -7.33
N GLY A 95 4.98 -13.75 -6.46
CA GLY A 95 6.14 -14.64 -6.42
C GLY A 95 7.43 -13.85 -6.28
N ARG A 96 8.56 -14.54 -6.38
CA ARG A 96 9.86 -13.91 -6.22
C ARG A 96 10.08 -12.83 -7.26
N ASP A 97 10.36 -11.61 -6.80
CA ASP A 97 10.65 -10.50 -7.69
C ASP A 97 9.54 -10.30 -8.70
N THR A 98 8.30 -10.44 -8.26
CA THR A 98 7.15 -10.29 -9.13
C THR A 98 6.09 -9.39 -8.50
N GLY A 99 6.51 -8.21 -8.05
CA GLY A 99 5.61 -7.26 -7.42
C GLY A 99 4.59 -6.73 -8.42
N SER A 100 3.44 -6.29 -7.91
CA SER A 100 2.39 -5.72 -8.76
C SER A 100 2.15 -4.25 -8.41
N CYS A 101 0.89 -3.92 -8.15
CA CYS A 101 0.52 -2.56 -7.76
C CYS A 101 -0.41 -2.57 -6.56
N GLN A 102 -0.92 -3.74 -6.22
CA GLN A 102 -1.75 -3.90 -5.03
C GLN A 102 -0.91 -3.82 -3.76
N PHE A 103 -1.55 -3.45 -2.65
CA PHE A 103 -0.86 -3.30 -1.38
C PHE A 103 -1.75 -3.72 -0.21
N PHE A 104 -1.13 -4.10 0.89
CA PHE A 104 -1.86 -4.47 2.09
C PHE A 104 -1.70 -3.42 3.18
N ILE A 105 -2.82 -3.01 3.77
CA ILE A 105 -2.79 -2.24 5.01
C ILE A 105 -3.00 -3.13 6.23
N VAL A 106 -1.93 -3.38 6.96
CA VAL A 106 -1.96 -4.30 8.09
C VAL A 106 -2.40 -3.62 9.36
N HIS A 107 -3.42 -4.18 10.02
CA HIS A 107 -3.89 -3.66 11.30
C HIS A 107 -3.54 -4.64 12.43
N GLU A 108 -3.40 -5.91 12.09
CA GLU A 108 -2.93 -6.91 13.04
C GLU A 108 -1.78 -7.72 12.46
N PRO A 109 -0.73 -7.89 13.26
CA PRO A 109 0.41 -8.69 12.86
C PRO A 109 -0.02 -10.03 12.26
N GLN A 110 0.53 -10.36 11.10
CA GLN A 110 0.09 -11.54 10.36
C GLN A 110 1.27 -12.44 10.01
N PRO A 111 1.44 -13.50 10.79
CA PRO A 111 2.54 -14.44 10.57
C PRO A 111 2.53 -14.96 9.13
N HIS A 112 1.33 -15.16 8.59
CA HIS A 112 1.18 -15.78 7.28
C HIS A 112 1.72 -14.87 6.18
N LEU A 113 1.83 -13.58 6.49
CA LEU A 113 2.36 -12.61 5.54
C LEU A 113 3.69 -12.04 6.02
N ASP A 114 4.12 -12.47 7.20
CA ASP A 114 5.27 -11.87 7.86
C ASP A 114 6.55 -12.12 7.06
N GLY A 115 7.03 -11.08 6.37
CA GLY A 115 8.27 -11.16 5.63
C GLY A 115 8.05 -11.75 4.25
N VAL A 116 6.79 -11.99 3.90
CA VAL A 116 6.44 -12.54 2.60
C VAL A 116 6.47 -11.47 1.51
N HIS A 117 5.75 -10.38 1.75
CA HIS A 117 5.72 -9.26 0.81
C HIS A 117 6.67 -8.16 1.25
N THR A 118 6.73 -7.09 0.47
CA THR A 118 7.68 -6.00 0.71
C THR A 118 7.02 -4.83 1.40
N VAL A 119 7.27 -4.69 2.70
CA VAL A 119 6.81 -3.52 3.45
C VAL A 119 7.56 -2.26 3.04
N PHE A 120 6.83 -1.28 2.53
CA PHE A 120 7.44 -0.11 1.91
C PHE A 120 6.95 1.17 2.55
N GLY A 121 5.88 1.07 3.34
CA GLY A 121 5.31 2.22 4.02
C GLY A 121 4.69 1.82 5.36
N GLN A 122 4.16 2.80 6.07
CA GLN A 122 3.51 2.55 7.35
C GLN A 122 2.51 3.65 7.69
N VAL A 123 1.27 3.25 7.98
CA VAL A 123 0.23 4.19 8.35
C VAL A 123 0.52 4.85 9.69
N THR A 124 0.44 6.17 9.73
CA THR A 124 0.76 6.93 10.93
C THR A 124 -0.47 7.65 11.47
N SER A 125 -1.47 7.83 10.61
CA SER A 125 -2.71 8.47 11.01
C SER A 125 -3.87 8.03 10.11
N GLY A 126 -5.06 7.94 10.68
CA GLY A 126 -6.24 7.53 9.93
C GLY A 126 -6.31 6.02 9.79
N MET A 127 -5.64 5.31 10.69
CA MET A 127 -5.67 3.85 10.70
C MET A 127 -7.05 3.32 11.06
N ASP A 128 -7.85 4.17 11.69
CA ASP A 128 -9.21 3.79 12.08
C ASP A 128 -10.21 4.19 11.00
N VAL A 129 -9.71 4.70 9.88
CA VAL A 129 -10.54 4.98 8.72
C VAL A 129 -11.00 3.70 8.04
N VAL A 130 -10.08 2.77 7.87
CA VAL A 130 -10.40 1.47 7.27
C VAL A 130 -11.53 0.79 8.02
N ARG A 131 -11.62 1.03 9.32
CA ARG A 131 -12.67 0.47 10.15
C ARG A 131 -14.04 0.97 9.72
N THR A 132 -14.08 2.21 9.21
CA THR A 132 -15.33 2.84 8.82
C THR A 132 -15.59 2.68 7.33
N MET A 133 -14.52 2.41 6.58
CA MET A 133 -14.65 2.14 5.15
C MET A 133 -15.28 0.78 4.90
N LYS A 134 -15.99 0.67 3.78
CA LYS A 134 -16.61 -0.60 3.40
C LYS A 134 -15.83 -1.26 2.27
N ASN A 135 -16.06 -2.56 2.08
CA ASN A 135 -15.40 -3.31 1.02
C ASN A 135 -15.83 -2.82 -0.35
N GLY A 136 -14.85 -2.65 -1.24
CA GLY A 136 -15.13 -2.25 -2.62
C GLY A 136 -15.19 -0.73 -2.74
N ASP A 137 -14.78 -0.03 -1.69
CA ASP A 137 -14.69 1.43 -1.71
C ASP A 137 -13.62 1.91 -2.68
N VAL A 138 -13.86 3.06 -3.30
CA VAL A 138 -12.97 3.57 -4.31
C VAL A 138 -12.26 4.83 -3.84
N MET A 139 -11.00 4.99 -4.25
CA MET A 139 -10.19 6.13 -3.84
C MET A 139 -10.65 7.40 -4.55
N LYS A 140 -10.50 8.54 -3.87
CA LYS A 140 -10.89 9.82 -4.44
C LYS A 140 -9.67 10.61 -4.90
N GLU A 141 -8.68 10.72 -4.04
CA GLU A 141 -7.48 11.49 -4.34
C GLU A 141 -6.26 10.92 -3.63
N VAL A 142 -5.33 10.37 -4.41
CA VAL A 142 -4.12 9.79 -3.85
C VAL A 142 -2.88 10.53 -4.37
N LYS A 143 -2.03 10.97 -3.45
CA LYS A 143 -0.83 11.72 -3.81
C LYS A 143 0.33 11.40 -2.88
N VAL A 144 1.54 11.48 -3.40
CA VAL A 144 2.74 11.21 -2.61
C VAL A 144 3.76 12.33 -2.76
N PHE A 145 4.40 12.69 -1.64
CA PHE A 145 5.32 13.82 -1.62
C PHE A 145 6.42 13.60 -0.59
N ASP A 146 7.49 14.38 -0.70
CA ASP A 146 8.59 14.32 0.25
C ASP A 146 8.52 15.47 1.27
N GLU A 147 8.28 15.12 2.52
CA GLU A 147 8.17 16.12 3.58
C GLU A 147 9.54 16.38 4.21
N PRO A 148 9.95 17.64 4.21
CA PRO A 148 11.22 18.04 4.83
C PRO A 148 11.30 17.53 6.25
N MET A 3 15.89 11.09 1.16
CA MET A 3 15.25 11.23 2.46
C MET A 3 13.88 10.58 2.48
N ALA A 4 13.33 10.38 3.68
CA ALA A 4 12.01 9.77 3.83
C ALA A 4 10.93 10.65 3.23
N LYS A 5 9.82 10.03 2.85
CA LYS A 5 8.70 10.75 2.26
C LYS A 5 7.38 10.39 2.94
N LYS A 6 6.30 11.01 2.51
CA LYS A 6 4.97 10.73 3.06
C LYS A 6 3.93 10.63 1.95
N GLY A 7 3.03 9.67 2.06
CA GLY A 7 1.99 9.45 1.07
C GLY A 7 0.61 9.80 1.62
N TYR A 8 -0.29 10.20 0.73
CA TYR A 8 -1.65 10.56 1.13
C TYR A 8 -2.68 9.79 0.30
N ILE A 9 -3.61 9.14 0.99
CA ILE A 9 -4.76 8.54 0.33
C ILE A 9 -6.07 9.13 0.85
N LEU A 10 -6.81 9.79 -0.04
CA LEU A 10 -8.12 10.32 0.31
C LEU A 10 -9.23 9.43 -0.25
N MET A 11 -10.10 8.97 0.64
CA MET A 11 -11.18 8.06 0.25
C MET A 11 -12.42 8.83 -0.17
N GLU A 12 -13.19 8.26 -1.10
CA GLU A 12 -14.42 8.88 -1.57
C GLU A 12 -15.45 8.98 -0.45
N ASN A 13 -15.30 8.13 0.56
CA ASN A 13 -16.20 8.14 1.70
C ASN A 13 -15.95 9.32 2.61
N GLY A 14 -14.84 10.01 2.38
CA GLY A 14 -14.45 11.16 3.20
C GLY A 14 -13.36 10.79 4.18
N GLY A 15 -13.01 9.51 4.22
CA GLY A 15 -11.95 9.03 5.10
C GLY A 15 -10.57 9.45 4.60
N LYS A 16 -9.61 9.53 5.52
CA LYS A 16 -8.26 9.95 5.18
C LYS A 16 -7.22 8.97 5.71
N ILE A 17 -6.32 8.54 4.85
CA ILE A 17 -5.24 7.64 5.25
C ILE A 17 -3.87 8.27 4.99
N GLU A 18 -3.16 8.61 6.06
CA GLU A 18 -1.86 9.24 5.96
C GLU A 18 -0.77 8.32 6.49
N PHE A 19 0.27 8.13 5.68
CA PHE A 19 1.28 7.11 5.96
C PHE A 19 2.67 7.57 5.54
N GLU A 20 3.68 7.07 6.24
CA GLU A 20 5.07 7.40 5.92
C GLU A 20 5.66 6.40 4.93
N LEU A 21 6.64 6.84 4.16
CA LEU A 21 7.31 5.98 3.20
C LEU A 21 8.74 5.68 3.63
N PHE A 22 9.20 4.47 3.34
CA PHE A 22 10.49 4.00 3.81
C PHE A 22 11.32 3.41 2.68
N PRO A 23 11.97 4.27 1.91
CA PRO A 23 12.85 3.83 0.84
C PRO A 23 14.05 3.07 1.38
N ASN A 24 14.28 3.19 2.69
CA ASN A 24 15.30 2.42 3.37
C ASN A 24 14.89 0.95 3.49
N GLU A 25 13.59 0.71 3.48
CA GLU A 25 13.07 -0.65 3.52
C GLU A 25 12.91 -1.23 2.12
N ALA A 26 12.41 -0.40 1.20
CA ALA A 26 12.22 -0.82 -0.18
C ALA A 26 12.36 0.36 -1.13
N PRO A 27 13.57 0.60 -1.61
CA PRO A 27 13.84 1.72 -2.50
C PRO A 27 12.93 1.68 -3.71
N VAL A 28 12.96 0.57 -4.44
CA VAL A 28 12.28 0.48 -5.72
C VAL A 28 10.77 0.51 -5.55
N THR A 29 10.28 -0.17 -4.51
CA THR A 29 8.85 -0.26 -4.26
C THR A 29 8.24 1.10 -3.95
N VAL A 30 8.92 1.85 -3.08
CA VAL A 30 8.50 3.21 -2.77
C VAL A 30 8.50 4.09 -4.01
N ALA A 31 9.57 3.99 -4.79
CA ALA A 31 9.70 4.76 -6.03
C ALA A 31 8.53 4.50 -6.97
N ASN A 32 8.23 3.22 -7.18
CA ASN A 32 7.16 2.83 -8.09
C ASN A 32 5.80 3.34 -7.58
N PHE A 33 5.55 3.14 -6.30
CA PHE A 33 4.31 3.62 -5.68
C PHE A 33 4.14 5.12 -5.88
N GLU A 34 5.20 5.86 -5.62
CA GLU A 34 5.18 7.31 -5.79
C GLU A 34 4.86 7.68 -7.23
N LYS A 35 5.58 7.06 -8.17
CA LYS A 35 5.44 7.40 -9.59
C LYS A 35 4.01 7.16 -10.06
N LEU A 36 3.42 6.06 -9.61
CA LEU A 36 2.05 5.71 -9.97
C LEU A 36 1.06 6.70 -9.35
N ALA A 37 1.20 6.94 -8.05
CA ALA A 37 0.29 7.80 -7.33
C ALA A 37 0.25 9.20 -7.93
N ASN A 38 1.43 9.74 -8.24
CA ASN A 38 1.54 11.12 -8.72
C ASN A 38 1.27 11.20 -10.21
N GLU A 39 0.88 10.08 -10.80
CA GLU A 39 0.33 10.08 -12.16
C GLU A 39 -1.17 9.80 -12.15
N GLY A 40 -1.75 9.72 -10.96
CA GLY A 40 -3.18 9.55 -10.81
C GLY A 40 -3.60 8.11 -11.06
N PHE A 41 -2.65 7.19 -10.92
CA PHE A 41 -2.92 5.77 -11.13
C PHE A 41 -3.83 5.21 -10.05
N TYR A 42 -3.41 5.37 -8.80
CA TYR A 42 -4.14 4.81 -7.67
C TYR A 42 -5.44 5.56 -7.42
N ASN A 43 -5.50 6.80 -7.92
CA ASN A 43 -6.75 7.56 -7.92
C ASN A 43 -7.83 6.82 -8.68
N GLY A 44 -8.84 6.33 -7.95
CA GLY A 44 -10.02 5.73 -8.56
C GLY A 44 -10.02 4.22 -8.37
N LEU A 45 -8.93 3.70 -7.80
CA LEU A 45 -8.81 2.26 -7.56
C LEU A 45 -9.48 1.87 -6.25
N THR A 46 -9.96 0.63 -6.18
CA THR A 46 -10.77 0.18 -5.05
C THR A 46 -10.05 -0.89 -4.25
N PHE A 47 -10.57 -1.17 -3.06
CA PHE A 47 -10.07 -2.26 -2.24
C PHE A 47 -10.96 -3.50 -2.36
N HIS A 48 -10.48 -4.50 -3.09
CA HIS A 48 -11.31 -5.62 -3.49
C HIS A 48 -11.52 -6.60 -2.33
N ARG A 49 -10.66 -6.49 -1.31
CA ARG A 49 -10.69 -7.41 -0.19
C ARG A 49 -10.25 -6.72 1.10
N VAL A 50 -11.15 -5.93 1.68
CA VAL A 50 -10.90 -5.28 2.96
C VAL A 50 -11.19 -6.22 4.12
N ILE A 51 -10.16 -6.48 4.93
CA ILE A 51 -10.31 -7.35 6.09
C ILE A 51 -9.78 -6.68 7.35
N PRO A 52 -10.67 -6.06 8.11
CA PRO A 52 -10.29 -5.38 9.35
C PRO A 52 -9.92 -6.39 10.43
N GLY A 53 -8.88 -6.08 11.19
CA GLY A 53 -8.38 -6.98 12.22
C GLY A 53 -7.24 -7.85 11.68
N PHE A 54 -7.07 -7.83 10.35
CA PHE A 54 -5.99 -8.58 9.71
C PHE A 54 -5.23 -7.70 8.72
N VAL A 55 -5.67 -7.72 7.46
CA VAL A 55 -5.02 -6.95 6.42
C VAL A 55 -5.95 -6.72 5.23
N SER A 56 -6.06 -5.47 4.80
CA SER A 56 -6.87 -5.13 3.65
C SER A 56 -6.06 -5.13 2.36
N GLN A 57 -6.53 -5.87 1.37
CA GLN A 57 -5.88 -5.89 0.06
C GLN A 57 -6.69 -5.09 -0.96
N GLY A 58 -6.01 -4.21 -1.69
CA GLY A 58 -6.67 -3.36 -2.66
C GLY A 58 -5.70 -2.94 -3.77
N GLY A 59 -6.18 -2.09 -4.67
CA GLY A 59 -5.38 -1.64 -5.80
C GLY A 59 -5.98 -2.11 -7.12
N CYS A 60 -7.27 -2.39 -7.11
CA CYS A 60 -7.95 -2.94 -8.29
C CYS A 60 -8.90 -1.94 -8.91
N PRO A 61 -8.75 -1.72 -10.22
CA PRO A 61 -9.60 -0.77 -10.94
C PRO A 61 -11.07 -1.15 -10.82
N ARG A 62 -11.34 -2.45 -10.77
CA ARG A 62 -12.71 -2.95 -10.84
C ARG A 62 -13.13 -3.57 -9.51
N GLY A 63 -12.15 -3.91 -8.68
CA GLY A 63 -12.41 -4.53 -7.39
C GLY A 63 -12.70 -6.02 -7.55
N ASN A 64 -12.22 -6.60 -8.63
CA ASN A 64 -12.43 -8.01 -8.91
C ASN A 64 -11.21 -8.85 -8.54
N GLY A 65 -10.22 -8.20 -7.94
CA GLY A 65 -9.00 -8.87 -7.51
C GLY A 65 -7.96 -8.87 -8.62
N THR A 66 -8.27 -8.20 -9.73
CA THR A 66 -7.37 -8.12 -10.86
C THR A 66 -6.93 -6.68 -11.12
N GLY A 67 -5.63 -6.42 -11.01
CA GLY A 67 -5.08 -5.10 -11.23
C GLY A 67 -4.86 -4.84 -12.72
N ASP A 68 -4.41 -3.64 -13.04
CA ASP A 68 -4.13 -3.27 -14.43
C ASP A 68 -2.91 -2.36 -14.52
N ALA A 69 -1.73 -2.96 -14.49
CA ALA A 69 -0.48 -2.21 -14.56
C ALA A 69 0.60 -3.01 -15.27
N GLY A 70 1.57 -2.30 -15.84
CA GLY A 70 2.73 -2.94 -16.46
C GLY A 70 3.96 -2.79 -15.58
N TYR A 71 3.75 -2.75 -14.27
CA TYR A 71 4.83 -2.55 -13.32
C TYR A 71 4.96 -3.71 -12.36
N THR A 72 6.19 -4.05 -11.99
CA THR A 72 6.45 -5.16 -11.08
C THR A 72 7.19 -4.68 -9.84
N ILE A 73 7.11 -5.46 -8.76
CA ILE A 73 7.74 -5.09 -7.50
C ILE A 73 8.82 -6.08 -7.10
N PRO A 74 10.07 -5.71 -7.35
CA PRO A 74 11.21 -6.55 -7.00
C PRO A 74 11.23 -6.86 -5.51
N CYS A 75 11.65 -8.07 -5.16
CA CYS A 75 11.81 -8.46 -3.77
C CYS A 75 13.02 -7.77 -3.13
N GLU A 76 12.75 -6.74 -2.35
CA GLU A 76 13.81 -6.00 -1.67
C GLU A 76 14.11 -6.59 -0.30
N THR A 77 15.38 -6.61 0.08
CA THR A 77 15.79 -7.11 1.38
C THR A 77 16.60 -6.06 2.15
N ASP A 78 17.21 -5.14 1.41
CA ASP A 78 18.02 -4.08 2.00
C ASP A 78 17.35 -2.73 1.88
N ASN A 79 17.60 -1.85 2.84
CA ASN A 79 18.55 -2.15 3.91
C ASN A 79 17.82 -2.63 5.17
N ASN A 80 16.59 -2.16 5.36
CA ASN A 80 15.81 -2.53 6.53
C ASN A 80 14.85 -3.66 6.22
N PRO A 81 14.55 -4.47 7.23
CA PRO A 81 13.66 -5.61 7.07
C PRO A 81 12.20 -5.19 7.01
N HIS A 82 11.32 -6.14 6.75
CA HIS A 82 9.90 -5.85 6.59
C HIS A 82 9.10 -6.31 7.80
N ARG A 83 8.11 -5.51 8.18
CA ARG A 83 7.32 -5.79 9.37
C ARG A 83 5.84 -5.48 9.14
N HIS A 84 5.08 -6.50 8.81
CA HIS A 84 3.64 -6.36 8.61
C HIS A 84 2.92 -6.21 9.95
N VAL A 85 3.10 -5.05 10.57
CA VAL A 85 2.42 -4.76 11.83
C VAL A 85 1.29 -3.74 11.63
N THR A 86 0.70 -3.30 12.73
CA THR A 86 -0.40 -2.34 12.67
C THR A 86 0.00 -1.11 11.88
N GLY A 87 -0.69 -0.87 10.76
CA GLY A 87 -0.47 0.32 9.95
C GLY A 87 0.38 0.00 8.73
N ALA A 88 1.14 -1.09 8.82
CA ALA A 88 2.15 -1.39 7.80
C ALA A 88 1.53 -1.49 6.41
N MET A 89 2.22 -0.95 5.42
CA MET A 89 1.76 -1.01 4.05
C MET A 89 2.80 -1.67 3.13
N SER A 90 2.34 -2.64 2.34
CA SER A 90 3.25 -3.39 1.48
C SER A 90 2.65 -3.58 0.09
N MET A 91 3.48 -3.97 -0.86
CA MET A 91 3.03 -4.23 -2.22
C MET A 91 3.19 -5.71 -2.58
N ALA A 92 2.25 -6.23 -3.35
CA ALA A 92 2.26 -7.64 -3.72
C ALA A 92 3.37 -7.94 -4.72
N HIS A 93 4.09 -9.03 -4.48
CA HIS A 93 5.18 -9.44 -5.35
C HIS A 93 5.35 -10.96 -5.35
N ARG A 94 6.09 -11.47 -6.33
CA ARG A 94 6.34 -12.90 -6.44
C ARG A 94 7.79 -13.19 -6.81
N GLY A 95 8.68 -12.28 -6.43
CA GLY A 95 10.11 -12.46 -6.66
C GLY A 95 10.73 -11.20 -7.25
N ARG A 96 11.99 -11.31 -7.67
CA ARG A 96 12.71 -10.18 -8.24
C ARG A 96 12.08 -9.72 -9.55
N ASP A 97 11.89 -8.42 -9.70
CA ASP A 97 11.30 -7.85 -10.90
C ASP A 97 9.97 -8.52 -11.23
N THR A 98 9.27 -8.97 -10.19
CA THR A 98 8.00 -9.67 -10.36
C THR A 98 7.01 -9.27 -9.27
N GLY A 99 5.88 -8.72 -9.68
CA GLY A 99 4.84 -8.32 -8.75
C GLY A 99 3.72 -7.55 -9.45
N SER A 100 2.93 -6.81 -8.68
CA SER A 100 1.79 -6.08 -9.22
C SER A 100 1.63 -4.73 -8.54
N CYS A 101 0.61 -3.99 -8.95
CA CYS A 101 0.34 -2.68 -8.37
C CYS A 101 -0.49 -2.81 -7.10
N GLN A 102 -0.99 -4.02 -6.85
CA GLN A 102 -1.81 -4.27 -5.67
C GLN A 102 -1.00 -4.13 -4.39
N PHE A 103 -1.64 -3.68 -3.32
CA PHE A 103 -0.96 -3.36 -2.08
C PHE A 103 -1.81 -3.73 -0.87
N PHE A 104 -1.20 -3.68 0.32
CA PHE A 104 -1.87 -4.13 1.54
C PHE A 104 -1.83 -3.05 2.61
N ILE A 105 -2.90 -2.96 3.39
CA ILE A 105 -2.90 -2.17 4.61
C ILE A 105 -3.17 -3.04 5.84
N VAL A 106 -2.15 -3.21 6.67
CA VAL A 106 -2.21 -4.16 7.77
C VAL A 106 -2.83 -3.55 9.02
N HIS A 107 -3.66 -4.32 9.70
CA HIS A 107 -4.36 -3.83 10.89
C HIS A 107 -3.70 -4.35 12.16
N GLU A 108 -3.28 -5.61 12.14
CA GLU A 108 -2.65 -6.23 13.29
C GLU A 108 -1.36 -6.94 12.90
N PRO A 109 -0.48 -7.15 13.87
CA PRO A 109 0.76 -7.88 13.64
C PRO A 109 0.49 -9.20 12.92
N GLN A 110 1.07 -9.35 11.73
CA GLN A 110 0.94 -10.58 10.96
C GLN A 110 2.30 -11.21 10.68
N PRO A 111 2.75 -12.06 11.60
CA PRO A 111 4.03 -12.76 11.42
C PRO A 111 3.97 -13.72 10.24
N HIS A 112 2.76 -14.08 9.83
CA HIS A 112 2.56 -14.97 8.69
C HIS A 112 2.82 -14.23 7.37
N LEU A 113 2.88 -12.92 7.44
CA LEU A 113 3.17 -12.10 6.27
C LEU A 113 4.58 -11.53 6.33
N ASP A 114 5.30 -11.87 7.41
CA ASP A 114 6.63 -11.30 7.64
C ASP A 114 7.62 -11.76 6.58
N GLY A 115 7.87 -10.89 5.60
CA GLY A 115 8.82 -11.19 4.54
C GLY A 115 8.11 -11.73 3.30
N VAL A 116 6.80 -11.93 3.41
CA VAL A 116 6.00 -12.43 2.30
C VAL A 116 5.80 -11.36 1.24
N HIS A 117 5.48 -10.15 1.68
CA HIS A 117 5.34 -9.02 0.77
C HIS A 117 6.35 -7.93 1.08
N THR A 118 6.45 -6.95 0.19
CA THR A 118 7.46 -5.91 0.31
C THR A 118 6.88 -4.65 0.95
N VAL A 119 7.23 -4.42 2.21
CA VAL A 119 6.74 -3.25 2.93
C VAL A 119 7.45 -1.98 2.47
N PHE A 120 6.66 -0.94 2.21
CA PHE A 120 7.19 0.28 1.60
C PHE A 120 6.81 1.51 2.41
N GLY A 121 5.81 1.36 3.29
CA GLY A 121 5.30 2.47 4.07
C GLY A 121 4.54 1.98 5.29
N GLN A 122 4.00 2.91 6.07
CA GLN A 122 3.19 2.57 7.24
C GLN A 122 2.27 3.72 7.62
N VAL A 123 0.99 3.42 7.79
CA VAL A 123 0.01 4.42 8.20
C VAL A 123 0.31 4.93 9.60
N THR A 124 0.32 6.26 9.75
CA THR A 124 0.61 6.87 11.03
C THR A 124 -0.57 7.70 11.53
N SER A 125 -1.46 8.05 10.61
CA SER A 125 -2.66 8.82 10.95
C SER A 125 -3.85 8.40 10.10
N GLY A 126 -5.03 8.39 10.71
CA GLY A 126 -6.24 8.00 10.01
C GLY A 126 -6.52 6.51 10.20
N MET A 127 -5.87 5.91 11.17
CA MET A 127 -6.10 4.50 11.50
C MET A 127 -7.55 4.26 11.91
N ASP A 128 -8.17 5.28 12.49
CA ASP A 128 -9.59 5.22 12.83
C ASP A 128 -10.43 4.92 11.60
N VAL A 129 -9.99 5.44 10.45
CA VAL A 129 -10.65 5.15 9.18
C VAL A 129 -10.24 3.78 8.65
N VAL A 130 -8.94 3.51 8.68
CA VAL A 130 -8.41 2.25 8.17
C VAL A 130 -9.14 1.06 8.78
N ARG A 131 -9.37 1.12 10.09
CA ARG A 131 -9.93 -0.01 10.82
C ARG A 131 -11.43 -0.11 10.61
N THR A 132 -12.01 0.92 9.99
CA THR A 132 -13.45 0.94 9.73
C THR A 132 -13.73 0.93 8.23
N MET A 133 -12.74 0.54 7.44
CA MET A 133 -12.91 0.42 6.00
C MET A 133 -13.85 -0.70 5.64
N LYS A 134 -14.48 -0.60 4.47
CA LYS A 134 -15.35 -1.66 3.97
C LYS A 134 -14.94 -2.09 2.57
N ASN A 135 -15.24 -3.34 2.23
CA ASN A 135 -14.88 -3.89 0.93
C ASN A 135 -15.61 -3.18 -0.20
N GLY A 136 -14.86 -2.69 -1.18
CA GLY A 136 -15.44 -1.98 -2.32
C GLY A 136 -15.20 -0.48 -2.20
N ASP A 137 -14.62 -0.06 -1.08
CA ASP A 137 -14.24 1.34 -0.89
C ASP A 137 -13.24 1.78 -1.96
N VAL A 138 -13.35 3.04 -2.37
CA VAL A 138 -12.56 3.55 -3.48
C VAL A 138 -11.75 4.77 -3.06
N MET A 139 -10.51 4.84 -3.55
CA MET A 139 -9.64 5.96 -3.23
C MET A 139 -9.94 7.17 -4.12
N LYS A 140 -10.59 8.17 -3.55
CA LYS A 140 -10.94 9.37 -4.29
C LYS A 140 -9.73 9.96 -5.01
N GLU A 141 -8.61 10.00 -4.32
CA GLU A 141 -7.34 10.40 -4.93
C GLU A 141 -6.16 9.94 -4.10
N VAL A 142 -5.01 9.77 -4.76
CA VAL A 142 -3.79 9.34 -4.09
C VAL A 142 -2.59 10.12 -4.57
N LYS A 143 -1.82 10.67 -3.63
CA LYS A 143 -0.63 11.45 -3.96
C LYS A 143 0.53 11.10 -3.05
N VAL A 144 1.74 11.45 -3.48
CA VAL A 144 2.93 11.25 -2.66
C VAL A 144 3.82 12.49 -2.70
N PHE A 145 4.28 12.92 -1.53
CA PHE A 145 5.11 14.12 -1.42
C PHE A 145 6.37 13.84 -0.62
N ASP A 146 7.43 14.58 -0.92
CA ASP A 146 8.70 14.43 -0.22
C ASP A 146 8.65 15.07 1.16
N GLU A 147 8.01 14.39 2.10
CA GLU A 147 7.88 14.90 3.46
C GLU A 147 8.43 13.91 4.48
N PRO A 148 9.71 14.05 4.80
CA PRO A 148 10.35 13.21 5.81
C PRO A 148 9.56 13.21 7.10
N MET A 3 14.90 14.67 3.07
CA MET A 3 13.57 14.72 3.68
C MET A 3 12.80 13.43 3.45
N ALA A 4 12.07 12.99 4.46
CA ALA A 4 11.31 11.75 4.38
C ALA A 4 10.12 11.91 3.44
N LYS A 5 9.79 10.83 2.72
CA LYS A 5 8.65 10.83 1.83
C LYS A 5 7.40 10.29 2.53
N LYS A 6 6.25 10.84 2.19
CA LYS A 6 4.98 10.39 2.75
C LYS A 6 3.92 10.27 1.67
N GLY A 7 2.82 9.57 1.98
CA GLY A 7 1.72 9.42 1.05
C GLY A 7 0.38 9.69 1.73
N TYR A 8 -0.64 9.97 0.92
CA TYR A 8 -1.95 10.32 1.44
C TYR A 8 -3.05 9.74 0.57
N ILE A 9 -4.02 9.08 1.21
CA ILE A 9 -5.19 8.56 0.52
C ILE A 9 -6.46 9.22 1.02
N LEU A 10 -7.08 10.03 0.18
CA LEU A 10 -8.43 10.52 0.44
C LEU A 10 -9.49 9.60 -0.16
N MET A 11 -10.47 9.23 0.65
CA MET A 11 -11.54 8.34 0.20
C MET A 11 -12.81 9.13 -0.12
N GLU A 12 -13.64 8.57 -0.99
CA GLU A 12 -14.90 9.21 -1.36
C GLU A 12 -15.79 9.40 -0.14
N ASN A 13 -15.63 8.52 0.84
CA ASN A 13 -16.48 8.54 2.03
C ASN A 13 -15.95 9.52 3.07
N GLY A 14 -14.89 10.24 2.71
CA GLY A 14 -14.35 11.29 3.56
C GLY A 14 -13.18 10.78 4.40
N GLY A 15 -12.86 9.50 4.23
CA GLY A 15 -11.74 8.89 4.94
C GLY A 15 -10.42 9.55 4.58
N LYS A 16 -9.58 9.77 5.58
CA LYS A 16 -8.30 10.44 5.37
C LYS A 16 -7.16 9.62 5.95
N ILE A 17 -6.51 8.84 5.10
CA ILE A 17 -5.40 7.98 5.53
C ILE A 17 -4.05 8.60 5.20
N GLU A 18 -3.21 8.78 6.21
CA GLU A 18 -1.86 9.32 6.01
C GLU A 18 -0.80 8.35 6.48
N PHE A 19 0.23 8.14 5.66
CA PHE A 19 1.24 7.14 5.93
C PHE A 19 2.62 7.60 5.47
N GLU A 20 3.66 7.02 6.05
CA GLU A 20 5.03 7.36 5.68
C GLU A 20 5.62 6.34 4.72
N LEU A 21 6.61 6.77 3.94
CA LEU A 21 7.31 5.86 3.04
C LEU A 21 8.76 5.67 3.47
N PHE A 22 9.29 4.48 3.23
CA PHE A 22 10.63 4.12 3.71
C PHE A 22 11.48 3.54 2.58
N PRO A 23 12.09 4.42 1.80
CA PRO A 23 13.00 4.00 0.75
C PRO A 23 14.09 3.09 1.30
N ASN A 24 14.44 3.29 2.56
CA ASN A 24 15.46 2.47 3.22
C ASN A 24 15.03 1.01 3.27
N GLU A 25 13.72 0.78 3.38
CA GLU A 25 13.18 -0.57 3.45
C GLU A 25 12.95 -1.15 2.06
N ALA A 26 12.45 -0.31 1.16
CA ALA A 26 12.21 -0.72 -0.22
C ALA A 26 12.38 0.44 -1.19
N PRO A 27 13.62 0.65 -1.64
CA PRO A 27 13.93 1.76 -2.52
C PRO A 27 13.03 1.77 -3.75
N VAL A 28 12.98 0.63 -4.44
CA VAL A 28 12.30 0.54 -5.72
C VAL A 28 10.79 0.58 -5.56
N THR A 29 10.29 -0.13 -4.56
CA THR A 29 8.86 -0.21 -4.31
C THR A 29 8.28 1.18 -4.01
N VAL A 30 8.95 1.93 -3.14
CA VAL A 30 8.53 3.28 -2.82
C VAL A 30 8.52 4.17 -4.06
N ALA A 31 9.59 4.08 -4.85
CA ALA A 31 9.71 4.87 -6.07
C ALA A 31 8.56 4.59 -7.02
N ASN A 32 8.25 3.31 -7.22
CA ASN A 32 7.21 2.90 -8.15
C ASN A 32 5.83 3.32 -7.65
N PHE A 33 5.61 3.16 -6.35
CA PHE A 33 4.36 3.57 -5.72
C PHE A 33 4.13 5.08 -5.90
N GLU A 34 5.16 5.86 -5.62
CA GLU A 34 5.12 7.30 -5.85
C GLU A 34 4.78 7.62 -7.30
N LYS A 35 5.49 6.97 -8.21
CA LYS A 35 5.25 7.17 -9.64
C LYS A 35 3.78 7.01 -9.98
N LEU A 36 3.20 5.88 -9.57
CA LEU A 36 1.81 5.58 -9.89
C LEU A 36 0.87 6.60 -9.29
N ALA A 37 1.03 6.85 -7.99
CA ALA A 37 0.12 7.73 -7.26
C ALA A 37 0.10 9.13 -7.87
N ASN A 38 1.28 9.65 -8.19
CA ASN A 38 1.41 11.02 -8.67
C ASN A 38 1.15 11.10 -10.18
N GLU A 39 0.78 9.97 -10.76
CA GLU A 39 0.26 9.95 -12.13
C GLU A 39 -1.24 9.70 -12.16
N GLY A 40 -1.85 9.67 -10.98
CA GLY A 40 -3.29 9.53 -10.88
C GLY A 40 -3.72 8.09 -11.10
N PHE A 41 -2.79 7.16 -10.92
CA PHE A 41 -3.07 5.74 -11.10
C PHE A 41 -4.04 5.23 -10.03
N TYR A 42 -3.66 5.41 -8.77
CA TYR A 42 -4.47 4.92 -7.66
C TYR A 42 -5.71 5.77 -7.46
N ASN A 43 -5.66 7.02 -7.92
CA ASN A 43 -6.81 7.91 -7.86
C ASN A 43 -7.97 7.36 -8.68
N GLY A 44 -9.02 6.94 -7.98
CA GLY A 44 -10.23 6.46 -8.64
C GLY A 44 -10.36 4.95 -8.51
N LEU A 45 -9.32 4.30 -8.02
CA LEU A 45 -9.31 2.85 -7.85
C LEU A 45 -9.93 2.45 -6.51
N THR A 46 -10.22 1.17 -6.37
CA THR A 46 -10.84 0.67 -5.15
C THR A 46 -9.96 -0.38 -4.48
N PHE A 47 -10.52 -1.06 -3.47
CA PHE A 47 -9.83 -2.15 -2.81
C PHE A 47 -10.39 -3.51 -3.23
N HIS A 48 -9.55 -4.53 -3.15
CA HIS A 48 -9.93 -5.87 -3.62
C HIS A 48 -10.51 -6.69 -2.48
N ARG A 49 -9.63 -7.26 -1.66
CA ARG A 49 -10.06 -7.99 -0.47
C ARG A 49 -9.94 -7.13 0.78
N VAL A 50 -11.07 -6.69 1.31
CA VAL A 50 -11.09 -5.78 2.44
C VAL A 50 -11.41 -6.51 3.74
N ILE A 51 -10.51 -6.39 4.72
CA ILE A 51 -10.71 -7.00 6.02
C ILE A 51 -10.51 -6.00 7.15
N PRO A 52 -11.59 -5.33 7.54
CA PRO A 52 -11.50 -4.21 8.49
C PRO A 52 -10.97 -4.68 9.84
N GLY A 53 -9.96 -3.99 10.35
CA GLY A 53 -9.43 -4.27 11.67
C GLY A 53 -8.34 -5.34 11.62
N PHE A 54 -7.98 -5.75 10.41
CA PHE A 54 -6.91 -6.71 10.21
C PHE A 54 -5.95 -6.25 9.13
N VAL A 55 -6.27 -6.58 7.88
CA VAL A 55 -5.43 -6.18 6.74
C VAL A 55 -6.22 -6.21 5.44
N SER A 56 -6.15 -5.13 4.69
CA SER A 56 -6.92 -5.00 3.45
C SER A 56 -6.00 -4.84 2.25
N GLN A 57 -6.43 -5.36 1.10
CA GLN A 57 -5.62 -5.34 -0.11
C GLN A 57 -6.22 -4.40 -1.15
N GLY A 58 -5.37 -3.59 -1.77
CA GLY A 58 -5.81 -2.68 -2.81
C GLY A 58 -6.29 -3.44 -4.04
N GLY A 59 -7.01 -2.73 -4.92
CA GLY A 59 -7.55 -3.36 -6.12
C GLY A 59 -6.73 -2.97 -7.35
N CYS A 60 -7.40 -2.89 -8.50
CA CYS A 60 -6.72 -2.64 -9.76
C CYS A 60 -7.63 -1.92 -10.75
N PRO A 61 -7.02 -1.26 -11.73
CA PRO A 61 -7.77 -0.51 -12.72
C PRO A 61 -8.54 -1.43 -13.65
N ARG A 62 -8.13 -2.69 -13.70
CA ARG A 62 -8.79 -3.69 -14.53
C ARG A 62 -10.12 -4.11 -13.93
N GLY A 63 -10.22 -4.03 -12.61
CA GLY A 63 -11.45 -4.39 -11.90
C GLY A 63 -11.63 -5.89 -11.86
N ASN A 64 -10.56 -6.63 -12.14
CA ASN A 64 -10.61 -8.09 -12.17
C ASN A 64 -10.06 -8.68 -10.87
N GLY A 65 -9.44 -7.83 -10.05
CA GLY A 65 -8.85 -8.27 -8.79
C GLY A 65 -7.37 -8.58 -8.95
N THR A 66 -6.89 -8.51 -10.19
CA THR A 66 -5.48 -8.79 -10.47
C THR A 66 -4.71 -7.50 -10.73
N GLY A 67 -3.82 -7.15 -9.80
CA GLY A 67 -3.03 -5.93 -9.92
C GLY A 67 -2.22 -5.91 -11.21
N ASP A 68 -2.18 -4.75 -11.86
CA ASP A 68 -1.40 -4.58 -13.07
C ASP A 68 -0.91 -3.15 -13.21
N ALA A 69 0.32 -2.91 -12.80
CA ALA A 69 0.91 -1.57 -12.87
C ALA A 69 1.58 -1.34 -14.22
N GLY A 70 1.59 -2.37 -15.06
CA GLY A 70 2.34 -2.33 -16.31
C GLY A 70 3.75 -2.84 -16.12
N TYR A 71 4.05 -3.33 -14.92
CA TYR A 71 5.38 -3.83 -14.60
C TYR A 71 5.38 -4.59 -13.27
N THR A 72 6.55 -5.10 -12.90
CA THR A 72 6.69 -5.82 -11.63
C THR A 72 7.71 -5.13 -10.73
N ILE A 73 7.62 -5.40 -9.43
CA ILE A 73 8.46 -4.73 -8.45
C ILE A 73 9.37 -5.72 -7.75
N PRO A 74 10.68 -5.56 -7.95
CA PRO A 74 11.67 -6.39 -7.28
C PRO A 74 11.43 -6.43 -5.78
N CYS A 75 11.56 -7.62 -5.20
CA CYS A 75 11.36 -7.79 -3.76
C CYS A 75 12.54 -7.23 -2.98
N GLU A 76 12.27 -6.31 -2.07
CA GLU A 76 13.30 -5.66 -1.28
C GLU A 76 13.35 -6.20 0.14
N THR A 77 12.53 -7.21 0.41
CA THR A 77 12.51 -7.85 1.71
C THR A 77 13.84 -8.54 2.02
N ASP A 78 14.44 -9.12 0.98
CA ASP A 78 15.75 -9.75 1.13
C ASP A 78 16.84 -8.70 1.37
N ASN A 79 16.67 -7.53 0.77
CA ASN A 79 17.65 -6.46 0.89
C ASN A 79 17.55 -5.78 2.25
N ASN A 80 16.34 -5.72 2.79
CA ASN A 80 16.11 -5.18 4.13
C ASN A 80 15.00 -5.93 4.85
N PRO A 81 15.37 -6.99 5.57
CA PRO A 81 14.40 -7.78 6.31
C PRO A 81 13.59 -6.91 7.26
N HIS A 82 12.31 -7.24 7.41
CA HIS A 82 11.39 -6.40 8.17
C HIS A 82 10.19 -7.21 8.64
N ARG A 83 9.28 -6.54 9.35
CA ARG A 83 8.10 -7.20 9.89
C ARG A 83 6.82 -6.47 9.47
N HIS A 84 5.75 -7.22 9.28
CA HIS A 84 4.45 -6.64 8.94
C HIS A 84 3.63 -6.38 10.20
N VAL A 85 3.93 -5.27 10.87
CA VAL A 85 3.32 -4.98 12.17
C VAL A 85 2.24 -3.93 12.06
N THR A 86 1.84 -3.36 13.19
CA THR A 86 0.78 -2.37 13.21
C THR A 86 1.04 -1.24 12.21
N GLY A 87 0.17 -1.12 11.22
CA GLY A 87 0.18 0.03 10.33
C GLY A 87 0.95 -0.26 9.06
N ALA A 88 1.69 -1.38 9.06
CA ALA A 88 2.61 -1.68 7.98
C ALA A 88 1.90 -1.67 6.63
N MET A 89 2.55 -1.07 5.63
CA MET A 89 2.03 -1.08 4.27
C MET A 89 3.01 -1.74 3.31
N SER A 90 2.57 -2.83 2.68
CA SER A 90 3.45 -3.66 1.88
C SER A 90 2.91 -3.83 0.47
N MET A 91 3.81 -4.02 -0.49
CA MET A 91 3.42 -4.26 -1.88
C MET A 91 3.24 -5.74 -2.16
N ALA A 92 2.14 -6.09 -2.81
CA ALA A 92 1.81 -7.48 -3.07
C ALA A 92 2.74 -8.09 -4.11
N HIS A 93 3.30 -9.25 -3.81
CA HIS A 93 4.06 -10.02 -4.78
C HIS A 93 4.16 -11.48 -4.37
N ARG A 94 4.87 -12.27 -5.18
CA ARG A 94 5.05 -13.69 -4.89
C ARG A 94 6.51 -14.09 -5.02
N GLY A 95 7.41 -13.16 -4.70
CA GLY A 95 8.84 -13.39 -4.84
C GLY A 95 9.54 -12.21 -5.48
N ARG A 96 10.79 -12.40 -5.87
CA ARG A 96 11.59 -11.32 -6.44
C ARG A 96 11.09 -10.93 -7.82
N ASP A 97 10.69 -9.66 -7.96
CA ASP A 97 10.33 -9.11 -9.26
C ASP A 97 9.03 -9.72 -9.77
N THR A 98 8.06 -9.88 -8.87
CA THR A 98 6.74 -10.38 -9.25
C THR A 98 5.64 -9.49 -8.68
N GLY A 99 5.97 -8.22 -8.46
CA GLY A 99 5.07 -7.31 -7.75
C GLY A 99 3.92 -6.87 -8.65
N SER A 100 2.80 -6.51 -8.02
CA SER A 100 1.67 -5.95 -8.76
C SER A 100 1.38 -4.51 -8.32
N CYS A 101 0.27 -3.97 -8.79
CA CYS A 101 -0.18 -2.65 -8.36
C CYS A 101 -0.89 -2.70 -7.02
N GLN A 102 -1.18 -3.91 -6.56
CA GLN A 102 -1.92 -4.10 -5.33
C GLN A 102 -1.00 -4.09 -4.11
N PHE A 103 -1.53 -3.62 -2.98
CA PHE A 103 -0.73 -3.51 -1.76
C PHE A 103 -1.60 -3.72 -0.52
N PHE A 104 -0.97 -4.17 0.56
CA PHE A 104 -1.70 -4.49 1.79
C PHE A 104 -1.57 -3.37 2.82
N ILE A 105 -2.70 -2.89 3.32
CA ILE A 105 -2.71 -2.00 4.48
C ILE A 105 -2.96 -2.77 5.76
N VAL A 106 -1.94 -2.88 6.61
CA VAL A 106 -2.03 -3.66 7.84
C VAL A 106 -2.47 -2.78 9.01
N HIS A 107 -3.55 -3.18 9.67
CA HIS A 107 -4.01 -2.50 10.87
C HIS A 107 -3.47 -3.17 12.13
N GLU A 108 -3.63 -4.48 12.21
CA GLU A 108 -3.09 -5.25 13.32
C GLU A 108 -1.88 -6.07 12.90
N PRO A 109 -0.97 -6.30 13.85
CA PRO A 109 0.23 -7.06 13.57
C PRO A 109 -0.09 -8.41 12.92
N GLN A 110 0.59 -8.71 11.82
CA GLN A 110 0.39 -9.97 11.11
C GLN A 110 1.71 -10.67 10.84
N PRO A 111 2.12 -11.51 11.77
CA PRO A 111 3.36 -12.28 11.62
C PRO A 111 3.13 -13.47 10.69
N HIS A 112 2.62 -13.21 9.50
CA HIS A 112 2.28 -14.27 8.55
C HIS A 112 2.71 -13.91 7.14
N LEU A 113 2.84 -12.60 6.88
CA LEU A 113 3.27 -12.13 5.57
C LEU A 113 4.75 -11.78 5.55
N ASP A 114 5.41 -12.02 6.68
CA ASP A 114 6.84 -11.77 6.79
C ASP A 114 7.64 -12.66 5.85
N GLY A 115 8.23 -12.05 4.83
CA GLY A 115 8.95 -12.80 3.81
C GLY A 115 8.07 -13.11 2.61
N VAL A 116 6.78 -12.81 2.74
CA VAL A 116 5.83 -13.02 1.65
C VAL A 116 5.65 -11.76 0.83
N HIS A 117 5.59 -10.62 1.51
CA HIS A 117 5.48 -9.33 0.82
C HIS A 117 6.56 -8.36 1.29
N THR A 118 6.56 -7.17 0.72
CA THR A 118 7.61 -6.19 1.00
C THR A 118 7.02 -4.88 1.51
N VAL A 119 7.23 -4.60 2.80
CA VAL A 119 6.79 -3.34 3.39
C VAL A 119 7.58 -2.17 2.82
N PHE A 120 6.86 -1.14 2.39
CA PHE A 120 7.49 0.04 1.80
C PHE A 120 7.00 1.32 2.47
N GLY A 121 5.95 1.20 3.27
CA GLY A 121 5.41 2.34 4.00
C GLY A 121 4.75 1.88 5.30
N GLN A 122 4.16 2.83 6.02
CA GLN A 122 3.44 2.53 7.25
C GLN A 122 2.45 3.63 7.59
N VAL A 123 1.19 3.25 7.83
CA VAL A 123 0.15 4.20 8.20
C VAL A 123 0.41 4.78 9.58
N THR A 124 0.29 6.10 9.69
CA THR A 124 0.52 6.79 10.96
C THR A 124 -0.75 7.49 11.45
N SER A 125 -1.65 7.77 10.51
CA SER A 125 -2.92 8.39 10.84
C SER A 125 -4.04 7.93 9.91
N GLY A 126 -5.25 7.88 10.42
CA GLY A 126 -6.40 7.43 9.64
C GLY A 126 -6.64 5.93 9.82
N MET A 127 -6.03 5.36 10.84
CA MET A 127 -6.26 3.96 11.20
C MET A 127 -7.72 3.73 11.57
N ASP A 128 -8.36 4.77 12.08
CA ASP A 128 -9.79 4.73 12.36
C ASP A 128 -10.60 4.52 11.09
N VAL A 129 -10.05 4.97 9.97
CA VAL A 129 -10.69 4.76 8.68
C VAL A 129 -10.40 3.36 8.15
N VAL A 130 -9.15 2.93 8.28
CA VAL A 130 -8.75 1.60 7.84
C VAL A 130 -9.61 0.52 8.48
N ARG A 131 -9.79 0.62 9.80
CA ARG A 131 -10.56 -0.37 10.54
C ARG A 131 -12.04 -0.31 10.18
N THR A 132 -12.42 0.74 9.45
CA THR A 132 -13.79 0.87 8.98
C THR A 132 -13.84 0.92 7.45
N MET A 133 -12.77 0.43 6.82
CA MET A 133 -12.67 0.43 5.36
C MET A 133 -13.82 -0.33 4.73
N LYS A 134 -14.45 0.27 3.73
CA LYS A 134 -15.58 -0.34 3.03
C LYS A 134 -15.11 -1.38 2.03
N ASN A 135 -15.96 -2.34 1.73
CA ASN A 135 -15.68 -3.34 0.69
C ASN A 135 -15.65 -2.69 -0.69
N GLY A 136 -14.46 -2.57 -1.25
CA GLY A 136 -14.26 -1.82 -2.48
C GLY A 136 -14.28 -0.32 -2.23
N ASP A 137 -13.82 0.08 -1.05
CA ASP A 137 -13.78 1.49 -0.68
C ASP A 137 -13.10 2.31 -1.77
N VAL A 138 -13.83 3.28 -2.32
CA VAL A 138 -13.34 4.05 -3.46
C VAL A 138 -12.34 5.11 -3.00
N MET A 139 -11.14 5.06 -3.57
CA MET A 139 -10.11 6.04 -3.26
C MET A 139 -10.25 7.28 -4.14
N LYS A 140 -10.59 8.41 -3.51
CA LYS A 140 -10.94 9.62 -4.25
C LYS A 140 -9.70 10.33 -4.78
N GLU A 141 -8.66 10.37 -3.97
CA GLU A 141 -7.42 11.05 -4.34
C GLU A 141 -6.22 10.43 -3.63
N VAL A 142 -5.38 9.74 -4.39
CA VAL A 142 -4.15 9.20 -3.85
C VAL A 142 -2.93 9.93 -4.41
N LYS A 143 -2.04 10.35 -3.52
CA LYS A 143 -0.87 11.13 -3.91
C LYS A 143 0.31 10.85 -3.00
N VAL A 144 1.51 11.15 -3.48
CA VAL A 144 2.72 11.02 -2.68
C VAL A 144 3.56 12.30 -2.73
N PHE A 145 4.11 12.67 -1.59
CA PHE A 145 4.82 13.95 -1.46
C PHE A 145 6.03 13.81 -0.56
N ASP A 146 6.83 14.87 -0.49
CA ASP A 146 8.04 14.88 0.33
C ASP A 146 7.93 15.91 1.44
N GLU A 147 8.11 15.46 2.68
CA GLU A 147 7.91 16.32 3.84
C GLU A 147 9.06 16.19 4.83
N PRO A 148 9.59 17.33 5.26
CA PRO A 148 10.69 17.34 6.23
C PRO A 148 10.19 16.97 7.62
#